data_3G1F
#
_entry.id   3G1F
#
_cell.length_a   147.611
_cell.length_b   101.708
_cell.length_c   192.081
_cell.angle_alpha   90.00
_cell.angle_beta   91.49
_cell.angle_gamma   90.00
#
_symmetry.space_group_name_H-M   'C 1 2 1'
#
loop_
_entity.id
_entity.type
_entity.pdbx_description
1 polymer "Orotidine 5'-phosphate decarboxylase"
2 non-polymer "5,6-dihydroorotidine 5'-monophosphate"
3 water water
#
_entity_poly.entity_id   1
_entity_poly.type   'polypeptide(L)'
_entity_poly.pdbx_seq_one_letter_code
;MRSRRVDVMDVMNRLILAMDLMNRDDALRVTGEVREYIDTVKIGYPLVLSEGMDIIAEFRKRFGCRIIADFKVADIPETN
EKICRATFKAGADAIIVHGFPGADSVRACLNVAEEMGREVFLLTEMSHPGAEMFIQGAADEIARMGVDLGVKNYVGPSTR
PERLSRLREIIGQDSFLISPGVGAQGGDPGETLRFADAIIVGRSIYLADNPAAAAAGIIESIKDLLNP
;
_entity_poly.pdbx_strand_id   A,B,C,D,E,F,G,H,I,J,K,L,M
#
# COMPACT_ATOMS: atom_id res chain seq x y z
N VAL A 6 8.98 81.43 -18.49
CA VAL A 6 8.16 81.83 -17.30
C VAL A 6 6.69 81.50 -17.54
N ASP A 7 6.37 81.20 -18.80
CA ASP A 7 5.00 80.86 -19.21
C ASP A 7 4.47 79.60 -18.51
N VAL A 8 5.35 78.62 -18.32
CA VAL A 8 4.98 77.37 -17.68
C VAL A 8 5.23 77.46 -16.17
N MET A 9 4.36 76.82 -15.39
CA MET A 9 4.50 76.84 -13.94
C MET A 9 5.84 76.22 -13.58
N ASP A 10 6.50 76.78 -12.57
CA ASP A 10 7.79 76.26 -12.14
C ASP A 10 7.57 75.22 -11.05
N VAL A 11 8.54 74.34 -10.85
CA VAL A 11 8.43 73.33 -9.81
C VAL A 11 9.35 73.64 -8.65
N MET A 12 8.78 73.75 -7.45
CA MET A 12 9.57 74.04 -6.26
C MET A 12 10.79 73.11 -6.18
N ASN A 13 11.97 73.69 -6.04
CA ASN A 13 13.23 72.94 -5.94
C ASN A 13 13.55 72.02 -7.12
N ARG A 14 12.83 72.16 -8.22
CA ARG A 14 13.08 71.33 -9.40
C ARG A 14 12.91 69.84 -9.08
N LEU A 15 12.08 69.53 -8.09
CA LEU A 15 11.85 68.14 -7.68
C LEU A 15 10.38 67.72 -7.65
N ILE A 16 10.04 66.76 -8.49
CA ILE A 16 8.68 66.22 -8.55
C ILE A 16 8.65 64.84 -7.93
N LEU A 17 7.81 64.64 -6.93
CA LEU A 17 7.68 63.35 -6.26
C LEU A 17 6.74 62.43 -7.03
N ALA A 18 7.23 61.24 -7.38
CA ALA A 18 6.40 60.25 -8.07
C ALA A 18 5.83 59.40 -6.94
N MET A 19 4.60 59.71 -6.56
CA MET A 19 3.94 59.02 -5.49
C MET A 19 3.27 57.77 -6.01
N ASP A 20 3.99 56.67 -5.96
CA ASP A 20 3.45 55.42 -6.42
C ASP A 20 3.16 54.36 -5.36
N LEU A 21 3.10 54.76 -4.09
CA LEU A 21 2.73 53.83 -3.02
C LEU A 21 1.26 53.52 -3.33
N MET A 22 0.82 52.31 -3.04
CA MET A 22 -0.54 51.92 -3.37
C MET A 22 -1.64 51.94 -2.31
N ASN A 23 -1.38 52.50 -1.13
CA ASN A 23 -2.44 52.56 -0.13
C ASN A 23 -2.55 54.00 0.34
N ARG A 24 -3.78 54.47 0.41
CA ARG A 24 -4.07 55.82 0.80
C ARG A 24 -3.35 56.39 2.03
N ASP A 25 -3.21 55.60 3.10
CA ASP A 25 -2.55 56.12 4.29
C ASP A 25 -1.03 56.32 4.13
N ASP A 26 -0.34 55.34 3.58
CA ASP A 26 1.10 55.48 3.37
C ASP A 26 1.40 56.62 2.37
N ALA A 27 0.56 56.74 1.33
CA ALA A 27 0.74 57.80 0.34
C ALA A 27 0.62 59.15 0.99
N LEU A 28 -0.43 59.31 1.80
CA LEU A 28 -0.67 60.56 2.53
C LEU A 28 0.43 60.82 3.55
N ARG A 29 0.72 59.82 4.37
CA ARG A 29 1.75 59.98 5.38
C ARG A 29 3.06 60.42 4.71
N VAL A 30 3.56 59.63 3.77
CA VAL A 30 4.82 59.93 3.09
C VAL A 30 4.83 61.28 2.37
N THR A 31 3.73 61.61 1.72
CA THR A 31 3.68 62.88 0.99
C THR A 31 3.68 64.06 1.96
N GLY A 32 3.05 63.87 3.11
CA GLY A 32 3.02 64.95 4.09
C GLY A 32 4.40 65.23 4.61
N GLU A 33 5.16 64.17 4.84
CA GLU A 33 6.50 64.32 5.36
C GLU A 33 7.43 65.14 4.44
N VAL A 34 7.23 65.02 3.12
CA VAL A 34 8.09 65.75 2.19
C VAL A 34 7.46 67.02 1.62
N ARG A 35 6.30 67.42 2.15
CA ARG A 35 5.62 68.61 1.66
C ARG A 35 6.42 69.89 1.63
N GLU A 36 7.11 70.21 2.72
CA GLU A 36 7.87 71.45 2.73
C GLU A 36 8.94 71.52 1.66
N TYR A 37 9.26 70.39 1.04
CA TYR A 37 10.30 70.35 0.01
C TYR A 37 9.87 70.39 -1.47
N ILE A 38 8.69 69.89 -1.81
CA ILE A 38 8.27 69.94 -3.22
C ILE A 38 6.84 70.46 -3.33
N ASP A 39 6.47 71.03 -4.48
CA ASP A 39 5.09 71.50 -4.58
C ASP A 39 4.36 70.89 -5.77
N THR A 40 4.95 69.88 -6.38
CA THR A 40 4.35 69.20 -7.53
C THR A 40 4.35 67.73 -7.24
N VAL A 41 3.21 67.09 -7.43
CA VAL A 41 3.14 65.66 -7.16
C VAL A 41 2.62 64.88 -8.37
N LYS A 42 3.35 63.84 -8.75
CA LYS A 42 2.95 63.01 -9.87
C LYS A 42 2.20 61.81 -9.36
N ILE A 43 0.91 61.76 -9.65
CA ILE A 43 0.08 60.65 -9.24
C ILE A 43 -0.24 59.77 -10.48
N GLY A 44 0.07 58.49 -10.39
CA GLY A 44 -0.19 57.60 -11.49
C GLY A 44 -1.25 56.57 -11.20
N TYR A 45 -1.39 55.60 -12.11
CA TYR A 45 -2.36 54.54 -11.98
C TYR A 45 -2.18 53.64 -10.75
N PRO A 46 -0.94 53.36 -10.36
CA PRO A 46 -0.81 52.49 -9.18
C PRO A 46 -1.67 52.98 -8.00
N LEU A 47 -1.66 54.28 -7.73
CA LEU A 47 -2.45 54.81 -6.60
C LEU A 47 -3.88 55.03 -6.97
N VAL A 48 -4.09 55.66 -8.09
CA VAL A 48 -5.45 55.93 -8.55
C VAL A 48 -6.30 54.66 -8.77
N LEU A 49 -5.70 53.56 -9.21
CA LEU A 49 -6.51 52.35 -9.39
C LEU A 49 -6.72 51.63 -8.07
N SER A 50 -5.85 51.84 -7.08
CA SER A 50 -6.07 51.19 -5.79
C SER A 50 -7.02 52.00 -4.90
N GLU A 51 -6.93 53.33 -4.94
CA GLU A 51 -7.75 54.19 -4.08
C GLU A 51 -8.80 55.04 -4.76
N GLY A 52 -8.84 55.09 -6.08
CA GLY A 52 -9.84 55.92 -6.75
C GLY A 52 -9.32 57.29 -7.15
N MET A 53 -9.94 57.87 -8.17
CA MET A 53 -9.58 59.18 -8.69
C MET A 53 -9.76 60.36 -7.72
N ASP A 54 -10.62 60.20 -6.70
CA ASP A 54 -10.84 61.27 -5.73
C ASP A 54 -9.52 61.57 -5.02
N ILE A 55 -8.62 60.59 -4.97
CA ILE A 55 -7.33 60.76 -4.31
C ILE A 55 -6.59 61.97 -4.91
N ILE A 56 -6.96 62.32 -6.14
CA ILE A 56 -6.34 63.43 -6.86
C ILE A 56 -6.72 64.80 -6.31
N ALA A 57 -8.01 64.98 -6.03
CA ALA A 57 -8.47 66.24 -5.48
C ALA A 57 -8.03 66.31 -4.03
N GLU A 58 -8.07 65.18 -3.34
CA GLU A 58 -7.66 65.16 -1.95
C GLU A 58 -6.20 65.64 -1.78
N PHE A 59 -5.26 65.09 -2.53
CA PHE A 59 -3.87 65.51 -2.40
C PHE A 59 -3.76 66.99 -2.68
N ARG A 60 -4.38 67.39 -3.79
CA ARG A 60 -4.36 68.77 -4.24
C ARG A 60 -4.84 69.75 -3.19
N LYS A 61 -5.85 69.34 -2.42
CA LYS A 61 -6.37 70.21 -1.39
C LYS A 61 -5.51 70.18 -0.15
N ARG A 62 -5.23 68.98 0.36
CA ARG A 62 -4.47 68.85 1.57
C ARG A 62 -3.04 69.33 1.53
N PHE A 63 -2.43 69.32 0.36
CA PHE A 63 -1.03 69.71 0.26
C PHE A 63 -0.79 70.99 -0.52
N GLY A 64 -1.81 71.48 -1.21
CA GLY A 64 -1.67 72.69 -2.02
C GLY A 64 -0.71 72.54 -3.19
N CYS A 65 -0.35 71.30 -3.50
CA CYS A 65 0.57 71.04 -4.60
C CYS A 65 -0.17 70.85 -5.91
N ARG A 66 0.54 71.02 -7.02
CA ARG A 66 -0.03 70.81 -8.35
C ARG A 66 0.01 69.31 -8.56
N ILE A 67 -0.87 68.80 -9.38
CA ILE A 67 -0.89 67.37 -9.62
C ILE A 67 -0.79 67.01 -11.08
N ILE A 68 0.17 66.14 -11.35
CA ILE A 68 0.39 65.65 -12.69
C ILE A 68 -0.07 64.20 -12.72
N ALA A 69 -1.11 63.92 -13.51
CA ALA A 69 -1.63 62.57 -13.65
C ALA A 69 -0.78 61.83 -14.68
N ASP A 70 0.04 60.89 -14.21
CA ASP A 70 0.89 60.14 -15.11
C ASP A 70 0.12 58.95 -15.67
N PHE A 71 -0.81 59.24 -16.59
CA PHE A 71 -1.63 58.17 -17.15
C PHE A 71 -1.16 57.62 -18.50
N LYS A 72 -0.12 58.22 -19.05
CA LYS A 72 0.41 57.77 -20.35
C LYS A 72 -0.69 57.44 -21.36
N VAL A 73 -1.61 58.37 -21.56
CA VAL A 73 -2.70 58.15 -22.48
C VAL A 73 -2.13 57.67 -23.80
N ALA A 74 -2.63 56.51 -24.25
CA ALA A 74 -2.15 55.89 -25.47
C ALA A 74 -3.26 55.15 -26.21
N ASP A 75 -4.39 55.82 -26.41
CA ASP A 75 -5.50 55.21 -27.11
C ASP A 75 -5.82 56.00 -28.38
N ILE A 76 -6.97 55.75 -28.98
CA ILE A 76 -7.39 56.46 -30.18
C ILE A 76 -7.89 57.83 -29.72
N PRO A 77 -7.98 58.78 -30.66
CA PRO A 77 -8.45 60.13 -30.33
C PRO A 77 -9.72 60.20 -29.48
N GLU A 78 -10.77 59.53 -29.92
CA GLU A 78 -12.04 59.55 -29.20
C GLU A 78 -11.90 59.18 -27.74
N THR A 79 -11.20 58.08 -27.47
CA THR A 79 -11.01 57.61 -26.10
C THR A 79 -10.06 58.50 -25.29
N ASN A 80 -9.00 59.00 -25.93
CA ASN A 80 -8.05 59.88 -25.25
C ASN A 80 -8.79 61.11 -24.73
N GLU A 81 -9.79 61.57 -25.47
CA GLU A 81 -10.56 62.74 -25.10
C GLU A 81 -11.33 62.51 -23.79
N LYS A 82 -11.88 61.30 -23.65
CA LYS A 82 -12.63 60.96 -22.46
C LYS A 82 -11.71 60.76 -21.24
N ILE A 83 -10.52 60.20 -21.50
CA ILE A 83 -9.58 59.97 -20.41
C ILE A 83 -9.09 61.31 -19.84
N CYS A 84 -8.82 62.26 -20.74
CA CYS A 84 -8.36 63.58 -20.34
C CYS A 84 -9.48 64.35 -19.67
N ARG A 85 -10.70 64.30 -20.20
CA ARG A 85 -11.81 65.00 -19.56
C ARG A 85 -12.05 64.48 -18.14
N ALA A 86 -11.96 63.17 -17.99
CA ALA A 86 -12.17 62.54 -16.69
C ALA A 86 -11.03 62.90 -15.72
N THR A 87 -9.81 62.97 -16.23
CA THR A 87 -8.67 63.28 -15.40
C THR A 87 -8.69 64.74 -14.91
N PHE A 88 -9.14 65.64 -15.79
CA PHE A 88 -9.23 67.04 -15.46
C PHE A 88 -10.43 67.26 -14.56
N LYS A 89 -11.49 66.52 -14.80
CA LYS A 89 -12.66 66.63 -13.93
C LYS A 89 -12.24 66.20 -12.51
N ALA A 90 -11.27 65.31 -12.43
CA ALA A 90 -10.79 64.86 -11.13
C ALA A 90 -9.89 65.90 -10.48
N GLY A 91 -9.59 66.96 -11.22
CA GLY A 91 -8.77 68.04 -10.72
C GLY A 91 -7.29 68.05 -11.09
N ALA A 92 -6.80 67.03 -11.78
CA ALA A 92 -5.38 67.05 -12.13
C ALA A 92 -5.05 68.35 -12.87
N ASP A 93 -3.85 68.87 -12.66
CA ASP A 93 -3.44 70.09 -13.34
C ASP A 93 -2.86 69.76 -14.71
N ALA A 94 -2.29 68.57 -14.82
CA ALA A 94 -1.70 68.12 -16.07
C ALA A 94 -1.90 66.61 -16.24
N ILE A 95 -1.62 66.12 -17.44
CA ILE A 95 -1.75 64.70 -17.72
C ILE A 95 -0.63 64.37 -18.69
N ILE A 96 0.05 63.25 -18.47
CA ILE A 96 1.13 62.79 -19.33
C ILE A 96 0.54 61.86 -20.40
N VAL A 97 0.95 62.10 -21.65
CA VAL A 97 0.46 61.39 -22.84
C VAL A 97 1.57 60.74 -23.68
N HIS A 98 1.29 59.57 -24.20
CA HIS A 98 2.27 58.92 -25.03
C HIS A 98 2.22 59.56 -26.43
N GLY A 99 3.32 59.48 -27.15
CA GLY A 99 3.38 60.06 -28.48
C GLY A 99 3.38 59.02 -29.59
N PHE A 100 3.89 57.84 -29.29
CA PHE A 100 3.96 56.74 -30.24
C PHE A 100 2.64 56.50 -31.00
N PRO A 101 1.49 56.72 -30.35
CA PRO A 101 0.27 56.47 -31.14
C PRO A 101 0.01 57.45 -32.28
N GLY A 102 0.85 58.47 -32.42
CA GLY A 102 0.65 59.42 -33.48
C GLY A 102 0.12 60.80 -33.12
N ALA A 103 0.14 61.71 -34.10
CA ALA A 103 -0.30 63.09 -33.91
C ALA A 103 -1.78 63.30 -33.63
N ASP A 104 -2.63 62.47 -34.20
CA ASP A 104 -4.06 62.63 -33.96
C ASP A 104 -4.41 62.28 -32.50
N SER A 105 -3.81 61.21 -31.95
CA SER A 105 -4.08 60.84 -30.56
C SER A 105 -3.63 61.94 -29.59
N VAL A 106 -2.47 62.55 -29.85
CA VAL A 106 -1.96 63.62 -28.96
C VAL A 106 -2.79 64.89 -29.05
N ARG A 107 -3.24 65.21 -30.26
CA ARG A 107 -4.05 66.40 -30.51
C ARG A 107 -5.39 66.35 -29.78
N ALA A 108 -5.93 65.15 -29.64
CA ALA A 108 -7.19 64.94 -28.94
C ALA A 108 -7.02 65.31 -27.45
N CYS A 109 -5.83 65.06 -26.90
CA CYS A 109 -5.56 65.37 -25.50
C CYS A 109 -5.41 66.87 -25.38
N LEU A 110 -4.62 67.43 -26.30
CA LEU A 110 -4.40 68.88 -26.33
C LEU A 110 -5.69 69.67 -26.45
N ASN A 111 -6.68 69.19 -27.20
CA ASN A 111 -7.93 69.96 -27.33
C ASN A 111 -8.62 70.08 -25.98
N VAL A 112 -8.80 68.96 -25.31
CA VAL A 112 -9.44 68.97 -24.00
C VAL A 112 -8.66 69.84 -23.02
N ALA A 113 -7.33 69.76 -23.03
CA ALA A 113 -6.52 70.55 -22.12
C ALA A 113 -6.72 72.04 -22.38
N GLU A 114 -6.83 72.37 -23.66
CA GLU A 114 -7.01 73.75 -24.09
C GLU A 114 -8.40 74.20 -23.67
N GLU A 115 -9.38 73.33 -23.89
CA GLU A 115 -10.75 73.62 -23.52
C GLU A 115 -10.91 73.84 -22.01
N MET A 116 -10.32 72.97 -21.19
CA MET A 116 -10.48 73.06 -19.74
C MET A 116 -9.46 73.90 -18.97
N GLY A 117 -8.40 74.32 -19.66
CA GLY A 117 -7.38 75.14 -19.03
C GLY A 117 -6.40 74.37 -18.19
N ARG A 118 -5.91 73.27 -18.75
CA ARG A 118 -4.97 72.37 -18.08
C ARG A 118 -3.81 72.11 -19.00
N GLU A 119 -2.89 71.22 -18.62
CA GLU A 119 -1.71 70.99 -19.45
C GLU A 119 -1.48 69.56 -19.86
N VAL A 120 -0.71 69.43 -20.93
CA VAL A 120 -0.37 68.13 -21.44
C VAL A 120 1.14 68.02 -21.45
N PHE A 121 1.67 66.88 -21.04
CA PHE A 121 3.12 66.64 -21.08
C PHE A 121 3.21 65.51 -22.05
N LEU A 122 4.11 65.59 -23.01
CA LEU A 122 4.27 64.52 -23.98
C LEU A 122 5.45 63.64 -23.62
N LEU A 123 5.21 62.34 -23.50
CA LEU A 123 6.29 61.45 -23.19
C LEU A 123 6.88 61.06 -24.54
N THR A 124 8.17 61.40 -24.74
CA THR A 124 8.85 61.12 -26.00
C THR A 124 9.66 59.85 -25.90
N GLU A 125 10.65 59.84 -25.00
CA GLU A 125 11.46 58.65 -24.80
C GLU A 125 11.33 58.16 -23.33
N MET A 126 11.24 56.84 -23.15
CA MET A 126 11.10 56.30 -21.81
C MET A 126 12.47 55.95 -21.24
N SER A 127 12.54 55.81 -19.91
CA SER A 127 13.78 55.55 -19.18
C SER A 127 14.21 54.11 -18.95
N HIS A 128 13.32 53.15 -19.12
CA HIS A 128 13.70 51.76 -18.91
C HIS A 128 14.50 51.18 -20.08
N PRO A 129 15.16 50.04 -19.88
CA PRO A 129 15.94 49.42 -20.95
C PRO A 129 15.06 49.12 -22.16
N GLY A 130 13.97 48.41 -21.94
CA GLY A 130 13.06 48.06 -23.01
C GLY A 130 12.77 49.18 -23.99
N ALA A 131 12.91 50.42 -23.51
CA ALA A 131 12.67 51.60 -24.34
C ALA A 131 13.56 51.67 -25.57
N GLU A 132 14.67 50.94 -25.58
CA GLU A 132 15.57 50.99 -26.72
C GLU A 132 14.99 50.28 -27.94
N MET A 133 14.18 49.25 -27.71
CA MET A 133 13.55 48.47 -28.78
C MET A 133 12.70 49.19 -29.82
N PHE A 134 11.86 50.13 -29.41
CA PHE A 134 11.02 50.85 -30.37
C PHE A 134 10.82 52.33 -30.10
N ILE A 135 10.79 52.76 -28.83
CA ILE A 135 10.54 54.17 -28.59
C ILE A 135 11.72 55.09 -28.87
N GLN A 136 12.94 54.60 -28.64
CA GLN A 136 14.14 55.42 -28.86
C GLN A 136 14.20 55.78 -30.35
N GLY A 137 13.97 54.79 -31.19
CA GLY A 137 13.98 55.03 -32.63
C GLY A 137 12.99 56.07 -33.11
N ALA A 138 11.90 56.29 -32.39
CA ALA A 138 10.93 57.27 -32.82
C ALA A 138 10.96 58.54 -31.99
N ALA A 139 11.74 58.51 -30.90
CA ALA A 139 11.81 59.63 -29.97
C ALA A 139 12.04 61.00 -30.55
N ASP A 140 13.09 61.18 -31.32
CA ASP A 140 13.35 62.50 -31.89
C ASP A 140 12.17 63.00 -32.71
N GLU A 141 11.50 62.12 -33.44
CA GLU A 141 10.35 62.51 -34.27
C GLU A 141 9.10 62.82 -33.46
N ILE A 142 8.90 62.09 -32.37
CA ILE A 142 7.75 62.34 -31.49
C ILE A 142 7.96 63.73 -30.89
N ALA A 143 9.21 64.01 -30.49
CA ALA A 143 9.52 65.33 -29.93
C ALA A 143 9.18 66.43 -30.91
N ARG A 144 9.78 66.32 -32.09
CA ARG A 144 9.57 67.27 -33.18
C ARG A 144 8.06 67.33 -33.52
N MET A 145 7.37 66.20 -33.44
CA MET A 145 5.92 66.16 -33.70
C MET A 145 5.18 66.97 -32.62
N GLY A 146 5.64 66.80 -31.37
CA GLY A 146 5.03 67.52 -30.27
C GLY A 146 5.23 69.00 -30.41
N VAL A 147 6.43 69.39 -30.82
CA VAL A 147 6.72 70.81 -31.03
C VAL A 147 5.75 71.35 -32.08
N ASP A 148 5.71 70.74 -33.25
CA ASP A 148 4.80 71.25 -34.29
C ASP A 148 3.33 71.26 -33.85
N LEU A 149 2.96 70.46 -32.86
CA LEU A 149 1.57 70.43 -32.41
C LEU A 149 1.30 71.47 -31.34
N GLY A 150 2.32 72.19 -30.90
CA GLY A 150 2.10 73.19 -29.87
C GLY A 150 2.33 72.68 -28.45
N VAL A 151 2.91 71.49 -28.32
CA VAL A 151 3.19 70.93 -27.00
C VAL A 151 4.34 71.71 -26.35
N LYS A 152 4.15 72.12 -25.10
CA LYS A 152 5.17 72.88 -24.41
C LYS A 152 5.85 72.19 -23.22
N ASN A 153 5.32 71.01 -22.87
CA ASN A 153 5.79 70.20 -21.74
C ASN A 153 6.17 68.80 -22.18
N TYR A 154 7.36 68.34 -21.81
CA TYR A 154 7.83 67.02 -22.19
C TYR A 154 8.43 66.17 -21.07
N VAL A 155 8.53 64.87 -21.33
CA VAL A 155 9.13 63.94 -20.41
C VAL A 155 10.19 63.20 -21.19
N GLY A 156 11.42 63.26 -20.69
CA GLY A 156 12.57 62.59 -21.30
C GLY A 156 13.31 61.83 -20.21
N PRO A 157 14.07 60.78 -20.57
CA PRO A 157 14.84 59.91 -19.68
C PRO A 157 16.19 60.37 -19.15
N SER A 158 16.33 60.33 -17.83
CA SER A 158 17.57 60.72 -17.17
C SER A 158 18.58 59.56 -17.24
N THR A 159 18.09 58.37 -17.51
CA THR A 159 18.94 57.21 -17.58
C THR A 159 19.82 57.23 -18.82
N ARG A 160 19.65 58.27 -19.62
CA ARG A 160 20.42 58.41 -20.85
C ARG A 160 20.63 59.89 -21.15
N PRO A 161 21.58 60.54 -20.45
CA PRO A 161 21.87 61.97 -20.64
C PRO A 161 22.08 62.37 -22.10
N GLU A 162 22.71 61.50 -22.89
CA GLU A 162 22.96 61.83 -24.29
C GLU A 162 21.63 61.97 -25.04
N ARG A 163 20.63 61.19 -24.64
CA ARG A 163 19.31 61.26 -25.28
C ARG A 163 18.51 62.45 -24.76
N LEU A 164 18.63 62.73 -23.46
CA LEU A 164 17.93 63.86 -22.84
C LEU A 164 18.47 65.15 -23.43
N SER A 165 19.76 65.13 -23.73
CA SER A 165 20.42 66.29 -24.33
C SER A 165 19.84 66.49 -25.73
N ARG A 166 19.83 65.41 -26.52
CA ARG A 166 19.28 65.49 -27.88
C ARG A 166 17.85 66.01 -27.84
N LEU A 167 17.06 65.51 -26.92
CA LEU A 167 15.68 65.95 -26.84
C LEU A 167 15.61 67.43 -26.46
N ARG A 168 16.48 67.90 -25.58
CA ARG A 168 16.44 69.32 -25.21
C ARG A 168 16.73 70.19 -26.43
N GLU A 169 17.68 69.75 -27.26
CA GLU A 169 18.00 70.51 -28.47
C GLU A 169 16.79 70.56 -29.40
N ILE A 170 16.09 69.44 -29.53
CA ILE A 170 14.91 69.42 -30.39
C ILE A 170 13.84 70.36 -29.86
N ILE A 171 13.47 70.21 -28.60
CA ILE A 171 12.40 71.06 -28.06
C ILE A 171 12.80 72.50 -27.77
N GLY A 172 14.09 72.79 -27.74
CA GLY A 172 14.50 74.16 -27.49
C GLY A 172 14.54 74.59 -26.03
N GLN A 173 15.04 75.79 -25.81
CA GLN A 173 15.17 76.33 -24.47
C GLN A 173 13.90 76.90 -23.89
N ASP A 174 12.90 77.18 -24.70
CA ASP A 174 11.70 77.74 -24.09
C ASP A 174 10.65 76.75 -23.59
N SER A 175 10.79 75.46 -23.89
CA SER A 175 9.79 74.50 -23.40
C SER A 175 10.20 73.71 -22.14
N PHE A 176 9.19 73.27 -21.39
CA PHE A 176 9.37 72.54 -20.13
C PHE A 176 9.64 71.05 -20.27
N LEU A 177 10.79 70.63 -19.75
CA LEU A 177 11.22 69.24 -19.78
C LEU A 177 11.35 68.63 -18.37
N ILE A 178 10.65 67.53 -18.10
CA ILE A 178 10.81 66.90 -16.81
C ILE A 178 11.38 65.55 -17.07
N SER A 179 12.20 65.04 -16.14
CA SER A 179 12.84 63.76 -16.35
C SER A 179 12.80 62.77 -15.18
N PRO A 180 12.36 61.54 -15.46
CA PRO A 180 12.27 60.47 -14.47
C PRO A 180 13.46 59.52 -14.62
N GLY A 181 13.65 58.66 -13.64
CA GLY A 181 14.74 57.72 -13.70
C GLY A 181 15.92 58.05 -12.82
N VAL A 182 15.83 59.13 -12.05
CA VAL A 182 16.97 59.43 -11.20
C VAL A 182 16.74 58.73 -9.87
N GLY A 183 17.74 57.97 -9.42
CA GLY A 183 17.62 57.25 -8.18
C GLY A 183 17.55 55.77 -8.49
N ALA A 184 16.47 55.13 -8.06
CA ALA A 184 16.26 53.71 -8.29
C ALA A 184 16.69 53.22 -9.67
N GLN A 185 16.56 54.08 -10.68
CA GLN A 185 16.92 53.67 -12.04
C GLN A 185 18.34 54.02 -12.42
N GLY A 186 19.03 54.75 -11.55
CA GLY A 186 20.42 55.07 -11.83
C GLY A 186 20.76 56.48 -12.27
N GLY A 187 19.76 57.29 -12.60
CA GLY A 187 20.08 58.64 -13.04
C GLY A 187 20.60 59.52 -11.91
N ASP A 188 21.49 60.45 -12.23
CA ASP A 188 22.05 61.35 -11.23
C ASP A 188 21.26 62.65 -11.23
N PRO A 189 20.88 63.13 -10.05
CA PRO A 189 20.12 64.39 -10.01
C PRO A 189 20.81 65.54 -10.75
N GLY A 190 22.12 65.65 -10.56
CA GLY A 190 22.88 66.72 -11.19
C GLY A 190 22.96 66.71 -12.69
N GLU A 191 23.42 65.60 -13.26
CA GLU A 191 23.53 65.50 -14.71
C GLU A 191 22.18 65.77 -15.37
N THR A 192 21.18 65.01 -14.97
CA THR A 192 19.85 65.18 -15.52
C THR A 192 19.46 66.64 -15.62
N LEU A 193 19.60 67.38 -14.52
CA LEU A 193 19.22 68.77 -14.51
C LEU A 193 20.01 69.67 -15.44
N ARG A 194 21.02 69.13 -16.11
CA ARG A 194 21.75 69.97 -17.06
C ARG A 194 20.78 70.32 -18.19
N PHE A 195 19.83 69.41 -18.47
CA PHE A 195 18.87 69.60 -19.56
C PHE A 195 17.41 69.70 -19.15
N ALA A 196 17.07 69.01 -18.07
CA ALA A 196 15.69 69.02 -17.56
C ALA A 196 15.46 70.22 -16.65
N ASP A 197 14.22 70.71 -16.61
CA ASP A 197 13.85 71.81 -15.75
C ASP A 197 13.59 71.24 -14.33
N ALA A 198 13.12 69.99 -14.27
CA ALA A 198 12.83 69.33 -13.00
C ALA A 198 12.99 67.82 -13.10
N ILE A 199 13.28 67.17 -11.97
CA ILE A 199 13.41 65.70 -11.98
C ILE A 199 12.24 65.08 -11.23
N ILE A 200 11.88 63.86 -11.63
CA ILE A 200 10.81 63.12 -11.00
C ILE A 200 11.50 62.04 -10.20
N VAL A 201 11.15 61.90 -8.94
CA VAL A 201 11.78 60.91 -8.09
C VAL A 201 10.74 60.14 -7.33
N GLY A 202 10.79 58.81 -7.43
CA GLY A 202 9.83 57.97 -6.76
C GLY A 202 10.35 57.18 -5.58
N ARG A 203 10.73 55.94 -5.84
CA ARG A 203 11.24 55.05 -4.81
C ARG A 203 12.38 55.58 -3.90
N SER A 204 13.37 56.27 -4.46
CA SER A 204 14.46 56.85 -3.65
C SER A 204 13.94 57.69 -2.49
N ILE A 205 12.67 58.11 -2.56
CA ILE A 205 12.09 58.91 -1.49
C ILE A 205 11.01 58.17 -0.71
N TYR A 206 9.98 57.65 -1.39
CA TYR A 206 8.92 56.97 -0.65
C TYR A 206 9.23 55.57 -0.09
N LEU A 207 10.31 54.93 -0.52
CA LEU A 207 10.67 53.62 0.04
C LEU A 207 11.89 53.80 0.96
N ALA A 208 12.25 55.05 1.23
CA ALA A 208 13.39 55.35 2.10
C ALA A 208 12.94 55.23 3.55
N ASP A 209 13.89 54.99 4.46
CA ASP A 209 13.53 54.85 5.88
C ASP A 209 12.97 56.17 6.35
N ASN A 210 13.63 57.24 5.94
CA ASN A 210 13.26 58.60 6.26
C ASN A 210 13.16 59.41 4.95
N PRO A 211 11.93 59.52 4.41
CA PRO A 211 11.61 60.26 3.18
C PRO A 211 12.06 61.70 3.19
N ALA A 212 11.67 62.45 4.22
CA ALA A 212 12.07 63.85 4.29
C ALA A 212 13.58 63.99 4.09
N ALA A 213 14.36 63.22 4.85
CA ALA A 213 15.82 63.31 4.72
C ALA A 213 16.22 62.92 3.30
N ALA A 214 15.51 61.95 2.75
CA ALA A 214 15.78 61.50 1.39
C ALA A 214 15.60 62.68 0.43
N ALA A 215 14.51 63.40 0.59
CA ALA A 215 14.20 64.56 -0.25
C ALA A 215 15.14 65.75 -0.01
N ALA A 216 15.41 66.03 1.27
CA ALA A 216 16.28 67.14 1.65
C ALA A 216 17.69 66.92 1.11
N GLY A 217 18.10 65.66 1.07
CA GLY A 217 19.44 65.35 0.57
C GLY A 217 19.59 65.49 -0.94
N ILE A 218 18.49 65.37 -1.68
CA ILE A 218 18.56 65.50 -3.12
C ILE A 218 18.57 66.99 -3.41
N ILE A 219 17.63 67.69 -2.77
CA ILE A 219 17.49 69.12 -2.91
C ILE A 219 18.82 69.80 -2.57
N GLU A 220 19.53 69.22 -1.61
CA GLU A 220 20.80 69.76 -1.17
C GLU A 220 21.91 69.64 -2.21
N SER A 221 22.07 68.47 -2.81
CA SER A 221 23.13 68.27 -3.79
C SER A 221 22.87 69.05 -5.06
N ILE A 222 21.66 69.59 -5.18
CA ILE A 222 21.29 70.35 -6.36
C ILE A 222 21.29 71.85 -6.07
N LYS A 223 21.15 72.21 -4.80
CA LYS A 223 21.12 73.61 -4.41
C LYS A 223 22.16 74.44 -5.14
N ASP A 224 23.39 73.95 -5.15
CA ASP A 224 24.51 74.63 -5.79
C ASP A 224 24.38 74.73 -7.32
N LEU A 225 24.03 73.61 -7.94
CA LEU A 225 23.88 73.53 -9.39
C LEU A 225 22.54 74.10 -9.86
N ASP B 10 -13.07 31.12 -25.41
CA ASP B 10 -14.36 31.06 -26.15
C ASP B 10 -15.26 32.23 -25.84
N VAL B 11 -15.57 33.02 -26.86
CA VAL B 11 -16.42 34.19 -26.69
C VAL B 11 -17.73 34.02 -27.42
N MET B 12 -18.83 34.01 -26.66
CA MET B 12 -20.16 33.86 -27.23
C MET B 12 -20.31 34.68 -28.51
N ASN B 13 -20.85 34.04 -29.55
CA ASN B 13 -21.07 34.68 -30.84
C ASN B 13 -19.87 35.42 -31.41
N ARG B 14 -18.67 35.15 -30.89
CA ARG B 14 -17.44 35.79 -31.36
C ARG B 14 -17.49 37.32 -31.19
N LEU B 15 -18.49 37.81 -30.46
CA LEU B 15 -18.61 39.24 -30.25
C LEU B 15 -18.25 39.67 -28.82
N ILE B 16 -17.61 40.82 -28.71
CA ILE B 16 -17.19 41.37 -27.43
C ILE B 16 -17.73 42.79 -27.35
N LEU B 17 -18.35 43.12 -26.22
CA LEU B 17 -18.89 44.46 -26.06
C LEU B 17 -17.81 45.37 -25.52
N ALA B 18 -17.69 46.54 -26.13
CA ALA B 18 -16.72 47.54 -25.71
C ALA B 18 -17.52 48.61 -25.00
N MET B 19 -17.96 48.30 -23.77
CA MET B 19 -18.75 49.25 -23.00
C MET B 19 -17.91 50.47 -22.70
N ASP B 20 -18.03 51.48 -23.55
CA ASP B 20 -17.26 52.70 -23.38
C ASP B 20 -18.07 53.92 -22.95
N LEU B 21 -19.27 53.66 -22.46
CA LEU B 21 -20.16 54.70 -21.94
C LEU B 21 -19.56 55.09 -20.58
N MET B 22 -19.65 56.37 -20.22
CA MET B 22 -19.08 56.84 -18.96
C MET B 22 -20.06 56.97 -17.80
N ASN B 23 -21.30 56.58 -18.04
CA ASN B 23 -22.32 56.64 -17.01
C ASN B 23 -22.52 55.23 -16.47
N ARG B 24 -22.38 55.06 -15.17
CA ARG B 24 -22.53 53.73 -14.57
C ARG B 24 -23.81 53.04 -14.98
N ASP B 25 -24.94 53.72 -14.79
CA ASP B 25 -26.24 53.16 -15.15
C ASP B 25 -26.31 52.99 -16.66
N ASP B 26 -26.10 54.07 -17.41
CA ASP B 26 -26.14 53.98 -18.86
C ASP B 26 -25.36 52.73 -19.28
N ALA B 27 -24.29 52.43 -18.54
CA ALA B 27 -23.44 51.29 -18.81
C ALA B 27 -24.13 49.96 -18.57
N LEU B 28 -24.49 49.71 -17.30
CA LEU B 28 -25.18 48.48 -16.93
C LEU B 28 -26.50 48.35 -17.69
N ARG B 29 -26.85 49.38 -18.44
CA ARG B 29 -28.08 49.39 -19.22
C ARG B 29 -27.83 48.82 -20.61
N VAL B 30 -27.22 49.59 -21.50
CA VAL B 30 -26.94 49.09 -22.84
C VAL B 30 -26.32 47.70 -22.71
N THR B 31 -25.65 47.45 -21.60
CA THR B 31 -25.01 46.14 -21.36
C THR B 31 -26.10 45.10 -21.09
N GLY B 32 -27.19 45.54 -20.47
CA GLY B 32 -28.29 44.62 -20.21
C GLY B 32 -29.18 44.51 -21.43
N GLU B 33 -29.14 45.55 -22.27
CA GLU B 33 -29.94 45.59 -23.51
C GLU B 33 -29.30 44.82 -24.67
N VAL B 34 -28.30 44.00 -24.33
CA VAL B 34 -27.60 43.15 -25.30
C VAL B 34 -26.94 42.00 -24.54
N ARG B 35 -27.33 41.80 -23.28
CA ARG B 35 -26.75 40.71 -22.49
C ARG B 35 -26.88 39.40 -23.23
N GLU B 36 -28.01 39.27 -23.94
CA GLU B 36 -28.35 38.09 -24.73
C GLU B 36 -27.25 37.65 -25.71
N TYR B 37 -26.75 38.60 -26.50
CA TYR B 37 -25.74 38.29 -27.50
C TYR B 37 -24.27 38.33 -27.06
N ILE B 38 -23.99 38.67 -25.80
CA ILE B 38 -22.60 38.73 -25.32
C ILE B 38 -22.35 38.07 -23.96
N ASP B 39 -21.11 37.63 -23.75
CA ASP B 39 -20.71 36.96 -22.51
C ASP B 39 -19.29 37.42 -22.16
N THR B 40 -18.80 38.37 -22.92
CA THR B 40 -17.45 38.87 -22.71
C THR B 40 -17.50 40.37 -22.87
N VAL B 41 -17.07 41.09 -21.83
CA VAL B 41 -17.09 42.54 -21.93
C VAL B 41 -15.72 43.17 -21.76
N LYS B 42 -15.45 44.16 -22.60
CA LYS B 42 -14.17 44.85 -22.55
C LYS B 42 -14.54 46.16 -21.91
N ILE B 43 -13.78 46.54 -20.89
CA ILE B 43 -14.04 47.76 -20.16
C ILE B 43 -12.80 48.62 -20.12
N GLY B 44 -12.95 49.89 -20.47
CA GLY B 44 -11.81 50.78 -20.51
C GLY B 44 -11.73 51.83 -19.40
N TYR B 45 -10.82 52.76 -19.59
CA TYR B 45 -10.59 53.82 -18.63
C TYR B 45 -11.72 54.82 -18.53
N PRO B 46 -12.42 55.06 -19.64
CA PRO B 46 -13.52 56.02 -19.58
C PRO B 46 -14.53 55.62 -18.50
N LEU B 47 -14.90 54.36 -18.47
CA LEU B 47 -15.86 53.92 -17.49
C LEU B 47 -15.28 53.78 -16.11
N VAL B 48 -14.14 53.11 -16.02
CA VAL B 48 -13.47 52.89 -14.76
C VAL B 48 -13.03 54.14 -14.00
N LEU B 49 -12.44 55.10 -14.71
CA LEU B 49 -12.01 56.29 -14.02
C LEU B 49 -13.17 57.11 -13.52
N SER B 50 -14.24 57.14 -14.30
CA SER B 50 -15.38 57.95 -13.92
C SER B 50 -16.36 57.29 -12.95
N GLU B 51 -16.16 56.00 -12.67
CA GLU B 51 -17.03 55.24 -11.76
C GLU B 51 -16.28 54.35 -10.74
N GLY B 52 -14.98 54.19 -10.92
CA GLY B 52 -14.22 53.36 -10.00
C GLY B 52 -13.98 51.92 -10.43
N MET B 53 -12.87 51.38 -9.96
CA MET B 53 -12.50 50.02 -10.24
C MET B 53 -13.55 48.99 -9.79
N ASP B 54 -14.35 49.34 -8.79
CA ASP B 54 -15.40 48.43 -8.32
C ASP B 54 -16.48 48.24 -9.39
N ILE B 55 -16.46 49.02 -10.46
CA ILE B 55 -17.45 48.85 -11.51
C ILE B 55 -17.15 47.54 -12.24
N ILE B 56 -16.00 46.93 -11.92
CA ILE B 56 -15.61 45.67 -12.53
C ILE B 56 -16.12 44.51 -11.70
N ALA B 57 -15.66 44.40 -10.45
CA ALA B 57 -16.08 43.32 -9.58
C ALA B 57 -17.59 43.23 -9.54
N GLU B 58 -18.24 44.33 -9.91
CA GLU B 58 -19.68 44.33 -9.92
C GLU B 58 -20.11 43.56 -11.16
N PHE B 59 -19.72 44.05 -12.34
CA PHE B 59 -20.06 43.41 -13.62
C PHE B 59 -20.00 41.89 -13.54
N ARG B 60 -19.00 41.38 -12.85
CA ARG B 60 -18.83 39.95 -12.70
C ARG B 60 -19.96 39.30 -11.90
N LYS B 61 -21.07 40.02 -11.75
CA LYS B 61 -22.21 39.52 -10.98
C LYS B 61 -23.51 40.08 -11.55
N ARG B 62 -23.59 41.40 -11.64
CA ARG B 62 -24.78 42.02 -12.19
C ARG B 62 -24.98 41.54 -13.65
N PHE B 63 -24.03 40.74 -14.15
CA PHE B 63 -24.10 40.20 -15.51
C PHE B 63 -23.34 38.88 -15.68
N GLY B 64 -22.62 38.44 -14.65
CA GLY B 64 -21.89 37.17 -14.74
C GLY B 64 -20.80 37.02 -15.80
N CYS B 65 -20.74 37.98 -16.73
CA CYS B 65 -19.77 37.99 -17.85
C CYS B 65 -18.29 38.09 -17.48
N ARG B 66 -17.44 37.91 -18.49
CA ARG B 66 -15.98 38.01 -18.35
C ARG B 66 -15.55 39.43 -18.70
N ILE B 67 -14.57 39.94 -17.97
CA ILE B 67 -14.09 41.31 -18.17
C ILE B 67 -12.63 41.40 -18.62
N ILE B 68 -12.43 42.06 -19.75
CA ILE B 68 -11.09 42.34 -20.29
C ILE B 68 -10.85 43.84 -19.99
N ALA B 69 -9.83 44.15 -19.19
CA ALA B 69 -9.54 45.52 -18.85
C ALA B 69 -8.67 46.13 -19.96
N ASP B 70 -9.24 47.02 -20.75
CA ASP B 70 -8.51 47.64 -21.84
C ASP B 70 -7.73 48.84 -21.30
N PHE B 71 -6.67 48.58 -20.57
CA PHE B 71 -5.90 49.66 -19.99
C PHE B 71 -4.66 50.04 -20.77
N LYS B 72 -4.35 49.30 -21.83
CA LYS B 72 -3.18 49.59 -22.67
C LYS B 72 -1.94 49.94 -21.86
N VAL B 73 -1.61 49.10 -20.90
CA VAL B 73 -0.46 49.34 -20.05
C VAL B 73 0.74 49.67 -20.91
N ALA B 74 1.35 50.82 -20.62
CA ALA B 74 2.48 51.28 -21.41
C ALA B 74 3.47 52.05 -20.54
N ASP B 75 3.89 51.45 -19.45
CA ASP B 75 4.84 52.12 -18.55
C ASP B 75 6.08 51.26 -18.42
N ILE B 76 6.93 51.59 -17.45
CA ILE B 76 8.14 50.82 -17.21
C ILE B 76 7.73 49.53 -16.50
N PRO B 77 8.60 48.52 -16.50
CA PRO B 77 8.29 47.25 -15.86
C PRO B 77 7.73 47.36 -14.43
N GLU B 78 8.43 48.07 -13.56
CA GLU B 78 7.99 48.22 -12.18
C GLU B 78 6.54 48.69 -12.05
N THR B 79 6.20 49.76 -12.78
CA THR B 79 4.86 50.30 -12.72
C THR B 79 3.83 49.41 -13.41
N ASN B 80 4.21 48.78 -14.52
CA ASN B 80 3.30 47.87 -15.21
C ASN B 80 2.86 46.77 -14.26
N GLU B 81 3.79 46.32 -13.42
CA GLU B 81 3.51 45.27 -12.44
C GLU B 81 2.46 45.73 -11.42
N LYS B 82 2.56 46.96 -10.95
CA LYS B 82 1.59 47.45 -9.98
C LYS B 82 0.22 47.66 -10.60
N ILE B 83 0.22 48.15 -11.84
CA ILE B 83 -1.03 48.36 -12.53
C ILE B 83 -1.78 47.07 -12.77
N CYS B 84 -1.06 46.03 -13.17
CA CYS B 84 -1.65 44.72 -13.44
C CYS B 84 -2.14 44.10 -12.15
N ARG B 85 -1.38 44.27 -11.07
CA ARG B 85 -1.82 43.74 -9.78
C ARG B 85 -3.18 44.31 -9.38
N ALA B 86 -3.28 45.64 -9.39
CA ALA B 86 -4.54 46.32 -9.00
C ALA B 86 -5.71 45.99 -9.92
N THR B 87 -5.41 45.73 -11.19
CA THR B 87 -6.48 45.43 -12.14
C THR B 87 -6.97 44.02 -11.90
N PHE B 88 -6.05 43.15 -11.56
CA PHE B 88 -6.46 41.80 -11.29
C PHE B 88 -7.14 41.74 -9.91
N LYS B 89 -6.56 42.42 -8.93
CA LYS B 89 -7.19 42.42 -7.60
C LYS B 89 -8.62 42.93 -7.73
N ALA B 90 -8.79 43.92 -8.57
CA ALA B 90 -10.11 44.46 -8.81
C ALA B 90 -10.94 43.38 -9.46
N GLY B 91 -10.31 42.25 -9.75
CA GLY B 91 -10.99 41.12 -10.36
C GLY B 91 -11.13 41.04 -11.86
N ALA B 92 -10.24 41.66 -12.63
CA ALA B 92 -10.34 41.60 -14.09
C ALA B 92 -9.82 40.27 -14.63
N ASP B 93 -10.47 39.71 -15.64
CA ASP B 93 -9.99 38.45 -16.20
C ASP B 93 -8.74 38.59 -17.08
N ALA B 94 -8.67 39.65 -17.88
CA ALA B 94 -7.52 39.88 -18.76
C ALA B 94 -7.25 41.37 -18.87
N ILE B 95 -6.02 41.71 -19.20
CA ILE B 95 -5.72 43.10 -19.34
C ILE B 95 -4.98 43.28 -20.65
N ILE B 96 -5.32 44.34 -21.36
CA ILE B 96 -4.68 44.66 -22.64
C ILE B 96 -3.50 45.56 -22.36
N VAL B 97 -2.35 45.13 -22.87
CA VAL B 97 -1.04 45.75 -22.71
C VAL B 97 -0.42 46.25 -24.04
N HIS B 98 0.19 47.44 -24.03
CA HIS B 98 0.85 47.96 -25.24
C HIS B 98 2.18 47.28 -25.37
N GLY B 99 2.62 47.11 -26.62
CA GLY B 99 3.90 46.46 -26.87
C GLY B 99 5.01 47.40 -27.22
N PHE B 100 4.68 48.61 -27.68
CA PHE B 100 5.74 49.54 -28.06
C PHE B 100 6.76 49.89 -26.94
N PRO B 101 6.38 49.77 -25.65
CA PRO B 101 7.39 50.10 -24.62
C PRO B 101 8.51 49.06 -24.52
N GLY B 102 8.38 47.93 -25.22
CA GLY B 102 9.44 46.94 -25.17
C GLY B 102 9.14 45.64 -24.46
N ALA B 103 10.05 44.68 -24.62
CA ALA B 103 9.90 43.36 -24.02
C ALA B 103 9.96 43.25 -22.50
N ASP B 104 10.73 44.10 -21.83
CA ASP B 104 10.80 44.01 -20.37
C ASP B 104 9.48 44.55 -19.79
N SER B 105 8.90 45.56 -20.40
CA SER B 105 7.62 46.06 -19.92
C SER B 105 6.48 45.04 -20.10
N VAL B 106 6.47 44.30 -21.20
CA VAL B 106 5.41 43.30 -21.44
C VAL B 106 5.64 42.09 -20.55
N ARG B 107 6.91 41.82 -20.27
CA ARG B 107 7.30 40.70 -19.44
C ARG B 107 6.80 40.93 -18.02
N ALA B 108 6.77 42.18 -17.61
CA ALA B 108 6.32 42.51 -16.25
C ALA B 108 4.84 42.17 -16.13
N CYS B 109 4.07 42.51 -17.14
CA CYS B 109 2.65 42.22 -17.09
C CYS B 109 2.42 40.74 -17.11
N LEU B 110 3.25 40.01 -17.85
CA LEU B 110 3.13 38.55 -17.99
C LEU B 110 3.37 37.80 -16.67
N ASN B 111 4.37 38.22 -15.92
CA ASN B 111 4.65 37.60 -14.64
C ASN B 111 3.44 37.69 -13.72
N VAL B 112 2.90 38.89 -13.60
CA VAL B 112 1.76 39.11 -12.73
C VAL B 112 0.52 38.32 -13.14
N ALA B 113 0.31 38.19 -14.45
CA ALA B 113 -0.84 37.43 -14.94
C ALA B 113 -0.69 35.96 -14.53
N GLU B 114 0.53 35.48 -14.64
CA GLU B 114 0.88 34.12 -14.29
C GLU B 114 0.85 33.91 -12.79
N GLU B 115 1.30 34.91 -12.04
CA GLU B 115 1.31 34.82 -10.59
C GLU B 115 -0.13 34.81 -10.07
N MET B 116 -1.03 35.51 -10.75
CA MET B 116 -2.41 35.58 -10.33
C MET B 116 -3.35 34.71 -11.17
N GLY B 117 -2.77 33.96 -12.10
CA GLY B 117 -3.57 33.10 -12.96
C GLY B 117 -4.59 33.82 -13.80
N ARG B 118 -4.15 34.90 -14.43
CA ARG B 118 -5.04 35.69 -15.27
C ARG B 118 -4.38 35.92 -16.66
N GLU B 119 -5.06 36.64 -17.56
CA GLU B 119 -4.55 36.85 -18.93
C GLU B 119 -4.07 38.23 -19.40
N VAL B 120 -3.00 38.20 -20.21
CA VAL B 120 -2.45 39.39 -20.84
C VAL B 120 -2.70 39.34 -22.35
N PHE B 121 -3.24 40.43 -22.88
CA PHE B 121 -3.48 40.54 -24.31
C PHE B 121 -2.52 41.59 -24.81
N LEU B 122 -1.81 41.28 -25.88
CA LEU B 122 -0.85 42.20 -26.45
C LEU B 122 -1.43 42.94 -27.64
N LEU B 123 -1.45 44.26 -27.56
CA LEU B 123 -1.94 45.10 -28.64
C LEU B 123 -0.76 45.32 -29.56
N THR B 124 -0.83 44.77 -30.78
CA THR B 124 0.25 44.84 -31.76
C THR B 124 0.20 46.05 -32.64
N GLU B 125 -1.00 46.39 -33.09
CA GLU B 125 -1.21 47.52 -33.97
C GLU B 125 -2.51 48.17 -33.62
N MET B 126 -2.58 49.49 -33.82
CA MET B 126 -3.79 50.22 -33.51
C MET B 126 -4.59 50.54 -34.76
N SER B 127 -5.87 50.76 -34.54
CA SER B 127 -6.80 51.00 -35.62
C SER B 127 -6.93 52.40 -36.22
N HIS B 128 -6.74 53.44 -35.40
CA HIS B 128 -6.89 54.83 -35.84
C HIS B 128 -5.81 55.29 -36.83
N PRO B 129 -6.04 56.44 -37.49
CA PRO B 129 -5.10 57.00 -38.49
C PRO B 129 -3.66 57.32 -38.04
N GLY B 130 -3.51 58.06 -36.94
CA GLY B 130 -2.18 58.40 -36.44
C GLY B 130 -1.34 57.16 -36.26
N ALA B 131 -1.99 56.01 -36.24
CA ALA B 131 -1.27 54.76 -36.07
C ALA B 131 -0.23 54.53 -37.15
N GLU B 132 -0.32 55.27 -38.25
CA GLU B 132 0.62 55.10 -39.37
C GLU B 132 2.02 55.57 -39.02
N MET B 133 2.11 56.71 -38.36
CA MET B 133 3.39 57.27 -37.98
C MET B 133 4.40 56.31 -37.39
N PHE B 134 4.09 55.66 -36.28
CA PHE B 134 5.09 54.78 -35.67
C PHE B 134 4.63 53.36 -35.40
N ILE B 135 3.41 53.23 -34.90
CA ILE B 135 2.91 51.92 -34.56
C ILE B 135 3.00 50.91 -35.72
N GLN B 136 2.46 51.27 -36.88
CA GLN B 136 2.48 50.36 -38.04
C GLN B 136 3.86 49.79 -38.43
N GLY B 137 4.88 50.62 -38.44
CA GLY B 137 6.20 50.12 -38.80
C GLY B 137 6.82 49.15 -37.80
N ALA B 138 6.27 49.10 -36.59
CA ALA B 138 6.82 48.22 -35.57
C ALA B 138 5.91 47.02 -35.32
N ALA B 139 4.69 47.11 -35.82
CA ALA B 139 3.67 46.07 -35.65
C ALA B 139 4.16 44.64 -35.71
N ASP B 140 4.80 44.28 -36.81
CA ASP B 140 5.27 42.91 -36.97
C ASP B 140 6.34 42.50 -35.96
N GLU B 141 7.27 43.41 -35.72
CA GLU B 141 8.35 43.16 -34.79
C GLU B 141 7.74 43.01 -33.38
N ILE B 142 6.68 43.75 -33.11
CA ILE B 142 6.01 43.67 -31.81
C ILE B 142 5.29 42.32 -31.69
N ALA B 143 4.59 41.91 -32.74
CA ALA B 143 3.90 40.65 -32.72
C ALA B 143 4.92 39.55 -32.50
N ARG B 144 6.10 39.72 -33.08
CA ARG B 144 7.14 38.71 -32.94
C ARG B 144 7.70 38.71 -31.54
N MET B 145 7.87 39.89 -30.97
CA MET B 145 8.35 40.02 -29.60
C MET B 145 7.29 39.25 -28.81
N GLY B 146 6.03 39.46 -29.18
CA GLY B 146 4.96 38.79 -28.50
C GLY B 146 5.13 37.29 -28.54
N VAL B 147 5.73 36.77 -29.60
CA VAL B 147 5.88 35.34 -29.69
C VAL B 147 7.09 34.89 -28.88
N ASP B 148 8.19 35.63 -28.97
CA ASP B 148 9.35 35.24 -28.20
C ASP B 148 8.93 35.22 -26.73
N LEU B 149 8.23 36.27 -26.29
CA LEU B 149 7.80 36.37 -24.90
C LEU B 149 6.85 35.25 -24.49
N GLY B 150 6.23 34.62 -25.46
CA GLY B 150 5.30 33.56 -25.13
C GLY B 150 3.88 34.06 -24.98
N VAL B 151 3.58 35.22 -25.56
CA VAL B 151 2.23 35.74 -25.45
C VAL B 151 1.30 34.89 -26.29
N LYS B 152 0.15 34.52 -25.73
CA LYS B 152 -0.82 33.71 -26.43
C LYS B 152 -2.06 34.47 -26.86
N ASN B 153 -2.18 35.71 -26.41
CA ASN B 153 -3.34 36.55 -26.74
C ASN B 153 -2.92 37.87 -27.34
N TYR B 154 -3.56 38.24 -28.45
CA TYR B 154 -3.21 39.47 -29.15
C TYR B 154 -4.44 40.28 -29.55
N VAL B 155 -4.22 41.55 -29.87
CA VAL B 155 -5.28 42.42 -30.33
C VAL B 155 -4.73 43.07 -31.59
N GLY B 156 -5.55 43.08 -32.64
CA GLY B 156 -5.14 43.65 -33.90
C GLY B 156 -6.23 44.50 -34.50
N PRO B 157 -5.92 45.32 -35.51
CA PRO B 157 -6.87 46.21 -36.18
C PRO B 157 -7.72 45.60 -37.29
N SER B 158 -9.03 45.77 -37.18
CA SER B 158 -9.94 45.25 -38.20
C SER B 158 -10.00 46.28 -39.33
N THR B 159 -9.52 47.48 -39.01
CA THR B 159 -9.49 48.59 -39.95
C THR B 159 -8.46 48.34 -41.02
N ARG B 160 -7.70 47.26 -40.87
CA ARG B 160 -6.67 46.92 -41.84
C ARG B 160 -6.60 45.40 -42.07
N PRO B 161 -7.57 44.86 -42.82
CA PRO B 161 -7.68 43.43 -43.14
C PRO B 161 -6.35 42.77 -43.52
N GLU B 162 -5.54 43.49 -44.28
CA GLU B 162 -4.24 42.98 -44.71
C GLU B 162 -3.26 42.79 -43.56
N ARG B 163 -3.24 43.74 -42.63
CA ARG B 163 -2.34 43.65 -41.49
C ARG B 163 -2.87 42.51 -40.62
N LEU B 164 -4.18 42.49 -40.44
CA LEU B 164 -4.85 41.48 -39.63
C LEU B 164 -4.52 40.05 -40.08
N SER B 165 -4.26 39.86 -41.36
CA SER B 165 -3.91 38.54 -41.89
C SER B 165 -2.45 38.23 -41.61
N ARG B 166 -1.59 39.25 -41.73
CA ARG B 166 -0.17 39.08 -41.49
C ARG B 166 0.02 38.73 -40.02
N LEU B 167 -0.73 39.42 -39.15
CA LEU B 167 -0.66 39.18 -37.70
C LEU B 167 -0.93 37.71 -37.41
N ARG B 168 -2.00 37.18 -38.00
CA ARG B 168 -2.31 35.78 -37.76
C ARG B 168 -1.16 34.89 -38.21
N GLU B 169 -0.47 35.29 -39.27
CA GLU B 169 0.66 34.50 -39.78
C GLU B 169 1.78 34.46 -38.76
N ILE B 170 2.05 35.59 -38.12
CA ILE B 170 3.11 35.67 -37.12
C ILE B 170 2.80 34.92 -35.85
N ILE B 171 1.65 35.22 -35.24
CA ILE B 171 1.27 34.61 -33.96
C ILE B 171 0.94 33.14 -33.95
N GLY B 172 0.57 32.59 -35.10
CA GLY B 172 0.24 31.18 -35.14
C GLY B 172 -1.25 30.93 -35.19
N GLN B 173 -1.62 29.66 -35.29
CA GLN B 173 -3.02 29.27 -35.37
C GLN B 173 -3.60 29.01 -33.99
N ASP B 174 -2.73 28.61 -33.06
CA ASP B 174 -3.20 28.37 -31.71
C ASP B 174 -2.88 29.53 -30.76
N SER B 175 -3.13 30.75 -31.25
CA SER B 175 -2.96 31.97 -30.48
C SER B 175 -4.33 32.61 -30.59
N PHE B 176 -4.75 33.32 -29.55
CA PHE B 176 -6.06 33.96 -29.53
C PHE B 176 -5.92 35.39 -30.03
N LEU B 177 -6.85 35.81 -30.88
CA LEU B 177 -6.80 37.14 -31.46
C LEU B 177 -8.17 37.81 -31.48
N ILE B 178 -8.22 39.11 -31.19
CA ILE B 178 -9.46 39.89 -31.21
C ILE B 178 -9.27 41.20 -31.97
N SER B 179 -10.34 41.71 -32.59
CA SER B 179 -10.19 42.94 -33.41
C SER B 179 -11.20 44.10 -33.30
N PRO B 180 -10.70 45.31 -32.95
CA PRO B 180 -11.48 46.55 -32.81
C PRO B 180 -11.41 47.40 -34.08
N GLY B 181 -12.30 48.39 -34.19
CA GLY B 181 -12.33 49.23 -35.38
C GLY B 181 -13.49 48.85 -36.29
N VAL B 182 -14.24 47.84 -35.90
CA VAL B 182 -15.38 47.39 -36.67
C VAL B 182 -16.56 48.33 -36.40
N GLY B 183 -17.15 48.86 -37.47
CA GLY B 183 -18.29 49.74 -37.31
C GLY B 183 -17.99 51.22 -37.49
N ALA B 184 -17.81 51.92 -36.37
CA ALA B 184 -17.52 53.35 -36.40
C ALA B 184 -16.21 53.65 -37.15
N GLN B 185 -15.14 52.95 -36.80
CA GLN B 185 -13.85 53.17 -37.43
C GLN B 185 -13.83 52.70 -38.90
N GLY B 186 -14.77 51.83 -39.27
CA GLY B 186 -14.85 51.36 -40.65
C GLY B 186 -14.65 49.89 -40.95
N GLY B 187 -14.34 49.10 -39.93
CA GLY B 187 -14.12 47.69 -40.16
C GLY B 187 -15.40 46.90 -40.37
N ASP B 188 -15.32 45.86 -41.21
CA ASP B 188 -16.44 45.00 -41.52
C ASP B 188 -16.37 43.71 -40.69
N PRO B 189 -17.47 43.37 -39.98
CA PRO B 189 -17.57 42.17 -39.13
C PRO B 189 -17.37 40.85 -39.87
N GLY B 190 -17.48 40.88 -41.20
CA GLY B 190 -17.29 39.66 -41.96
C GLY B 190 -15.81 39.43 -42.26
N GLU B 191 -15.21 40.38 -42.97
CA GLU B 191 -13.80 40.33 -43.37
C GLU B 191 -12.88 40.08 -42.17
N THR B 192 -13.16 40.79 -41.08
CA THR B 192 -12.39 40.70 -39.84
C THR B 192 -12.33 39.30 -39.23
N LEU B 193 -13.48 38.64 -39.13
CA LEU B 193 -13.57 37.32 -38.52
C LEU B 193 -12.90 36.18 -39.27
N ARG B 194 -12.22 36.52 -40.36
CA ARG B 194 -11.55 35.52 -41.18
C ARG B 194 -10.19 35.13 -40.59
N PHE B 195 -9.59 36.04 -39.83
CA PHE B 195 -8.28 35.79 -39.23
C PHE B 195 -8.34 35.85 -37.70
N ALA B 196 -9.24 36.68 -37.18
CA ALA B 196 -9.38 36.85 -35.72
C ALA B 196 -10.46 35.98 -35.10
N ASP B 197 -10.23 35.56 -33.85
CA ASP B 197 -11.18 34.72 -33.13
C ASP B 197 -12.46 35.45 -32.74
N ALA B 198 -12.43 36.77 -32.72
CA ALA B 198 -13.63 37.53 -32.37
C ALA B 198 -13.45 39.00 -32.61
N ILE B 199 -14.56 39.69 -32.81
CA ILE B 199 -14.52 41.13 -33.04
C ILE B 199 -15.01 41.89 -31.81
N ILE B 200 -14.73 43.18 -31.83
CA ILE B 200 -15.10 44.08 -30.75
C ILE B 200 -15.81 45.25 -31.39
N VAL B 201 -17.05 45.50 -30.99
CA VAL B 201 -17.79 46.63 -31.56
C VAL B 201 -18.17 47.58 -30.43
N GLY B 202 -17.82 48.85 -30.59
CA GLY B 202 -18.13 49.83 -29.58
C GLY B 202 -19.36 50.66 -29.87
N ARG B 203 -19.10 51.91 -30.28
CA ARG B 203 -20.18 52.83 -30.61
C ARG B 203 -21.28 52.21 -31.46
N SER B 204 -20.94 51.39 -32.43
CA SER B 204 -21.96 50.76 -33.29
C SER B 204 -23.07 50.06 -32.53
N ILE B 205 -22.90 49.85 -31.23
CA ILE B 205 -23.95 49.23 -30.45
C ILE B 205 -24.48 50.24 -29.45
N TYR B 206 -23.69 50.47 -28.41
CA TYR B 206 -24.04 51.36 -27.32
C TYR B 206 -24.52 52.78 -27.65
N LEU B 207 -24.54 53.16 -28.94
CA LEU B 207 -25.01 54.48 -29.32
C LEU B 207 -26.20 54.45 -30.29
N ALA B 208 -26.63 53.26 -30.68
CA ALA B 208 -27.76 53.12 -31.62
C ALA B 208 -29.11 53.30 -30.90
N ASP B 209 -30.06 53.94 -31.56
CA ASP B 209 -31.39 54.18 -31.00
C ASP B 209 -31.84 52.98 -30.20
N ASN B 210 -31.35 51.81 -30.63
CA ASN B 210 -31.66 50.55 -29.98
C ASN B 210 -30.40 49.70 -30.07
N PRO B 211 -29.66 49.58 -28.96
CA PRO B 211 -28.44 48.77 -28.97
C PRO B 211 -28.77 47.28 -29.12
N ALA B 212 -29.91 46.88 -28.59
CA ALA B 212 -30.37 45.48 -28.67
C ALA B 212 -30.56 45.05 -30.12
N ALA B 213 -31.03 45.98 -30.94
CA ALA B 213 -31.26 45.74 -32.36
C ALA B 213 -30.09 46.20 -33.23
N ALA B 214 -28.88 45.90 -32.76
CA ALA B 214 -27.64 46.23 -33.46
C ALA B 214 -26.76 45.02 -33.21
N ALA B 215 -26.70 44.60 -31.95
CA ALA B 215 -25.92 43.44 -31.55
C ALA B 215 -26.71 42.20 -31.99
N ALA B 216 -27.77 42.45 -32.75
CA ALA B 216 -28.62 41.40 -33.29
C ALA B 216 -28.30 41.32 -34.78
N GLY B 217 -28.21 42.49 -35.40
CA GLY B 217 -27.91 42.57 -36.81
C GLY B 217 -26.47 42.19 -37.10
N ILE B 218 -25.56 42.54 -36.18
CA ILE B 218 -24.16 42.20 -36.37
C ILE B 218 -24.04 40.67 -36.33
N ILE B 219 -24.78 40.04 -35.42
CA ILE B 219 -24.78 38.59 -35.30
C ILE B 219 -25.38 37.96 -36.55
N GLU B 220 -26.30 38.68 -37.19
CA GLU B 220 -26.96 38.20 -38.40
C GLU B 220 -25.99 38.25 -39.60
N SER B 221 -25.27 39.36 -39.71
CA SER B 221 -24.31 39.58 -40.78
C SER B 221 -23.13 38.60 -40.73
N ILE B 222 -23.10 37.75 -39.70
CA ILE B 222 -22.01 36.79 -39.55
C ILE B 222 -22.45 35.54 -38.79
N LYS B 223 -23.76 35.28 -38.74
CA LYS B 223 -24.28 34.11 -38.04
C LYS B 223 -24.10 32.90 -38.93
N ASP B 224 -23.64 33.14 -40.14
CA ASP B 224 -23.41 32.10 -41.13
C ASP B 224 -22.23 31.22 -40.71
N LEU B 225 -21.09 31.86 -40.47
CA LEU B 225 -19.88 31.17 -40.05
C LEU B 225 -20.09 30.49 -38.69
N VAL C 8 5.69 -0.21 14.14
CA VAL C 8 5.49 1.17 13.63
C VAL C 8 6.74 1.74 12.92
N MET C 9 6.50 2.63 11.96
CA MET C 9 7.55 3.27 11.15
C MET C 9 8.81 3.74 11.89
N ASP C 10 9.89 3.88 11.13
CA ASP C 10 11.16 4.36 11.67
C ASP C 10 11.60 5.51 10.77
N VAL C 11 11.79 6.67 11.39
CA VAL C 11 12.18 7.87 10.69
C VAL C 11 13.60 8.25 11.04
N MET C 12 14.49 8.19 10.05
CA MET C 12 15.90 8.50 10.23
C MET C 12 16.09 9.81 10.99
N ASN C 13 16.85 9.73 12.08
CA ASN C 13 17.14 10.87 12.92
C ASN C 13 15.89 11.55 13.46
N ARG C 14 14.79 10.79 13.50
CA ARG C 14 13.51 11.29 14.02
C ARG C 14 13.08 12.64 13.45
N LEU C 15 13.57 12.96 12.25
CA LEU C 15 13.24 14.23 11.61
C LEU C 15 12.52 14.02 10.29
N ILE C 16 11.38 14.69 10.12
CA ILE C 16 10.60 14.60 8.88
C ILE C 16 10.58 15.97 8.21
N LEU C 17 10.96 16.00 6.94
CA LEU C 17 10.98 17.26 6.21
C LEU C 17 9.61 17.71 5.75
N ALA C 18 9.26 18.94 6.09
CA ALA C 18 7.99 19.50 5.66
C ALA C 18 8.30 20.33 4.40
N MET C 19 8.19 19.69 3.24
CA MET C 19 8.45 20.30 1.94
C MET C 19 7.32 21.18 1.45
N ASP C 20 7.27 22.42 1.95
CA ASP C 20 6.22 23.33 1.53
C ASP C 20 6.66 24.43 0.58
N LEU C 21 7.74 24.22 -0.15
CA LEU C 21 8.16 25.20 -1.14
C LEU C 21 7.26 24.91 -2.32
N MET C 22 6.71 25.96 -2.93
CA MET C 22 5.77 25.79 -4.04
C MET C 22 6.27 25.62 -5.48
N ASN C 23 7.58 25.48 -5.69
CA ASN C 23 8.05 25.28 -7.05
C ASN C 23 8.99 24.09 -7.17
N ARG C 24 8.74 23.29 -8.20
CA ARG C 24 9.51 22.08 -8.45
C ARG C 24 11.02 22.22 -8.33
N ASP C 25 11.58 23.27 -8.94
CA ASP C 25 13.03 23.47 -8.91
C ASP C 25 13.63 23.52 -7.51
N ASP C 26 13.24 24.51 -6.73
CA ASP C 26 13.77 24.66 -5.38
C ASP C 26 13.48 23.46 -4.49
N ALA C 27 12.24 22.97 -4.54
CA ALA C 27 11.84 21.83 -3.72
C ALA C 27 12.80 20.69 -3.89
N LEU C 28 12.86 20.16 -5.12
CA LEU C 28 13.76 19.05 -5.43
C LEU C 28 15.18 19.31 -4.92
N ARG C 29 15.64 20.54 -5.09
CA ARG C 29 16.98 20.93 -4.68
C ARG C 29 17.17 20.86 -3.18
N VAL C 30 16.37 21.61 -2.45
CA VAL C 30 16.46 21.64 -1.00
C VAL C 30 16.25 20.23 -0.44
N THR C 31 15.39 19.47 -1.09
CA THR C 31 15.12 18.11 -0.64
C THR C 31 16.39 17.30 -0.82
N GLY C 32 16.93 17.31 -2.04
CA GLY C 32 18.16 16.57 -2.28
C GLY C 32 19.31 16.99 -1.37
N GLU C 33 19.37 18.27 -1.02
CA GLU C 33 20.45 18.73 -0.17
C GLU C 33 20.46 18.00 1.17
N VAL C 34 19.31 17.95 1.82
CA VAL C 34 19.20 17.30 3.13
C VAL C 34 18.91 15.79 3.08
N ARG C 35 18.92 15.22 1.88
CA ARG C 35 18.62 13.80 1.72
C ARG C 35 19.42 12.88 2.63
N GLU C 36 20.69 13.20 2.83
CA GLU C 36 21.54 12.37 3.66
C GLU C 36 21.06 12.34 5.11
N TYR C 37 20.44 13.43 5.56
CA TYR C 37 19.99 13.53 6.94
C TYR C 37 18.60 12.95 7.27
N ILE C 38 17.67 13.04 6.32
CA ILE C 38 16.32 12.53 6.54
C ILE C 38 15.93 11.57 5.43
N ASP C 39 15.05 10.61 5.74
CA ASP C 39 14.61 9.66 4.74
C ASP C 39 13.09 9.70 4.64
N THR C 40 12.50 10.62 5.38
CA THR C 40 11.04 10.79 5.39
C THR C 40 10.65 12.24 5.09
N VAL C 41 9.89 12.42 4.01
CA VAL C 41 9.45 13.76 3.60
C VAL C 41 7.93 13.88 3.66
N LYS C 42 7.45 15.04 4.09
CA LYS C 42 6.02 15.30 4.16
C LYS C 42 5.65 16.29 3.06
N ILE C 43 4.79 15.86 2.15
CA ILE C 43 4.38 16.73 1.05
C ILE C 43 2.91 17.14 1.22
N GLY C 44 2.68 18.45 1.26
CA GLY C 44 1.33 18.96 1.42
C GLY C 44 0.76 19.59 0.17
N TYR C 45 -0.40 20.23 0.31
CA TYR C 45 -1.05 20.88 -0.81
C TYR C 45 -0.30 22.04 -1.45
N PRO C 46 0.54 22.73 -0.67
CA PRO C 46 1.24 23.83 -1.33
C PRO C 46 2.02 23.35 -2.53
N LEU C 47 2.77 22.26 -2.36
CA LEU C 47 3.58 21.74 -3.44
C LEU C 47 2.75 20.98 -4.47
N VAL C 48 1.89 20.09 -3.98
CA VAL C 48 1.03 19.31 -4.85
C VAL C 48 0.12 20.14 -5.75
N LEU C 49 -0.53 21.15 -5.19
CA LEU C 49 -1.42 21.97 -6.00
C LEU C 49 -0.65 22.87 -6.97
N SER C 50 0.61 23.18 -6.66
CA SER C 50 1.43 24.02 -7.54
C SER C 50 2.04 23.19 -8.67
N GLU C 51 2.66 22.06 -8.31
CA GLU C 51 3.34 21.19 -9.28
C GLU C 51 2.69 19.88 -9.71
N GLY C 52 1.48 19.58 -9.24
CA GLY C 52 0.84 18.33 -9.64
C GLY C 52 1.09 17.15 -8.69
N MET C 53 0.22 16.15 -8.74
CA MET C 53 0.33 14.96 -7.89
C MET C 53 1.49 14.02 -8.26
N ASP C 54 2.11 14.26 -9.42
CA ASP C 54 3.22 13.43 -9.84
C ASP C 54 4.47 13.91 -9.12
N ILE C 55 4.38 15.06 -8.46
CA ILE C 55 5.54 15.57 -7.74
C ILE C 55 5.91 14.55 -6.66
N ILE C 56 4.92 13.74 -6.26
CA ILE C 56 5.14 12.72 -5.22
C ILE C 56 6.04 11.60 -5.72
N ALA C 57 5.71 11.04 -6.88
CA ALA C 57 6.51 9.97 -7.44
C ALA C 57 7.94 10.39 -7.70
N GLU C 58 8.16 11.64 -8.11
CA GLU C 58 9.52 12.05 -8.38
C GLU C 58 10.33 12.12 -7.11
N PHE C 59 9.67 12.42 -5.98
CA PHE C 59 10.42 12.46 -4.74
C PHE C 59 10.81 11.04 -4.38
N ARG C 60 9.92 10.08 -4.66
CA ARG C 60 10.21 8.68 -4.38
C ARG C 60 11.40 8.26 -5.25
N LYS C 61 11.28 8.50 -6.55
CA LYS C 61 12.31 8.15 -7.51
C LYS C 61 13.64 8.81 -7.18
N ARG C 62 13.67 10.12 -7.25
CA ARG C 62 14.89 10.87 -6.99
C ARG C 62 15.43 10.82 -5.56
N PHE C 63 14.66 10.29 -4.61
CA PHE C 63 15.15 10.26 -3.24
C PHE C 63 14.91 8.99 -2.43
N GLY C 64 14.23 8.01 -3.01
CA GLY C 64 13.96 6.78 -2.29
C GLY C 64 13.51 7.05 -0.85
N CYS C 65 12.70 8.09 -0.67
CA CYS C 65 12.22 8.45 0.65
C CYS C 65 10.79 8.02 0.91
N ARG C 66 10.42 8.02 2.19
CA ARG C 66 9.06 7.65 2.56
C ARG C 66 8.29 8.96 2.40
N ILE C 67 7.07 8.90 1.87
CA ILE C 67 6.29 10.11 1.64
C ILE C 67 4.96 10.15 2.35
N ILE C 68 4.78 11.17 3.17
CA ILE C 68 3.54 11.38 3.91
C ILE C 68 2.79 12.56 3.28
N ALA C 69 1.62 12.30 2.73
CA ALA C 69 0.81 13.33 2.11
C ALA C 69 0.00 14.06 3.18
N ASP C 70 0.42 15.28 3.51
CA ASP C 70 -0.27 16.04 4.55
C ASP C 70 -1.46 16.76 3.93
N PHE C 71 -2.51 16.01 3.61
CA PHE C 71 -3.68 16.60 2.98
C PHE C 71 -4.82 16.94 3.90
N LYS C 72 -4.67 16.61 5.18
CA LYS C 72 -5.70 16.88 6.17
C LYS C 72 -7.10 16.61 5.66
N VAL C 73 -7.31 15.42 5.10
CA VAL C 73 -8.62 15.06 4.58
C VAL C 73 -9.69 15.38 5.62
N ALA C 74 -10.65 16.19 5.22
CA ALA C 74 -11.73 16.62 6.09
C ALA C 74 -13.04 16.78 5.36
N ASP C 75 -13.44 15.76 4.63
CA ASP C 75 -14.70 15.81 3.88
C ASP C 75 -15.61 14.67 4.34
N ILE C 76 -16.69 14.43 3.60
CA ILE C 76 -17.61 13.36 3.94
C ILE C 76 -16.96 12.05 3.53
N PRO C 77 -17.44 10.94 4.08
CA PRO C 77 -16.88 9.62 3.76
C PRO C 77 -16.64 9.35 2.26
N GLU C 78 -17.67 9.53 1.45
CA GLU C 78 -17.57 9.27 0.01
C GLU C 78 -16.40 9.98 -0.64
N THR C 79 -16.27 11.28 -0.36
CA THR C 79 -15.20 12.07 -0.95
C THR C 79 -13.83 11.73 -0.35
N ASN C 80 -13.78 11.48 0.96
CA ASN C 80 -12.53 11.12 1.61
C ASN C 80 -11.91 9.88 0.95
N GLU C 81 -12.75 8.95 0.50
CA GLU C 81 -12.23 7.74 -0.13
C GLU C 81 -11.56 8.03 -1.45
N LYS C 82 -12.19 8.89 -2.23
CA LYS C 82 -11.65 9.27 -3.52
C LYS C 82 -10.33 9.98 -3.28
N ILE C 83 -10.29 10.82 -2.26
CA ILE C 83 -9.09 11.56 -1.96
C ILE C 83 -7.97 10.65 -1.55
N CYS C 84 -8.31 9.65 -0.74
CA CYS C 84 -7.30 8.71 -0.29
C CYS C 84 -6.88 7.81 -1.42
N ARG C 85 -7.84 7.40 -2.23
CA ARG C 85 -7.54 6.51 -3.35
C ARG C 85 -6.50 7.13 -4.29
N ALA C 86 -6.70 8.39 -4.65
CA ALA C 86 -5.78 9.07 -5.58
C ALA C 86 -4.43 9.38 -4.94
N THR C 87 -4.44 9.72 -3.67
CA THR C 87 -3.19 10.02 -3.00
C THR C 87 -2.32 8.76 -2.93
N PHE C 88 -2.92 7.63 -2.60
CA PHE C 88 -2.14 6.40 -2.55
C PHE C 88 -1.73 6.00 -3.98
N LYS C 89 -2.70 6.05 -4.91
CA LYS C 89 -2.40 5.74 -6.31
C LYS C 89 -1.19 6.56 -6.78
N ALA C 90 -1.10 7.79 -6.32
CA ALA C 90 0.01 8.66 -6.68
C ALA C 90 1.31 8.29 -5.95
N GLY C 91 1.28 7.19 -5.20
CA GLY C 91 2.49 6.76 -4.51
C GLY C 91 2.73 7.31 -3.12
N ALA C 92 1.70 7.71 -2.38
CA ALA C 92 1.93 8.21 -1.03
C ALA C 92 1.99 7.02 -0.05
N ASP C 93 3.02 7.01 0.79
CA ASP C 93 3.15 5.93 1.76
C ASP C 93 2.09 6.06 2.85
N ALA C 94 1.68 7.29 3.13
CA ALA C 94 0.70 7.55 4.17
C ALA C 94 -0.02 8.87 3.95
N ILE C 95 -1.17 9.04 4.59
CA ILE C 95 -1.92 10.25 4.45
C ILE C 95 -2.40 10.71 5.84
N ILE C 96 -2.50 12.02 6.02
CA ILE C 96 -2.92 12.67 7.26
C ILE C 96 -4.33 13.13 7.09
N VAL C 97 -5.15 12.73 8.05
CA VAL C 97 -6.57 13.00 8.06
C VAL C 97 -7.03 13.74 9.33
N HIS C 98 -8.05 14.59 9.19
CA HIS C 98 -8.59 15.30 10.34
C HIS C 98 -9.62 14.40 10.99
N GLY C 99 -9.76 14.57 12.30
CA GLY C 99 -10.71 13.78 13.06
C GLY C 99 -11.96 14.54 13.42
N PHE C 100 -11.86 15.86 13.45
CA PHE C 100 -13.00 16.71 13.81
C PHE C 100 -14.24 16.35 13.00
N PRO C 101 -14.06 15.87 11.76
CA PRO C 101 -15.26 15.52 10.98
C PRO C 101 -16.00 14.25 11.41
N GLY C 102 -15.41 13.46 12.29
CA GLY C 102 -16.09 12.26 12.77
C GLY C 102 -15.51 10.91 12.37
N ALA C 103 -16.01 9.85 13.03
CA ALA C 103 -15.57 8.48 12.81
C ALA C 103 -15.77 7.92 11.39
N ASP C 104 -16.94 8.13 10.83
CA ASP C 104 -17.23 7.63 9.47
C ASP C 104 -16.19 8.16 8.47
N SER C 105 -15.88 9.45 8.57
CA SER C 105 -14.92 10.10 7.68
C SER C 105 -13.52 9.55 7.83
N VAL C 106 -13.16 9.13 9.04
CA VAL C 106 -11.86 8.53 9.26
C VAL C 106 -11.84 7.10 8.75
N ARG C 107 -12.92 6.37 9.02
CA ARG C 107 -13.02 4.96 8.59
C ARG C 107 -12.84 4.81 7.09
N ALA C 108 -13.32 5.79 6.34
CA ALA C 108 -13.21 5.74 4.87
C ALA C 108 -11.77 5.82 4.48
N CYS C 109 -11.00 6.60 5.23
CA CYS C 109 -9.59 6.76 4.93
C CYS C 109 -8.92 5.46 5.31
N LEU C 110 -9.24 4.96 6.51
CA LEU C 110 -8.67 3.71 7.01
C LEU C 110 -8.98 2.54 6.06
N ASN C 111 -10.20 2.51 5.53
CA ASN C 111 -10.58 1.46 4.61
C ASN C 111 -9.69 1.46 3.37
N VAL C 112 -9.60 2.62 2.73
CA VAL C 112 -8.79 2.74 1.51
C VAL C 112 -7.34 2.37 1.83
N ALA C 113 -6.86 2.72 3.02
CA ALA C 113 -5.48 2.38 3.39
C ALA C 113 -5.34 0.87 3.44
N GLU C 114 -6.33 0.20 4.03
CA GLU C 114 -6.35 -1.25 4.15
C GLU C 114 -6.35 -1.86 2.75
N GLU C 115 -7.30 -1.40 1.94
CA GLU C 115 -7.47 -1.87 0.57
C GLU C 115 -6.20 -1.70 -0.26
N MET C 116 -5.33 -0.76 0.12
CA MET C 116 -4.12 -0.53 -0.66
C MET C 116 -2.80 -0.82 0.03
N GLY C 117 -2.88 -1.17 1.31
CA GLY C 117 -1.66 -1.50 2.05
C GLY C 117 -0.83 -0.30 2.44
N ARG C 118 -1.50 0.79 2.79
CA ARG C 118 -0.83 2.02 3.19
C ARG C 118 -1.35 2.51 4.53
N GLU C 119 -0.77 3.60 5.04
CA GLU C 119 -1.16 4.10 6.35
C GLU C 119 -1.85 5.43 6.45
N VAL C 120 -2.62 5.58 7.53
CA VAL C 120 -3.35 6.79 7.82
C VAL C 120 -2.73 7.39 9.08
N PHE C 121 -2.62 8.71 9.14
CA PHE C 121 -2.09 9.40 10.32
C PHE C 121 -3.22 10.27 10.74
N LEU C 122 -3.56 10.25 12.01
CA LEU C 122 -4.68 11.04 12.48
C LEU C 122 -4.20 12.26 13.24
N LEU C 123 -4.66 13.42 12.77
CA LEU C 123 -4.35 14.69 13.35
C LEU C 123 -5.34 14.91 14.48
N THR C 124 -4.85 14.97 15.72
CA THR C 124 -5.75 15.16 16.84
C THR C 124 -5.89 16.61 17.24
N GLU C 125 -4.76 17.28 17.46
CA GLU C 125 -4.79 18.70 17.85
C GLU C 125 -3.76 19.46 17.03
N MET C 126 -4.12 20.66 16.58
CA MET C 126 -3.23 21.47 15.75
C MET C 126 -2.27 22.38 16.54
N SER C 127 -1.18 22.76 15.89
CA SER C 127 -0.14 23.57 16.52
C SER C 127 -0.26 25.08 16.51
N HIS C 128 -1.12 25.63 15.66
CA HIS C 128 -1.27 27.08 15.61
C HIS C 128 -2.20 27.54 16.73
N PRO C 129 -2.17 28.83 17.07
CA PRO C 129 -3.01 29.41 18.12
C PRO C 129 -4.52 29.21 17.96
N GLY C 130 -5.01 29.33 16.74
CA GLY C 130 -6.45 29.18 16.50
C GLY C 130 -7.02 27.81 16.86
N ALA C 131 -6.13 26.87 17.12
CA ALA C 131 -6.52 25.52 17.47
C ALA C 131 -7.24 25.43 18.82
N GLU C 132 -7.19 26.51 19.59
CA GLU C 132 -7.81 26.51 20.90
C GLU C 132 -9.32 26.75 20.88
N MET C 133 -9.81 27.41 19.84
CA MET C 133 -11.22 27.67 19.80
C MET C 133 -12.12 26.45 19.73
N PHE C 134 -11.77 25.48 18.88
CA PHE C 134 -12.61 24.28 18.77
C PHE C 134 -11.89 22.93 18.76
N ILE C 135 -10.68 22.90 18.20
CA ILE C 135 -9.99 21.64 18.12
C ILE C 135 -9.43 21.12 19.42
N GLN C 136 -8.86 22.01 20.22
CA GLN C 136 -8.29 21.61 21.50
C GLN C 136 -9.39 21.01 22.33
N GLY C 137 -10.54 21.67 22.33
CA GLY C 137 -11.68 21.17 23.08
C GLY C 137 -12.03 19.74 22.77
N ALA C 138 -11.95 19.35 21.50
CA ALA C 138 -12.29 17.98 21.10
C ALA C 138 -11.11 17.05 20.88
N ALA C 139 -9.89 17.56 21.03
CA ALA C 139 -8.69 16.75 20.78
C ALA C 139 -8.67 15.37 21.43
N ASP C 140 -8.81 15.36 22.76
CA ASP C 140 -8.82 14.13 23.54
C ASP C 140 -9.83 13.10 23.06
N GLU C 141 -11.07 13.51 22.88
CA GLU C 141 -12.09 12.56 22.41
C GLU C 141 -11.72 12.05 21.03
N ILE C 142 -11.12 12.91 20.21
CA ILE C 142 -10.68 12.54 18.86
C ILE C 142 -9.57 11.52 18.93
N ALA C 143 -8.68 11.68 19.90
CA ALA C 143 -7.59 10.72 20.04
C ALA C 143 -8.12 9.33 20.43
N ARG C 144 -9.12 9.29 21.31
CA ARG C 144 -9.72 8.02 21.76
C ARG C 144 -10.48 7.37 20.61
N MET C 145 -11.02 8.22 19.73
CA MET C 145 -11.77 7.74 18.57
C MET C 145 -10.73 7.05 17.70
N GLY C 146 -9.58 7.69 17.56
CA GLY C 146 -8.54 7.10 16.75
C GLY C 146 -8.24 5.70 17.22
N VAL C 147 -8.07 5.59 18.54
CA VAL C 147 -7.77 4.32 19.18
C VAL C 147 -8.85 3.26 18.93
N ASP C 148 -10.10 3.60 19.15
CA ASP C 148 -11.17 2.64 18.93
C ASP C 148 -11.28 2.17 17.48
N LEU C 149 -10.88 3.03 16.55
CA LEU C 149 -10.94 2.71 15.13
C LEU C 149 -9.66 1.97 14.76
N GLY C 150 -8.75 1.86 15.70
CA GLY C 150 -7.51 1.16 15.44
C GLY C 150 -6.43 1.95 14.72
N VAL C 151 -6.43 3.26 14.85
CA VAL C 151 -5.41 4.05 14.18
C VAL C 151 -4.12 3.92 14.96
N LYS C 152 -3.02 3.58 14.28
CA LYS C 152 -1.72 3.42 14.94
C LYS C 152 -0.73 4.57 14.74
N ASN C 153 -1.14 5.62 14.02
CA ASN C 153 -0.27 6.76 13.75
C ASN C 153 -1.05 8.05 13.97
N TYR C 154 -0.50 8.92 14.81
CA TYR C 154 -1.14 10.18 15.17
C TYR C 154 -0.26 11.43 14.93
N VAL C 155 -0.87 12.61 14.97
CA VAL C 155 -0.14 13.87 14.79
C VAL C 155 -0.53 14.79 15.94
N GLY C 156 0.47 15.37 16.60
CA GLY C 156 0.21 16.26 17.73
C GLY C 156 1.09 17.50 17.74
N PRO C 157 0.66 18.59 18.41
CA PRO C 157 1.32 19.89 18.54
C PRO C 157 2.56 20.05 19.42
N SER C 158 3.62 20.57 18.83
CA SER C 158 4.88 20.82 19.54
C SER C 158 4.80 22.10 20.35
N THR C 159 3.91 22.99 19.94
CA THR C 159 3.73 24.28 20.57
C THR C 159 2.96 24.20 21.88
N ARG C 160 2.76 22.97 22.37
CA ARG C 160 2.01 22.72 23.60
C ARG C 160 2.39 21.36 24.14
N PRO C 161 3.58 21.25 24.74
CA PRO C 161 4.03 19.98 25.30
C PRO C 161 3.03 19.34 26.24
N GLU C 162 2.43 20.15 27.11
CA GLU C 162 1.47 19.63 28.05
C GLU C 162 0.33 18.93 27.33
N ARG C 163 -0.02 19.46 26.15
CA ARG C 163 -1.08 18.88 25.35
C ARG C 163 -0.55 17.66 24.63
N LEU C 164 0.69 17.76 24.17
CA LEU C 164 1.31 16.65 23.46
C LEU C 164 1.48 15.45 24.37
N SER C 165 1.73 15.72 25.64
CA SER C 165 1.90 14.68 26.64
C SER C 165 0.57 13.94 26.86
N ARG C 166 -0.52 14.70 26.93
CA ARG C 166 -1.82 14.09 27.14
C ARG C 166 -2.11 13.07 26.03
N LEU C 167 -2.01 13.51 24.77
CA LEU C 167 -2.26 12.65 23.62
C LEU C 167 -1.56 11.32 23.80
N ARG C 168 -0.26 11.40 24.07
CA ARG C 168 0.57 10.23 24.27
C ARG C 168 -0.06 9.32 25.31
N GLU C 169 -0.51 9.90 26.41
CA GLU C 169 -1.14 9.13 27.47
C GLU C 169 -2.30 8.35 26.88
N ILE C 170 -3.12 9.04 26.09
CA ILE C 170 -4.26 8.41 25.45
C ILE C 170 -3.83 7.35 24.47
N ILE C 171 -3.09 7.73 23.44
CA ILE C 171 -2.66 6.75 22.44
C ILE C 171 -1.72 5.64 22.93
N GLY C 172 -1.05 5.88 24.05
CA GLY C 172 -0.16 4.86 24.58
C GLY C 172 1.18 4.73 23.88
N GLN C 173 2.05 3.88 24.44
CA GLN C 173 3.38 3.67 23.90
C GLN C 173 3.49 2.85 22.62
N ASP C 174 2.46 2.11 22.25
CA ASP C 174 2.56 1.31 21.03
C ASP C 174 2.30 2.15 19.78
N SER C 175 1.61 3.28 19.97
CA SER C 175 1.26 4.17 18.88
C SER C 175 2.38 5.15 18.48
N PHE C 176 2.50 5.34 17.16
CA PHE C 176 3.49 6.22 16.53
C PHE C 176 2.98 7.66 16.52
N LEU C 177 3.80 8.58 17.03
CA LEU C 177 3.41 9.99 17.13
C LEU C 177 4.39 10.98 16.49
N ILE C 178 3.90 11.82 15.60
CA ILE C 178 4.79 12.81 14.99
C ILE C 178 4.28 14.17 15.36
N SER C 179 5.20 15.13 15.47
CA SER C 179 4.80 16.46 15.90
C SER C 179 5.35 17.63 15.07
N PRO C 180 4.47 18.55 14.66
CA PRO C 180 4.79 19.73 13.87
C PRO C 180 4.81 20.99 14.74
N GLY C 181 5.45 22.05 14.22
CA GLY C 181 5.50 23.29 14.96
C GLY C 181 6.87 23.50 15.57
N VAL C 182 7.78 22.58 15.27
CA VAL C 182 9.13 22.65 15.77
C VAL C 182 9.89 23.66 14.95
N GLY C 183 10.39 24.71 15.61
CA GLY C 183 11.14 25.74 14.92
C GLY C 183 10.35 27.02 14.75
N ALA C 184 10.06 27.37 13.50
CA ALA C 184 9.30 28.58 13.17
C ALA C 184 8.08 28.81 14.07
N GLN C 185 7.36 27.76 14.44
CA GLN C 185 6.18 27.93 15.28
C GLN C 185 6.53 28.00 16.77
N GLY C 186 7.80 27.78 17.10
CA GLY C 186 8.23 27.84 18.48
C GLY C 186 8.62 26.55 19.18
N GLY C 187 8.16 25.41 18.67
CA GLY C 187 8.48 24.13 19.31
C GLY C 187 9.95 23.76 19.30
N ASP C 188 10.41 23.25 20.45
CA ASP C 188 11.81 22.83 20.65
C ASP C 188 11.99 21.34 20.38
N PRO C 189 12.88 20.99 19.44
CA PRO C 189 13.19 19.61 19.03
C PRO C 189 13.19 18.55 20.14
N GLY C 190 14.20 18.61 21.00
CA GLY C 190 14.31 17.63 22.06
C GLY C 190 13.15 17.63 23.03
N GLU C 191 12.67 18.82 23.37
CA GLU C 191 11.57 18.92 24.29
C GLU C 191 10.33 18.27 23.68
N THR C 192 10.25 18.28 22.36
CA THR C 192 9.11 17.67 21.67
C THR C 192 9.32 16.16 21.57
N LEU C 193 10.56 15.75 21.36
CA LEU C 193 10.86 14.33 21.23
C LEU C 193 10.72 13.52 22.51
N ARG C 194 10.31 14.15 23.61
CA ARG C 194 10.11 13.40 24.85
C ARG C 194 8.83 12.57 24.67
N PHE C 195 7.84 13.16 23.99
CA PHE C 195 6.57 12.49 23.76
C PHE C 195 6.36 11.93 22.34
N ALA C 196 6.76 12.69 21.30
CA ALA C 196 6.59 12.22 19.93
C ALA C 196 7.78 11.36 19.55
N ASP C 197 7.59 10.50 18.56
CA ASP C 197 8.67 9.64 18.09
C ASP C 197 9.43 10.35 17.00
N ALA C 198 8.87 11.44 16.48
CA ALA C 198 9.52 12.17 15.41
C ALA C 198 8.99 13.56 15.27
N ILE C 199 9.86 14.49 14.87
CA ILE C 199 9.45 15.88 14.66
C ILE C 199 9.42 16.27 13.21
N ILE C 200 8.47 17.12 12.87
CA ILE C 200 8.30 17.63 11.53
C ILE C 200 8.86 19.04 11.51
N VAL C 201 9.75 19.33 10.57
CA VAL C 201 10.32 20.67 10.49
C VAL C 201 10.29 21.19 9.06
N GLY C 202 9.66 22.35 8.89
CA GLY C 202 9.54 22.93 7.57
C GLY C 202 10.44 24.11 7.29
N ARG C 203 9.89 25.32 7.45
CA ARG C 203 10.59 26.57 7.19
C ARG C 203 12.01 26.67 7.76
N SER C 204 12.20 26.29 9.02
CA SER C 204 13.53 26.34 9.63
C SER C 204 14.60 25.60 8.83
N ILE C 205 14.19 24.80 7.86
CA ILE C 205 15.16 24.07 7.05
C ILE C 205 15.11 24.41 5.57
N TYR C 206 13.94 24.70 5.03
CA TYR C 206 13.90 25.01 3.60
C TYR C 206 13.88 26.51 3.32
N LEU C 207 14.10 27.32 4.36
CA LEU C 207 14.13 28.77 4.21
C LEU C 207 15.47 29.32 4.71
N ALA C 208 16.26 28.45 5.33
CA ALA C 208 17.57 28.83 5.85
C ALA C 208 18.58 28.91 4.72
N ASP C 209 19.56 29.80 4.87
CA ASP C 209 20.60 29.99 3.85
C ASP C 209 21.16 28.65 3.37
N ASN C 210 21.36 27.73 4.30
CA ASN C 210 21.87 26.41 3.97
C ASN C 210 20.96 25.34 4.59
N PRO C 211 20.05 24.78 3.78
CA PRO C 211 19.11 23.76 4.25
C PRO C 211 19.84 22.59 4.91
N ALA C 212 20.71 21.94 4.13
CA ALA C 212 21.47 20.81 4.62
C ALA C 212 22.20 21.18 5.90
N ALA C 213 22.41 22.47 6.11
CA ALA C 213 23.09 22.94 7.32
C ALA C 213 22.11 22.99 8.47
N ALA C 214 20.87 23.39 8.17
CA ALA C 214 19.81 23.49 9.17
C ALA C 214 19.42 22.11 9.70
N ALA C 215 19.33 21.13 8.81
CA ALA C 215 18.99 19.76 9.19
C ALA C 215 20.09 19.24 10.09
N ALA C 216 21.25 18.95 9.50
CA ALA C 216 22.41 18.46 10.24
C ALA C 216 22.56 19.18 11.58
N GLY C 217 22.23 20.47 11.58
CA GLY C 217 22.31 21.23 12.80
C GLY C 217 21.33 20.68 13.80
N ILE C 218 20.04 20.89 13.53
CA ILE C 218 18.96 20.43 14.41
C ILE C 218 19.15 18.99 14.89
N ILE C 219 19.44 18.09 13.96
CA ILE C 219 19.66 16.70 14.32
C ILE C 219 20.66 16.65 15.46
N GLU C 220 21.61 17.59 15.46
CA GLU C 220 22.64 17.65 16.48
C GLU C 220 22.08 18.06 17.84
N SER C 221 21.22 19.08 17.85
CA SER C 221 20.62 19.58 19.08
C SER C 221 19.86 18.52 19.87
N ILE C 222 19.56 17.40 19.21
CA ILE C 222 18.85 16.29 19.85
C ILE C 222 19.71 15.03 19.83
N LYS C 223 20.96 15.18 19.43
CA LYS C 223 21.90 14.05 19.36
C LYS C 223 21.81 13.16 20.60
N ASP C 224 21.33 13.73 21.70
CA ASP C 224 21.20 12.98 22.95
C ASP C 224 20.33 11.76 22.75
N LEU C 225 19.41 11.84 21.77
CA LEU C 225 18.48 10.75 21.49
C LEU C 225 18.73 10.11 20.12
N VAL D 11 -25.50 34.11 -9.12
CA VAL D 11 -25.59 32.67 -9.52
C VAL D 11 -26.91 32.29 -10.21
N MET D 12 -26.81 32.07 -11.51
CA MET D 12 -27.95 31.70 -12.34
C MET D 12 -28.83 30.59 -11.78
N ASN D 13 -30.14 30.85 -11.74
CA ASN D 13 -31.12 29.90 -11.23
C ASN D 13 -30.83 29.43 -9.81
N ARG D 14 -30.14 30.27 -9.04
CA ARG D 14 -29.81 29.94 -7.66
C ARG D 14 -29.42 28.46 -7.59
N LEU D 15 -28.77 27.97 -8.64
CA LEU D 15 -28.37 26.57 -8.68
C LEU D 15 -26.89 26.37 -8.96
N ILE D 16 -26.21 25.69 -8.04
CA ILE D 16 -24.78 25.42 -8.18
C ILE D 16 -24.59 23.95 -8.48
N LEU D 17 -23.70 23.66 -9.42
CA LEU D 17 -23.43 22.27 -9.79
C LEU D 17 -22.18 21.76 -9.14
N ALA D 18 -22.35 20.71 -8.35
CA ALA D 18 -21.21 20.09 -7.70
C ALA D 18 -20.76 19.05 -8.71
N MET D 19 -19.64 19.32 -9.36
CA MET D 19 -19.08 18.40 -10.34
C MET D 19 -18.04 17.52 -9.66
N ASP D 20 -18.45 16.33 -9.25
CA ASP D 20 -17.54 15.43 -8.55
C ASP D 20 -17.03 14.20 -9.31
N LEU D 21 -17.34 14.10 -10.60
CA LEU D 21 -16.87 12.95 -11.39
C LEU D 21 -15.37 13.12 -11.54
N MET D 22 -14.63 12.05 -11.28
CA MET D 22 -13.16 12.09 -11.36
C MET D 22 -12.57 12.00 -12.77
N ASN D 23 -13.43 12.00 -13.79
CA ASN D 23 -12.96 11.92 -15.17
C ASN D 23 -13.24 13.15 -16.03
N ARG D 24 -12.17 13.72 -16.56
CA ARG D 24 -12.22 14.91 -17.38
C ARG D 24 -13.37 14.95 -18.40
N ASP D 25 -13.51 13.91 -19.20
CA ASP D 25 -14.54 13.86 -20.24
C ASP D 25 -15.99 13.92 -19.78
N ASP D 26 -16.35 13.15 -18.77
CA ASP D 26 -17.72 13.17 -18.26
C ASP D 26 -18.02 14.52 -17.63
N ALA D 27 -17.09 14.98 -16.80
CA ALA D 27 -17.19 16.26 -16.11
C ALA D 27 -17.45 17.37 -17.10
N LEU D 28 -16.64 17.40 -18.14
CA LEU D 28 -16.76 18.40 -19.19
C LEU D 28 -18.01 18.18 -20.02
N ARG D 29 -18.40 16.93 -20.21
CA ARG D 29 -19.61 16.65 -20.99
C ARG D 29 -20.84 17.14 -20.22
N VAL D 30 -20.95 16.70 -18.97
CA VAL D 30 -22.07 17.08 -18.12
C VAL D 30 -22.09 18.59 -17.91
N THR D 31 -20.95 19.14 -17.51
CA THR D 31 -20.86 20.57 -17.30
C THR D 31 -21.39 21.31 -18.52
N GLY D 32 -20.88 20.94 -19.70
CA GLY D 32 -21.30 21.58 -20.94
C GLY D 32 -22.80 21.56 -21.17
N GLU D 33 -23.40 20.38 -21.04
CA GLU D 33 -24.83 20.22 -21.24
C GLU D 33 -25.67 21.14 -20.36
N VAL D 34 -25.38 21.13 -19.06
CA VAL D 34 -26.15 21.94 -18.12
C VAL D 34 -25.76 23.40 -18.12
N ARG D 35 -24.65 23.74 -18.76
CA ARG D 35 -24.23 25.14 -18.81
C ARG D 35 -25.44 25.95 -19.20
N GLU D 36 -26.30 25.35 -20.03
CA GLU D 36 -27.51 26.00 -20.48
C GLU D 36 -28.31 26.57 -19.31
N TYR D 37 -28.24 25.90 -18.16
CA TYR D 37 -29.00 26.33 -16.99
C TYR D 37 -28.23 26.79 -15.76
N ILE D 38 -26.91 26.65 -15.73
CA ILE D 38 -26.17 27.06 -14.54
C ILE D 38 -24.81 27.68 -14.86
N ASP D 39 -24.44 28.75 -14.14
CA ASP D 39 -23.18 29.43 -14.38
C ASP D 39 -22.16 29.38 -13.22
N THR D 40 -22.38 28.45 -12.28
CA THR D 40 -21.49 28.32 -11.12
C THR D 40 -21.19 26.85 -10.82
N VAL D 41 -19.95 26.42 -11.01
CA VAL D 41 -19.56 25.05 -10.74
C VAL D 41 -18.65 24.94 -9.53
N LYS D 42 -18.91 23.93 -8.72
CA LYS D 42 -18.11 23.66 -7.53
C LYS D 42 -17.20 22.51 -7.89
N ILE D 43 -15.90 22.69 -7.63
CA ILE D 43 -14.90 21.69 -7.94
C ILE D 43 -14.23 21.18 -6.66
N GLY D 44 -14.08 19.86 -6.54
CA GLY D 44 -13.46 19.27 -5.36
C GLY D 44 -12.09 18.67 -5.63
N TYR D 45 -11.51 18.03 -4.61
CA TYR D 45 -10.20 17.41 -4.73
C TYR D 45 -10.12 16.15 -5.60
N PRO D 46 -11.22 15.38 -5.68
CA PRO D 46 -11.19 14.16 -6.49
C PRO D 46 -10.88 14.41 -7.97
N LEU D 47 -11.43 15.49 -8.53
CA LEU D 47 -11.22 15.79 -9.94
C LEU D 47 -9.90 16.49 -10.13
N VAL D 48 -9.62 17.41 -9.23
CA VAL D 48 -8.41 18.18 -9.28
C VAL D 48 -7.13 17.38 -9.00
N LEU D 49 -7.21 16.44 -8.07
CA LEU D 49 -6.04 15.64 -7.71
C LEU D 49 -5.75 14.54 -8.73
N SER D 50 -6.76 14.19 -9.53
CA SER D 50 -6.61 13.17 -10.57
C SER D 50 -6.24 13.78 -11.92
N GLU D 51 -6.83 14.93 -12.24
CA GLU D 51 -6.61 15.61 -13.51
C GLU D 51 -5.71 16.83 -13.45
N GLY D 52 -5.39 17.30 -12.25
CA GLY D 52 -4.53 18.46 -12.10
C GLY D 52 -5.29 19.76 -11.94
N MET D 53 -4.62 20.75 -11.34
CA MET D 53 -5.24 22.04 -11.10
C MET D 53 -5.57 22.89 -12.34
N ASP D 54 -5.13 22.47 -13.52
CA ASP D 54 -5.43 23.24 -14.72
C ASP D 54 -6.80 22.90 -15.24
N ILE D 55 -7.45 21.92 -14.63
CA ILE D 55 -8.78 21.55 -15.07
C ILE D 55 -9.66 22.75 -14.76
N ILE D 56 -9.25 23.54 -13.77
CA ILE D 56 -10.02 24.72 -13.39
C ILE D 56 -10.06 25.74 -14.54
N ALA D 57 -8.91 26.35 -14.84
CA ALA D 57 -8.85 27.33 -15.91
C ALA D 57 -9.54 26.81 -17.17
N GLU D 58 -9.59 25.50 -17.33
CA GLU D 58 -10.26 24.91 -18.50
C GLU D 58 -11.73 25.23 -18.46
N PHE D 59 -12.40 24.82 -17.37
CA PHE D 59 -13.83 25.05 -17.20
C PHE D 59 -14.17 26.50 -17.46
N ARG D 60 -13.31 27.39 -16.95
CA ARG D 60 -13.48 28.84 -17.10
C ARG D 60 -13.42 29.30 -18.54
N LYS D 61 -12.30 29.05 -19.21
CA LYS D 61 -12.17 29.44 -20.61
C LYS D 61 -13.26 28.79 -21.43
N ARG D 62 -13.51 27.51 -21.15
CA ARG D 62 -14.50 26.73 -21.89
C ARG D 62 -15.96 27.18 -21.79
N PHE D 63 -16.57 27.01 -20.61
CA PHE D 63 -17.98 27.37 -20.45
C PHE D 63 -18.18 28.74 -19.83
N GLY D 64 -17.10 29.41 -19.48
CA GLY D 64 -17.24 30.71 -18.87
C GLY D 64 -18.12 30.65 -17.63
N CYS D 65 -17.79 29.75 -16.71
CA CYS D 65 -18.56 29.63 -15.48
C CYS D 65 -17.71 30.07 -14.31
N ARG D 66 -18.39 30.35 -13.20
CA ARG D 66 -17.76 30.77 -11.95
C ARG D 66 -17.29 29.43 -11.33
N ILE D 67 -16.08 29.39 -10.76
CA ILE D 67 -15.60 28.15 -10.16
C ILE D 67 -15.38 28.24 -8.63
N ILE D 68 -16.00 27.33 -7.90
CA ILE D 68 -15.83 27.30 -6.45
C ILE D 68 -14.97 26.08 -6.12
N ALA D 69 -13.76 26.32 -5.61
CA ALA D 69 -12.87 25.24 -5.24
C ALA D 69 -13.25 24.75 -3.85
N ASP D 70 -13.85 23.57 -3.78
CA ASP D 70 -14.25 23.00 -2.51
C ASP D 70 -13.07 22.26 -1.91
N PHE D 71 -12.08 23.01 -1.41
CA PHE D 71 -10.90 22.40 -0.83
C PHE D 71 -10.92 22.27 0.70
N LYS D 72 -11.95 22.80 1.34
CA LYS D 72 -12.04 22.75 2.80
C LYS D 72 -10.74 23.03 3.52
N VAL D 73 -10.10 24.13 3.15
CA VAL D 73 -8.84 24.48 3.77
C VAL D 73 -8.95 24.35 5.29
N ALA D 74 -8.06 23.56 5.87
CA ALA D 74 -8.08 23.33 7.31
C ALA D 74 -6.69 23.15 7.88
N ASP D 75 -5.79 24.07 7.58
CA ASP D 75 -4.43 23.96 8.07
C ASP D 75 -4.10 25.21 8.90
N ILE D 76 -2.83 25.41 9.21
CA ILE D 76 -2.40 26.58 9.98
C ILE D 76 -2.43 27.78 9.04
N PRO D 77 -2.40 28.99 9.58
CA PRO D 77 -2.43 30.21 8.76
C PRO D 77 -1.41 30.25 7.61
N GLU D 78 -0.14 29.98 7.91
CA GLU D 78 0.90 30.00 6.89
C GLU D 78 0.57 29.12 5.69
N THR D 79 0.16 27.89 5.95
CA THR D 79 -0.15 26.95 4.88
C THR D 79 -1.45 27.28 4.17
N ASN D 80 -2.44 27.76 4.92
CA ASN D 80 -3.72 28.13 4.32
C ASN D 80 -3.50 29.21 3.28
N GLU D 81 -2.55 30.09 3.57
CA GLU D 81 -2.19 31.16 2.65
C GLU D 81 -1.64 30.57 1.37
N LYS D 82 -0.71 29.62 1.50
CA LYS D 82 -0.14 28.96 0.34
C LYS D 82 -1.24 28.26 -0.47
N ILE D 83 -2.12 27.53 0.21
CA ILE D 83 -3.17 26.80 -0.49
C ILE D 83 -4.11 27.75 -1.24
N CYS D 84 -4.43 28.87 -0.61
CA CYS D 84 -5.32 29.85 -1.23
C CYS D 84 -4.66 30.53 -2.45
N ARG D 85 -3.38 30.84 -2.40
CA ARG D 85 -2.72 31.46 -3.53
C ARG D 85 -2.66 30.54 -4.74
N ALA D 86 -2.27 29.30 -4.49
CA ALA D 86 -2.17 28.32 -5.55
C ALA D 86 -3.53 28.04 -6.20
N THR D 87 -4.58 28.08 -5.41
CA THR D 87 -5.93 27.79 -5.91
C THR D 87 -6.42 28.95 -6.78
N PHE D 88 -6.11 30.15 -6.33
CA PHE D 88 -6.52 31.31 -7.07
C PHE D 88 -5.65 31.39 -8.33
N LYS D 89 -4.35 31.27 -8.15
CA LYS D 89 -3.44 31.27 -9.30
C LYS D 89 -3.94 30.31 -10.38
N ALA D 90 -4.61 29.23 -10.00
CA ALA D 90 -5.13 28.26 -10.97
C ALA D 90 -6.42 28.82 -11.50
N GLY D 91 -6.78 30.00 -11.03
CA GLY D 91 -7.98 30.64 -11.49
C GLY D 91 -9.27 30.49 -10.73
N ALA D 92 -9.26 29.79 -9.61
CA ALA D 92 -10.51 29.63 -8.85
C ALA D 92 -11.08 30.99 -8.49
N ASP D 93 -12.40 31.13 -8.63
CA ASP D 93 -13.11 32.37 -8.30
C ASP D 93 -13.32 32.46 -6.78
N ALA D 94 -13.59 31.31 -6.15
CA ALA D 94 -13.83 31.25 -4.71
C ALA D 94 -13.30 29.95 -4.13
N ILE D 95 -13.05 29.95 -2.83
CA ILE D 95 -12.54 28.78 -2.16
C ILE D 95 -13.33 28.52 -0.87
N ILE D 96 -13.55 27.24 -0.57
CA ILE D 96 -14.28 26.81 0.61
C ILE D 96 -13.29 26.44 1.71
N VAL D 97 -13.53 26.99 2.89
CA VAL D 97 -12.65 26.81 4.03
C VAL D 97 -13.37 26.33 5.28
N HIS D 98 -12.77 25.36 5.96
CA HIS D 98 -13.35 24.86 7.20
C HIS D 98 -13.18 25.95 8.25
N GLY D 99 -14.15 26.08 9.14
CA GLY D 99 -14.02 27.08 10.18
C GLY D 99 -13.51 26.47 11.48
N PHE D 100 -13.58 25.14 11.62
CA PHE D 100 -13.15 24.54 12.88
C PHE D 100 -11.71 24.72 13.36
N PRO D 101 -10.74 24.97 12.44
CA PRO D 101 -9.33 25.17 12.86
C PRO D 101 -9.12 26.55 13.54
N GLY D 102 -10.12 27.41 13.47
CA GLY D 102 -9.99 28.69 14.14
C GLY D 102 -9.95 29.98 13.34
N ALA D 103 -10.23 31.07 14.04
CA ALA D 103 -10.28 32.39 13.44
C ALA D 103 -9.05 32.75 12.60
N ASP D 104 -7.86 32.63 13.17
CA ASP D 104 -6.64 32.96 12.47
C ASP D 104 -6.42 32.20 11.14
N SER D 105 -6.86 30.94 11.09
CA SER D 105 -6.74 30.13 9.87
C SER D 105 -7.71 30.62 8.80
N VAL D 106 -8.85 31.16 9.23
CA VAL D 106 -9.84 31.68 8.29
C VAL D 106 -9.39 33.07 7.77
N ARG D 107 -8.87 33.89 8.68
CA ARG D 107 -8.39 35.22 8.34
C ARG D 107 -7.30 35.12 7.28
N ALA D 108 -6.42 34.13 7.40
CA ALA D 108 -5.35 33.94 6.44
C ALA D 108 -5.94 33.69 5.04
N CYS D 109 -7.07 33.00 4.98
CA CYS D 109 -7.72 32.74 3.70
C CYS D 109 -8.39 34.02 3.23
N LEU D 110 -8.85 34.83 4.17
CA LEU D 110 -9.49 36.11 3.83
C LEU D 110 -8.44 37.08 3.31
N ASN D 111 -7.25 37.08 3.89
CA ASN D 111 -6.23 38.00 3.42
C ASN D 111 -5.92 37.76 1.95
N VAL D 112 -5.63 36.52 1.57
CA VAL D 112 -5.31 36.22 0.19
C VAL D 112 -6.45 36.52 -0.78
N ALA D 113 -7.66 36.08 -0.49
CA ALA D 113 -8.74 36.37 -1.43
C ALA D 113 -8.86 37.89 -1.57
N GLU D 114 -8.55 38.59 -0.48
CA GLU D 114 -8.63 40.03 -0.42
C GLU D 114 -7.56 40.62 -1.33
N GLU D 115 -6.34 40.12 -1.16
CA GLU D 115 -5.24 40.58 -1.98
C GLU D 115 -5.44 40.26 -3.46
N MET D 116 -5.94 39.06 -3.76
CA MET D 116 -6.14 38.63 -5.14
C MET D 116 -7.50 38.93 -5.74
N GLY D 117 -8.36 39.58 -4.99
CA GLY D 117 -9.70 39.90 -5.48
C GLY D 117 -10.62 38.70 -5.67
N ARG D 118 -10.58 37.75 -4.74
CA ARG D 118 -11.41 36.55 -4.83
C ARG D 118 -12.30 36.38 -3.61
N GLU D 119 -13.02 35.27 -3.54
CA GLU D 119 -13.94 35.07 -2.43
C GLU D 119 -13.64 33.84 -1.59
N VAL D 120 -13.94 33.95 -0.30
CA VAL D 120 -13.77 32.84 0.64
C VAL D 120 -15.15 32.42 1.09
N PHE D 121 -15.40 31.11 1.19
CA PHE D 121 -16.69 30.63 1.69
C PHE D 121 -16.34 29.85 2.93
N LEU D 122 -17.05 30.14 4.01
CA LEU D 122 -16.82 29.43 5.27
C LEU D 122 -17.85 28.33 5.41
N LEU D 123 -17.38 27.14 5.72
CA LEU D 123 -18.23 25.97 5.93
C LEU D 123 -18.47 25.89 7.44
N THR D 124 -19.70 26.15 7.87
CA THR D 124 -20.06 26.13 9.29
C THR D 124 -20.36 24.75 9.85
N GLU D 125 -21.20 24.01 9.14
CA GLU D 125 -21.58 22.66 9.56
C GLU D 125 -21.56 21.70 8.37
N MET D 126 -21.42 20.41 8.64
CA MET D 126 -21.41 19.41 7.59
C MET D 126 -22.65 18.49 7.61
N SER D 127 -22.86 17.77 6.53
CA SER D 127 -24.04 16.93 6.39
C SER D 127 -23.98 15.44 6.72
N HIS D 128 -22.78 14.87 6.69
CA HIS D 128 -22.59 13.45 6.93
C HIS D 128 -22.83 13.07 8.40
N PRO D 129 -23.02 11.77 8.67
CA PRO D 129 -23.26 11.28 10.03
C PRO D 129 -22.23 11.77 11.06
N GLY D 130 -20.98 11.36 10.89
CA GLY D 130 -19.94 11.78 11.84
C GLY D 130 -19.96 13.22 12.27
N ALA D 131 -20.66 14.07 11.53
CA ALA D 131 -20.73 15.49 11.83
C ALA D 131 -21.44 15.78 13.16
N GLU D 132 -22.10 14.76 13.70
CA GLU D 132 -22.81 14.91 14.97
C GLU D 132 -21.77 14.94 16.08
N MET D 133 -20.72 14.12 15.94
CA MET D 133 -19.67 14.03 16.92
C MET D 133 -19.05 15.34 17.39
N PHE D 134 -18.64 16.22 16.48
CA PHE D 134 -18.02 17.49 16.90
C PHE D 134 -18.49 18.71 16.16
N ILE D 135 -18.72 18.57 14.85
CA ILE D 135 -19.14 19.69 14.03
C ILE D 135 -20.43 20.34 14.50
N GLN D 136 -21.50 19.56 14.55
CA GLN D 136 -22.81 20.06 14.97
C GLN D 136 -22.66 20.95 16.20
N GLY D 137 -22.09 20.41 17.25
CA GLY D 137 -21.90 21.18 18.46
C GLY D 137 -21.20 22.51 18.23
N ALA D 138 -20.22 22.55 17.33
CA ALA D 138 -19.48 23.79 17.08
C ALA D 138 -20.08 24.73 16.03
N ALA D 139 -20.95 24.22 15.16
CA ALA D 139 -21.55 24.99 14.07
C ALA D 139 -22.01 26.43 14.35
N ASP D 140 -22.78 26.63 15.41
CA ASP D 140 -23.27 27.96 15.75
C ASP D 140 -22.13 28.93 16.04
N GLU D 141 -21.21 28.54 16.90
CA GLU D 141 -20.10 29.41 17.27
C GLU D 141 -19.22 29.74 16.07
N ILE D 142 -19.04 28.78 15.17
CA ILE D 142 -18.23 28.99 13.96
C ILE D 142 -18.88 30.04 13.05
N ALA D 143 -20.19 29.89 12.81
CA ALA D 143 -20.91 30.84 11.97
C ALA D 143 -20.68 32.22 12.58
N ARG D 144 -20.83 32.30 13.90
CA ARG D 144 -20.62 33.54 14.62
C ARG D 144 -19.21 34.06 14.39
N MET D 145 -18.24 33.16 14.39
CA MET D 145 -16.87 33.54 14.15
C MET D 145 -16.77 34.19 12.76
N GLY D 146 -17.45 33.58 11.78
CA GLY D 146 -17.42 34.10 10.44
C GLY D 146 -17.94 35.52 10.43
N VAL D 147 -19.07 35.73 11.08
CA VAL D 147 -19.67 37.07 11.14
C VAL D 147 -18.66 38.05 11.77
N ASP D 148 -18.05 37.65 12.88
CA ASP D 148 -17.08 38.53 13.52
C ASP D 148 -15.91 38.88 12.60
N LEU D 149 -15.51 37.91 11.76
CA LEU D 149 -14.41 38.13 10.83
C LEU D 149 -14.87 38.85 9.57
N GLY D 150 -16.19 38.98 9.41
CA GLY D 150 -16.69 39.67 8.24
C GLY D 150 -16.82 38.79 7.01
N VAL D 151 -16.96 37.50 7.22
CA VAL D 151 -17.12 36.56 6.10
C VAL D 151 -18.46 36.91 5.47
N LYS D 152 -18.54 36.89 4.15
CA LYS D 152 -19.78 37.24 3.48
C LYS D 152 -20.43 36.06 2.80
N ASN D 153 -19.70 34.98 2.65
CA ASN D 153 -20.20 33.80 1.96
C ASN D 153 -20.08 32.58 2.83
N TYR D 154 -21.17 31.83 2.96
CA TYR D 154 -21.20 30.62 3.78
C TYR D 154 -21.81 29.39 3.14
N VAL D 155 -21.34 28.23 3.57
CA VAL D 155 -21.85 26.96 3.12
C VAL D 155 -22.49 26.29 4.34
N GLY D 156 -23.73 25.82 4.18
CA GLY D 156 -24.43 25.17 5.28
C GLY D 156 -25.00 23.81 4.89
N PRO D 157 -25.35 22.96 5.85
CA PRO D 157 -25.90 21.62 5.58
C PRO D 157 -27.33 21.61 5.06
N SER D 158 -27.58 20.80 4.05
CA SER D 158 -28.92 20.69 3.48
C SER D 158 -29.59 19.57 4.26
N THR D 159 -28.87 18.46 4.39
CA THR D 159 -29.36 17.30 5.12
C THR D 159 -30.04 17.68 6.43
N ARG D 160 -29.66 18.84 6.98
CA ARG D 160 -30.25 19.33 8.22
C ARG D 160 -30.95 20.67 7.96
N PRO D 161 -32.16 20.63 7.34
CA PRO D 161 -32.90 21.87 7.05
C PRO D 161 -33.18 22.72 8.29
N GLU D 162 -33.10 22.11 9.46
CA GLU D 162 -33.36 22.85 10.70
C GLU D 162 -32.18 23.75 11.06
N ARG D 163 -31.00 23.16 11.14
CA ARG D 163 -29.77 23.86 11.47
C ARG D 163 -29.56 25.02 10.51
N LEU D 164 -29.96 24.79 9.26
CA LEU D 164 -29.81 25.76 8.18
C LEU D 164 -30.56 27.09 8.39
N SER D 165 -31.82 27.02 8.79
CA SER D 165 -32.58 28.24 9.00
C SER D 165 -32.08 29.07 10.18
N ARG D 166 -31.44 28.40 11.12
CA ARG D 166 -30.89 29.03 12.30
C ARG D 166 -29.62 29.73 11.84
N LEU D 167 -28.99 29.13 10.85
CA LEU D 167 -27.76 29.66 10.26
C LEU D 167 -27.98 31.04 9.67
N ARG D 168 -29.10 31.20 8.97
CA ARG D 168 -29.43 32.48 8.36
C ARG D 168 -29.66 33.56 9.42
N GLU D 169 -30.19 33.19 10.59
CA GLU D 169 -30.43 34.15 11.66
C GLU D 169 -29.10 34.78 12.10
N ILE D 170 -28.08 33.93 12.18
CA ILE D 170 -26.76 34.37 12.63
C ILE D 170 -25.95 35.17 11.61
N ILE D 171 -26.08 34.82 10.33
CA ILE D 171 -25.29 35.52 9.30
C ILE D 171 -25.93 36.78 8.74
N GLY D 172 -27.23 36.95 8.99
CA GLY D 172 -27.89 38.15 8.49
C GLY D 172 -28.53 37.94 7.14
N GLN D 173 -29.11 39.01 6.61
CA GLN D 173 -29.78 38.96 5.32
C GLN D 173 -28.81 39.23 4.18
N ASP D 174 -27.79 40.04 4.47
CA ASP D 174 -26.79 40.43 3.48
C ASP D 174 -25.76 39.37 3.13
N SER D 175 -25.55 38.41 4.02
CA SER D 175 -24.59 37.34 3.77
C SER D 175 -25.11 36.41 2.68
N PHE D 176 -24.17 35.78 1.97
CA PHE D 176 -24.52 34.87 0.89
C PHE D 176 -24.38 33.45 1.44
N LEU D 177 -25.39 32.61 1.22
CA LEU D 177 -25.40 31.24 1.75
C LEU D 177 -25.81 30.12 0.77
N ILE D 178 -25.04 29.02 0.74
CA ILE D 178 -25.32 27.87 -0.15
C ILE D 178 -25.35 26.54 0.62
N SER D 179 -26.25 25.63 0.24
CA SER D 179 -26.41 24.35 0.95
C SER D 179 -26.13 23.05 0.19
N PRO D 180 -25.04 22.35 0.54
CA PRO D 180 -24.62 21.08 -0.08
C PRO D 180 -25.29 19.82 0.44
N GLY D 181 -25.21 18.74 -0.35
CA GLY D 181 -25.78 17.46 0.05
C GLY D 181 -27.20 17.20 -0.41
N VAL D 182 -27.77 18.11 -1.19
CA VAL D 182 -29.13 17.98 -1.70
C VAL D 182 -29.24 16.81 -2.69
N GLY D 183 -30.11 15.86 -2.36
CA GLY D 183 -30.30 14.69 -3.21
C GLY D 183 -29.59 13.44 -2.73
N ALA D 184 -28.38 13.24 -3.25
CA ALA D 184 -27.56 12.08 -2.88
C ALA D 184 -27.52 11.87 -1.37
N GLN D 185 -27.72 12.95 -0.61
CA GLN D 185 -27.71 12.90 0.84
C GLN D 185 -29.04 13.34 1.45
N GLY D 186 -30.01 13.64 0.59
CA GLY D 186 -31.31 14.09 1.07
C GLY D 186 -31.44 15.61 0.99
N GLY D 187 -31.87 16.26 2.07
CA GLY D 187 -32.03 17.70 2.07
C GLY D 187 -32.75 18.22 0.85
N ASP D 188 -34.07 18.10 0.85
CA ASP D 188 -34.91 18.53 -0.27
C ASP D 188 -34.45 19.82 -0.96
N PRO D 189 -34.47 19.84 -2.31
CA PRO D 189 -34.06 20.99 -3.10
C PRO D 189 -34.91 22.24 -2.83
N GLY D 190 -36.05 22.34 -3.50
CA GLY D 190 -36.94 23.49 -3.35
C GLY D 190 -37.09 24.03 -1.94
N GLU D 191 -36.86 23.17 -0.94
CA GLU D 191 -36.98 23.55 0.46
C GLU D 191 -35.84 24.45 0.94
N THR D 192 -34.63 23.92 0.90
CA THR D 192 -33.44 24.65 1.32
C THR D 192 -33.45 26.10 0.82
N LEU D 193 -34.02 26.32 -0.36
CA LEU D 193 -34.04 27.67 -0.95
C LEU D 193 -34.92 28.66 -0.19
N ARG D 194 -35.32 28.31 1.02
CA ARG D 194 -36.14 29.19 1.83
C ARG D 194 -35.30 30.29 2.48
N PHE D 195 -34.14 29.90 2.99
CA PHE D 195 -33.24 30.84 3.65
C PHE D 195 -31.93 31.01 2.88
N ALA D 196 -31.35 29.89 2.44
CA ALA D 196 -30.11 29.93 1.67
C ALA D 196 -30.44 30.55 0.30
N ASP D 197 -29.45 31.20 -0.32
CA ASP D 197 -29.66 31.82 -1.62
C ASP D 197 -29.57 30.84 -2.79
N ALA D 198 -28.92 29.71 -2.59
CA ALA D 198 -28.79 28.73 -3.66
C ALA D 198 -28.39 27.37 -3.11
N ILE D 199 -28.80 26.32 -3.83
CA ILE D 199 -28.49 24.96 -3.42
C ILE D 199 -27.41 24.41 -4.31
N ILE D 200 -26.64 23.47 -3.78
CA ILE D 200 -25.58 22.83 -4.54
C ILE D 200 -26.14 21.44 -4.86
N VAL D 201 -25.67 20.86 -5.95
CA VAL D 201 -26.15 19.55 -6.35
C VAL D 201 -25.08 18.73 -7.07
N GLY D 202 -24.74 17.58 -6.50
CA GLY D 202 -23.74 16.74 -7.11
C GLY D 202 -24.36 15.51 -7.75
N ARG D 203 -24.12 14.35 -7.15
CA ARG D 203 -24.62 13.06 -7.61
C ARG D 203 -26.05 13.09 -8.16
N SER D 204 -26.84 14.03 -7.68
CA SER D 204 -28.22 14.15 -8.13
C SER D 204 -28.35 14.62 -9.58
N ILE D 205 -27.25 15.07 -10.18
CA ILE D 205 -27.30 15.53 -11.56
C ILE D 205 -26.17 15.00 -12.45
N TYR D 206 -25.00 14.74 -11.87
CA TYR D 206 -23.92 14.23 -12.71
C TYR D 206 -24.03 12.73 -12.93
N LEU D 207 -24.47 11.99 -11.90
CA LEU D 207 -24.63 10.54 -12.02
C LEU D 207 -26.00 10.25 -12.63
N ALA D 208 -26.76 11.31 -12.90
CA ALA D 208 -28.10 11.17 -13.47
C ALA D 208 -28.01 10.88 -14.96
N ASP D 209 -28.47 9.68 -15.34
CA ASP D 209 -28.48 9.23 -16.74
C ASP D 209 -28.50 10.44 -17.68
N ASN D 210 -29.54 11.26 -17.55
CA ASN D 210 -29.67 12.45 -18.37
C ASN D 210 -29.36 13.71 -17.55
N PRO D 211 -28.35 14.47 -17.97
CA PRO D 211 -27.90 15.71 -17.33
C PRO D 211 -28.86 16.89 -17.55
N ALA D 212 -28.94 17.34 -18.79
CA ALA D 212 -29.80 18.47 -19.15
C ALA D 212 -31.19 18.34 -18.54
N ALA D 213 -31.57 17.10 -18.22
CA ALA D 213 -32.89 16.84 -17.62
C ALA D 213 -32.79 17.05 -16.12
N ALA D 214 -31.89 16.32 -15.48
CA ALA D 214 -31.68 16.42 -14.05
C ALA D 214 -31.44 17.87 -13.63
N ALA D 215 -31.09 18.72 -14.60
CA ALA D 215 -30.82 20.13 -14.34
C ALA D 215 -32.09 20.96 -14.45
N ALA D 216 -32.74 20.91 -15.61
CA ALA D 216 -33.98 21.66 -15.79
C ALA D 216 -35.02 21.02 -14.89
N GLY D 217 -34.71 19.84 -14.39
CA GLY D 217 -35.61 19.12 -13.51
C GLY D 217 -35.67 19.75 -12.13
N ILE D 218 -34.55 19.76 -11.43
CA ILE D 218 -34.49 20.34 -10.09
C ILE D 218 -34.94 21.80 -10.17
N ILE D 219 -34.80 22.40 -11.35
CA ILE D 219 -35.21 23.78 -11.55
C ILE D 219 -36.70 23.88 -11.88
N GLU D 220 -37.17 22.94 -12.69
CA GLU D 220 -38.58 22.89 -13.11
C GLU D 220 -39.53 23.01 -11.92
N SER D 221 -39.08 22.54 -10.76
CA SER D 221 -39.90 22.57 -9.55
C SER D 221 -39.63 23.80 -8.68
N ILE D 222 -38.60 24.54 -9.01
CA ILE D 222 -38.25 25.72 -8.22
C ILE D 222 -38.49 27.02 -8.99
N LYS D 223 -38.72 26.90 -10.29
CA LYS D 223 -38.98 28.06 -11.13
C LYS D 223 -40.21 28.76 -10.57
N ASP D 224 -40.90 28.06 -9.67
CA ASP D 224 -42.13 28.56 -9.05
C ASP D 224 -41.86 29.34 -7.76
N LEU D 225 -40.59 29.59 -7.47
CA LEU D 225 -40.20 30.32 -6.28
C LEU D 225 -39.53 31.63 -6.66
N MET E 9 -4.96 -40.70 -9.58
CA MET E 9 -5.89 -39.95 -8.67
C MET E 9 -7.35 -40.14 -9.10
N ASP E 10 -8.23 -40.33 -8.13
CA ASP E 10 -9.64 -40.52 -8.43
C ASP E 10 -10.48 -39.37 -7.88
N VAL E 11 -11.05 -38.59 -8.80
CA VAL E 11 -11.86 -37.45 -8.45
C VAL E 11 -13.35 -37.71 -8.57
N MET E 12 -14.06 -37.59 -7.46
CA MET E 12 -15.50 -37.80 -7.44
C MET E 12 -16.17 -37.00 -8.54
N ASN E 13 -17.08 -37.65 -9.26
CA ASN E 13 -17.82 -37.02 -10.36
C ASN E 13 -16.99 -36.35 -11.45
N ARG E 14 -15.69 -36.60 -11.45
CA ARG E 14 -14.80 -36.03 -12.47
C ARG E 14 -14.88 -34.50 -12.49
N LEU E 15 -15.29 -33.91 -11.38
CA LEU E 15 -15.42 -32.46 -11.28
C LEU E 15 -14.53 -31.90 -10.18
N ILE E 16 -13.64 -30.98 -10.56
CA ILE E 16 -12.73 -30.37 -9.60
C ILE E 16 -13.04 -28.89 -9.42
N LEU E 17 -13.52 -28.54 -8.23
CA LEU E 17 -13.86 -27.16 -7.95
C LEU E 17 -12.62 -26.30 -7.70
N ALA E 18 -12.50 -25.23 -8.48
CA ALA E 18 -11.38 -24.30 -8.34
C ALA E 18 -11.88 -23.19 -7.42
N MET E 19 -11.40 -23.19 -6.18
CA MET E 19 -11.80 -22.21 -5.19
C MET E 19 -11.00 -20.93 -5.35
N ASP E 20 -11.57 -19.96 -6.05
CA ASP E 20 -10.88 -18.70 -6.28
C ASP E 20 -11.52 -17.46 -5.66
N LEU E 21 -12.32 -17.66 -4.61
CA LEU E 21 -12.92 -16.53 -3.91
C LEU E 21 -11.76 -16.09 -3.04
N MET E 22 -11.64 -14.79 -2.76
CA MET E 22 -10.52 -14.33 -1.97
C MET E 22 -10.76 -14.06 -0.51
N ASN E 23 -11.99 -14.28 -0.05
CA ASN E 23 -12.30 -14.08 1.36
C ASN E 23 -12.60 -15.46 1.95
N ARG E 24 -11.81 -15.83 2.94
CA ARG E 24 -11.94 -17.11 3.64
C ARG E 24 -13.37 -17.57 3.90
N ASP E 25 -14.24 -16.66 4.34
CA ASP E 25 -15.63 -17.02 4.64
C ASP E 25 -16.41 -17.50 3.44
N ASP E 26 -16.57 -16.66 2.42
CA ASP E 26 -17.29 -17.07 1.23
C ASP E 26 -16.67 -18.36 0.65
N ALA E 27 -15.35 -18.36 0.52
CA ALA E 27 -14.64 -19.52 -0.01
C ALA E 27 -15.05 -20.78 0.74
N LEU E 28 -15.05 -20.69 2.07
CA LEU E 28 -15.42 -21.81 2.92
C LEU E 28 -16.89 -22.16 2.79
N ARG E 29 -17.75 -21.17 2.85
CA ARG E 29 -19.18 -21.44 2.74
C ARG E 29 -19.50 -22.16 1.44
N VAL E 30 -19.07 -21.57 0.32
CA VAL E 30 -19.33 -22.12 -0.99
C VAL E 30 -18.67 -23.48 -1.20
N THR E 31 -17.47 -23.68 -0.67
CA THR E 31 -16.80 -24.97 -0.83
C THR E 31 -17.66 -26.03 -0.18
N GLY E 32 -18.03 -25.80 1.07
CA GLY E 32 -18.87 -26.76 1.79
C GLY E 32 -20.21 -26.98 1.13
N GLU E 33 -20.76 -25.92 0.54
CA GLU E 33 -22.06 -26.01 -0.11
C GLU E 33 -22.08 -26.95 -1.33
N VAL E 34 -20.93 -27.50 -1.69
CA VAL E 34 -20.87 -28.41 -2.84
C VAL E 34 -20.08 -29.67 -2.56
N ARG E 35 -19.63 -29.80 -1.31
CA ARG E 35 -18.86 -30.97 -0.92
C ARG E 35 -19.54 -32.22 -1.46
N GLU E 36 -20.87 -32.18 -1.51
CA GLU E 36 -21.68 -33.29 -1.99
C GLU E 36 -21.41 -33.75 -3.41
N TYR E 37 -20.96 -32.83 -4.26
CA TYR E 37 -20.70 -33.18 -5.66
C TYR E 37 -19.24 -33.25 -6.06
N ILE E 38 -18.34 -32.79 -5.19
CA ILE E 38 -16.92 -32.85 -5.51
C ILE E 38 -16.10 -33.17 -4.28
N ASP E 39 -14.97 -33.83 -4.48
CA ASP E 39 -14.10 -34.20 -3.38
C ASP E 39 -12.67 -33.73 -3.67
N THR E 40 -12.55 -32.80 -4.62
CA THR E 40 -11.25 -32.28 -5.00
C THR E 40 -11.33 -30.79 -5.35
N VAL E 41 -10.60 -29.98 -4.59
CA VAL E 41 -10.62 -28.54 -4.80
C VAL E 41 -9.26 -28.01 -5.20
N LYS E 42 -9.26 -27.04 -6.12
CA LYS E 42 -8.02 -26.43 -6.59
C LYS E 42 -7.72 -25.06 -5.97
N ILE E 43 -7.09 -25.08 -4.80
CA ILE E 43 -6.73 -23.86 -4.10
C ILE E 43 -5.65 -23.18 -4.91
N GLY E 44 -5.71 -21.85 -4.98
CA GLY E 44 -4.71 -21.12 -5.74
C GLY E 44 -4.15 -19.92 -4.99
N TYR E 45 -3.32 -19.12 -5.65
CA TYR E 45 -2.75 -17.95 -5.02
C TYR E 45 -3.81 -16.91 -4.63
N PRO E 46 -4.80 -16.67 -5.50
CA PRO E 46 -5.82 -15.68 -5.13
C PRO E 46 -6.26 -15.84 -3.68
N LEU E 47 -6.54 -17.10 -3.29
CA LEU E 47 -6.98 -17.40 -1.94
C LEU E 47 -5.88 -17.56 -0.90
N VAL E 48 -4.81 -18.25 -1.27
CA VAL E 48 -3.71 -18.49 -0.34
C VAL E 48 -2.86 -17.28 -0.05
N LEU E 49 -2.76 -16.37 -1.02
CA LEU E 49 -1.97 -15.16 -0.83
C LEU E 49 -2.64 -14.20 0.13
N SER E 50 -3.97 -14.12 0.04
CA SER E 50 -4.74 -13.23 0.89
C SER E 50 -5.36 -13.89 2.11
N GLU E 51 -4.82 -15.03 2.55
CA GLU E 51 -5.34 -15.74 3.72
C GLU E 51 -4.33 -16.61 4.41
N GLY E 52 -3.20 -16.87 3.75
CA GLY E 52 -2.17 -17.69 4.34
C GLY E 52 -2.19 -19.14 3.87
N MET E 53 -1.04 -19.80 4.01
CA MET E 53 -0.89 -21.18 3.60
C MET E 53 -1.69 -22.14 4.50
N ASP E 54 -1.82 -21.78 5.77
CA ASP E 54 -2.56 -22.62 6.69
C ASP E 54 -4.04 -22.77 6.27
N ILE E 55 -4.41 -22.22 5.13
CA ILE E 55 -5.81 -22.33 4.68
C ILE E 55 -6.00 -23.67 3.98
N ILE E 56 -4.88 -24.29 3.62
CA ILE E 56 -4.93 -25.57 2.95
C ILE E 56 -5.31 -26.62 3.99
N ALA E 57 -4.52 -26.73 5.05
CA ALA E 57 -4.82 -27.68 6.12
C ALA E 57 -6.22 -27.45 6.66
N GLU E 58 -6.69 -26.20 6.59
CA GLU E 58 -8.03 -25.94 7.06
C GLU E 58 -8.97 -26.77 6.19
N PHE E 59 -8.94 -26.50 4.89
CA PHE E 59 -9.80 -27.21 3.94
C PHE E 59 -9.79 -28.73 4.09
N ARG E 60 -8.65 -29.29 4.46
CA ARG E 60 -8.52 -30.73 4.63
C ARG E 60 -9.38 -31.32 5.75
N LYS E 61 -9.31 -30.72 6.92
CA LYS E 61 -10.08 -31.20 8.06
C LYS E 61 -11.57 -30.95 7.85
N ARG E 62 -11.96 -29.68 7.80
CA ARG E 62 -13.38 -29.37 7.62
C ARG E 62 -14.03 -30.07 6.43
N PHE E 63 -13.23 -30.49 5.46
CA PHE E 63 -13.80 -31.14 4.26
C PHE E 63 -13.25 -32.51 3.87
N GLY E 64 -12.05 -32.86 4.34
CA GLY E 64 -11.46 -34.14 3.99
C GLY E 64 -11.38 -34.29 2.49
N CYS E 65 -11.02 -33.20 1.83
CA CYS E 65 -10.92 -33.16 0.39
C CYS E 65 -9.50 -33.20 -0.15
N ARG E 66 -9.39 -33.48 -1.43
CA ARG E 66 -8.12 -33.52 -2.13
C ARG E 66 -7.77 -32.05 -2.39
N ILE E 67 -6.54 -31.65 -2.09
CA ILE E 67 -6.15 -30.27 -2.32
C ILE E 67 -5.06 -30.15 -3.35
N ILE E 68 -5.43 -29.64 -4.52
CA ILE E 68 -4.46 -29.40 -5.57
C ILE E 68 -4.07 -27.93 -5.51
N ALA E 69 -2.81 -27.64 -5.21
CA ALA E 69 -2.32 -26.28 -5.13
C ALA E 69 -1.97 -25.80 -6.52
N ASP E 70 -2.80 -24.92 -7.08
CA ASP E 70 -2.56 -24.40 -8.43
C ASP E 70 -1.59 -23.22 -8.33
N PHE E 71 -0.32 -23.52 -8.08
CA PHE E 71 0.67 -22.47 -7.96
C PHE E 71 1.50 -22.19 -9.21
N LYS E 72 1.30 -22.98 -10.25
CA LYS E 72 2.03 -22.80 -11.49
C LYS E 72 3.50 -22.50 -11.28
N VAL E 73 4.16 -23.32 -10.47
CA VAL E 73 5.56 -23.11 -10.20
C VAL E 73 6.30 -22.89 -11.51
N ALA E 74 7.01 -21.77 -11.60
CA ALA E 74 7.75 -21.41 -12.80
C ALA E 74 9.02 -20.66 -12.48
N ASP E 75 9.84 -21.21 -11.59
CA ASP E 75 11.09 -20.56 -11.23
C ASP E 75 12.26 -21.50 -11.53
N ILE E 76 13.44 -21.17 -11.05
CA ILE E 76 14.61 -22.01 -11.26
C ILE E 76 14.48 -23.22 -10.34
N PRO E 77 15.24 -24.30 -10.62
CA PRO E 77 15.19 -25.50 -9.81
C PRO E 77 15.28 -25.28 -8.30
N GLU E 78 16.29 -24.56 -7.86
CA GLU E 78 16.46 -24.32 -6.43
C GLU E 78 15.21 -23.76 -5.76
N THR E 79 14.63 -22.72 -6.36
CA THR E 79 13.45 -22.09 -5.79
C THR E 79 12.19 -22.96 -5.92
N ASN E 80 12.05 -23.66 -7.04
CA ASN E 80 10.90 -24.54 -7.24
C ASN E 80 10.85 -25.59 -6.14
N GLU E 81 12.02 -26.05 -5.72
CA GLU E 81 12.10 -27.06 -4.69
C GLU E 81 11.59 -26.52 -3.36
N LYS E 82 11.87 -25.25 -3.07
CA LYS E 82 11.43 -24.66 -1.82
C LYS E 82 9.92 -24.47 -1.80
N ILE E 83 9.38 -24.05 -2.93
CA ILE E 83 7.96 -23.83 -3.05
C ILE E 83 7.20 -25.15 -2.95
N CYS E 84 7.71 -26.19 -3.60
CA CYS E 84 7.02 -27.47 -3.55
C CYS E 84 7.15 -28.02 -2.12
N ARG E 85 8.33 -27.85 -1.53
CA ARG E 85 8.57 -28.30 -0.16
C ARG E 85 7.58 -27.65 0.81
N ALA E 86 7.45 -26.34 0.71
CA ALA E 86 6.56 -25.59 1.57
C ALA E 86 5.09 -25.87 1.26
N THR E 87 4.77 -26.12 -0.01
CA THR E 87 3.39 -26.38 -0.36
C THR E 87 2.93 -27.76 0.14
N PHE E 88 3.84 -28.75 0.10
CA PHE E 88 3.47 -30.07 0.57
C PHE E 88 3.42 -29.98 2.09
N LYS E 89 4.49 -29.47 2.71
CA LYS E 89 4.49 -29.32 4.16
C LYS E 89 3.19 -28.66 4.62
N ALA E 90 2.66 -27.73 3.82
CA ALA E 90 1.42 -27.05 4.15
C ALA E 90 0.27 -28.01 4.00
N GLY E 91 0.60 -29.26 3.65
CA GLY E 91 -0.42 -30.28 3.49
C GLY E 91 -1.16 -30.28 2.17
N ALA E 92 -0.46 -30.05 1.06
CA ALA E 92 -1.11 -30.05 -0.24
C ALA E 92 -0.90 -31.41 -0.88
N ASP E 93 -1.95 -31.96 -1.50
CA ASP E 93 -1.85 -33.26 -2.15
C ASP E 93 -1.01 -33.22 -3.43
N ALA E 94 -1.26 -32.24 -4.29
CA ALA E 94 -0.54 -32.11 -5.55
C ALA E 94 -0.28 -30.64 -5.89
N ILE E 95 0.77 -30.40 -6.68
CA ILE E 95 1.10 -29.05 -7.09
C ILE E 95 1.20 -29.00 -8.61
N ILE E 96 0.60 -27.97 -9.22
CA ILE E 96 0.64 -27.79 -10.67
C ILE E 96 1.86 -26.97 -11.03
N VAL E 97 2.78 -27.56 -11.80
CA VAL E 97 4.01 -26.88 -12.19
C VAL E 97 3.99 -26.44 -13.66
N HIS E 98 4.81 -25.44 -14.01
CA HIS E 98 4.90 -24.97 -15.39
C HIS E 98 6.02 -25.70 -16.15
N GLY E 99 5.72 -26.15 -17.37
CA GLY E 99 6.71 -26.85 -18.15
C GLY E 99 7.58 -25.91 -18.98
N PHE E 100 7.06 -24.72 -19.28
CA PHE E 100 7.81 -23.77 -20.10
C PHE E 100 9.25 -23.56 -19.63
N PRO E 101 9.47 -23.42 -18.32
CA PRO E 101 10.84 -23.20 -17.82
C PRO E 101 11.84 -24.36 -17.98
N GLY E 102 11.42 -25.46 -18.60
CA GLY E 102 12.35 -26.56 -18.80
C GLY E 102 12.20 -27.84 -18.00
N ALA E 103 13.08 -28.80 -18.30
CA ALA E 103 13.07 -30.09 -17.65
C ALA E 103 13.65 -30.06 -16.23
N ASP E 104 14.79 -29.41 -16.08
CA ASP E 104 15.43 -29.34 -14.76
C ASP E 104 14.51 -28.72 -13.71
N SER E 105 13.76 -27.69 -14.11
CA SER E 105 12.85 -27.00 -13.21
C SER E 105 11.68 -27.89 -12.82
N VAL E 106 11.24 -28.75 -13.72
CA VAL E 106 10.14 -29.67 -13.43
C VAL E 106 10.64 -30.81 -12.55
N ARG E 107 11.85 -31.29 -12.86
CA ARG E 107 12.49 -32.38 -12.13
C ARG E 107 12.58 -32.09 -10.63
N ALA E 108 12.97 -30.87 -10.29
CA ALA E 108 13.07 -30.49 -8.88
C ALA E 108 11.71 -30.67 -8.24
N CYS E 109 10.65 -30.40 -9.00
CA CYS E 109 9.30 -30.54 -8.49
C CYS E 109 8.93 -32.03 -8.33
N LEU E 110 9.61 -32.89 -9.09
CA LEU E 110 9.35 -34.32 -8.98
C LEU E 110 10.17 -34.90 -7.83
N ASN E 111 11.40 -34.39 -7.66
CA ASN E 111 12.23 -34.86 -6.59
C ASN E 111 11.52 -34.68 -5.24
N VAL E 112 10.97 -33.50 -5.02
CA VAL E 112 10.26 -33.22 -3.78
C VAL E 112 9.01 -34.11 -3.68
N ALA E 113 8.19 -34.12 -4.73
CA ALA E 113 6.99 -34.94 -4.74
C ALA E 113 7.28 -36.40 -4.40
N GLU E 114 8.41 -36.91 -4.88
CA GLU E 114 8.79 -38.28 -4.58
C GLU E 114 9.21 -38.35 -3.10
N GLU E 115 10.13 -37.47 -2.73
CA GLU E 115 10.62 -37.41 -1.34
C GLU E 115 9.50 -37.30 -0.32
N MET E 116 8.34 -36.78 -0.72
CA MET E 116 7.22 -36.64 0.21
C MET E 116 6.02 -37.50 -0.17
N GLY E 117 6.16 -38.18 -1.29
CA GLY E 117 5.08 -39.04 -1.74
C GLY E 117 3.84 -38.24 -2.07
N ARG E 118 4.03 -37.16 -2.83
CA ARG E 118 2.94 -36.28 -3.26
C ARG E 118 3.00 -36.19 -4.78
N GLU E 119 1.93 -35.70 -5.40
CA GLU E 119 1.88 -35.62 -6.86
C GLU E 119 2.17 -34.26 -7.49
N VAL E 120 2.57 -34.32 -8.77
CA VAL E 120 2.87 -33.14 -9.55
C VAL E 120 2.06 -33.18 -10.85
N PHE E 121 1.44 -32.04 -11.17
CA PHE E 121 0.69 -31.88 -12.39
C PHE E 121 1.47 -30.89 -13.20
N LEU E 122 1.76 -31.24 -14.44
CA LEU E 122 2.51 -30.38 -15.34
C LEU E 122 1.52 -29.75 -16.30
N LEU E 123 1.51 -28.43 -16.34
CA LEU E 123 0.62 -27.69 -17.22
C LEU E 123 1.31 -27.66 -18.57
N THR E 124 0.73 -28.28 -19.60
CA THR E 124 1.38 -28.27 -20.91
C THR E 124 0.94 -27.12 -21.78
N GLU E 125 -0.36 -26.91 -21.88
CA GLU E 125 -0.88 -25.81 -22.67
C GLU E 125 -2.01 -25.12 -21.90
N MET E 126 -1.93 -23.79 -21.79
CA MET E 126 -2.94 -23.03 -21.09
C MET E 126 -4.23 -22.87 -21.90
N SER E 127 -5.27 -22.34 -21.26
CA SER E 127 -6.60 -22.18 -21.86
C SER E 127 -7.00 -20.82 -22.45
N HIS E 128 -6.49 -19.74 -21.90
CA HIS E 128 -6.84 -18.40 -22.37
C HIS E 128 -6.28 -18.13 -23.77
N PRO E 129 -6.56 -16.93 -24.32
CA PRO E 129 -6.07 -16.56 -25.66
C PRO E 129 -4.55 -16.37 -25.78
N GLY E 130 -3.95 -15.66 -24.84
CA GLY E 130 -2.52 -15.42 -24.87
C GLY E 130 -1.65 -16.67 -24.89
N ALA E 131 -2.27 -17.82 -24.67
CA ALA E 131 -1.56 -19.10 -24.65
C ALA E 131 -1.09 -19.49 -26.04
N GLU E 132 -1.60 -18.79 -27.06
CA GLU E 132 -1.23 -19.08 -28.43
C GLU E 132 0.05 -18.39 -28.85
N MET E 133 0.44 -17.36 -28.12
CA MET E 133 1.65 -16.64 -28.47
C MET E 133 2.91 -17.46 -28.27
N PHE E 134 3.05 -18.12 -27.11
CA PHE E 134 4.27 -18.90 -26.89
C PHE E 134 4.08 -20.33 -26.39
N ILE E 135 3.34 -20.51 -25.30
CA ILE E 135 3.10 -21.83 -24.77
C ILE E 135 2.62 -22.77 -25.88
N GLN E 136 1.64 -22.30 -26.65
CA GLN E 136 1.07 -23.05 -27.75
C GLN E 136 2.14 -23.87 -28.49
N GLY E 137 3.14 -23.17 -29.03
CA GLY E 137 4.20 -23.83 -29.77
C GLY E 137 4.85 -25.03 -29.11
N ALA E 138 5.43 -24.83 -27.94
CA ALA E 138 6.10 -25.93 -27.23
C ALA E 138 5.18 -26.91 -26.52
N ALA E 139 3.87 -26.70 -26.64
CA ALA E 139 2.92 -27.59 -25.97
C ALA E 139 3.35 -29.06 -26.05
N ASP E 140 3.37 -29.61 -27.25
CA ASP E 140 3.77 -31.01 -27.45
C ASP E 140 5.13 -31.38 -26.89
N GLU E 141 6.14 -30.55 -27.15
CA GLU E 141 7.48 -30.81 -26.63
C GLU E 141 7.36 -31.01 -25.12
N ILE E 142 6.73 -30.05 -24.46
CA ILE E 142 6.54 -30.10 -23.03
C ILE E 142 6.01 -31.46 -22.60
N ALA E 143 4.88 -31.85 -23.18
CA ALA E 143 4.28 -33.13 -22.83
C ALA E 143 5.30 -34.29 -22.89
N ARG E 144 5.97 -34.44 -24.04
CA ARG E 144 6.96 -35.49 -24.20
C ARG E 144 8.01 -35.39 -23.09
N MET E 145 8.39 -34.15 -22.76
CA MET E 145 9.37 -33.88 -21.72
C MET E 145 8.85 -34.43 -20.39
N GLY E 146 7.53 -34.35 -20.21
CA GLY E 146 6.91 -34.84 -18.99
C GLY E 146 7.00 -36.34 -18.99
N VAL E 147 6.65 -36.93 -20.13
CA VAL E 147 6.67 -38.37 -20.31
C VAL E 147 8.10 -38.85 -20.06
N ASP E 148 9.06 -38.19 -20.70
CA ASP E 148 10.45 -38.54 -20.53
C ASP E 148 10.89 -38.44 -19.08
N LEU E 149 10.42 -37.39 -18.38
CA LEU E 149 10.78 -37.20 -16.98
C LEU E 149 9.94 -38.11 -16.10
N GLY E 150 8.86 -38.65 -16.64
CA GLY E 150 8.01 -39.55 -15.89
C GLY E 150 6.80 -38.95 -15.21
N VAL E 151 6.28 -37.87 -15.77
CA VAL E 151 5.12 -37.22 -15.18
C VAL E 151 3.86 -38.01 -15.52
N LYS E 152 3.04 -38.31 -14.51
CA LYS E 152 1.82 -39.07 -14.74
C LYS E 152 0.58 -38.19 -14.64
N ASN E 153 0.76 -36.92 -14.32
CA ASN E 153 -0.36 -36.00 -14.18
C ASN E 153 -0.16 -34.76 -15.06
N TYR E 154 -1.20 -34.38 -15.80
CA TYR E 154 -1.11 -33.24 -16.70
C TYR E 154 -2.33 -32.30 -16.64
N VAL E 155 -2.18 -31.11 -17.22
CA VAL E 155 -3.25 -30.12 -17.23
C VAL E 155 -3.40 -29.51 -18.62
N GLY E 156 -4.57 -29.68 -19.22
CA GLY E 156 -4.79 -29.15 -20.55
C GLY E 156 -6.05 -28.32 -20.73
N PRO E 157 -6.09 -27.49 -21.79
CA PRO E 157 -7.24 -26.61 -22.07
C PRO E 157 -8.49 -27.36 -22.52
N SER E 158 -9.65 -26.83 -22.14
CA SER E 158 -10.92 -27.43 -22.51
C SER E 158 -11.39 -26.66 -23.73
N THR E 159 -10.91 -25.43 -23.83
CA THR E 159 -11.23 -24.52 -24.92
C THR E 159 -10.64 -25.00 -26.25
N ARG E 160 -9.78 -26.03 -26.18
CA ARG E 160 -9.17 -26.59 -27.37
C ARG E 160 -9.28 -28.12 -27.36
N PRO E 161 -10.45 -28.64 -27.76
CA PRO E 161 -10.72 -30.08 -27.81
C PRO E 161 -9.69 -30.84 -28.63
N GLU E 162 -9.40 -30.29 -29.82
CA GLU E 162 -8.42 -30.89 -30.71
C GLU E 162 -7.05 -30.92 -30.05
N ARG E 163 -6.66 -29.81 -29.43
CA ARG E 163 -5.37 -29.72 -28.75
C ARG E 163 -5.30 -30.69 -27.57
N LEU E 164 -6.44 -30.91 -26.93
CA LEU E 164 -6.48 -31.81 -25.79
C LEU E 164 -6.13 -33.24 -26.24
N SER E 165 -6.84 -33.72 -27.26
CA SER E 165 -6.62 -35.06 -27.79
C SER E 165 -5.16 -35.35 -28.09
N ARG E 166 -4.44 -34.35 -28.59
CA ARG E 166 -3.03 -34.51 -28.93
C ARG E 166 -2.19 -34.81 -27.70
N LEU E 167 -2.35 -34.01 -26.66
CA LEU E 167 -1.59 -34.22 -25.42
C LEU E 167 -1.94 -35.60 -24.90
N ARG E 168 -3.21 -35.96 -24.98
CA ARG E 168 -3.63 -37.27 -24.54
C ARG E 168 -2.78 -38.29 -25.31
N GLU E 169 -2.85 -38.21 -26.64
CA GLU E 169 -2.08 -39.10 -27.50
C GLU E 169 -0.63 -39.19 -27.05
N ILE E 170 -0.04 -38.03 -26.78
CA ILE E 170 1.34 -37.97 -26.34
C ILE E 170 1.55 -38.58 -24.96
N ILE E 171 0.90 -38.05 -23.93
CA ILE E 171 1.07 -38.56 -22.57
C ILE E 171 0.71 -40.03 -22.44
N GLY E 172 -0.17 -40.49 -23.32
CA GLY E 172 -0.55 -41.89 -23.27
C GLY E 172 -2.00 -42.14 -22.89
N GLN E 173 -2.22 -43.22 -22.14
CA GLN E 173 -3.56 -43.57 -21.71
C GLN E 173 -3.57 -43.86 -20.21
N ASP E 174 -2.42 -44.23 -19.69
CA ASP E 174 -2.26 -44.53 -18.26
C ASP E 174 -1.92 -43.28 -17.43
N SER E 175 -1.82 -42.12 -18.09
CA SER E 175 -1.51 -40.87 -17.41
C SER E 175 -2.79 -40.11 -17.10
N PHE E 176 -2.78 -39.41 -15.98
CA PHE E 176 -3.94 -38.63 -15.51
C PHE E 176 -3.95 -37.22 -16.13
N LEU E 177 -5.13 -36.74 -16.48
CA LEU E 177 -5.23 -35.42 -17.08
C LEU E 177 -6.47 -34.64 -16.66
N ILE E 178 -6.28 -33.38 -16.27
CA ILE E 178 -7.41 -32.56 -15.88
C ILE E 178 -7.41 -31.31 -16.74
N SER E 179 -8.60 -30.85 -17.08
CA SER E 179 -8.74 -29.68 -17.93
C SER E 179 -9.63 -28.55 -17.44
N PRO E 180 -9.03 -27.36 -17.25
CA PRO E 180 -9.73 -26.15 -16.81
C PRO E 180 -10.34 -25.46 -18.03
N GLY E 181 -11.00 -24.34 -17.81
CA GLY E 181 -11.60 -23.63 -18.93
C GLY E 181 -12.99 -24.12 -19.30
N VAL E 182 -13.65 -24.79 -18.37
CA VAL E 182 -15.01 -25.30 -18.60
C VAL E 182 -16.00 -24.24 -18.10
N GLY E 183 -17.05 -24.00 -18.88
CA GLY E 183 -18.04 -23.01 -18.49
C GLY E 183 -17.67 -21.60 -18.91
N ALA E 184 -17.18 -20.82 -17.94
CA ALA E 184 -16.79 -19.42 -18.17
C ALA E 184 -15.83 -19.17 -19.32
N GLN E 185 -14.83 -20.04 -19.52
CA GLN E 185 -13.88 -19.83 -20.61
C GLN E 185 -14.29 -20.45 -21.95
N GLY E 186 -15.47 -21.08 -21.98
CA GLY E 186 -15.95 -21.66 -23.23
C GLY E 186 -16.02 -23.18 -23.31
N GLY E 187 -15.02 -23.86 -22.76
CA GLY E 187 -14.99 -25.31 -22.80
C GLY E 187 -16.24 -26.00 -22.30
N ASP E 188 -16.63 -27.07 -22.99
CA ASP E 188 -17.82 -27.83 -22.61
C ASP E 188 -17.41 -29.13 -21.90
N PRO E 189 -17.90 -29.31 -20.65
CA PRO E 189 -17.61 -30.48 -19.83
C PRO E 189 -17.63 -31.82 -20.57
N GLY E 190 -18.82 -32.30 -20.92
CA GLY E 190 -18.95 -33.55 -21.62
C GLY E 190 -17.91 -33.73 -22.72
N GLU E 191 -17.84 -32.74 -23.61
CA GLU E 191 -16.90 -32.76 -24.72
C GLU E 191 -15.46 -32.98 -24.23
N THR E 192 -15.05 -32.20 -23.25
CA THR E 192 -13.70 -32.27 -22.72
C THR E 192 -13.39 -33.61 -22.04
N LEU E 193 -14.33 -34.14 -21.28
CA LEU E 193 -14.13 -35.40 -20.57
C LEU E 193 -13.91 -36.62 -21.47
N ARG E 194 -14.09 -36.43 -22.77
CA ARG E 194 -13.90 -37.52 -23.72
C ARG E 194 -12.41 -37.83 -23.82
N PHE E 195 -11.58 -36.82 -23.57
CA PHE E 195 -10.13 -36.95 -23.64
C PHE E 195 -9.47 -36.84 -22.27
N ALA E 196 -9.91 -35.87 -21.46
CA ALA E 196 -9.35 -35.67 -20.14
C ALA E 196 -10.12 -36.46 -19.07
N ASP E 197 -9.42 -36.81 -18.00
CA ASP E 197 -10.02 -37.57 -16.91
C ASP E 197 -11.05 -36.80 -16.11
N ALA E 198 -10.76 -35.53 -15.82
CA ALA E 198 -11.68 -34.70 -15.05
C ALA E 198 -11.55 -33.23 -15.42
N ILE E 199 -12.68 -32.51 -15.34
CA ILE E 199 -12.71 -31.08 -15.67
C ILE E 199 -12.66 -30.21 -14.41
N ILE E 200 -12.24 -28.97 -14.61
CA ILE E 200 -12.15 -28.00 -13.53
C ILE E 200 -13.11 -26.84 -13.80
N VAL E 201 -13.90 -26.50 -12.80
CA VAL E 201 -14.83 -25.38 -12.94
C VAL E 201 -14.64 -24.43 -11.78
N GLY E 202 -14.73 -23.13 -12.08
CA GLY E 202 -14.57 -22.10 -11.07
C GLY E 202 -15.72 -21.11 -11.03
N ARG E 203 -15.57 -20.01 -11.74
CA ARG E 203 -16.59 -18.97 -11.75
C ARG E 203 -17.98 -19.44 -12.20
N SER E 204 -18.05 -20.58 -12.86
CA SER E 204 -19.33 -21.11 -13.31
C SER E 204 -20.09 -21.66 -12.11
N ILE E 205 -19.40 -21.77 -10.97
CA ILE E 205 -20.01 -22.29 -9.76
C ILE E 205 -19.91 -21.31 -8.59
N TYR E 206 -18.73 -20.74 -8.38
CA TYR E 206 -18.56 -19.83 -7.25
C TYR E 206 -19.01 -18.39 -7.47
N LEU E 207 -19.86 -18.19 -8.45
CA LEU E 207 -20.40 -16.86 -8.77
C LEU E 207 -21.84 -17.04 -9.26
N ALA E 208 -22.27 -18.29 -9.41
CA ALA E 208 -23.61 -18.62 -9.87
C ALA E 208 -24.63 -18.24 -8.81
N ASP E 209 -25.88 -18.10 -9.23
CA ASP E 209 -26.96 -17.74 -8.30
C ASP E 209 -27.07 -18.80 -7.20
N ASN E 210 -26.77 -20.05 -7.55
CA ASN E 210 -26.81 -21.15 -6.60
C ASN E 210 -25.53 -21.97 -6.72
N PRO E 211 -24.75 -22.05 -5.65
CA PRO E 211 -23.50 -22.82 -5.73
C PRO E 211 -23.74 -24.32 -6.00
N ALA E 212 -24.39 -24.99 -5.06
CA ALA E 212 -24.67 -26.41 -5.18
C ALA E 212 -25.42 -26.76 -6.46
N ALA E 213 -26.48 -26.00 -6.76
CA ALA E 213 -27.30 -26.23 -7.94
C ALA E 213 -26.53 -26.06 -9.23
N ALA E 214 -25.43 -25.31 -9.17
CA ALA E 214 -24.61 -25.08 -10.36
C ALA E 214 -23.73 -26.30 -10.59
N ALA E 215 -23.22 -26.86 -9.50
CA ALA E 215 -22.37 -28.03 -9.57
C ALA E 215 -23.22 -29.27 -9.87
N ALA E 216 -24.45 -29.27 -9.38
CA ALA E 216 -25.35 -30.40 -9.62
C ALA E 216 -25.85 -30.34 -11.05
N GLY E 217 -25.60 -29.21 -11.71
CA GLY E 217 -26.02 -29.04 -13.09
C GLY E 217 -24.95 -29.55 -14.04
N ILE E 218 -23.70 -29.22 -13.73
CA ILE E 218 -22.57 -29.67 -14.55
C ILE E 218 -22.58 -31.19 -14.52
N ILE E 219 -22.63 -31.74 -13.31
CA ILE E 219 -22.66 -33.18 -13.13
C ILE E 219 -23.82 -33.78 -13.92
N GLU E 220 -25.00 -33.23 -13.74
CA GLU E 220 -26.16 -33.73 -14.47
C GLU E 220 -25.98 -33.54 -15.97
N SER E 221 -24.96 -32.78 -16.35
CA SER E 221 -24.69 -32.54 -17.77
C SER E 221 -23.76 -33.63 -18.28
N ILE E 222 -23.42 -34.57 -17.41
CA ILE E 222 -22.51 -35.64 -17.78
C ILE E 222 -22.86 -36.94 -17.05
N LYS E 223 -23.80 -36.88 -16.12
CA LYS E 223 -24.17 -38.07 -15.36
C LYS E 223 -24.52 -39.24 -16.26
N ASP E 224 -23.56 -40.16 -16.38
CA ASP E 224 -23.66 -41.37 -17.19
C ASP E 224 -22.25 -41.77 -17.55
N LEU E 225 -21.39 -40.77 -17.71
CA LEU E 225 -19.98 -40.99 -18.03
C LEU E 225 -19.23 -41.38 -16.75
N MET F 9 12.78 4.22 -10.81
CA MET F 9 13.08 3.79 -9.41
C MET F 9 14.59 3.85 -9.16
N ASP F 10 15.06 4.97 -8.62
CA ASP F 10 16.49 5.11 -8.33
C ASP F 10 16.77 4.05 -7.28
N VAL F 11 18.04 3.69 -7.11
CA VAL F 11 18.38 2.67 -6.13
C VAL F 11 19.62 3.00 -5.32
N MET F 12 20.09 1.96 -4.63
CA MET F 12 21.28 2.04 -3.79
C MET F 12 22.19 0.91 -4.28
N ASN F 13 23.49 1.20 -4.35
CA ASN F 13 24.51 0.25 -4.79
C ASN F 13 24.03 -0.84 -5.77
N ARG F 14 23.54 -0.42 -6.93
CA ARG F 14 23.07 -1.30 -8.01
C ARG F 14 22.73 -2.76 -7.68
N LEU F 15 22.34 -3.03 -6.44
CA LEU F 15 22.00 -4.39 -6.06
C LEU F 15 20.68 -4.43 -5.30
N ILE F 16 20.01 -5.56 -5.37
CA ILE F 16 18.73 -5.76 -4.73
C ILE F 16 18.66 -7.18 -4.19
N LEU F 17 19.15 -7.37 -2.97
CA LEU F 17 19.17 -8.66 -2.32
C LEU F 17 17.91 -9.48 -2.55
N ALA F 18 18.09 -10.77 -2.75
CA ALA F 18 16.97 -11.67 -3.00
C ALA F 18 16.65 -12.51 -1.75
N MET F 19 16.05 -11.88 -0.75
CA MET F 19 15.67 -12.55 0.48
C MET F 19 14.73 -13.72 0.23
N ASP F 20 15.31 -14.88 -0.05
CA ASP F 20 14.53 -16.09 -0.29
C ASP F 20 14.60 -16.93 0.97
N LEU F 21 15.18 -16.35 2.01
CA LEU F 21 15.29 -17.01 3.31
C LEU F 21 13.89 -17.49 3.64
N MET F 22 13.79 -18.65 4.30
CA MET F 22 12.49 -19.19 4.66
C MET F 22 12.19 -19.03 6.16
N ASN F 23 12.95 -18.17 6.83
CA ASN F 23 12.75 -17.89 8.25
C ASN F 23 12.72 -16.38 8.50
N ARG F 24 11.60 -15.91 9.03
CA ARG F 24 11.39 -14.50 9.30
C ARG F 24 12.50 -13.82 10.10
N ASP F 25 12.96 -14.46 11.16
CA ASP F 25 14.00 -13.91 12.01
C ASP F 25 15.21 -13.42 11.23
N ASP F 26 16.01 -14.37 10.76
CA ASP F 26 17.22 -14.06 10.00
C ASP F 26 16.97 -12.99 8.93
N ALA F 27 15.96 -13.20 8.10
CA ALA F 27 15.63 -12.26 7.04
C ALA F 27 15.63 -10.83 7.54
N LEU F 28 15.02 -10.61 8.69
CA LEU F 28 14.97 -9.27 9.25
C LEU F 28 16.35 -8.87 9.76
N ARG F 29 17.14 -9.87 10.15
CA ARG F 29 18.49 -9.64 10.67
C ARG F 29 19.41 -9.09 9.57
N VAL F 30 19.52 -9.83 8.48
CA VAL F 30 20.37 -9.44 7.37
C VAL F 30 19.94 -8.09 6.80
N THR F 31 18.66 -7.97 6.46
CA THR F 31 18.12 -6.73 5.89
C THR F 31 18.52 -5.50 6.70
N GLY F 32 18.63 -5.66 8.02
CA GLY F 32 19.01 -4.53 8.86
C GLY F 32 20.51 -4.28 8.77
N GLU F 33 21.28 -5.34 9.01
CA GLU F 33 22.75 -5.26 8.95
C GLU F 33 23.16 -4.53 7.69
N VAL F 34 22.75 -5.07 6.55
CA VAL F 34 23.05 -4.50 5.25
C VAL F 34 21.98 -3.54 4.74
N ARG F 35 21.58 -2.59 5.58
CA ARG F 35 20.58 -1.62 5.14
C ARG F 35 21.33 -0.45 4.49
N GLU F 36 22.59 -0.29 4.89
CA GLU F 36 23.42 0.78 4.34
C GLU F 36 23.72 0.52 2.85
N TYR F 37 23.90 -0.75 2.50
CA TYR F 37 24.21 -1.13 1.13
C TYR F 37 23.07 -0.96 0.10
N ILE F 38 21.83 -1.28 0.47
CA ILE F 38 20.71 -1.12 -0.47
C ILE F 38 19.44 -0.52 0.13
N ASP F 39 18.43 -0.34 -0.71
CA ASP F 39 17.16 0.24 -0.27
C ASP F 39 16.01 -0.34 -1.09
N THR F 40 16.23 -1.54 -1.63
CA THR F 40 15.24 -2.24 -2.42
C THR F 40 15.39 -3.73 -2.14
N VAL F 41 14.27 -4.40 -1.94
CA VAL F 41 14.30 -5.81 -1.63
C VAL F 41 13.41 -6.63 -2.53
N LYS F 42 13.81 -7.87 -2.77
CA LYS F 42 13.04 -8.78 -3.60
C LYS F 42 12.63 -9.91 -2.69
N ILE F 43 11.33 -10.10 -2.58
CA ILE F 43 10.77 -11.13 -1.74
C ILE F 43 10.04 -12.06 -2.69
N GLY F 44 10.31 -13.35 -2.57
CA GLY F 44 9.66 -14.32 -3.43
C GLY F 44 8.74 -15.24 -2.64
N TYR F 45 8.23 -16.28 -3.28
CA TYR F 45 7.32 -17.20 -2.62
C TYR F 45 7.88 -18.00 -1.47
N PRO F 46 9.15 -18.41 -1.57
CA PRO F 46 9.71 -19.18 -0.46
C PRO F 46 9.51 -18.51 0.90
N LEU F 47 9.79 -17.22 0.99
CA LEU F 47 9.64 -16.50 2.25
C LEU F 47 8.21 -16.11 2.61
N VAL F 48 7.46 -15.59 1.65
CA VAL F 48 6.09 -15.19 1.95
C VAL F 48 5.16 -16.38 2.19
N LEU F 49 5.43 -17.51 1.52
CA LEU F 49 4.55 -18.67 1.70
C LEU F 49 4.81 -19.33 3.03
N SER F 50 6.01 -19.17 3.53
CA SER F 50 6.34 -19.75 4.81
C SER F 50 5.85 -18.82 5.92
N GLU F 51 6.36 -17.59 5.94
CA GLU F 51 5.99 -16.61 6.97
C GLU F 51 4.81 -15.69 6.69
N GLY F 52 4.17 -15.85 5.53
CA GLY F 52 3.02 -15.02 5.19
C GLY F 52 3.28 -13.69 4.52
N MET F 53 2.24 -13.18 3.87
CA MET F 53 2.28 -11.92 3.14
C MET F 53 2.48 -10.65 3.98
N ASP F 54 2.04 -10.69 5.24
CA ASP F 54 2.18 -9.52 6.09
C ASP F 54 3.62 -9.06 6.12
N ILE F 55 4.54 -10.01 6.18
CA ILE F 55 5.98 -9.71 6.21
C ILE F 55 6.38 -8.67 5.17
N ILE F 56 5.61 -8.53 4.10
CA ILE F 56 5.90 -7.53 3.08
C ILE F 56 5.80 -6.14 3.71
N ALA F 57 4.67 -5.88 4.37
CA ALA F 57 4.45 -4.60 5.02
C ALA F 57 5.45 -4.42 6.17
N GLU F 58 5.87 -5.54 6.76
CA GLU F 58 6.83 -5.45 7.86
C GLU F 58 8.14 -4.87 7.37
N PHE F 59 8.76 -5.52 6.38
CA PHE F 59 10.02 -5.05 5.80
C PHE F 59 9.85 -3.60 5.38
N ARG F 60 8.78 -3.34 4.66
CA ARG F 60 8.47 -2.00 4.15
C ARG F 60 8.36 -0.95 5.25
N LYS F 61 7.24 -0.97 5.97
CA LYS F 61 6.99 -0.03 7.06
C LYS F 61 8.18 0.10 8.02
N ARG F 62 8.99 -0.95 8.12
CA ARG F 62 10.12 -0.91 9.03
C ARG F 62 11.36 -0.17 8.53
N PHE F 63 12.09 -0.81 7.62
CA PHE F 63 13.32 -0.27 7.04
C PHE F 63 13.18 0.91 6.10
N GLY F 64 11.96 1.19 5.67
CA GLY F 64 11.75 2.28 4.75
C GLY F 64 12.44 1.90 3.46
N CYS F 65 11.90 0.89 2.79
CA CYS F 65 12.47 0.41 1.54
C CYS F 65 11.38 -0.04 0.58
N ARG F 66 11.79 -0.25 -0.67
CA ARG F 66 10.87 -0.70 -1.70
C ARG F 66 10.88 -2.22 -1.70
N ILE F 67 9.76 -2.81 -2.06
CA ILE F 67 9.69 -4.25 -2.08
C ILE F 67 9.24 -4.73 -3.43
N ILE F 68 10.07 -5.58 -4.02
CA ILE F 68 9.73 -6.16 -5.30
C ILE F 68 9.30 -7.59 -5.03
N ALA F 69 8.04 -7.90 -5.32
CA ALA F 69 7.52 -9.24 -5.10
C ALA F 69 7.86 -10.10 -6.31
N ASP F 70 8.81 -11.01 -6.14
CA ASP F 70 9.21 -11.87 -7.25
C ASP F 70 8.28 -13.07 -7.32
N PHE F 71 7.05 -12.84 -7.76
CA PHE F 71 6.05 -13.90 -7.86
C PHE F 71 5.91 -14.57 -9.22
N LYS F 72 6.62 -14.03 -10.22
CA LYS F 72 6.56 -14.60 -11.56
C LYS F 72 5.18 -14.96 -12.02
N VAL F 73 4.25 -14.02 -11.88
CA VAL F 73 2.88 -14.28 -12.25
C VAL F 73 2.84 -14.91 -13.64
N ALA F 74 2.19 -16.06 -13.74
CA ALA F 74 2.11 -16.79 -14.99
C ALA F 74 0.80 -17.54 -15.12
N ASP F 75 -0.30 -16.84 -14.92
CA ASP F 75 -1.61 -17.47 -15.02
C ASP F 75 -2.44 -16.75 -16.09
N ILE F 76 -3.73 -17.05 -16.15
CA ILE F 76 -4.60 -16.40 -17.12
C ILE F 76 -4.87 -14.98 -16.63
N PRO F 77 -5.33 -14.10 -17.52
CA PRO F 77 -5.61 -12.71 -17.14
C PRO F 77 -6.42 -12.53 -15.86
N GLU F 78 -7.57 -13.19 -15.77
CA GLU F 78 -8.42 -13.08 -14.58
C GLU F 78 -7.69 -13.33 -13.28
N THR F 79 -6.93 -14.43 -13.23
CA THR F 79 -6.20 -14.79 -12.02
C THR F 79 -5.00 -13.87 -11.76
N ASN F 80 -4.30 -13.49 -12.82
CA ASN F 80 -3.16 -12.58 -12.68
C ASN F 80 -3.61 -11.31 -12.00
N GLU F 81 -4.83 -10.87 -12.30
CA GLU F 81 -5.33 -9.65 -11.69
C GLU F 81 -5.48 -9.84 -10.20
N LYS F 82 -6.10 -10.96 -9.82
CA LYS F 82 -6.31 -11.27 -8.41
C LYS F 82 -4.99 -11.29 -7.67
N ILE F 83 -3.98 -11.92 -8.28
CA ILE F 83 -2.69 -11.98 -7.61
C ILE F 83 -2.01 -10.63 -7.43
N CYS F 84 -1.99 -9.81 -8.47
CA CYS F 84 -1.33 -8.50 -8.36
C CYS F 84 -2.06 -7.68 -7.32
N ARG F 85 -3.38 -7.70 -7.39
CA ARG F 85 -4.20 -6.92 -6.46
C ARG F 85 -3.88 -7.28 -5.01
N ALA F 86 -3.84 -8.58 -4.72
CA ALA F 86 -3.53 -9.09 -3.39
C ALA F 86 -2.12 -8.74 -2.99
N THR F 87 -1.20 -8.83 -3.95
CA THR F 87 0.19 -8.53 -3.66
C THR F 87 0.38 -7.03 -3.40
N PHE F 88 -0.32 -6.20 -4.17
CA PHE F 88 -0.21 -4.77 -3.92
C PHE F 88 -1.01 -4.49 -2.65
N LYS F 89 -2.20 -5.08 -2.55
CA LYS F 89 -3.04 -4.91 -1.37
C LYS F 89 -2.18 -5.13 -0.12
N ALA F 90 -1.17 -5.98 -0.25
CA ALA F 90 -0.24 -6.31 0.83
C ALA F 90 0.87 -5.30 0.92
N GLY F 91 0.84 -4.33 0.02
CA GLY F 91 1.85 -3.29 0.00
C GLY F 91 3.13 -3.49 -0.78
N ALA F 92 3.17 -4.43 -1.73
CA ALA F 92 4.39 -4.61 -2.52
C ALA F 92 4.56 -3.42 -3.48
N ASP F 93 5.78 -2.89 -3.62
CA ASP F 93 5.99 -1.77 -4.54
C ASP F 93 5.96 -2.20 -6.01
N ALA F 94 6.19 -3.49 -6.26
CA ALA F 94 6.17 -4.03 -7.62
C ALA F 94 6.14 -5.55 -7.61
N ILE F 95 5.70 -6.11 -8.71
CA ILE F 95 5.60 -7.54 -8.85
C ILE F 95 6.29 -7.95 -10.17
N ILE F 96 6.87 -9.15 -10.19
CA ILE F 96 7.54 -9.66 -11.39
C ILE F 96 6.61 -10.61 -12.12
N VAL F 97 6.36 -10.32 -13.40
CA VAL F 97 5.45 -11.14 -14.19
C VAL F 97 6.14 -11.91 -15.31
N HIS F 98 5.62 -13.10 -15.58
CA HIS F 98 6.18 -13.90 -16.67
C HIS F 98 5.49 -13.37 -17.93
N GLY F 99 6.20 -13.43 -19.05
CA GLY F 99 5.64 -12.98 -20.32
C GLY F 99 5.34 -14.17 -21.20
N PHE F 100 5.97 -15.31 -20.94
CA PHE F 100 5.72 -16.47 -21.77
C PHE F 100 4.24 -16.85 -21.85
N PRO F 101 3.46 -16.55 -20.79
CA PRO F 101 2.03 -16.88 -20.82
C PRO F 101 1.19 -16.06 -21.82
N GLY F 102 1.78 -15.04 -22.41
CA GLY F 102 1.00 -14.26 -23.37
C GLY F 102 0.83 -12.77 -23.08
N ALA F 103 0.49 -12.02 -24.13
CA ALA F 103 0.30 -10.58 -24.04
C ALA F 103 -0.84 -10.18 -23.12
N ASP F 104 -1.93 -10.92 -23.17
CA ASP F 104 -3.09 -10.63 -22.34
C ASP F 104 -2.83 -10.81 -20.84
N SER F 105 -2.10 -11.86 -20.48
CA SER F 105 -1.81 -12.11 -19.08
C SER F 105 -0.95 -11.01 -18.48
N VAL F 106 -0.13 -10.39 -19.31
CA VAL F 106 0.76 -9.30 -18.88
C VAL F 106 -0.06 -8.03 -18.83
N ARG F 107 -0.91 -7.87 -19.85
CA ARG F 107 -1.80 -6.74 -20.01
C ARG F 107 -2.67 -6.66 -18.75
N ALA F 108 -3.16 -7.81 -18.31
CA ALA F 108 -4.01 -7.90 -17.12
C ALA F 108 -3.32 -7.39 -15.85
N CYS F 109 -2.02 -7.68 -15.71
CA CYS F 109 -1.26 -7.23 -14.55
C CYS F 109 -0.98 -5.75 -14.70
N LEU F 110 -0.93 -5.29 -15.96
CA LEU F 110 -0.66 -3.89 -16.21
C LEU F 110 -1.75 -3.01 -15.64
N ASN F 111 -3.00 -3.32 -15.99
CA ASN F 111 -4.11 -2.51 -15.52
C ASN F 111 -4.06 -2.31 -14.00
N VAL F 112 -3.84 -3.40 -13.27
CA VAL F 112 -3.80 -3.33 -11.81
C VAL F 112 -2.74 -2.42 -11.21
N ALA F 113 -1.48 -2.59 -11.60
CA ALA F 113 -0.40 -1.75 -11.08
C ALA F 113 -0.67 -0.32 -11.50
N GLU F 114 -1.16 -0.19 -12.73
CA GLU F 114 -1.48 1.12 -13.27
C GLU F 114 -2.64 1.70 -12.48
N GLU F 115 -3.59 0.85 -12.13
CA GLU F 115 -4.76 1.27 -11.39
C GLU F 115 -4.43 1.59 -9.94
N MET F 116 -3.51 0.83 -9.35
CA MET F 116 -3.12 1.04 -7.94
C MET F 116 -1.86 1.88 -7.70
N GLY F 117 -1.17 2.24 -8.78
CA GLY F 117 0.02 3.06 -8.63
C GLY F 117 1.24 2.25 -8.20
N ARG F 118 1.44 1.13 -8.89
CA ARG F 118 2.54 0.23 -8.60
C ARG F 118 3.26 -0.11 -9.90
N GLU F 119 4.36 -0.86 -9.80
CA GLU F 119 5.13 -1.21 -10.99
C GLU F 119 5.01 -2.69 -11.35
N VAL F 120 5.35 -2.99 -12.60
CA VAL F 120 5.36 -4.37 -13.08
C VAL F 120 6.66 -4.69 -13.80
N PHE F 121 7.35 -5.74 -13.39
CA PHE F 121 8.58 -6.09 -14.09
C PHE F 121 8.30 -7.27 -14.97
N LEU F 122 8.78 -7.20 -16.21
CA LEU F 122 8.57 -8.27 -17.15
C LEU F 122 9.82 -9.15 -17.21
N LEU F 123 9.64 -10.46 -17.01
CA LEU F 123 10.75 -11.43 -17.06
C LEU F 123 10.76 -12.05 -18.47
N THR F 124 11.75 -11.67 -19.27
CA THR F 124 11.88 -12.12 -20.66
C THR F 124 12.68 -13.39 -20.89
N GLU F 125 13.67 -13.62 -20.03
CA GLU F 125 14.52 -14.78 -20.14
C GLU F 125 15.04 -15.16 -18.77
N MET F 126 15.09 -16.47 -18.49
CA MET F 126 15.55 -16.96 -17.21
C MET F 126 16.97 -17.46 -17.28
N SER F 127 17.69 -17.27 -16.19
CA SER F 127 19.10 -17.64 -16.06
C SER F 127 19.44 -19.13 -16.16
N HIS F 128 18.70 -19.95 -15.42
CA HIS F 128 18.94 -21.40 -15.38
C HIS F 128 19.01 -22.11 -16.73
N PRO F 129 19.74 -23.24 -16.77
CA PRO F 129 19.95 -24.08 -17.96
C PRO F 129 18.69 -24.48 -18.72
N GLY F 130 17.76 -25.11 -18.01
CA GLY F 130 16.54 -25.53 -18.65
C GLY F 130 15.91 -24.40 -19.43
N ALA F 131 16.35 -23.18 -19.16
CA ALA F 131 15.80 -22.01 -19.81
C ALA F 131 15.92 -22.08 -21.33
N GLU F 132 16.88 -22.87 -21.80
CA GLU F 132 17.10 -22.99 -23.23
C GLU F 132 15.99 -23.75 -23.96
N MET F 133 15.58 -24.89 -23.40
CA MET F 133 14.52 -25.71 -23.98
C MET F 133 13.41 -24.94 -24.69
N PHE F 134 12.91 -23.87 -24.10
CA PHE F 134 11.83 -23.11 -24.74
C PHE F 134 11.88 -21.60 -24.57
N ILE F 135 12.31 -21.13 -23.40
CA ILE F 135 12.36 -19.70 -23.13
C ILE F 135 13.30 -18.96 -24.06
N GLN F 136 14.56 -19.41 -24.06
CA GLN F 136 15.59 -18.78 -24.89
C GLN F 136 15.08 -18.45 -26.28
N GLY F 137 14.50 -19.45 -26.96
CA GLY F 137 13.99 -19.22 -28.30
C GLY F 137 12.81 -18.27 -28.38
N ALA F 138 12.34 -17.82 -27.23
CA ALA F 138 11.19 -16.92 -27.19
C ALA F 138 11.51 -15.58 -26.54
N ALA F 139 12.65 -15.49 -25.87
CA ALA F 139 13.05 -14.28 -25.17
C ALA F 139 12.88 -12.97 -25.96
N ASP F 140 13.45 -12.92 -27.16
CA ASP F 140 13.39 -11.70 -27.97
C ASP F 140 12.00 -11.22 -28.34
N GLU F 141 11.13 -12.14 -28.75
CA GLU F 141 9.77 -11.76 -29.11
C GLU F 141 9.03 -11.35 -27.83
N ILE F 142 9.43 -11.93 -26.69
CA ILE F 142 8.81 -11.64 -25.40
C ILE F 142 9.14 -10.23 -24.96
N ALA F 143 10.41 -9.86 -25.07
CA ALA F 143 10.84 -8.52 -24.68
C ALA F 143 10.16 -7.48 -25.56
N ARG F 144 10.18 -7.72 -26.87
CA ARG F 144 9.55 -6.80 -27.81
C ARG F 144 8.08 -6.67 -27.47
N MET F 145 7.44 -7.80 -27.19
CA MET F 145 6.02 -7.80 -26.83
C MET F 145 5.78 -6.82 -25.68
N GLY F 146 6.57 -6.96 -24.62
CA GLY F 146 6.41 -6.08 -23.48
C GLY F 146 6.50 -4.64 -23.95
N VAL F 147 7.50 -4.39 -24.80
CA VAL F 147 7.74 -3.07 -25.37
C VAL F 147 6.46 -2.42 -25.90
N ASP F 148 5.70 -3.18 -26.68
CA ASP F 148 4.46 -2.67 -27.22
C ASP F 148 3.47 -2.32 -26.09
N LEU F 149 3.42 -3.18 -25.08
CA LEU F 149 2.49 -2.96 -23.96
C LEU F 149 2.87 -1.80 -23.04
N GLY F 150 4.04 -1.22 -23.27
CA GLY F 150 4.44 -0.10 -22.44
C GLY F 150 5.06 -0.54 -21.13
N VAL F 151 5.66 -1.73 -21.14
CA VAL F 151 6.31 -2.20 -19.93
C VAL F 151 7.61 -1.40 -19.80
N LYS F 152 7.75 -0.72 -18.68
CA LYS F 152 8.93 0.10 -18.43
C LYS F 152 10.04 -0.68 -17.72
N ASN F 153 9.65 -1.69 -16.96
CA ASN F 153 10.62 -2.46 -16.19
C ASN F 153 10.78 -3.89 -16.65
N TYR F 154 12.02 -4.35 -16.68
CA TYR F 154 12.34 -5.70 -17.12
C TYR F 154 13.36 -6.38 -16.23
N VAL F 155 13.42 -7.70 -16.38
CA VAL F 155 14.35 -8.53 -15.63
C VAL F 155 15.03 -9.48 -16.62
N GLY F 156 16.35 -9.52 -16.60
CA GLY F 156 17.07 -10.38 -17.50
C GLY F 156 18.08 -11.28 -16.80
N PRO F 157 18.46 -12.40 -17.43
CA PRO F 157 19.42 -13.33 -16.83
C PRO F 157 20.86 -12.82 -16.92
N SER F 158 21.66 -13.13 -15.90
CA SER F 158 23.06 -12.71 -15.85
C SER F 158 23.94 -13.84 -16.40
N THR F 159 23.41 -15.05 -16.37
CA THR F 159 24.10 -16.24 -16.84
C THR F 159 24.34 -16.25 -18.35
N ARG F 160 24.29 -15.07 -18.97
CA ARG F 160 24.49 -14.94 -20.42
C ARG F 160 24.49 -13.46 -20.84
N PRO F 161 25.58 -12.73 -20.51
CA PRO F 161 25.77 -11.31 -20.83
C PRO F 161 25.39 -10.83 -22.23
N GLU F 162 25.57 -11.69 -23.23
CA GLU F 162 25.23 -11.30 -24.59
C GLU F 162 23.72 -11.14 -24.73
N ARG F 163 22.99 -12.21 -24.39
CA ARG F 163 21.53 -12.20 -24.46
C ARG F 163 21.01 -11.00 -23.69
N LEU F 164 21.78 -10.55 -22.71
CA LEU F 164 21.41 -9.41 -21.88
C LEU F 164 21.65 -8.12 -22.68
N SER F 165 22.74 -8.10 -23.43
CA SER F 165 23.07 -6.92 -24.23
C SER F 165 22.00 -6.72 -25.30
N ARG F 166 21.48 -7.84 -25.81
CA ARG F 166 20.45 -7.80 -26.83
C ARG F 166 19.12 -7.30 -26.28
N LEU F 167 18.63 -7.93 -25.21
CA LEU F 167 17.35 -7.49 -24.64
C LEU F 167 17.39 -5.98 -24.40
N ARG F 168 18.52 -5.48 -23.91
CA ARG F 168 18.71 -4.05 -23.67
C ARG F 168 18.57 -3.29 -24.97
N GLU F 169 19.10 -3.89 -26.04
CA GLU F 169 19.04 -3.30 -27.37
C GLU F 169 17.57 -3.22 -27.80
N ILE F 170 16.80 -4.20 -27.34
CA ILE F 170 15.37 -4.34 -27.62
C ILE F 170 14.46 -3.44 -26.77
N ILE F 171 14.64 -3.46 -25.45
CA ILE F 171 13.81 -2.68 -24.54
C ILE F 171 13.92 -1.19 -24.69
N GLY F 172 15.03 -0.74 -25.27
CA GLY F 172 15.21 0.69 -25.45
C GLY F 172 16.06 1.28 -24.33
N GLN F 173 16.40 2.55 -24.49
CA GLN F 173 17.23 3.23 -23.53
C GLN F 173 16.64 3.32 -22.13
N ASP F 174 15.50 4.00 -22.02
CA ASP F 174 14.83 4.22 -20.73
C ASP F 174 14.25 3.04 -19.93
N SER F 175 13.71 2.04 -20.62
CA SER F 175 13.14 0.87 -19.95
C SER F 175 14.09 0.37 -18.86
N PHE F 176 13.67 0.52 -17.60
CA PHE F 176 14.46 0.10 -16.45
C PHE F 176 14.79 -1.40 -16.58
N LEU F 177 15.96 -1.81 -16.10
CA LEU F 177 16.37 -3.22 -16.20
C LEU F 177 17.13 -3.70 -14.96
N ILE F 178 17.11 -5.01 -14.74
CA ILE F 178 17.78 -5.64 -13.58
C ILE F 178 18.11 -7.12 -13.87
N SER F 179 19.25 -7.60 -13.38
CA SER F 179 19.65 -9.00 -13.64
C SER F 179 20.04 -9.87 -12.44
N PRO F 180 19.34 -11.00 -12.27
CA PRO F 180 19.55 -11.97 -11.20
C PRO F 180 20.52 -13.11 -11.55
N GLY F 181 20.63 -14.08 -10.65
CA GLY F 181 21.50 -15.22 -10.89
C GLY F 181 23.00 -14.95 -10.88
N VAL F 182 23.47 -14.10 -9.98
CA VAL F 182 24.90 -13.82 -9.90
C VAL F 182 25.45 -14.49 -8.64
N GLY F 183 26.70 -14.94 -8.72
CA GLY F 183 27.32 -15.60 -7.59
C GLY F 183 26.86 -17.03 -7.48
N ALA F 184 25.69 -17.24 -6.88
CA ALA F 184 25.12 -18.57 -6.70
C ALA F 184 25.00 -19.37 -8.00
N GLN F 185 24.50 -18.74 -9.06
CA GLN F 185 24.32 -19.42 -10.34
C GLN F 185 25.47 -19.20 -11.32
N GLY F 186 26.47 -18.42 -10.93
CA GLY F 186 27.60 -18.15 -11.80
C GLY F 186 27.52 -16.78 -12.45
N GLY F 187 26.63 -15.93 -11.95
CA GLY F 187 26.49 -14.60 -12.50
C GLY F 187 27.70 -13.75 -12.20
N ASP F 188 27.97 -12.79 -13.09
CA ASP F 188 29.11 -11.89 -12.93
C ASP F 188 28.65 -10.51 -12.49
N PRO F 189 28.95 -10.14 -11.24
CA PRO F 189 28.57 -8.82 -10.70
C PRO F 189 29.24 -7.65 -11.44
N GLY F 190 29.71 -7.90 -12.65
CA GLY F 190 30.36 -6.85 -13.42
C GLY F 190 29.95 -6.80 -14.87
N GLU F 191 29.99 -7.94 -15.55
CA GLU F 191 29.59 -8.00 -16.96
C GLU F 191 28.13 -8.41 -17.07
N THR F 192 27.30 -7.71 -16.30
CA THR F 192 25.86 -7.92 -16.27
C THR F 192 25.24 -6.54 -16.14
N LEU F 193 25.66 -5.85 -15.09
CA LEU F 193 25.19 -4.51 -14.80
C LEU F 193 25.79 -3.49 -15.78
N ARG F 194 26.54 -3.99 -16.76
CA ARG F 194 27.17 -3.13 -17.76
C ARG F 194 26.11 -2.30 -18.48
N PHE F 195 24.94 -2.92 -18.69
CA PHE F 195 23.84 -2.23 -19.35
C PHE F 195 22.56 -2.26 -18.51
N ALA F 196 22.61 -2.97 -17.39
CA ALA F 196 21.47 -3.06 -16.48
C ALA F 196 21.56 -1.96 -15.43
N ASP F 197 20.41 -1.43 -15.02
CA ASP F 197 20.38 -0.37 -14.02
C ASP F 197 20.79 -0.90 -12.64
N ALA F 198 20.70 -2.20 -12.44
CA ALA F 198 21.08 -2.84 -11.18
C ALA F 198 20.83 -4.35 -11.22
N ILE F 199 21.55 -5.11 -10.38
CA ILE F 199 21.38 -6.57 -10.35
C ILE F 199 20.89 -7.14 -9.02
N ILE F 200 20.60 -8.43 -9.04
CA ILE F 200 20.09 -9.16 -7.88
C ILE F 200 21.04 -10.27 -7.40
N VAL F 201 21.18 -10.38 -6.08
CA VAL F 201 22.03 -11.41 -5.46
C VAL F 201 21.24 -12.16 -4.38
N GLY F 202 21.33 -13.49 -4.39
CA GLY F 202 20.62 -14.29 -3.41
C GLY F 202 21.49 -15.15 -2.50
N ARG F 203 21.77 -16.37 -2.95
CA ARG F 203 22.60 -17.31 -2.20
C ARG F 203 24.07 -16.93 -2.28
N SER F 204 24.33 -15.63 -2.14
CA SER F 204 25.69 -15.08 -2.18
C SER F 204 25.79 -13.94 -1.18
N ILE F 205 24.76 -13.84 -0.34
CA ILE F 205 24.70 -12.82 0.70
C ILE F 205 23.81 -13.34 1.81
N TYR F 206 22.73 -14.01 1.44
CA TYR F 206 21.80 -14.53 2.43
C TYR F 206 22.10 -15.94 2.94
N LEU F 207 23.23 -16.51 2.53
CA LEU F 207 23.62 -17.85 2.99
C LEU F 207 25.08 -17.89 3.47
N ALA F 208 25.68 -16.72 3.66
CA ALA F 208 27.06 -16.64 4.13
C ALA F 208 27.12 -16.72 5.66
N ASP F 209 28.32 -16.50 6.21
CA ASP F 209 28.51 -16.50 7.65
C ASP F 209 28.84 -15.08 8.10
N ASN F 210 28.63 -14.15 7.17
CA ASN F 210 28.88 -12.73 7.40
C ASN F 210 28.26 -11.93 6.23
N PRO F 211 26.92 -11.89 6.17
CA PRO F 211 26.20 -11.17 5.11
C PRO F 211 26.37 -9.65 5.19
N ALA F 212 26.63 -9.13 6.39
CA ALA F 212 26.83 -7.70 6.58
C ALA F 212 28.12 -7.33 5.87
N ALA F 213 28.80 -8.38 5.40
CA ALA F 213 30.05 -8.24 4.67
C ALA F 213 30.02 -9.16 3.45
N ALA F 214 28.86 -9.76 3.20
CA ALA F 214 28.67 -10.64 2.04
C ALA F 214 28.20 -9.78 0.88
N ALA F 215 27.64 -8.63 1.22
CA ALA F 215 27.16 -7.67 0.25
C ALA F 215 28.23 -6.57 0.17
N ALA F 216 29.04 -6.48 1.21
CA ALA F 216 30.12 -5.50 1.26
C ALA F 216 31.24 -6.01 0.38
N GLY F 217 31.13 -7.27 -0.02
CA GLY F 217 32.13 -7.89 -0.87
C GLY F 217 31.78 -7.81 -2.35
N ILE F 218 30.51 -8.07 -2.67
CA ILE F 218 30.07 -8.02 -4.07
C ILE F 218 29.95 -6.56 -4.52
N ILE F 219 29.88 -5.64 -3.55
CA ILE F 219 29.75 -4.21 -3.80
C ILE F 219 31.05 -3.62 -4.36
N GLU F 220 32.14 -4.36 -4.19
CA GLU F 220 33.46 -3.94 -4.66
C GLU F 220 33.76 -4.55 -6.04
N SER F 221 32.86 -5.42 -6.50
CA SER F 221 33.02 -6.07 -7.79
C SER F 221 32.62 -5.11 -8.91
N ILE F 222 32.10 -3.95 -8.52
CA ILE F 222 31.67 -2.90 -9.46
C ILE F 222 31.40 -1.58 -8.72
N LYS F 223 32.03 -1.40 -7.56
CA LYS F 223 31.86 -0.20 -6.74
C LYS F 223 32.23 1.08 -7.48
N ASP F 224 32.85 0.92 -8.65
CA ASP F 224 33.29 2.04 -9.48
C ASP F 224 32.38 3.27 -9.36
N LEU F 225 31.09 3.07 -9.65
CA LEU F 225 30.13 4.16 -9.57
C LEU F 225 29.05 3.85 -8.53
N MET G 9 -7.77 -33.38 12.75
CA MET G 9 -8.63 -33.57 11.55
C MET G 9 -10.10 -33.67 11.93
N ASP G 10 -10.94 -33.87 10.91
CA ASP G 10 -12.37 -34.02 11.11
C ASP G 10 -12.74 -35.40 10.62
N VAL G 11 -13.19 -36.25 11.55
CA VAL G 11 -13.57 -37.60 11.22
C VAL G 11 -15.08 -37.75 11.05
N MET G 12 -15.50 -38.09 9.84
CA MET G 12 -16.90 -38.27 9.52
C MET G 12 -17.51 -39.24 10.53
N ASN G 13 -18.64 -38.84 11.12
CA ASN G 13 -19.33 -39.65 12.10
C ASN G 13 -18.45 -40.02 13.28
N ARG G 14 -17.37 -39.28 13.47
CA ARG G 14 -16.44 -39.54 14.57
C ARG G 14 -16.22 -41.04 14.62
N LEU G 15 -16.14 -41.65 13.43
CA LEU G 15 -15.95 -43.09 13.29
C LEU G 15 -14.73 -43.41 12.43
N ILE G 16 -13.80 -44.18 12.99
CA ILE G 16 -12.60 -44.57 12.25
C ILE G 16 -12.55 -46.08 12.00
N LEU G 17 -12.58 -46.45 10.73
CA LEU G 17 -12.51 -47.85 10.34
C LEU G 17 -11.11 -48.43 10.50
N ALA G 18 -11.00 -49.46 11.33
CA ALA G 18 -9.71 -50.10 11.52
C ALA G 18 -9.68 -51.23 10.50
N MET G 19 -8.98 -51.02 9.39
CA MET G 19 -8.89 -52.04 8.34
C MET G 19 -7.75 -53.01 8.57
N ASP G 20 -8.05 -54.11 9.23
CA ASP G 20 -7.04 -55.11 9.53
C ASP G 20 -7.18 -56.38 8.71
N LEU G 21 -8.04 -56.35 7.69
CA LEU G 21 -8.22 -57.50 6.83
C LEU G 21 -6.84 -57.85 6.28
N MET G 22 -6.62 -59.13 5.98
CA MET G 22 -5.33 -59.58 5.49
C MET G 22 -5.11 -59.58 3.98
N ASN G 23 -6.19 -59.70 3.19
CA ASN G 23 -6.05 -59.72 1.73
C ASN G 23 -6.52 -58.44 1.06
N ARG G 24 -5.68 -57.93 0.16
CA ARG G 24 -5.92 -56.69 -0.59
C ARG G 24 -7.31 -56.44 -1.17
N ASP G 25 -7.87 -57.43 -1.86
CA ASP G 25 -9.19 -57.24 -2.46
C ASP G 25 -10.32 -57.18 -1.44
N ASP G 26 -10.36 -58.13 -0.51
CA ASP G 26 -11.41 -58.15 0.51
C ASP G 26 -11.35 -56.87 1.35
N ALA G 27 -10.18 -56.24 1.38
CA ALA G 27 -9.98 -55.00 2.15
C ALA G 27 -10.38 -53.79 1.32
N LEU G 28 -10.01 -53.79 0.04
CA LEU G 28 -10.36 -52.70 -0.86
C LEU G 28 -11.87 -52.78 -1.06
N ARG G 29 -12.40 -53.98 -0.87
CA ARG G 29 -13.82 -54.22 -1.03
C ARG G 29 -14.62 -53.61 0.12
N VAL G 30 -14.49 -54.19 1.31
CA VAL G 30 -15.20 -53.72 2.50
C VAL G 30 -15.02 -52.21 2.69
N THR G 31 -13.77 -51.75 2.66
CA THR G 31 -13.47 -50.33 2.82
C THR G 31 -14.42 -49.50 1.96
N GLY G 32 -14.54 -49.87 0.69
CA GLY G 32 -15.42 -49.14 -0.21
C GLY G 32 -16.87 -49.13 0.23
N GLU G 33 -17.36 -50.29 0.66
CA GLU G 33 -18.74 -50.43 1.10
C GLU G 33 -19.08 -49.53 2.28
N VAL G 34 -18.10 -48.77 2.76
CA VAL G 34 -18.33 -47.90 3.91
C VAL G 34 -17.71 -46.51 3.79
N ARG G 35 -17.22 -46.17 2.59
CA ARG G 35 -16.64 -44.84 2.38
C ARG G 35 -17.80 -43.88 2.55
N GLU G 36 -18.99 -44.45 2.66
CA GLU G 36 -20.22 -43.69 2.84
C GLU G 36 -20.28 -43.09 4.24
N TYR G 37 -19.76 -43.82 5.22
CA TYR G 37 -19.80 -43.36 6.59
C TYR G 37 -18.45 -42.91 7.14
N ILE G 38 -17.40 -43.01 6.34
CA ILE G 38 -16.07 -42.62 6.82
C ILE G 38 -15.16 -41.99 5.76
N ASP G 39 -14.24 -41.15 6.23
CA ASP G 39 -13.28 -40.48 5.34
C ASP G 39 -11.92 -40.59 6.02
N THR G 40 -11.88 -41.46 7.02
CA THR G 40 -10.68 -41.70 7.80
C THR G 40 -10.54 -43.21 7.96
N VAL G 41 -9.37 -43.74 7.62
CA VAL G 41 -9.16 -45.17 7.74
C VAL G 41 -7.83 -45.55 8.37
N LYS G 42 -7.91 -46.37 9.42
CA LYS G 42 -6.72 -46.83 10.12
C LYS G 42 -6.15 -48.03 9.37
N ILE G 43 -4.85 -48.00 9.13
CA ILE G 43 -4.18 -49.08 8.43
C ILE G 43 -3.05 -49.61 9.29
N GLY G 44 -3.00 -50.93 9.44
CA GLY G 44 -1.98 -51.54 10.27
C GLY G 44 -1.01 -52.47 9.58
N TYR G 45 0.03 -52.85 10.33
CA TYR G 45 1.06 -53.74 9.83
C TYR G 45 0.58 -55.01 9.15
N PRO G 46 -0.54 -55.59 9.60
CA PRO G 46 -0.99 -56.81 8.91
C PRO G 46 -1.07 -56.51 7.42
N LEU G 47 -2.14 -55.81 7.02
CA LEU G 47 -2.35 -55.46 5.62
C LEU G 47 -1.12 -54.92 4.88
N VAL G 48 -0.33 -54.09 5.56
CA VAL G 48 0.85 -53.49 4.94
C VAL G 48 2.02 -54.45 4.71
N LEU G 49 2.29 -55.31 5.69
CA LEU G 49 3.39 -56.27 5.57
C LEU G 49 3.08 -57.38 4.57
N SER G 50 1.79 -57.63 4.36
CA SER G 50 1.36 -58.67 3.43
C SER G 50 0.95 -58.15 2.06
N GLU G 51 0.42 -56.93 1.99
CA GLU G 51 0.00 -56.34 0.73
C GLU G 51 0.96 -55.31 0.17
N GLY G 52 1.82 -54.77 1.02
CA GLY G 52 2.78 -53.77 0.58
C GLY G 52 2.38 -52.34 0.93
N MET G 53 3.37 -51.51 1.26
CA MET G 53 3.14 -50.12 1.62
C MET G 53 2.38 -49.34 0.54
N ASP G 54 2.59 -49.67 -0.72
CA ASP G 54 1.90 -48.95 -1.77
C ASP G 54 0.39 -49.01 -1.58
N ILE G 55 -0.05 -49.82 -0.61
CA ILE G 55 -1.48 -49.95 -0.33
C ILE G 55 -1.99 -48.60 0.22
N ILE G 56 -1.12 -47.90 0.95
CA ILE G 56 -1.47 -46.59 1.50
C ILE G 56 -1.82 -45.65 0.37
N ALA G 57 -0.80 -45.24 -0.37
CA ALA G 57 -0.99 -44.33 -1.49
C ALA G 57 -2.19 -44.74 -2.34
N GLU G 58 -2.35 -46.03 -2.60
CA GLU G 58 -3.47 -46.48 -3.41
C GLU G 58 -4.78 -46.07 -2.75
N PHE G 59 -4.96 -46.50 -1.51
CA PHE G 59 -6.16 -46.19 -0.74
C PHE G 59 -6.49 -44.71 -0.79
N ARG G 60 -5.51 -43.90 -0.41
CA ARG G 60 -5.58 -42.45 -0.37
C ARG G 60 -5.98 -41.86 -1.72
N LYS G 61 -5.73 -42.62 -2.79
CA LYS G 61 -6.08 -42.21 -4.15
C LYS G 61 -7.47 -42.73 -4.53
N ARG G 62 -7.76 -43.97 -4.14
CA ARG G 62 -9.01 -44.65 -4.48
C ARG G 62 -10.26 -44.19 -3.73
N PHE G 63 -10.10 -43.71 -2.50
CA PHE G 63 -11.25 -43.24 -1.72
C PHE G 63 -11.01 -41.83 -1.22
N GLY G 64 -9.82 -41.30 -1.48
CA GLY G 64 -9.48 -39.96 -1.04
C GLY G 64 -9.79 -39.84 0.44
N CYS G 65 -9.25 -40.76 1.22
CA CYS G 65 -9.46 -40.80 2.65
C CYS G 65 -8.17 -40.59 3.40
N ARG G 66 -8.24 -40.01 4.60
CA ARG G 66 -7.04 -39.82 5.37
C ARG G 66 -6.63 -41.20 5.84
N ILE G 67 -5.33 -41.40 6.01
CA ILE G 67 -4.84 -42.68 6.43
C ILE G 67 -3.96 -42.59 7.65
N ILE G 68 -4.42 -43.21 8.74
CA ILE G 68 -3.64 -43.22 9.96
C ILE G 68 -2.90 -44.56 9.96
N ALA G 69 -1.57 -44.50 9.90
CA ALA G 69 -0.74 -45.70 9.91
C ALA G 69 -0.54 -46.13 11.36
N ASP G 70 -1.20 -47.22 11.75
CA ASP G 70 -1.07 -47.70 13.11
C ASP G 70 0.15 -48.59 13.21
N PHE G 71 1.32 -47.98 13.21
CA PHE G 71 2.56 -48.74 13.27
C PHE G 71 3.18 -48.85 14.67
N LYS G 72 2.60 -48.17 15.64
CA LYS G 72 3.12 -48.24 17.00
C LYS G 72 4.62 -48.16 17.08
N VAL G 73 5.18 -47.17 16.42
CA VAL G 73 6.62 -46.99 16.41
C VAL G 73 7.14 -47.09 17.83
N ALA G 74 8.09 -48.00 18.05
CA ALA G 74 8.65 -48.21 19.37
C ALA G 74 10.12 -48.59 19.31
N ASP G 75 10.90 -47.81 18.59
CA ASP G 75 12.33 -48.10 18.48
C ASP G 75 13.14 -46.92 19.02
N ILE G 76 14.45 -46.92 18.76
CA ILE G 76 15.28 -45.82 19.21
C ILE G 76 15.03 -44.62 18.28
N PRO G 77 15.42 -43.41 18.72
CA PRO G 77 15.20 -42.22 17.91
C PRO G 77 15.60 -42.33 16.44
N GLU G 78 16.83 -42.74 16.20
CA GLU G 78 17.35 -42.86 14.84
C GLU G 78 16.43 -43.69 13.93
N THR G 79 16.03 -44.86 14.40
CA THR G 79 15.19 -45.74 13.63
C THR G 79 13.76 -45.22 13.51
N ASN G 80 13.24 -44.64 14.59
CA ASN G 80 11.87 -44.09 14.57
C ASN G 80 11.78 -43.04 13.49
N GLU G 81 12.85 -42.28 13.34
CA GLU G 81 12.90 -41.22 12.33
C GLU G 81 12.70 -41.83 10.95
N LYS G 82 13.45 -42.89 10.67
CA LYS G 82 13.37 -43.57 9.40
C LYS G 82 12.00 -44.12 9.13
N ILE G 83 11.42 -44.81 10.11
CA ILE G 83 10.11 -45.39 9.86
C ILE G 83 9.09 -44.30 9.58
N CYS G 84 9.10 -43.24 10.39
CA CYS G 84 8.16 -42.16 10.15
C CYS G 84 8.40 -41.56 8.77
N ARG G 85 9.66 -41.24 8.49
CA ARG G 85 10.00 -40.62 7.21
C ARG G 85 9.54 -41.50 6.05
N ALA G 86 9.74 -42.79 6.20
CA ALA G 86 9.37 -43.75 5.18
C ALA G 86 7.86 -43.91 5.13
N THR G 87 7.21 -43.80 6.29
CA THR G 87 5.76 -43.93 6.33
C THR G 87 5.06 -42.71 5.74
N PHE G 88 5.56 -41.52 6.03
CA PHE G 88 4.96 -40.33 5.45
C PHE G 88 5.30 -40.39 3.95
N LYS G 89 6.55 -40.75 3.65
CA LYS G 89 7.01 -40.83 2.27
C LYS G 89 6.07 -41.70 1.46
N ALA G 90 5.43 -42.65 2.12
CA ALA G 90 4.48 -43.54 1.45
C ALA G 90 3.13 -42.85 1.39
N GLY G 91 3.13 -41.59 1.79
CA GLY G 91 1.91 -40.80 1.75
C GLY G 91 0.91 -41.01 2.86
N ALA G 92 1.37 -41.27 4.07
CA ALA G 92 0.46 -41.45 5.20
C ALA G 92 0.25 -40.15 5.96
N ASP G 93 -1.03 -39.82 6.22
CA ASP G 93 -1.44 -38.60 6.94
C ASP G 93 -1.00 -38.56 8.40
N ALA G 94 -1.19 -39.66 9.13
CA ALA G 94 -0.81 -39.72 10.54
C ALA G 94 -0.22 -41.07 10.92
N ILE G 95 0.72 -41.06 11.85
CA ILE G 95 1.34 -42.30 12.29
C ILE G 95 1.28 -42.46 13.81
N ILE G 96 0.66 -43.55 14.27
CA ILE G 96 0.54 -43.84 15.69
C ILE G 96 1.89 -44.26 16.27
N VAL G 97 2.31 -43.58 17.33
CA VAL G 97 3.59 -43.88 17.97
C VAL G 97 3.42 -44.26 19.45
N HIS G 98 4.26 -45.19 19.92
CA HIS G 98 4.22 -45.64 21.30
C HIS G 98 4.97 -44.66 22.19
N GLY G 99 4.53 -44.55 23.44
CA GLY G 99 5.15 -43.63 24.37
C GLY G 99 6.10 -44.23 25.39
N PHE G 100 6.04 -45.54 25.61
CA PHE G 100 6.91 -46.10 26.62
C PHE G 100 8.42 -46.10 26.33
N PRO G 101 8.81 -46.05 25.05
CA PRO G 101 10.25 -46.04 24.76
C PRO G 101 10.95 -44.80 25.30
N GLY G 102 10.22 -43.70 25.40
CA GLY G 102 10.80 -42.47 25.92
C GLY G 102 10.44 -41.21 25.14
N ALA G 103 10.89 -40.06 25.67
CA ALA G 103 10.62 -38.77 25.05
C ALA G 103 11.38 -38.57 23.74
N ASP G 104 12.66 -38.91 23.73
CA ASP G 104 13.48 -38.75 22.53
C ASP G 104 12.90 -39.53 21.33
N SER G 105 12.40 -40.73 21.58
CA SER G 105 11.83 -41.54 20.52
C SER G 105 10.55 -40.89 19.99
N VAL G 106 9.77 -40.32 20.89
CA VAL G 106 8.54 -39.62 20.50
C VAL G 106 8.93 -38.33 19.78
N ARG G 107 9.90 -37.62 20.34
CA ARG G 107 10.41 -36.38 19.77
C ARG G 107 10.92 -36.63 18.36
N ALA G 108 11.56 -37.77 18.18
CA ALA G 108 12.11 -38.15 16.88
C ALA G 108 11.01 -38.25 15.83
N CYS G 109 9.84 -38.75 16.21
CA CYS G 109 8.73 -38.88 15.26
C CYS G 109 8.13 -37.51 15.04
N LEU G 110 8.08 -36.72 16.10
CA LEU G 110 7.54 -35.38 16.02
C LEU G 110 8.36 -34.57 15.02
N ASN G 111 9.68 -34.62 15.15
CA ASN G 111 10.56 -33.88 14.24
C ASN G 111 10.26 -34.17 12.77
N VAL G 112 10.10 -35.43 12.42
CA VAL G 112 9.82 -35.80 11.05
C VAL G 112 8.41 -35.37 10.66
N ALA G 113 7.50 -35.41 11.61
CA ALA G 113 6.11 -35.02 11.33
C ALA G 113 6.01 -33.54 11.02
N GLU G 114 6.66 -32.70 11.82
CA GLU G 114 6.66 -31.25 11.59
C GLU G 114 7.34 -31.01 10.26
N GLU G 115 8.58 -31.45 10.17
CA GLU G 115 9.39 -31.30 8.97
C GLU G 115 8.69 -31.71 7.66
N MET G 116 7.55 -32.39 7.77
CA MET G 116 6.85 -32.84 6.57
C MET G 116 5.39 -32.45 6.57
N GLY G 117 4.96 -31.81 7.66
CA GLY G 117 3.57 -31.41 7.75
C GLY G 117 2.60 -32.57 7.90
N ARG G 118 2.90 -33.48 8.83
CA ARG G 118 2.03 -34.63 9.09
C ARG G 118 1.91 -34.88 10.60
N GLU G 119 0.83 -35.56 11.01
CA GLU G 119 0.51 -35.84 12.42
C GLU G 119 1.12 -37.07 13.10
N VAL G 120 1.13 -37.04 14.43
CA VAL G 120 1.63 -38.16 15.21
C VAL G 120 0.74 -38.40 16.42
N PHE G 121 0.12 -39.58 16.46
CA PHE G 121 -0.71 -39.93 17.58
C PHE G 121 0.11 -40.68 18.60
N LEU G 122 0.09 -40.21 19.84
CA LEU G 122 0.83 -40.87 20.90
C LEU G 122 -0.14 -41.79 21.61
N LEU G 123 0.20 -43.07 21.64
CA LEU G 123 -0.61 -44.07 22.29
C LEU G 123 -0.10 -44.15 23.73
N THR G 124 -0.91 -43.66 24.68
CA THR G 124 -0.51 -43.67 26.10
C THR G 124 -0.95 -44.92 26.85
N GLU G 125 -2.16 -45.40 26.56
CA GLU G 125 -2.68 -46.58 27.23
C GLU G 125 -3.37 -47.48 26.24
N MET G 126 -3.00 -48.75 26.22
CA MET G 126 -3.62 -49.69 25.29
C MET G 126 -4.95 -50.21 25.83
N SER G 127 -5.63 -51.05 25.04
CA SER G 127 -6.96 -51.53 25.43
C SER G 127 -7.11 -52.95 25.92
N HIS G 128 -6.23 -53.83 25.46
CA HIS G 128 -6.28 -55.24 25.85
C HIS G 128 -5.90 -55.38 27.34
N PRO G 129 -6.18 -56.55 27.94
CA PRO G 129 -5.85 -56.80 29.35
C PRO G 129 -4.40 -56.55 29.78
N GLY G 130 -3.46 -57.14 29.06
CA GLY G 130 -2.04 -56.97 29.40
C GLY G 130 -1.56 -55.55 29.62
N ALA G 131 -2.32 -54.59 29.14
CA ALA G 131 -1.95 -53.18 29.28
C ALA G 131 -1.85 -52.76 30.73
N GLU G 132 -2.65 -53.38 31.59
CA GLU G 132 -2.64 -53.05 33.01
C GLU G 132 -1.31 -53.42 33.66
N MET G 133 -0.65 -54.42 33.11
CA MET G 133 0.63 -54.86 33.64
C MET G 133 1.68 -53.77 33.73
N PHE G 134 2.08 -53.20 32.60
CA PHE G 134 3.11 -52.17 32.63
C PHE G 134 2.69 -50.76 32.16
N ILE G 135 1.99 -50.68 31.03
CA ILE G 135 1.62 -49.39 30.50
C ILE G 135 0.68 -48.54 31.37
N GLN G 136 -0.38 -49.15 31.89
CA GLN G 136 -1.34 -48.42 32.71
C GLN G 136 -0.65 -47.54 33.74
N GLY G 137 0.29 -48.12 34.47
CA GLY G 137 1.01 -47.39 35.49
C GLY G 137 1.86 -46.22 35.01
N ALA G 138 1.86 -45.97 33.70
CA ALA G 138 2.64 -44.86 33.17
C ALA G 138 1.79 -44.03 32.22
N ALA G 139 0.60 -44.52 31.92
CA ALA G 139 -0.31 -43.83 31.03
C ALA G 139 -0.37 -42.31 31.25
N ASP G 140 -0.44 -41.89 32.51
CA ASP G 140 -0.51 -40.46 32.79
C ASP G 140 0.82 -39.79 32.55
N GLU G 141 1.90 -40.42 32.97
CA GLU G 141 3.24 -39.89 32.75
C GLU G 141 3.44 -39.67 31.25
N ILE G 142 3.20 -40.73 30.49
CA ILE G 142 3.33 -40.69 29.04
C ILE G 142 2.51 -39.54 28.46
N ALA G 143 1.28 -39.40 28.94
CA ALA G 143 0.37 -38.35 28.46
C ALA G 143 0.94 -36.96 28.72
N ARG G 144 1.32 -36.68 29.96
CA ARG G 144 1.87 -35.36 30.29
C ARG G 144 3.02 -35.14 29.32
N MET G 145 3.86 -36.17 29.19
CA MET G 145 5.02 -36.11 28.31
C MET G 145 4.58 -35.65 26.92
N GLY G 146 3.53 -36.27 26.42
CA GLY G 146 3.04 -35.87 25.10
C GLY G 146 2.69 -34.40 25.07
N VAL G 147 2.25 -33.87 26.21
CA VAL G 147 1.87 -32.46 26.31
C VAL G 147 3.08 -31.56 26.38
N ASP G 148 4.03 -31.88 27.25
CA ASP G 148 5.23 -31.06 27.39
C ASP G 148 6.04 -31.12 26.10
N LEU G 149 5.69 -32.07 25.23
CA LEU G 149 6.38 -32.23 23.95
C LEU G 149 5.61 -31.57 22.81
N GLY G 150 4.31 -31.36 23.02
CA GLY G 150 3.50 -30.72 22.00
C GLY G 150 2.56 -31.61 21.21
N VAL G 151 2.34 -32.82 21.66
CA VAL G 151 1.43 -33.72 20.93
C VAL G 151 0.04 -33.15 20.97
N LYS G 152 -0.68 -33.22 19.85
CA LYS G 152 -2.06 -32.70 19.79
C LYS G 152 -3.03 -33.83 19.52
N ASN G 153 -2.49 -35.01 19.22
CA ASN G 153 -3.34 -36.15 18.92
C ASN G 153 -2.98 -37.32 19.79
N TYR G 154 -3.99 -37.96 20.37
CA TYR G 154 -3.76 -39.11 21.27
C TYR G 154 -4.61 -40.32 20.99
N VAL G 155 -4.15 -41.47 21.50
CA VAL G 155 -4.88 -42.72 21.34
C VAL G 155 -5.17 -43.32 22.72
N GLY G 156 -6.46 -43.46 23.05
CA GLY G 156 -6.86 -43.98 24.34
C GLY G 156 -7.66 -45.26 24.35
N PRO G 157 -7.83 -45.88 25.53
CA PRO G 157 -8.58 -47.12 25.72
C PRO G 157 -10.08 -46.94 25.97
N SER G 158 -10.89 -47.54 25.09
CA SER G 158 -12.34 -47.45 25.22
C SER G 158 -12.80 -48.43 26.28
N THR G 159 -11.93 -49.39 26.60
CA THR G 159 -12.24 -50.41 27.60
C THR G 159 -12.13 -49.91 29.03
N ARG G 160 -11.65 -48.68 29.20
CA ARG G 160 -11.51 -48.11 30.55
C ARG G 160 -11.98 -46.65 30.58
N PRO G 161 -13.30 -46.44 30.51
CA PRO G 161 -13.95 -45.13 30.53
C PRO G 161 -13.34 -44.18 31.53
N GLU G 162 -13.06 -44.69 32.73
CA GLU G 162 -12.49 -43.86 33.79
C GLU G 162 -11.12 -43.35 33.35
N ARG G 163 -10.31 -44.26 32.80
CA ARG G 163 -8.98 -43.93 32.32
C ARG G 163 -9.10 -42.98 31.13
N LEU G 164 -9.97 -43.35 30.20
CA LEU G 164 -10.18 -42.54 29.00
C LEU G 164 -10.60 -41.15 29.43
N SER G 165 -11.44 -41.09 30.45
CA SER G 165 -11.92 -39.82 30.98
C SER G 165 -10.78 -39.10 31.70
N ARG G 166 -9.95 -39.88 32.37
CA ARG G 166 -8.82 -39.33 33.11
C ARG G 166 -7.78 -38.76 32.16
N LEU G 167 -7.63 -39.39 31.00
CA LEU G 167 -6.65 -38.93 30.02
C LEU G 167 -7.10 -37.68 29.26
N ARG G 168 -8.38 -37.58 28.95
CA ARG G 168 -8.88 -36.42 28.24
C ARG G 168 -8.58 -35.17 29.07
N GLU G 169 -8.81 -35.30 30.38
CA GLU G 169 -8.56 -34.19 31.30
C GLU G 169 -7.09 -33.79 31.32
N ILE G 170 -6.19 -34.75 31.15
CA ILE G 170 -4.75 -34.44 31.17
C ILE G 170 -4.30 -33.78 29.86
N ILE G 171 -4.91 -34.17 28.76
CA ILE G 171 -4.52 -33.62 27.47
C ILE G 171 -5.29 -32.37 27.11
N GLY G 172 -6.28 -32.01 27.91
CA GLY G 172 -7.05 -30.83 27.61
C GLY G 172 -8.15 -31.14 26.62
N GLN G 173 -9.06 -30.19 26.46
CA GLN G 173 -10.19 -30.35 25.55
C GLN G 173 -9.87 -29.97 24.12
N ASP G 174 -8.70 -29.39 23.91
CA ASP G 174 -8.34 -29.00 22.56
C ASP G 174 -7.50 -30.08 21.87
N SER G 175 -6.94 -31.01 22.64
CA SER G 175 -6.17 -32.10 22.06
C SER G 175 -7.15 -33.06 21.40
N PHE G 176 -6.73 -33.67 20.29
CA PHE G 176 -7.57 -34.63 19.55
C PHE G 176 -7.27 -36.04 20.05
N LEU G 177 -8.31 -36.74 20.50
CA LEU G 177 -8.14 -38.08 21.05
C LEU G 177 -9.02 -39.16 20.42
N ILE G 178 -8.41 -40.26 20.00
CA ILE G 178 -9.16 -41.36 19.40
C ILE G 178 -8.95 -42.65 20.19
N SER G 179 -9.97 -43.48 20.28
CA SER G 179 -9.86 -44.72 21.03
C SER G 179 -10.57 -45.95 20.43
N PRO G 180 -9.85 -47.09 20.37
CA PRO G 180 -10.34 -48.37 19.83
C PRO G 180 -10.80 -49.22 21.01
N GLY G 181 -11.17 -50.47 20.73
CA GLY G 181 -11.63 -51.33 21.80
C GLY G 181 -13.14 -51.24 21.89
N VAL G 182 -13.72 -50.78 20.79
CA VAL G 182 -15.17 -50.65 20.68
C VAL G 182 -15.68 -51.94 20.05
N GLY G 183 -16.71 -52.53 20.66
CA GLY G 183 -17.28 -53.76 20.14
C GLY G 183 -16.50 -55.03 20.47
N ALA G 184 -15.72 -55.50 19.49
CA ALA G 184 -14.92 -56.72 19.63
C ALA G 184 -14.19 -56.86 20.97
N GLN G 185 -13.73 -55.74 21.53
CA GLN G 185 -13.02 -55.76 22.80
C GLN G 185 -13.97 -55.35 23.93
N GLY G 186 -15.22 -55.08 23.57
CA GLY G 186 -16.22 -54.69 24.56
C GLY G 186 -16.15 -53.22 24.94
N GLY G 187 -16.54 -52.36 24.01
CA GLY G 187 -16.54 -50.93 24.28
C GLY G 187 -17.82 -50.27 23.79
N ASP G 188 -18.49 -49.55 24.69
CA ASP G 188 -19.73 -48.87 24.32
C ASP G 188 -19.41 -47.61 23.54
N PRO G 189 -19.82 -47.56 22.26
CA PRO G 189 -19.54 -46.37 21.45
C PRO G 189 -19.88 -45.08 22.20
N GLY G 190 -21.15 -44.90 22.52
CA GLY G 190 -21.60 -43.70 23.21
C GLY G 190 -20.81 -43.28 24.45
N GLU G 191 -20.52 -44.23 25.32
CA GLU G 191 -19.77 -43.92 26.55
C GLU G 191 -18.31 -43.61 26.31
N THR G 192 -17.85 -43.81 25.07
CA THR G 192 -16.48 -43.53 24.69
C THR G 192 -16.40 -42.11 24.12
N LEU G 193 -17.36 -41.77 23.27
CA LEU G 193 -17.41 -40.43 22.67
C LEU G 193 -17.60 -39.30 23.70
N ARG G 194 -17.80 -39.66 24.97
CA ARG G 194 -17.94 -38.67 26.01
C ARG G 194 -16.55 -38.14 26.30
N PHE G 195 -15.55 -38.98 26.08
CA PHE G 195 -14.16 -38.62 26.34
C PHE G 195 -13.28 -38.67 25.09
N ALA G 196 -13.83 -39.11 23.96
CA ALA G 196 -13.05 -39.21 22.74
C ALA G 196 -13.69 -38.47 21.58
N ASP G 197 -12.86 -37.97 20.68
CA ASP G 197 -13.36 -37.24 19.52
C ASP G 197 -13.91 -38.17 18.47
N ALA G 198 -13.40 -39.40 18.42
CA ALA G 198 -13.86 -40.40 17.45
C ALA G 198 -13.50 -41.81 17.90
N ILE G 199 -14.43 -42.74 17.73
CA ILE G 199 -14.19 -44.12 18.11
C ILE G 199 -13.56 -44.90 16.99
N ILE G 200 -12.79 -45.91 17.37
CA ILE G 200 -12.11 -46.76 16.40
C ILE G 200 -12.71 -48.15 16.36
N VAL G 201 -13.29 -48.51 15.23
CA VAL G 201 -13.93 -49.82 15.06
C VAL G 201 -13.27 -50.69 13.98
N GLY G 202 -12.92 -51.92 14.36
CA GLY G 202 -12.30 -52.83 13.42
C GLY G 202 -13.09 -54.10 13.14
N ARG G 203 -12.79 -55.15 13.90
CA ARG G 203 -13.46 -56.44 13.74
C ARG G 203 -14.99 -56.39 13.69
N SER G 204 -15.59 -55.58 14.55
CA SER G 204 -17.05 -55.46 14.58
C SER G 204 -17.61 -55.10 13.20
N ILE G 205 -16.77 -54.51 12.36
CA ILE G 205 -17.20 -54.13 11.02
C ILE G 205 -16.65 -55.01 9.91
N TYR G 206 -15.37 -55.37 9.96
CA TYR G 206 -14.82 -56.21 8.89
C TYR G 206 -14.97 -57.72 9.13
N LEU G 207 -15.58 -58.10 10.25
CA LEU G 207 -15.80 -59.51 10.56
C LEU G 207 -17.29 -59.80 10.72
N ALA G 208 -18.12 -58.81 10.40
CA ALA G 208 -19.56 -58.95 10.51
C ALA G 208 -20.15 -59.34 9.16
N ASP G 209 -21.19 -60.18 9.20
CA ASP G 209 -21.87 -60.66 7.99
C ASP G 209 -21.97 -59.61 6.88
N ASN G 210 -22.31 -58.38 7.25
CA ASN G 210 -22.41 -57.30 6.29
C ASN G 210 -21.51 -56.14 6.72
N PRO G 211 -20.69 -55.62 5.79
CA PRO G 211 -19.77 -54.51 6.03
C PRO G 211 -20.42 -53.15 6.33
N ALA G 212 -21.00 -52.54 5.29
CA ALA G 212 -21.63 -51.23 5.38
C ALA G 212 -22.65 -51.04 6.52
N ALA G 213 -23.55 -51.99 6.68
CA ALA G 213 -24.57 -51.91 7.72
C ALA G 213 -23.99 -51.89 9.12
N ALA G 214 -23.16 -52.89 9.42
CA ALA G 214 -22.53 -52.98 10.74
C ALA G 214 -22.11 -51.60 11.21
N ALA G 215 -21.47 -50.86 10.31
CA ALA G 215 -20.98 -49.51 10.60
C ALA G 215 -22.12 -48.50 10.71
N ALA G 216 -23.12 -48.63 9.86
CA ALA G 216 -24.26 -47.72 9.87
C ALA G 216 -25.00 -47.84 11.19
N GLY G 217 -25.28 -49.08 11.59
CA GLY G 217 -25.99 -49.32 12.82
C GLY G 217 -25.36 -48.66 14.03
N ILE G 218 -24.04 -48.80 14.15
CA ILE G 218 -23.32 -48.23 15.28
C ILE G 218 -23.47 -46.70 15.23
N ILE G 219 -23.60 -46.14 14.03
CA ILE G 219 -23.76 -44.70 13.88
C ILE G 219 -25.10 -44.25 14.50
N GLU G 220 -26.14 -45.06 14.35
CA GLU G 220 -27.44 -44.74 14.92
C GLU G 220 -27.33 -44.90 16.44
N SER G 221 -26.41 -45.76 16.86
CA SER G 221 -26.17 -45.99 18.28
C SER G 221 -25.77 -44.70 18.97
N ILE G 222 -25.05 -43.85 18.23
CA ILE G 222 -24.60 -42.57 18.76
C ILE G 222 -25.21 -41.40 17.99
N LYS G 223 -26.16 -41.70 17.11
CA LYS G 223 -26.84 -40.67 16.32
C LYS G 223 -27.33 -39.54 17.21
N ASP G 224 -27.41 -39.82 18.51
CA ASP G 224 -27.84 -38.83 19.49
C ASP G 224 -26.94 -37.61 19.34
N LEU G 225 -25.62 -37.86 19.27
CA LEU G 225 -24.64 -36.80 19.14
C LEU G 225 -24.41 -36.50 17.65
N ASP H 10 22.90 -70.83 16.18
CA ASP H 10 24.37 -70.64 16.29
C ASP H 10 24.87 -69.51 15.39
N VAL H 11 25.15 -68.38 16.03
CA VAL H 11 25.62 -67.19 15.35
C VAL H 11 27.13 -67.24 15.17
N MET H 12 27.58 -67.09 13.94
CA MET H 12 29.02 -67.13 13.68
C MET H 12 29.66 -65.78 14.02
N ASN H 13 30.81 -65.83 14.69
CA ASN H 13 31.54 -64.62 15.07
C ASN H 13 30.86 -63.85 16.21
N ARG H 14 29.67 -64.29 16.59
CA ARG H 14 28.92 -63.64 17.66
C ARG H 14 28.57 -62.20 17.28
N LEU H 15 28.48 -61.96 15.98
CA LEU H 15 28.18 -60.64 15.46
C LEU H 15 27.03 -60.66 14.46
N ILE H 16 26.02 -59.85 14.71
CA ILE H 16 24.87 -59.78 13.84
C ILE H 16 24.82 -58.43 13.16
N LEU H 17 24.75 -58.44 11.83
CA LEU H 17 24.68 -57.20 11.07
C LEU H 17 23.28 -56.63 11.16
N ALA H 18 23.20 -55.31 11.31
CA ALA H 18 21.90 -54.66 11.39
C ALA H 18 21.69 -53.88 10.09
N MET H 19 21.23 -54.57 9.06
CA MET H 19 21.01 -53.94 7.78
C MET H 19 19.87 -52.93 7.82
N ASP H 20 20.15 -51.74 8.34
CA ASP H 20 19.12 -50.71 8.45
C ASP H 20 19.09 -49.72 7.28
N LEU H 21 19.91 -49.98 6.26
CA LEU H 21 19.95 -49.12 5.07
C LEU H 21 18.57 -49.17 4.45
N MET H 22 18.26 -48.25 3.54
CA MET H 22 16.93 -48.21 2.98
C MET H 22 16.76 -48.30 1.47
N ASN H 23 17.30 -49.36 0.90
CA ASN H 23 17.21 -49.63 -0.54
C ASN H 23 17.93 -50.93 -0.85
N ARG H 24 17.28 -51.77 -1.66
CA ARG H 24 17.83 -53.06 -2.06
C ARG H 24 19.32 -53.02 -2.35
N ASP H 25 19.67 -52.30 -3.40
CA ASP H 25 21.04 -52.19 -3.86
C ASP H 25 22.08 -52.00 -2.76
N ASP H 26 22.03 -50.85 -2.08
CA ASP H 26 22.98 -50.54 -1.02
C ASP H 26 23.02 -51.61 0.06
N ALA H 27 21.85 -51.97 0.57
CA ALA H 27 21.78 -52.98 1.62
C ALA H 27 22.52 -54.23 1.14
N LEU H 28 22.09 -54.78 0.02
CA LEU H 28 22.72 -55.97 -0.53
C LEU H 28 24.24 -55.89 -0.58
N ARG H 29 24.77 -54.94 -1.35
CA ARG H 29 26.23 -54.79 -1.47
C ARG H 29 26.99 -54.85 -0.15
N VAL H 30 26.56 -54.07 0.83
CA VAL H 30 27.25 -54.07 2.12
C VAL H 30 27.12 -55.45 2.77
N THR H 31 26.06 -56.18 2.41
CA THR H 31 25.84 -57.51 2.95
C THR H 31 26.87 -58.49 2.40
N GLY H 32 27.09 -58.44 1.09
CA GLY H 32 28.06 -59.33 0.47
C GLY H 32 29.47 -59.13 1.05
N GLU H 33 29.91 -57.88 1.07
CA GLU H 33 31.23 -57.52 1.58
C GLU H 33 31.51 -58.02 2.99
N VAL H 34 30.46 -58.39 3.71
CA VAL H 34 30.62 -58.89 5.07
C VAL H 34 30.10 -60.31 5.21
N ARG H 35 29.51 -60.82 4.14
CA ARG H 35 28.96 -62.18 4.13
C ARG H 35 29.95 -63.21 4.65
N GLU H 36 31.23 -62.99 4.36
CA GLU H 36 32.30 -63.88 4.79
C GLU H 36 32.55 -63.83 6.31
N TYR H 37 31.92 -62.89 6.99
CA TYR H 37 32.10 -62.74 8.43
C TYR H 37 30.79 -62.85 9.22
N ILE H 38 29.66 -62.76 8.53
CA ILE H 38 28.36 -62.85 9.21
C ILE H 38 27.41 -63.89 8.63
N ASP H 39 26.69 -64.58 9.51
CA ASP H 39 25.73 -65.60 9.12
C ASP H 39 24.32 -65.19 9.50
N THR H 40 24.22 -64.16 10.33
CA THR H 40 22.92 -63.67 10.78
C THR H 40 22.74 -62.16 10.56
N VAL H 41 21.66 -61.80 9.89
CA VAL H 41 21.40 -60.40 9.61
C VAL H 41 20.04 -59.97 10.16
N LYS H 42 20.03 -58.83 10.85
CA LYS H 42 18.80 -58.32 11.45
C LYS H 42 18.17 -57.24 10.59
N ILE H 43 17.10 -57.58 9.87
CA ILE H 43 16.41 -56.60 9.05
C ILE H 43 15.33 -55.88 9.87
N GLY H 44 15.21 -54.58 9.66
CA GLY H 44 14.20 -53.81 10.38
C GLY H 44 13.15 -53.20 9.47
N TYR H 45 12.25 -52.43 10.06
CA TYR H 45 11.19 -51.81 9.31
C TYR H 45 11.70 -50.75 8.34
N PRO H 46 12.88 -50.14 8.63
CA PRO H 46 13.37 -49.14 7.70
C PRO H 46 13.53 -49.81 6.35
N LEU H 47 14.28 -50.91 6.34
CA LEU H 47 14.50 -51.65 5.11
C LEU H 47 13.23 -52.31 4.58
N VAL H 48 12.50 -53.05 5.42
CA VAL H 48 11.27 -53.71 4.97
C VAL H 48 10.19 -52.77 4.45
N LEU H 49 10.03 -51.63 5.07
CA LEU H 49 9.00 -50.70 4.62
C LEU H 49 9.39 -50.00 3.31
N SER H 50 10.67 -49.65 3.17
CA SER H 50 11.12 -49.00 1.95
C SER H 50 11.06 -49.98 0.78
N GLU H 51 11.62 -51.18 0.95
CA GLU H 51 11.62 -52.18 -0.12
C GLU H 51 10.45 -53.16 -0.15
N GLY H 52 10.06 -53.70 0.98
CA GLY H 52 8.96 -54.65 1.01
C GLY H 52 9.38 -55.94 1.71
N MET H 53 8.41 -56.75 2.13
CA MET H 53 8.73 -57.98 2.86
C MET H 53 9.57 -59.02 2.09
N ASP H 54 9.45 -59.04 0.77
CA ASP H 54 10.21 -59.98 -0.04
C ASP H 54 11.71 -59.70 0.03
N ILE H 55 12.10 -58.62 0.70
CA ILE H 55 13.50 -58.29 0.82
C ILE H 55 14.19 -59.40 1.62
N ILE H 56 13.40 -60.09 2.44
CA ILE H 56 13.91 -61.18 3.26
C ILE H 56 14.22 -62.41 2.39
N ALA H 57 13.22 -62.88 1.67
CA ALA H 57 13.40 -64.04 0.79
C ALA H 57 14.68 -63.88 0.02
N GLU H 58 14.87 -62.70 -0.58
CA GLU H 58 16.06 -62.42 -1.36
C GLU H 58 17.32 -62.54 -0.53
N PHE H 59 17.31 -62.01 0.68
CA PHE H 59 18.49 -62.10 1.54
C PHE H 59 18.77 -63.57 1.86
N ARG H 60 17.70 -64.37 1.94
CA ARG H 60 17.83 -65.79 2.19
C ARG H 60 18.48 -66.49 0.99
N LYS H 61 17.90 -66.25 -0.19
CA LYS H 61 18.40 -66.84 -1.41
C LYS H 61 19.82 -66.40 -1.76
N ARG H 62 19.99 -65.11 -2.08
CA ARG H 62 21.31 -64.62 -2.46
C ARG H 62 22.45 -64.74 -1.44
N PHE H 63 22.15 -64.70 -0.15
CA PHE H 63 23.23 -64.80 0.83
C PHE H 63 23.20 -66.04 1.74
N GLY H 64 22.06 -66.71 1.78
CA GLY H 64 21.93 -67.91 2.59
C GLY H 64 22.06 -67.70 4.10
N CYS H 65 21.86 -66.47 4.56
CA CYS H 65 21.98 -66.14 5.98
C CYS H 65 20.67 -66.26 6.74
N ARG H 66 20.77 -66.28 8.07
CA ARG H 66 19.60 -66.33 8.93
C ARG H 66 19.06 -64.89 9.05
N ILE H 67 17.73 -64.76 9.15
CA ILE H 67 17.10 -63.46 9.25
C ILE H 67 16.22 -63.24 10.49
N ILE H 68 16.59 -62.25 11.28
CA ILE H 68 15.85 -61.88 12.48
C ILE H 68 15.09 -60.61 12.14
N ALA H 69 13.76 -60.68 12.15
CA ALA H 69 12.93 -59.52 11.83
C ALA H 69 12.78 -58.67 13.07
N ASP H 70 13.45 -57.52 13.09
CA ASP H 70 13.38 -56.63 14.24
C ASP H 70 12.16 -55.74 14.08
N PHE H 71 10.98 -56.31 14.32
CA PHE H 71 9.75 -55.54 14.18
C PHE H 71 9.17 -55.01 15.48
N LYS H 72 9.81 -55.35 16.59
CA LYS H 72 9.34 -54.88 17.90
C LYS H 72 7.83 -54.93 18.06
N VAL H 73 7.23 -56.07 17.73
CA VAL H 73 5.80 -56.22 17.83
C VAL H 73 5.32 -55.70 19.18
N ALA H 74 4.38 -54.77 19.15
CA ALA H 74 3.87 -54.15 20.37
C ALA H 74 2.41 -53.78 20.22
N ASP H 75 1.60 -54.74 19.81
CA ASP H 75 0.17 -54.48 19.65
C ASP H 75 -0.63 -55.45 20.55
N ILE H 76 -1.94 -55.51 20.34
CA ILE H 76 -2.77 -56.41 21.12
C ILE H 76 -2.55 -57.82 20.60
N PRO H 77 -2.91 -58.84 21.38
CA PRO H 77 -2.72 -60.24 20.97
C PRO H 77 -3.18 -60.57 19.55
N GLU H 78 -4.43 -60.24 19.23
CA GLU H 78 -4.98 -60.53 17.91
C GLU H 78 -4.10 -60.01 16.77
N THR H 79 -3.68 -58.76 16.86
CA THR H 79 -2.85 -58.15 15.82
C THR H 79 -1.43 -58.70 15.81
N ASN H 80 -0.87 -58.94 17.00
CA ASN H 80 0.48 -59.48 17.11
C ASN H 80 0.57 -60.81 16.40
N GLU H 81 -0.45 -61.61 16.61
CA GLU H 81 -0.51 -62.93 16.01
C GLU H 81 -0.50 -62.82 14.49
N LYS H 82 -1.24 -61.83 13.99
CA LYS H 82 -1.32 -61.61 12.55
C LYS H 82 0.00 -61.15 11.98
N ILE H 83 0.69 -60.28 12.71
CA ILE H 83 1.97 -59.77 12.26
C ILE H 83 3.00 -60.89 12.30
N CYS H 84 2.97 -61.68 13.37
CA CYS H 84 3.94 -62.76 13.49
C CYS H 84 3.76 -63.78 12.37
N ARG H 85 2.52 -64.17 12.13
CA ARG H 85 2.21 -65.14 11.08
C ARG H 85 2.79 -64.68 9.77
N ALA H 86 2.54 -63.42 9.44
CA ALA H 86 3.03 -62.84 8.20
C ALA H 86 4.54 -62.72 8.14
N THR H 87 5.16 -62.33 9.24
CA THR H 87 6.60 -62.17 9.30
C THR H 87 7.29 -63.52 9.04
N PHE H 88 6.84 -64.56 9.73
CA PHE H 88 7.43 -65.87 9.55
C PHE H 88 7.14 -66.35 8.12
N LYS H 89 5.87 -66.34 7.73
CA LYS H 89 5.52 -66.76 6.40
C LYS H 89 6.47 -66.20 5.34
N ALA H 90 7.01 -65.01 5.59
CA ALA H 90 7.91 -64.39 4.63
C ALA H 90 9.36 -64.87 4.73
N GLY H 91 9.59 -65.91 5.52
CA GLY H 91 10.93 -66.46 5.65
C GLY H 91 11.80 -66.00 6.81
N ALA H 92 11.21 -65.35 7.81
CA ALA H 92 11.98 -64.87 8.95
C ALA H 92 12.27 -66.01 9.93
N ASP H 93 13.54 -66.26 10.20
CA ASP H 93 13.91 -67.30 11.16
C ASP H 93 13.41 -66.91 12.55
N ALA H 94 13.31 -65.60 12.80
CA ALA H 94 12.85 -65.11 14.10
C ALA H 94 12.29 -63.71 14.02
N ILE H 95 11.65 -63.29 15.10
CA ILE H 95 11.04 -61.97 15.20
C ILE H 95 11.26 -61.41 16.61
N ILE H 96 11.59 -60.12 16.71
CA ILE H 96 11.82 -59.47 18.00
C ILE H 96 10.53 -58.83 18.50
N VAL H 97 10.16 -59.16 19.73
CA VAL H 97 8.94 -58.66 20.32
C VAL H 97 9.17 -57.82 21.59
N HIS H 98 8.31 -56.83 21.77
CA HIS H 98 8.38 -55.98 22.95
C HIS H 98 7.68 -56.68 24.11
N GLY H 99 8.11 -56.37 25.34
CA GLY H 99 7.51 -56.96 26.53
C GLY H 99 6.54 -56.01 27.22
N PHE H 100 6.98 -54.77 27.37
CA PHE H 100 6.20 -53.70 27.99
C PHE H 100 4.68 -53.82 27.77
N PRO H 101 4.25 -54.28 26.60
CA PRO H 101 2.80 -54.38 26.38
C PRO H 101 2.06 -55.42 27.21
N GLY H 102 2.78 -56.32 27.87
CA GLY H 102 2.13 -57.34 28.69
C GLY H 102 2.41 -58.78 28.31
N ALA H 103 1.86 -59.71 29.07
CA ALA H 103 2.07 -61.13 28.83
C ALA H 103 1.16 -61.73 27.75
N ASP H 104 -0.06 -61.20 27.61
CA ASP H 104 -0.97 -61.71 26.58
C ASP H 104 -0.46 -61.36 25.19
N SER H 105 0.14 -60.17 25.07
CA SER H 105 0.69 -59.73 23.79
C SER H 105 1.86 -60.63 23.41
N VAL H 106 2.78 -60.83 24.35
CA VAL H 106 3.93 -61.70 24.11
C VAL H 106 3.45 -63.14 23.87
N ARG H 107 2.61 -63.62 24.79
CA ARG H 107 2.03 -64.97 24.72
C ARG H 107 1.57 -65.24 23.29
N ALA H 108 0.79 -64.30 22.75
CA ALA H 108 0.27 -64.43 21.40
C ALA H 108 1.36 -64.76 20.38
N CYS H 109 2.52 -64.10 20.46
CA CYS H 109 3.60 -64.30 19.51
C CYS H 109 4.31 -65.63 19.60
N LEU H 110 4.35 -66.20 20.80
CA LEU H 110 4.98 -67.50 20.98
C LEU H 110 4.09 -68.57 20.36
N ASN H 111 2.77 -68.41 20.51
CA ASN H 111 1.83 -69.39 19.93
C ASN H 111 2.19 -69.57 18.46
N VAL H 112 2.17 -68.48 17.71
CA VAL H 112 2.49 -68.54 16.30
C VAL H 112 3.91 -69.05 16.06
N ALA H 113 4.83 -68.65 16.93
CA ALA H 113 6.22 -69.07 16.77
C ALA H 113 6.29 -70.58 16.92
N GLU H 114 5.73 -71.06 18.03
CA GLU H 114 5.69 -72.49 18.35
C GLU H 114 4.92 -73.30 17.32
N GLU H 115 3.99 -72.63 16.63
CA GLU H 115 3.16 -73.26 15.62
C GLU H 115 3.87 -73.37 14.27
N MET H 116 4.80 -72.46 14.00
CA MET H 116 5.49 -72.47 12.71
C MET H 116 6.95 -72.90 12.81
N GLY H 117 7.34 -73.32 14.01
CA GLY H 117 8.71 -73.76 14.20
C GLY H 117 9.69 -72.65 13.89
N ARG H 118 9.49 -71.51 14.54
CA ARG H 118 10.36 -70.36 14.38
C ARG H 118 10.48 -69.70 15.76
N GLU H 119 11.47 -68.83 15.96
CA GLU H 119 11.65 -68.26 17.28
C GLU H 119 11.19 -66.83 17.56
N VAL H 120 10.99 -66.55 18.84
CA VAL H 120 10.57 -65.23 19.28
C VAL H 120 11.66 -64.65 20.16
N PHE H 121 12.01 -63.39 19.90
CA PHE H 121 13.02 -62.68 20.68
C PHE H 121 12.31 -61.58 21.47
N LEU H 122 12.54 -61.57 22.77
CA LEU H 122 11.92 -60.60 23.66
C LEU H 122 12.87 -59.44 24.01
N LEU H 123 12.44 -58.22 23.71
CA LEU H 123 13.22 -57.03 23.99
C LEU H 123 12.88 -56.61 25.42
N THR H 124 13.77 -56.91 26.36
CA THR H 124 13.52 -56.59 27.76
C THR H 124 13.84 -55.16 28.13
N GLU H 125 15.02 -54.70 27.73
CA GLU H 125 15.44 -53.34 28.06
C GLU H 125 16.09 -52.70 26.84
N MET H 126 15.81 -51.42 26.61
CA MET H 126 16.37 -50.72 25.46
C MET H 126 17.67 -49.97 25.73
N SER H 127 18.43 -49.77 24.65
CA SER H 127 19.75 -49.11 24.70
C SER H 127 19.79 -47.60 24.52
N HIS H 128 18.66 -46.97 24.24
CA HIS H 128 18.70 -45.52 24.06
C HIS H 128 18.35 -44.81 25.38
N PRO H 129 18.72 -43.53 25.52
CA PRO H 129 18.45 -42.76 26.73
C PRO H 129 17.00 -42.81 27.19
N GLY H 130 16.10 -42.43 26.30
CA GLY H 130 14.67 -42.44 26.60
C GLY H 130 14.18 -43.71 27.25
N ALA H 131 14.98 -44.77 27.14
CA ALA H 131 14.60 -46.04 27.73
C ALA H 131 14.50 -45.92 29.24
N GLU H 132 15.41 -45.17 29.84
CA GLU H 132 15.41 -45.00 31.28
C GLU H 132 14.11 -44.44 31.82
N MET H 133 13.37 -43.71 30.99
CA MET H 133 12.11 -43.14 31.46
C MET H 133 11.13 -44.21 31.94
N PHE H 134 10.68 -45.08 31.03
CA PHE H 134 9.73 -46.12 31.39
C PHE H 134 10.20 -47.56 31.21
N ILE H 135 10.98 -47.81 30.17
CA ILE H 135 11.48 -49.17 29.92
C ILE H 135 12.21 -49.74 31.14
N GLN H 136 13.39 -49.21 31.41
CA GLN H 136 14.22 -49.66 32.53
C GLN H 136 13.48 -49.91 33.84
N GLY H 137 12.50 -49.09 34.16
CA GLY H 137 11.77 -49.30 35.39
C GLY H 137 11.01 -50.61 35.41
N ALA H 138 10.81 -51.21 34.25
CA ALA H 138 10.07 -52.46 34.18
C ALA H 138 10.85 -53.60 33.53
N ALA H 139 12.11 -53.36 33.20
CA ALA H 139 12.95 -54.37 32.55
C ALA H 139 13.14 -55.69 33.29
N ASP H 140 13.47 -55.62 34.57
CA ASP H 140 13.68 -56.85 35.34
C ASP H 140 12.39 -57.67 35.39
N GLU H 141 11.27 -56.98 35.57
CA GLU H 141 9.96 -57.61 35.65
C GLU H 141 9.59 -58.22 34.28
N ILE H 142 9.99 -57.53 33.21
CA ILE H 142 9.72 -58.00 31.84
C ILE H 142 10.53 -59.26 31.56
N ALA H 143 11.81 -59.25 31.95
CA ALA H 143 12.65 -60.41 31.75
C ALA H 143 12.05 -61.58 32.50
N ARG H 144 11.63 -61.32 33.75
CA ARG H 144 11.01 -62.35 34.58
C ARG H 144 9.75 -62.87 33.91
N MET H 145 9.02 -61.96 33.28
CA MET H 145 7.79 -62.34 32.58
C MET H 145 8.13 -63.29 31.45
N GLY H 146 9.14 -62.92 30.67
CA GLY H 146 9.55 -63.77 29.58
C GLY H 146 9.94 -65.16 30.04
N VAL H 147 10.65 -65.23 31.16
CA VAL H 147 11.09 -66.52 31.67
C VAL H 147 9.90 -67.39 32.06
N ASP H 148 8.91 -66.78 32.69
CA ASP H 148 7.73 -67.52 33.12
C ASP H 148 6.96 -68.03 31.92
N LEU H 149 6.85 -67.19 30.89
CA LEU H 149 6.12 -67.56 29.68
C LEU H 149 6.90 -68.57 28.85
N GLY H 150 8.09 -68.91 29.30
CA GLY H 150 8.89 -69.88 28.57
C GLY H 150 9.79 -69.35 27.47
N VAL H 151 10.08 -68.05 27.48
CA VAL H 151 10.94 -67.45 26.46
C VAL H 151 12.38 -67.92 26.60
N LYS H 152 13.01 -68.21 25.47
CA LYS H 152 14.38 -68.69 25.49
C LYS H 152 15.38 -67.71 24.87
N ASN H 153 14.87 -66.76 24.11
CA ASN H 153 15.70 -65.76 23.45
C ASN H 153 15.37 -64.36 23.93
N TYR H 154 16.40 -63.56 24.20
CA TYR H 154 16.19 -62.21 24.68
C TYR H 154 17.17 -61.19 24.09
N VAL H 155 16.72 -59.94 24.00
CA VAL H 155 17.55 -58.85 23.49
C VAL H 155 17.80 -57.89 24.65
N GLY H 156 19.04 -57.44 24.79
CA GLY H 156 19.38 -56.52 25.87
C GLY H 156 20.27 -55.38 25.40
N PRO H 157 20.48 -54.36 26.25
CA PRO H 157 21.33 -53.21 25.89
C PRO H 157 22.80 -53.42 26.26
N SER H 158 23.71 -53.23 25.29
CA SER H 158 25.13 -53.40 25.57
C SER H 158 25.63 -52.10 26.22
N THR H 159 24.82 -51.07 26.10
CA THR H 159 25.12 -49.75 26.64
C THR H 159 25.07 -49.74 28.17
N ARG H 160 24.45 -50.76 28.75
CA ARG H 160 24.33 -50.86 30.20
C ARG H 160 24.83 -52.20 30.70
N PRO H 161 26.16 -52.42 30.69
CA PRO H 161 26.72 -53.69 31.16
C PRO H 161 26.08 -54.19 32.46
N GLU H 162 26.06 -53.35 33.50
CA GLU H 162 25.46 -53.73 34.77
C GLU H 162 24.07 -54.29 34.53
N ARG H 163 23.27 -53.55 33.76
CA ARG H 163 21.91 -53.97 33.43
C ARG H 163 21.97 -55.26 32.63
N LEU H 164 22.90 -55.31 31.68
CA LEU H 164 23.04 -56.48 30.84
C LEU H 164 23.27 -57.73 31.69
N SER H 165 24.27 -57.67 32.57
CA SER H 165 24.58 -58.80 33.43
C SER H 165 23.46 -59.08 34.41
N ARG H 166 22.78 -58.02 34.85
CA ARG H 166 21.66 -58.19 35.77
C ARG H 166 20.63 -59.03 35.05
N LEU H 167 20.47 -58.76 33.76
CA LEU H 167 19.51 -59.48 32.93
C LEU H 167 19.91 -60.94 32.82
N ARG H 168 21.19 -61.19 32.59
CA ARG H 168 21.65 -62.56 32.47
C ARG H 168 21.17 -63.39 33.67
N GLU H 169 21.42 -62.89 34.88
CA GLU H 169 21.01 -63.58 36.10
C GLU H 169 19.57 -64.05 36.00
N ILE H 170 18.67 -63.10 35.77
CA ILE H 170 17.24 -63.37 35.66
C ILE H 170 16.88 -64.42 34.60
N ILE H 171 17.50 -64.35 33.42
CA ILE H 171 17.19 -65.31 32.36
C ILE H 171 18.02 -66.58 32.42
N GLY H 172 19.03 -66.60 33.29
CA GLY H 172 19.87 -67.79 33.41
C GLY H 172 20.96 -67.94 32.36
N GLN H 173 21.64 -69.08 32.38
CA GLN H 173 22.73 -69.34 31.44
C GLN H 173 22.35 -69.98 30.11
N ASP H 174 21.41 -70.92 30.14
CA ASP H 174 21.00 -71.61 28.92
C ASP H 174 20.11 -70.83 27.94
N SER H 175 19.81 -69.58 28.27
CA SER H 175 18.98 -68.75 27.40
C SER H 175 19.87 -68.01 26.41
N PHE H 176 19.30 -67.60 25.28
CA PHE H 176 20.06 -66.88 24.27
C PHE H 176 19.81 -65.37 24.40
N LEU H 177 20.90 -64.61 24.49
CA LEU H 177 20.83 -63.16 24.66
C LEU H 177 21.66 -62.40 23.63
N ILE H 178 21.01 -61.52 22.88
CA ILE H 178 21.75 -60.72 21.91
C ILE H 178 21.70 -59.28 22.40
N SER H 179 22.72 -58.51 22.08
CA SER H 179 22.79 -57.12 22.55
C SER H 179 23.26 -56.09 21.53
N PRO H 180 22.39 -55.12 21.19
CA PRO H 180 22.72 -54.06 20.24
C PRO H 180 23.33 -52.91 21.03
N GLY H 181 23.45 -51.75 20.39
CA GLY H 181 24.00 -50.60 21.06
C GLY H 181 25.51 -50.57 21.02
N VAL H 182 26.10 -51.49 20.27
CA VAL H 182 27.55 -51.55 20.14
C VAL H 182 27.96 -50.76 18.91
N GLY H 183 28.97 -49.92 19.08
CA GLY H 183 29.45 -49.11 17.97
C GLY H 183 28.86 -47.71 18.02
N ALA H 184 28.05 -47.37 17.02
CA ALA H 184 27.42 -46.05 16.92
C ALA H 184 26.67 -45.58 18.16
N GLN H 185 26.48 -46.46 19.15
CA GLN H 185 25.77 -46.08 20.37
C GLN H 185 26.66 -46.10 21.63
N GLY H 186 27.90 -46.56 21.48
CA GLY H 186 28.81 -46.58 22.62
C GLY H 186 29.17 -47.93 23.24
N GLY H 187 28.41 -48.96 22.90
CA GLY H 187 28.65 -50.29 23.43
C GLY H 187 29.96 -50.90 22.96
N ASP H 188 30.72 -51.45 23.91
CA ASP H 188 32.00 -52.06 23.60
C ASP H 188 31.79 -53.53 23.23
N PRO H 189 32.26 -53.95 22.05
CA PRO H 189 32.14 -55.33 21.56
C PRO H 189 32.69 -56.38 22.52
N GLY H 190 33.36 -55.94 23.58
CA GLY H 190 33.91 -56.88 24.53
C GLY H 190 33.18 -56.91 25.85
N GLU H 191 32.80 -55.73 26.33
CA GLU H 191 32.10 -55.60 27.59
C GLU H 191 30.74 -56.28 27.46
N THR H 192 30.30 -56.47 26.22
CA THR H 192 29.02 -57.08 25.96
C THR H 192 29.04 -58.61 25.87
N LEU H 193 29.94 -59.16 25.05
CA LEU H 193 30.02 -60.60 24.90
C LEU H 193 30.35 -61.31 26.19
N ARG H 194 30.47 -60.55 27.26
CA ARG H 194 30.75 -61.11 28.57
C ARG H 194 29.42 -61.72 29.03
N PHE H 195 28.36 -60.96 28.82
CA PHE H 195 27.02 -61.37 29.23
C PHE H 195 26.12 -61.83 28.08
N ALA H 196 26.33 -61.28 26.89
CA ALA H 196 25.53 -61.63 25.72
C ALA H 196 26.16 -62.74 24.88
N ASP H 197 25.31 -63.53 24.24
CA ASP H 197 25.78 -64.61 23.39
C ASP H 197 26.30 -64.04 22.09
N ALA H 198 25.80 -62.87 21.70
CA ALA H 198 26.23 -62.23 20.45
C ALA H 198 25.75 -60.80 20.33
N ILE H 199 26.68 -59.90 20.04
CA ILE H 199 26.37 -58.47 19.89
C ILE H 199 25.81 -58.18 18.51
N ILE H 200 25.03 -57.12 18.41
CA ILE H 200 24.41 -56.72 17.16
C ILE H 200 25.00 -55.37 16.75
N VAL H 201 25.51 -55.30 15.52
CA VAL H 201 26.13 -54.06 15.02
C VAL H 201 25.57 -53.57 13.70
N GLY H 202 25.27 -52.27 13.63
CA GLY H 202 24.73 -51.71 12.41
C GLY H 202 25.53 -50.58 11.80
N ARG H 203 25.20 -49.35 12.18
CA ARG H 203 25.88 -48.17 11.66
C ARG H 203 27.40 -48.28 11.54
N SER H 204 28.07 -48.79 12.57
CA SER H 204 29.52 -48.93 12.53
C SER H 204 30.03 -49.84 11.41
N ILE H 205 29.12 -50.54 10.74
CA ILE H 205 29.51 -51.44 9.65
C ILE H 205 28.97 -51.04 8.29
N TYR H 206 27.80 -50.41 8.24
CA TYR H 206 27.23 -50.01 6.95
C TYR H 206 27.36 -48.52 6.70
N LEU H 207 28.26 -47.87 7.45
CA LEU H 207 28.55 -46.45 7.32
C LEU H 207 30.06 -46.32 7.32
N ALA H 208 30.73 -47.45 7.53
CA ALA H 208 32.19 -47.48 7.53
C ALA H 208 32.62 -47.26 6.10
N ASP H 209 33.73 -46.56 5.91
CA ASP H 209 34.25 -46.29 4.57
C ASP H 209 34.39 -47.60 3.80
N ASN H 210 34.85 -48.65 4.48
CA ASN H 210 35.00 -49.97 3.89
C ASN H 210 34.32 -50.97 4.80
N PRO H 211 33.02 -51.21 4.59
CA PRO H 211 32.20 -52.14 5.37
C PRO H 211 32.94 -53.39 5.82
N ALA H 212 33.42 -54.16 4.84
CA ALA H 212 34.14 -55.40 5.12
C ALA H 212 35.19 -55.19 6.20
N ALA H 213 35.98 -54.14 6.06
CA ALA H 213 37.02 -53.81 7.02
C ALA H 213 36.46 -53.68 8.43
N ALA H 214 35.59 -52.70 8.60
CA ALA H 214 34.96 -52.42 9.88
C ALA H 214 34.50 -53.69 10.60
N ALA H 215 33.98 -54.64 9.84
CA ALA H 215 33.50 -55.91 10.39
C ALA H 215 34.66 -56.82 10.81
N ALA H 216 35.59 -57.06 9.88
CA ALA H 216 36.75 -57.90 10.13
C ALA H 216 37.50 -57.43 11.36
N GLY H 217 37.51 -56.11 11.56
CA GLY H 217 38.20 -55.56 12.71
C GLY H 217 37.55 -55.95 14.01
N ILE H 218 36.27 -55.60 14.13
CA ILE H 218 35.50 -55.92 15.33
C ILE H 218 35.76 -57.37 15.71
N ILE H 219 35.66 -58.25 14.72
CA ILE H 219 35.87 -59.67 14.93
C ILE H 219 37.18 -59.97 15.64
N GLU H 220 38.27 -59.36 15.19
CA GLU H 220 39.56 -59.59 15.79
C GLU H 220 39.75 -58.85 17.11
N SER H 221 38.81 -57.97 17.43
CA SER H 221 38.87 -57.19 18.67
C SER H 221 38.36 -58.01 19.84
N ILE H 222 37.85 -59.20 19.55
CA ILE H 222 37.31 -60.08 20.58
C ILE H 222 37.34 -61.55 20.17
N LYS H 223 38.46 -62.00 19.60
CA LYS H 223 38.60 -63.40 19.18
C LYS H 223 39.26 -64.21 20.29
N ASP H 224 39.16 -63.70 21.52
CA ASP H 224 39.74 -64.34 22.71
C ASP H 224 38.67 -65.14 23.46
N LEU H 225 37.90 -65.94 22.73
CA LEU H 225 36.83 -66.73 23.33
C LEU H 225 36.90 -68.21 22.96
N ARG I 14 -35.45 102.28 -27.83
CA ARG I 14 -36.70 101.58 -27.42
C ARG I 14 -36.55 100.04 -27.43
N LEU I 15 -35.65 99.56 -28.28
CA LEU I 15 -35.37 98.13 -28.42
C LEU I 15 -33.90 97.87 -28.08
N ILE I 16 -33.66 97.35 -26.88
CA ILE I 16 -32.28 97.07 -26.45
C ILE I 16 -31.90 95.63 -26.75
N LEU I 17 -30.78 95.44 -27.47
CA LEU I 17 -30.30 94.11 -27.81
C LEU I 17 -29.44 93.48 -26.72
N ALA I 18 -29.92 92.34 -26.22
CA ALA I 18 -29.20 91.58 -25.23
C ALA I 18 -28.25 90.67 -26.02
N MET I 19 -27.00 91.11 -26.18
CA MET I 19 -26.01 90.33 -26.94
C MET I 19 -25.27 89.32 -26.06
N ASP I 20 -25.85 88.13 -25.90
CA ASP I 20 -25.26 87.09 -25.07
C ASP I 20 -24.64 85.91 -25.80
N LEU I 21 -24.05 86.16 -26.97
CA LEU I 21 -23.42 85.09 -27.71
C LEU I 21 -21.99 84.92 -27.19
N MET I 22 -21.50 83.69 -27.21
CA MET I 22 -20.15 83.36 -26.75
C MET I 22 -19.07 83.82 -27.73
N ASN I 23 -19.35 83.72 -29.02
CA ASN I 23 -18.38 84.10 -30.07
C ASN I 23 -18.21 85.59 -30.33
N ARG I 24 -16.96 86.03 -30.28
CA ARG I 24 -16.64 87.43 -30.54
C ARG I 24 -16.93 87.74 -32.00
N ASP I 25 -16.62 86.78 -32.86
CA ASP I 25 -16.84 86.93 -34.29
C ASP I 25 -18.31 87.00 -34.66
N ASP I 26 -19.12 86.13 -34.05
CA ASP I 26 -20.56 86.14 -34.32
C ASP I 26 -21.23 87.34 -33.69
N ALA I 27 -20.99 87.53 -32.39
CA ALA I 27 -21.54 88.64 -31.62
C ALA I 27 -21.26 89.96 -32.30
N LEU I 28 -20.11 90.06 -32.96
CA LEU I 28 -19.75 91.28 -33.67
C LEU I 28 -20.56 91.30 -34.97
N ARG I 29 -20.44 90.21 -35.75
CA ARG I 29 -21.16 90.08 -37.01
C ARG I 29 -22.67 90.24 -36.85
N VAL I 30 -23.23 89.63 -35.82
CA VAL I 30 -24.67 89.71 -35.58
C VAL I 30 -25.15 91.12 -35.26
N THR I 31 -24.40 91.82 -34.40
CA THR I 31 -24.75 93.17 -34.01
C THR I 31 -24.73 94.10 -35.22
N GLY I 32 -23.73 93.91 -36.08
CA GLY I 32 -23.65 94.73 -37.27
C GLY I 32 -24.91 94.56 -38.08
N GLU I 33 -25.26 93.29 -38.33
CA GLU I 33 -26.44 92.94 -39.11
C GLU I 33 -27.70 93.63 -38.64
N VAL I 34 -27.67 94.25 -37.47
CA VAL I 34 -28.87 94.89 -36.98
C VAL I 34 -28.62 96.28 -36.40
N ARG I 35 -27.47 96.87 -36.71
CA ARG I 35 -27.14 98.20 -36.19
C ARG I 35 -28.07 99.27 -36.76
N GLU I 36 -29.06 98.84 -37.53
CA GLU I 36 -30.02 99.76 -38.11
C GLU I 36 -31.35 99.69 -37.38
N TYR I 37 -31.37 99.01 -36.25
CA TYR I 37 -32.59 98.89 -35.46
C TYR I 37 -32.28 99.14 -33.99
N ILE I 38 -31.18 98.56 -33.52
CA ILE I 38 -30.77 98.72 -32.14
C ILE I 38 -29.64 99.74 -32.04
N ASP I 39 -29.71 100.56 -30.99
CA ASP I 39 -28.70 101.59 -30.77
C ASP I 39 -28.01 101.35 -29.43
N THR I 40 -28.66 100.58 -28.56
CA THR I 40 -28.15 100.25 -27.24
C THR I 40 -27.92 98.76 -27.09
N VAL I 41 -26.72 98.39 -26.66
CA VAL I 41 -26.39 96.98 -26.51
C VAL I 41 -25.94 96.57 -25.11
N LYS I 42 -26.56 95.52 -24.60
CA LYS I 42 -26.24 94.97 -23.28
C LYS I 42 -25.30 93.77 -23.43
N ILE I 43 -24.20 93.81 -22.68
CA ILE I 43 -23.18 92.77 -22.74
C ILE I 43 -22.81 92.29 -21.35
N GLY I 44 -22.70 90.96 -21.20
CA GLY I 44 -22.38 90.37 -19.90
C GLY I 44 -20.94 89.90 -19.66
N TYR I 45 -20.73 89.31 -18.48
CA TYR I 45 -19.40 88.83 -18.10
C TYR I 45 -18.85 87.67 -18.93
N PRO I 46 -19.73 86.79 -19.44
CA PRO I 46 -19.21 85.69 -20.25
C PRO I 46 -18.36 86.22 -21.39
N LEU I 47 -18.93 87.16 -22.14
CA LEU I 47 -18.24 87.74 -23.26
C LEU I 47 -16.98 88.49 -22.85
N VAL I 48 -17.14 89.41 -21.91
CA VAL I 48 -16.03 90.22 -21.45
C VAL I 48 -14.91 89.41 -20.81
N LEU I 49 -15.26 88.36 -20.06
CA LEU I 49 -14.24 87.56 -19.41
C LEU I 49 -13.48 86.67 -20.40
N SER I 50 -14.18 86.14 -21.40
CA SER I 50 -13.57 85.30 -22.42
C SER I 50 -12.74 86.10 -23.41
N GLU I 51 -13.32 87.19 -23.92
CA GLU I 51 -12.64 88.02 -24.92
C GLU I 51 -11.84 89.23 -24.43
N GLY I 52 -12.14 89.73 -23.23
CA GLY I 52 -11.42 90.89 -22.69
C GLY I 52 -12.29 92.15 -22.64
N MET I 53 -12.01 93.04 -21.68
CA MET I 53 -12.79 94.28 -21.54
C MET I 53 -12.65 95.19 -22.76
N ASP I 54 -11.54 95.04 -23.48
CA ASP I 54 -11.29 95.83 -24.69
C ASP I 54 -12.40 95.57 -25.72
N ILE I 55 -13.20 94.53 -25.51
CA ILE I 55 -14.28 94.22 -26.43
C ILE I 55 -15.37 95.30 -26.40
N ILE I 56 -15.42 96.07 -25.31
CA ILE I 56 -16.41 97.11 -25.17
C ILE I 56 -16.11 98.30 -26.10
N ALA I 57 -14.85 98.74 -26.13
CA ALA I 57 -14.50 99.85 -27.00
C ALA I 57 -14.69 99.43 -28.45
N GLU I 58 -14.38 98.17 -28.74
CA GLU I 58 -14.47 97.65 -30.09
C GLU I 58 -15.90 97.68 -30.59
N PHE I 59 -16.87 97.36 -29.73
CA PHE I 59 -18.23 97.42 -30.17
C PHE I 59 -18.53 98.87 -30.52
N ARG I 60 -18.20 99.77 -29.59
CA ARG I 60 -18.46 101.18 -29.77
C ARG I 60 -17.86 101.70 -31.07
N LYS I 61 -16.60 101.34 -31.36
CA LYS I 61 -15.97 101.79 -32.60
C LYS I 61 -16.65 101.17 -33.83
N ARG I 62 -16.90 99.87 -33.80
CA ARG I 62 -17.51 99.17 -34.92
C ARG I 62 -18.96 99.52 -35.32
N PHE I 63 -19.87 99.67 -34.35
CA PHE I 63 -21.25 99.97 -34.68
C PHE I 63 -21.75 101.26 -34.06
N GLY I 64 -20.92 101.88 -33.24
CA GLY I 64 -21.32 103.13 -32.62
C GLY I 64 -22.63 103.03 -31.86
N CYS I 65 -22.68 102.14 -30.88
CA CYS I 65 -23.86 101.97 -30.05
C CYS I 65 -23.46 102.20 -28.60
N ARG I 66 -24.44 102.37 -27.72
CA ARG I 66 -24.16 102.56 -26.29
C ARG I 66 -24.10 101.18 -25.68
N ILE I 67 -23.11 100.93 -24.84
CA ILE I 67 -22.98 99.61 -24.26
C ILE I 67 -23.41 99.54 -22.81
N ILE I 68 -24.38 98.67 -22.55
CA ILE I 68 -24.82 98.47 -21.18
C ILE I 68 -24.06 97.25 -20.63
N ALA I 69 -23.19 97.48 -19.64
CA ALA I 69 -22.43 96.39 -19.04
C ALA I 69 -23.30 95.72 -17.99
N ASP I 70 -23.77 94.51 -18.29
CA ASP I 70 -24.61 93.78 -17.35
C ASP I 70 -23.71 93.03 -16.38
N PHE I 71 -23.09 93.76 -15.46
CA PHE I 71 -22.20 93.14 -14.50
C PHE I 71 -22.83 92.84 -13.13
N LYS I 72 -24.07 93.25 -12.92
CA LYS I 72 -24.74 93.01 -11.65
C LYS I 72 -23.87 93.26 -10.43
N VAL I 73 -23.22 94.42 -10.39
CA VAL I 73 -22.33 94.74 -9.29
C VAL I 73 -23.05 94.44 -7.98
N ALA I 74 -22.41 93.61 -7.16
CA ALA I 74 -22.99 93.22 -5.89
C ALA I 74 -21.93 93.02 -4.82
N ASP I 75 -21.08 94.03 -4.63
CA ASP I 75 -20.02 93.94 -3.63
C ASP I 75 -20.15 95.09 -2.65
N ILE I 76 -19.15 95.28 -1.80
CA ILE I 76 -19.18 96.37 -0.83
C ILE I 76 -18.91 97.66 -1.58
N PRO I 77 -19.24 98.80 -0.98
CA PRO I 77 -19.03 100.11 -1.62
C PRO I 77 -17.64 100.32 -2.24
N GLU I 78 -16.58 100.08 -1.47
CA GLU I 78 -15.22 100.28 -1.96
C GLU I 78 -14.95 99.52 -3.27
N THR I 79 -15.32 98.24 -3.30
CA THR I 79 -15.09 97.43 -4.48
C THR I 79 -16.02 97.81 -5.65
N ASN I 80 -17.28 98.12 -5.35
CA ASN I 80 -18.24 98.50 -6.37
C ASN I 80 -17.71 99.70 -7.13
N GLU I 81 -17.03 100.56 -6.39
CA GLU I 81 -16.44 101.78 -6.94
C GLU I 81 -15.36 101.39 -7.95
N LYS I 82 -14.43 100.53 -7.54
CA LYS I 82 -13.34 100.11 -8.41
C LYS I 82 -13.92 99.40 -9.63
N ILE I 83 -14.96 98.60 -9.42
CA ILE I 83 -15.55 97.88 -10.54
C ILE I 83 -16.26 98.83 -11.49
N CYS I 84 -16.98 99.81 -10.95
CA CYS I 84 -17.67 100.76 -11.81
C CYS I 84 -16.64 101.62 -12.54
N ARG I 85 -15.59 102.01 -11.83
CA ARG I 85 -14.57 102.83 -12.45
C ARG I 85 -13.93 102.15 -13.66
N ALA I 86 -13.58 100.87 -13.51
CA ALA I 86 -12.96 100.07 -14.57
C ALA I 86 -13.89 99.86 -15.77
N THR I 87 -15.15 99.63 -15.50
CA THR I 87 -16.11 99.44 -16.57
C THR I 87 -16.31 100.69 -17.39
N PHE I 88 -16.33 101.85 -16.74
CA PHE I 88 -16.48 103.07 -17.51
C PHE I 88 -15.15 103.37 -18.16
N LYS I 89 -14.06 103.08 -17.45
CA LYS I 89 -12.73 103.32 -18.04
C LYS I 89 -12.62 102.56 -19.33
N ALA I 90 -13.34 101.45 -19.43
CA ALA I 90 -13.33 100.63 -20.64
C ALA I 90 -14.38 101.12 -21.61
N GLY I 91 -15.02 102.23 -21.28
CA GLY I 91 -16.01 102.79 -22.19
C GLY I 91 -17.51 102.47 -22.08
N ALA I 92 -17.92 101.59 -21.19
CA ALA I 92 -19.35 101.31 -21.09
C ALA I 92 -20.12 102.61 -20.86
N ASP I 93 -21.33 102.69 -21.39
CA ASP I 93 -22.13 103.88 -21.18
C ASP I 93 -22.96 103.77 -19.89
N ALA I 94 -23.10 102.55 -19.38
CA ALA I 94 -23.87 102.28 -18.17
C ALA I 94 -23.54 100.89 -17.64
N ILE I 95 -23.99 100.60 -16.43
CA ILE I 95 -23.69 99.31 -15.84
C ILE I 95 -24.92 98.92 -15.02
N ILE I 96 -25.22 97.62 -14.93
CA ILE I 96 -26.38 97.15 -14.16
C ILE I 96 -25.93 96.73 -12.77
N VAL I 97 -26.73 97.09 -11.74
CA VAL I 97 -26.36 96.85 -10.35
C VAL I 97 -27.40 96.19 -9.43
N HIS I 98 -26.93 95.45 -8.43
CA HIS I 98 -27.80 94.77 -7.46
C HIS I 98 -28.18 95.65 -6.27
N GLY I 99 -29.45 95.59 -5.89
CA GLY I 99 -29.91 96.37 -4.74
C GLY I 99 -29.86 95.59 -3.44
N PHE I 100 -29.88 94.26 -3.51
CA PHE I 100 -29.88 93.50 -2.28
C PHE I 100 -28.67 93.73 -1.40
N PRO I 101 -27.56 94.23 -1.97
CA PRO I 101 -26.42 94.45 -1.07
C PRO I 101 -26.56 95.70 -0.19
N GLY I 102 -27.56 96.53 -0.48
CA GLY I 102 -27.75 97.72 0.34
C GLY I 102 -27.65 99.05 -0.40
N ALA I 103 -27.99 100.13 0.31
CA ALA I 103 -27.95 101.49 -0.25
C ALA I 103 -26.54 102.09 -0.32
N ASP I 104 -25.68 101.77 0.65
CA ASP I 104 -24.31 102.30 0.60
C ASP I 104 -23.63 101.68 -0.63
N SER I 105 -23.98 100.43 -0.94
CA SER I 105 -23.42 99.74 -2.09
C SER I 105 -23.89 100.35 -3.38
N VAL I 106 -25.16 100.75 -3.42
CA VAL I 106 -25.73 101.36 -4.62
C VAL I 106 -25.24 102.78 -4.82
N ARG I 107 -25.15 103.52 -3.74
CA ARG I 107 -24.68 104.92 -3.79
C ARG I 107 -23.27 104.98 -4.38
N ALA I 108 -22.44 104.01 -4.00
CA ALA I 108 -21.06 103.96 -4.48
C ALA I 108 -20.94 103.89 -6.01
N CYS I 109 -21.87 103.19 -6.66
CA CYS I 109 -21.84 103.08 -8.11
C CYS I 109 -22.33 104.39 -8.68
N LEU I 110 -23.32 104.97 -8.00
CA LEU I 110 -23.90 106.24 -8.40
C LEU I 110 -22.85 107.34 -8.36
N ASN I 111 -21.99 107.33 -7.34
CA ASN I 111 -20.96 108.35 -7.23
C ASN I 111 -19.99 108.32 -8.39
N VAL I 112 -19.54 107.14 -8.77
CA VAL I 112 -18.60 107.04 -9.88
C VAL I 112 -19.32 107.41 -11.19
N ALA I 113 -20.58 107.03 -11.30
CA ALA I 113 -21.34 107.32 -12.49
C ALA I 113 -21.51 108.84 -12.67
N GLU I 114 -21.80 109.53 -11.56
CA GLU I 114 -21.98 111.00 -11.59
C GLU I 114 -20.68 111.64 -11.99
N GLU I 115 -19.60 111.19 -11.37
CA GLU I 115 -18.30 111.76 -11.68
C GLU I 115 -17.88 111.58 -13.14
N MET I 116 -18.07 110.40 -13.71
CA MET I 116 -17.66 110.12 -15.09
C MET I 116 -18.67 110.40 -16.19
N GLY I 117 -19.87 110.77 -15.78
CA GLY I 117 -20.92 111.07 -16.74
C GLY I 117 -21.53 109.81 -17.31
N ARG I 118 -21.75 108.79 -16.47
CA ARG I 118 -22.32 107.55 -16.95
C ARG I 118 -23.57 107.12 -16.18
N GLU I 119 -24.32 106.17 -16.72
CA GLU I 119 -25.56 105.74 -16.09
C GLU I 119 -25.48 104.46 -15.27
N VAL I 120 -26.25 104.42 -14.18
CA VAL I 120 -26.32 103.28 -13.29
C VAL I 120 -27.76 102.74 -13.34
N PHE I 121 -27.90 101.43 -13.54
CA PHE I 121 -29.22 100.80 -13.61
C PHE I 121 -29.42 99.90 -12.43
N LEU I 122 -30.44 100.14 -11.64
CA LEU I 122 -30.67 99.28 -10.48
C LEU I 122 -31.52 98.11 -10.95
N LEU I 123 -31.13 96.91 -10.54
CA LEU I 123 -31.85 95.70 -10.92
C LEU I 123 -32.79 95.39 -9.77
N THR I 124 -34.07 95.68 -9.98
CA THR I 124 -35.06 95.47 -8.95
C THR I 124 -35.48 94.03 -8.74
N GLU I 125 -35.52 93.25 -9.82
CA GLU I 125 -35.97 91.87 -9.69
C GLU I 125 -35.54 90.96 -10.82
N MET I 126 -35.32 89.69 -10.48
CA MET I 126 -34.91 88.70 -11.45
C MET I 126 -36.06 87.75 -11.69
N SER I 127 -36.20 87.31 -12.93
CA SER I 127 -37.30 86.43 -13.31
C SER I 127 -36.96 84.94 -13.44
N HIS I 128 -35.70 84.60 -13.14
CA HIS I 128 -35.26 83.21 -13.23
C HIS I 128 -35.86 82.37 -12.12
N PRO I 129 -35.85 81.03 -12.28
CA PRO I 129 -36.39 80.09 -11.30
C PRO I 129 -36.24 80.53 -9.84
N GLY I 130 -35.12 80.17 -9.23
CA GLY I 130 -34.88 80.52 -7.84
C GLY I 130 -35.14 81.96 -7.41
N ALA I 131 -35.45 82.84 -8.37
CA ALA I 131 -35.69 84.24 -8.06
C ALA I 131 -36.72 84.48 -6.98
N GLU I 132 -37.50 83.45 -6.66
CA GLU I 132 -38.53 83.56 -5.64
C GLU I 132 -38.00 83.55 -4.21
N MET I 133 -36.97 82.75 -3.97
CA MET I 133 -36.41 82.60 -2.64
C MET I 133 -36.20 83.87 -1.81
N PHE I 134 -35.48 84.86 -2.35
CA PHE I 134 -35.22 86.07 -1.58
C PHE I 134 -35.41 87.36 -2.36
N ILE I 135 -35.19 87.31 -3.67
CA ILE I 135 -35.31 88.52 -4.50
C ILE I 135 -36.73 89.01 -4.67
N GLN I 136 -37.61 88.15 -5.16
CA GLN I 136 -39.00 88.53 -5.37
C GLN I 136 -39.54 89.29 -4.16
N GLY I 137 -39.11 88.90 -2.96
CA GLY I 137 -39.58 89.54 -1.74
C GLY I 137 -38.88 90.83 -1.32
N ALA I 138 -38.20 91.48 -2.26
CA ALA I 138 -37.51 92.72 -1.94
C ALA I 138 -37.49 93.67 -3.12
N ALA I 139 -37.94 93.19 -4.29
CA ALA I 139 -37.97 94.02 -5.49
C ALA I 139 -38.71 95.30 -5.17
N ASP I 140 -39.71 95.19 -4.30
CA ASP I 140 -40.50 96.33 -3.89
C ASP I 140 -39.73 97.22 -2.92
N GLU I 141 -39.11 96.59 -1.93
CA GLU I 141 -38.35 97.27 -0.91
C GLU I 141 -37.08 97.93 -1.48
N ILE I 142 -36.66 97.46 -2.66
CA ILE I 142 -35.45 97.97 -3.31
C ILE I 142 -35.76 99.04 -4.34
N ALA I 143 -36.88 98.90 -5.04
CA ALA I 143 -37.29 99.89 -6.04
C ALA I 143 -37.47 101.22 -5.31
N ARG I 144 -37.94 101.14 -4.08
CA ARG I 144 -38.15 102.32 -3.26
C ARG I 144 -36.78 102.88 -2.93
N MET I 145 -35.88 102.00 -2.51
CA MET I 145 -34.51 102.40 -2.18
C MET I 145 -33.92 103.14 -3.37
N GLY I 146 -34.27 102.67 -4.57
CA GLY I 146 -33.78 103.31 -5.77
C GLY I 146 -34.19 104.76 -5.84
N VAL I 147 -35.48 105.00 -5.62
CA VAL I 147 -36.02 106.36 -5.66
C VAL I 147 -35.35 107.25 -4.62
N ASP I 148 -35.32 106.79 -3.38
CA ASP I 148 -34.70 107.57 -2.31
C ASP I 148 -33.22 107.88 -2.50
N LEU I 149 -32.56 107.19 -3.42
CA LEU I 149 -31.14 107.43 -3.66
C LEU I 149 -30.93 108.36 -4.82
N GLY I 150 -31.91 108.40 -5.72
CA GLY I 150 -31.80 109.27 -6.88
C GLY I 150 -31.70 108.44 -8.14
N VAL I 151 -31.70 107.13 -7.98
CA VAL I 151 -31.61 106.23 -9.13
C VAL I 151 -32.61 106.65 -10.16
N LYS I 152 -32.16 106.78 -11.40
CA LYS I 152 -33.05 107.20 -12.47
C LYS I 152 -33.28 106.14 -13.54
N ASN I 153 -32.52 105.05 -13.50
CA ASN I 153 -32.65 103.95 -14.47
C ASN I 153 -32.87 102.62 -13.76
N TYR I 154 -33.94 101.91 -14.12
CA TYR I 154 -34.23 100.65 -13.47
C TYR I 154 -34.35 99.50 -14.44
N VAL I 155 -34.04 98.30 -13.94
CA VAL I 155 -34.13 97.07 -14.71
C VAL I 155 -35.06 96.12 -13.96
N GLY I 156 -35.99 95.51 -14.70
CA GLY I 156 -36.92 94.57 -14.09
C GLY I 156 -37.30 93.55 -15.11
N PRO I 157 -38.11 92.54 -14.77
CA PRO I 157 -38.49 91.54 -15.77
C PRO I 157 -39.80 91.95 -16.42
N SER I 158 -39.84 91.96 -17.76
CA SER I 158 -41.07 92.34 -18.47
C SER I 158 -42.07 91.20 -18.33
N THR I 159 -41.54 90.07 -17.87
CA THR I 159 -42.29 88.84 -17.65
C THR I 159 -43.66 89.04 -16.98
N ARG I 160 -43.80 90.13 -16.23
CA ARG I 160 -45.04 90.38 -15.51
C ARG I 160 -45.72 91.74 -15.77
N PRO I 161 -46.56 91.82 -16.81
CA PRO I 161 -47.30 93.03 -17.21
C PRO I 161 -47.96 93.82 -16.07
N GLU I 162 -48.87 93.17 -15.34
CA GLU I 162 -49.58 93.82 -14.24
C GLU I 162 -48.65 94.15 -13.09
N ARG I 163 -47.39 93.73 -13.23
CA ARG I 163 -46.36 93.98 -12.23
C ARG I 163 -45.50 95.15 -12.66
N LEU I 164 -45.16 95.18 -13.96
CA LEU I 164 -44.35 96.26 -14.49
C LEU I 164 -45.09 97.55 -14.19
N SER I 165 -46.40 97.42 -14.05
CA SER I 165 -47.26 98.56 -13.74
C SER I 165 -46.93 99.07 -12.35
N ARG I 166 -46.92 98.15 -11.38
CA ARG I 166 -46.64 98.52 -9.99
C ARG I 166 -45.20 99.02 -9.83
N LEU I 167 -44.29 98.51 -10.66
CA LEU I 167 -42.90 98.95 -10.58
C LEU I 167 -42.86 100.41 -11.03
N ARG I 168 -43.37 100.67 -12.24
CA ARG I 168 -43.42 102.02 -12.78
C ARG I 168 -44.05 102.93 -11.75
N GLU I 169 -45.12 102.44 -11.14
CA GLU I 169 -45.85 103.16 -10.11
C GLU I 169 -44.87 103.68 -9.05
N ILE I 170 -44.00 102.80 -8.58
CA ILE I 170 -43.01 103.15 -7.56
C ILE I 170 -41.92 104.10 -8.01
N ILE I 171 -41.34 103.83 -9.17
CA ILE I 171 -40.24 104.66 -9.66
C ILE I 171 -40.69 106.01 -10.22
N GLY I 172 -41.94 106.09 -10.64
CA GLY I 172 -42.45 107.33 -11.20
C GLY I 172 -42.30 107.32 -12.70
N GLN I 173 -42.78 108.37 -13.36
CA GLN I 173 -42.70 108.49 -14.81
C GLN I 173 -41.40 109.21 -15.18
N ASP I 174 -40.69 109.66 -14.15
CA ASP I 174 -39.42 110.37 -14.30
C ASP I 174 -38.22 109.43 -14.14
N SER I 175 -38.49 108.13 -14.32
CA SER I 175 -37.46 107.10 -14.21
C SER I 175 -37.43 106.29 -15.48
N PHE I 176 -36.23 105.94 -15.94
CA PHE I 176 -36.09 105.13 -17.13
C PHE I 176 -36.22 103.68 -16.65
N LEU I 177 -37.04 102.89 -17.34
CA LEU I 177 -37.27 101.49 -16.99
C LEU I 177 -37.13 100.60 -18.22
N ILE I 178 -36.46 99.46 -18.05
CA ILE I 178 -36.29 98.50 -19.15
C ILE I 178 -36.53 97.10 -18.64
N SER I 179 -37.02 96.23 -19.53
CA SER I 179 -37.29 94.85 -19.17
C SER I 179 -37.38 93.97 -20.42
N PRO I 180 -37.02 92.68 -20.28
CA PRO I 180 -37.02 91.67 -21.35
C PRO I 180 -38.40 91.15 -21.73
N GLY I 181 -38.77 91.33 -23.00
CA GLY I 181 -40.05 90.87 -23.48
C GLY I 181 -40.07 89.39 -23.88
N VAL I 182 -39.11 88.99 -24.70
CA VAL I 182 -39.03 87.60 -25.16
C VAL I 182 -37.56 87.14 -25.25
N GLY I 183 -37.36 85.86 -25.48
CA GLY I 183 -36.01 85.30 -25.58
C GLY I 183 -35.84 84.19 -24.57
N ALA I 184 -36.76 84.17 -23.60
CA ALA I 184 -36.81 83.18 -22.53
C ALA I 184 -37.68 83.81 -21.43
N GLN I 185 -38.24 84.97 -21.76
CA GLN I 185 -39.09 85.73 -20.84
C GLN I 185 -40.51 85.84 -21.42
N GLY I 186 -41.40 86.54 -20.71
CA GLY I 186 -42.77 86.68 -21.17
C GLY I 186 -43.20 88.09 -21.57
N GLY I 187 -44.39 88.19 -22.14
CA GLY I 187 -44.89 89.48 -22.57
C GLY I 187 -44.35 89.80 -23.95
N ASP I 188 -45.15 90.51 -24.76
CA ASP I 188 -44.71 90.87 -26.11
C ASP I 188 -44.45 92.37 -26.18
N PRO I 189 -43.82 92.83 -27.27
CA PRO I 189 -43.53 94.26 -27.41
C PRO I 189 -44.82 95.08 -27.42
N GLY I 190 -45.84 94.54 -28.09
CA GLY I 190 -47.12 95.23 -28.19
C GLY I 190 -47.86 95.29 -26.86
N GLU I 191 -47.13 95.34 -25.75
CA GLU I 191 -47.75 95.39 -24.44
C GLU I 191 -46.76 95.90 -23.39
N THR I 192 -45.66 95.20 -23.24
CA THR I 192 -44.64 95.57 -22.26
C THR I 192 -44.30 97.07 -22.29
N LEU I 193 -44.23 97.64 -23.48
CA LEU I 193 -43.90 99.05 -23.64
C LEU I 193 -44.94 100.04 -23.09
N ARG I 194 -45.83 99.57 -22.22
CA ARG I 194 -46.84 100.44 -21.64
C ARG I 194 -46.34 101.07 -20.34
N PHE I 195 -45.37 100.41 -19.71
CA PHE I 195 -44.81 100.90 -18.46
C PHE I 195 -43.29 100.98 -18.51
N ALA I 196 -42.68 100.19 -19.39
CA ALA I 196 -41.24 100.19 -19.54
C ALA I 196 -40.93 101.06 -20.75
N ASP I 197 -39.74 101.66 -20.75
CA ASP I 197 -39.32 102.55 -21.83
C ASP I 197 -38.69 101.83 -23.02
N ALA I 198 -38.27 100.59 -22.82
CA ALA I 198 -37.64 99.81 -23.89
C ALA I 198 -37.60 98.36 -23.47
N ILE I 199 -37.68 97.47 -24.46
CA ILE I 199 -37.65 96.03 -24.19
C ILE I 199 -36.29 95.44 -24.51
N ILE I 200 -35.87 94.45 -23.72
CA ILE I 200 -34.60 93.78 -23.92
C ILE I 200 -34.84 92.43 -24.60
N VAL I 201 -34.55 92.36 -25.89
CA VAL I 201 -34.71 91.10 -26.59
C VAL I 201 -33.34 90.47 -26.69
N GLY I 202 -33.31 89.14 -26.69
CA GLY I 202 -32.05 88.43 -26.80
C GLY I 202 -32.10 87.37 -27.89
N ARG I 203 -32.33 86.14 -27.48
CA ARG I 203 -32.38 84.97 -28.37
C ARG I 203 -33.10 85.21 -29.69
N SER I 204 -34.28 85.83 -29.63
CA SER I 204 -35.06 86.10 -30.83
C SER I 204 -34.26 86.79 -31.94
N ILE I 205 -33.31 87.65 -31.56
CA ILE I 205 -32.52 88.37 -32.56
C ILE I 205 -31.20 87.69 -32.90
N TYR I 206 -30.39 87.34 -31.90
CA TYR I 206 -29.12 86.70 -32.19
C TYR I 206 -29.23 85.23 -32.58
N LEU I 207 -30.31 84.57 -32.16
CA LEU I 207 -30.53 83.17 -32.51
C LEU I 207 -31.57 83.03 -33.62
N ALA I 208 -31.54 83.97 -34.56
CA ALA I 208 -32.44 83.99 -35.70
C ALA I 208 -31.56 83.88 -36.94
N ASP I 209 -31.96 83.08 -37.93
CA ASP I 209 -31.16 82.91 -39.15
C ASP I 209 -31.02 84.20 -39.94
N ASN I 210 -31.94 85.14 -39.73
CA ASN I 210 -31.91 86.42 -40.42
C ASN I 210 -32.17 87.51 -39.37
N PRO I 211 -31.18 87.74 -38.48
CA PRO I 211 -31.21 88.72 -37.40
C PRO I 211 -31.85 90.06 -37.76
N ALA I 212 -31.39 90.66 -38.85
CA ALA I 212 -31.92 91.95 -39.31
C ALA I 212 -33.44 91.91 -39.41
N ALA I 213 -33.96 90.80 -39.95
CA ALA I 213 -35.39 90.64 -40.11
C ALA I 213 -36.06 90.52 -38.75
N ALA I 214 -35.39 89.82 -37.85
CA ALA I 214 -35.90 89.60 -36.49
C ALA I 214 -36.30 90.90 -35.79
N ALA I 215 -35.35 91.82 -35.67
CA ALA I 215 -35.60 93.10 -35.02
C ALA I 215 -36.57 93.91 -35.85
N ALA I 216 -36.51 93.72 -37.16
CA ALA I 216 -37.39 94.40 -38.09
C ALA I 216 -38.82 94.05 -37.73
N GLY I 217 -39.08 92.76 -37.55
CA GLY I 217 -40.41 92.32 -37.19
C GLY I 217 -40.85 92.85 -35.83
N ILE I 218 -39.97 92.74 -34.85
CA ILE I 218 -40.27 93.20 -33.51
C ILE I 218 -40.63 94.69 -33.53
N ILE I 219 -39.75 95.50 -34.10
CA ILE I 219 -39.98 96.94 -34.18
C ILE I 219 -41.09 97.24 -35.18
N GLU I 220 -41.46 96.24 -35.98
CA GLU I 220 -42.53 96.37 -36.96
C GLU I 220 -43.82 96.00 -36.25
N SER I 221 -43.67 95.18 -35.20
CA SER I 221 -44.82 94.74 -34.41
C SER I 221 -45.26 95.93 -33.56
N ILE I 222 -44.30 96.79 -33.21
CA ILE I 222 -44.59 97.97 -32.40
C ILE I 222 -44.94 99.11 -33.37
N LYS I 223 -45.29 98.70 -34.59
CA LYS I 223 -45.67 99.65 -35.65
C LYS I 223 -47.04 100.22 -35.29
N ASP I 224 -48.01 99.32 -35.13
CA ASP I 224 -49.36 99.71 -34.78
C ASP I 224 -49.39 100.36 -33.40
N LEU I 225 -48.22 100.40 -32.76
CA LEU I 225 -48.08 100.99 -31.42
C LEU I 225 -47.08 102.16 -31.43
N VAL J 8 -10.43 69.59 3.41
CA VAL J 8 -10.39 71.06 3.19
C VAL J 8 -9.06 71.50 2.59
N MET J 9 -9.00 72.73 2.11
CA MET J 9 -7.77 73.26 1.53
C MET J 9 -6.94 73.94 2.62
N ASP J 10 -5.66 73.62 2.66
CA ASP J 10 -4.75 74.14 3.66
C ASP J 10 -4.19 75.49 3.28
N VAL J 11 -4.52 76.51 4.07
CA VAL J 11 -4.05 77.87 3.83
C VAL J 11 -2.87 78.17 4.75
N MET J 12 -1.86 78.87 4.24
CA MET J 12 -0.68 79.20 5.03
C MET J 12 -0.94 80.32 6.05
N ASN J 13 -0.67 80.02 7.33
CA ASN J 13 -0.89 80.97 8.43
C ASN J 13 -2.31 81.52 8.47
N ARG J 14 -3.28 80.69 8.10
CA ARG J 14 -4.71 81.02 8.09
C ARG J 14 -5.03 82.44 7.64
N LEU J 15 -4.21 82.97 6.73
CA LEU J 15 -4.39 84.33 6.22
C LEU J 15 -4.42 84.34 4.69
N ILE J 16 -5.43 85.01 4.12
CA ILE J 16 -5.56 85.10 2.68
C ILE J 16 -5.49 86.56 2.26
N LEU J 17 -4.63 86.86 1.29
CA LEU J 17 -4.48 88.21 0.81
C LEU J 17 -5.62 88.58 -0.13
N ALA J 18 -6.14 89.80 -0.01
CA ALA J 18 -7.20 90.26 -0.90
C ALA J 18 -6.57 91.30 -1.80
N MET J 19 -5.91 90.84 -2.85
CA MET J 19 -5.23 91.70 -3.80
C MET J 19 -6.19 92.53 -4.66
N ASP J 20 -6.63 93.65 -4.11
CA ASP J 20 -7.56 94.50 -4.81
C ASP J 20 -6.96 95.69 -5.52
N LEU J 21 -5.63 95.68 -5.70
CA LEU J 21 -4.97 96.76 -6.41
C LEU J 21 -5.37 96.63 -7.89
N MET J 22 -5.20 97.68 -8.68
CA MET J 22 -5.64 97.62 -10.08
C MET J 22 -4.64 97.71 -11.23
N ASN J 23 -3.39 97.32 -11.00
CA ASN J 23 -2.42 97.32 -12.07
C ASN J 23 -1.39 96.25 -11.77
N ARG J 24 -1.10 95.44 -12.78
CA ARG J 24 -0.16 94.33 -12.65
C ARG J 24 1.04 94.56 -11.72
N ASP J 25 1.88 95.53 -12.07
CA ASP J 25 3.09 95.80 -11.30
C ASP J 25 2.89 96.10 -9.82
N ASP J 26 1.98 97.01 -9.50
CA ASP J 26 1.74 97.32 -8.10
C ASP J 26 1.29 96.05 -7.39
N ALA J 27 0.42 95.30 -8.05
CA ALA J 27 -0.14 94.07 -7.52
C ALA J 27 0.89 92.95 -7.42
N LEU J 28 1.55 92.67 -8.54
CA LEU J 28 2.56 91.63 -8.57
C LEU J 28 3.64 91.92 -7.54
N ARG J 29 3.97 93.19 -7.40
CA ARG J 29 5.00 93.61 -6.46
C ARG J 29 4.58 93.27 -5.03
N VAL J 30 3.49 93.88 -4.57
CA VAL J 30 2.98 93.67 -3.22
C VAL J 30 2.79 92.19 -2.91
N THR J 31 2.11 91.48 -3.79
CA THR J 31 1.88 90.05 -3.58
C THR J 31 3.21 89.33 -3.42
N GLY J 32 4.22 89.76 -4.18
CA GLY J 32 5.54 89.13 -4.09
C GLY J 32 6.26 89.41 -2.79
N GLU J 33 6.07 90.62 -2.27
CA GLU J 33 6.71 91.03 -1.03
C GLU J 33 6.25 90.23 0.19
N VAL J 34 4.98 89.82 0.19
CA VAL J 34 4.42 89.09 1.32
C VAL J 34 4.26 87.59 1.11
N ARG J 35 4.66 87.10 -0.06
CA ARG J 35 4.54 85.69 -0.40
C ARG J 35 4.97 84.66 0.66
N GLU J 36 6.12 84.86 1.29
CA GLU J 36 6.61 83.92 2.29
C GLU J 36 5.63 83.71 3.43
N TYR J 37 4.70 84.66 3.59
CA TYR J 37 3.72 84.58 4.65
C TYR J 37 2.47 83.82 4.21
N ILE J 38 1.80 84.31 3.18
CA ILE J 38 0.59 83.67 2.66
C ILE J 38 0.82 82.86 1.39
N ASP J 39 -0.06 81.90 1.15
CA ASP J 39 0.04 81.09 -0.06
C ASP J 39 -1.34 80.98 -0.72
N THR J 40 -2.24 81.87 -0.34
CA THR J 40 -3.59 81.88 -0.90
C THR J 40 -3.97 83.33 -1.18
N VAL J 41 -4.25 83.62 -2.44
CA VAL J 41 -4.62 84.96 -2.79
C VAL J 41 -6.02 85.00 -3.37
N LYS J 42 -6.79 85.99 -2.91
CA LYS J 42 -8.14 86.20 -3.40
C LYS J 42 -7.95 87.29 -4.46
N ILE J 43 -8.56 87.10 -5.62
CA ILE J 43 -8.47 88.06 -6.72
C ILE J 43 -9.87 88.39 -7.17
N GLY J 44 -10.14 89.68 -7.36
CA GLY J 44 -11.48 90.07 -7.77
C GLY J 44 -11.53 90.81 -9.08
N TYR J 45 -12.69 91.39 -9.36
CA TYR J 45 -12.90 92.12 -10.58
C TYR J 45 -12.10 93.40 -10.73
N PRO J 46 -11.86 94.12 -9.63
CA PRO J 46 -11.10 95.35 -9.79
C PRO J 46 -9.83 95.08 -10.61
N LEU J 47 -9.13 94.01 -10.27
CA LEU J 47 -7.89 93.65 -10.97
C LEU J 47 -8.10 92.89 -12.26
N VAL J 48 -8.94 91.87 -12.22
CA VAL J 48 -9.18 91.09 -13.42
C VAL J 48 -9.82 91.89 -14.53
N LEU J 49 -10.75 92.76 -14.19
CA LEU J 49 -11.36 93.55 -15.21
C LEU J 49 -10.37 94.53 -15.89
N SER J 50 -9.48 95.14 -15.11
CA SER J 50 -8.56 96.10 -15.71
C SER J 50 -7.22 95.52 -16.17
N GLU J 51 -7.02 94.22 -16.00
CA GLU J 51 -5.78 93.61 -16.44
C GLU J 51 -5.99 92.31 -17.17
N GLY J 52 -7.23 91.82 -17.15
CA GLY J 52 -7.55 90.59 -17.84
C GLY J 52 -7.43 89.31 -17.01
N MET J 53 -8.24 88.32 -17.37
CA MET J 53 -8.26 87.05 -16.67
C MET J 53 -6.90 86.34 -16.67
N ASP J 54 -6.02 86.72 -17.60
CA ASP J 54 -4.71 86.09 -17.67
C ASP J 54 -3.81 86.50 -16.50
N ILE J 55 -4.31 87.43 -15.68
CA ILE J 55 -3.55 87.86 -14.53
C ILE J 55 -3.50 86.67 -13.59
N ILE J 56 -4.54 85.86 -13.64
CA ILE J 56 -4.62 84.67 -12.80
C ILE J 56 -3.43 83.71 -12.99
N ALA J 57 -3.15 83.32 -14.23
CA ALA J 57 -2.04 82.39 -14.46
C ALA J 57 -0.67 82.97 -14.07
N GLU J 58 -0.53 84.27 -14.25
CA GLU J 58 0.70 84.98 -13.93
C GLU J 58 0.99 85.03 -12.42
N PHE J 59 -0.06 85.01 -11.61
CA PHE J 59 0.09 85.01 -10.16
C PHE J 59 0.53 83.60 -9.76
N ARG J 60 -0.04 82.61 -10.44
CA ARG J 60 0.26 81.21 -10.18
C ARG J 60 1.69 80.91 -10.60
N LYS J 61 2.03 81.29 -11.83
CA LYS J 61 3.37 81.07 -12.35
C LYS J 61 4.37 81.80 -11.47
N ARG J 62 4.27 83.12 -11.44
CA ARG J 62 5.18 83.95 -10.66
C ARG J 62 5.19 83.76 -9.14
N PHE J 63 4.22 83.06 -8.57
CA PHE J 63 4.19 82.89 -7.12
C PHE J 63 3.87 81.48 -6.63
N GLY J 64 3.13 80.72 -7.45
CA GLY J 64 2.74 79.38 -7.08
C GLY J 64 1.76 79.39 -5.91
N CYS J 65 0.70 80.17 -6.03
CA CYS J 65 -0.29 80.26 -4.97
C CYS J 65 -1.67 79.81 -5.41
N ARG J 66 -2.50 79.53 -4.41
CA ARG J 66 -3.88 79.13 -4.64
C ARG J 66 -4.64 80.42 -4.91
N ILE J 67 -5.57 80.36 -5.86
CA ILE J 67 -6.32 81.56 -6.20
C ILE J 67 -7.83 81.40 -6.02
N ILE J 68 -8.43 82.36 -5.31
CA ILE J 68 -9.87 82.36 -5.10
C ILE J 68 -10.39 83.57 -5.86
N ALA J 69 -11.23 83.34 -6.86
CA ALA J 69 -11.81 84.42 -7.66
C ALA J 69 -13.02 84.97 -6.94
N ASP J 70 -12.89 86.15 -6.37
CA ASP J 70 -14.00 86.76 -5.65
C ASP J 70 -14.88 87.50 -6.63
N PHE J 71 -15.66 86.76 -7.41
CA PHE J 71 -16.52 87.37 -8.41
C PHE J 71 -17.98 87.54 -7.98
N LYS J 72 -18.33 87.03 -6.82
CA LYS J 72 -19.70 87.14 -6.33
C LYS J 72 -20.75 86.87 -7.38
N VAL J 73 -20.60 85.76 -8.10
CA VAL J 73 -21.53 85.42 -9.14
C VAL J 73 -22.96 85.59 -8.63
N ALA J 74 -23.76 86.38 -9.34
CA ALA J 74 -25.12 86.66 -8.92
C ALA J 74 -26.05 86.84 -10.11
N ASP J 75 -26.00 85.91 -11.05
CA ASP J 75 -26.84 86.00 -12.24
C ASP J 75 -27.74 84.78 -12.32
N ILE J 76 -28.40 84.60 -13.46
CA ILE J 76 -29.28 83.45 -13.64
C ILE J 76 -28.41 82.23 -13.85
N PRO J 77 -28.97 81.03 -13.69
CA PRO J 77 -28.20 79.79 -13.88
C PRO J 77 -27.36 79.71 -15.15
N GLU J 78 -27.99 79.95 -16.30
CA GLU J 78 -27.28 79.89 -17.58
C GLU J 78 -26.01 80.73 -17.59
N THR J 79 -26.12 81.99 -17.17
CA THR J 79 -24.99 82.90 -17.17
C THR J 79 -23.97 82.55 -16.12
N ASN J 80 -24.42 82.13 -14.94
CA ASN J 80 -23.51 81.74 -13.86
C ASN J 80 -22.57 80.62 -14.31
N GLU J 81 -23.09 79.66 -15.08
CA GLU J 81 -22.27 78.54 -15.55
C GLU J 81 -21.09 79.04 -16.35
N LYS J 82 -21.37 79.99 -17.23
CA LYS J 82 -20.35 80.55 -18.10
C LYS J 82 -19.28 81.30 -17.30
N ILE J 83 -19.70 82.13 -16.36
CA ILE J 83 -18.74 82.87 -15.56
C ILE J 83 -17.83 81.84 -14.91
N CYS J 84 -18.43 80.86 -14.26
CA CYS J 84 -17.66 79.82 -13.59
C CYS J 84 -16.73 79.04 -14.51
N ARG J 85 -17.25 78.54 -15.63
CA ARG J 85 -16.40 77.82 -16.57
C ARG J 85 -15.19 78.64 -17.00
N ALA J 86 -15.41 79.94 -17.25
CA ALA J 86 -14.36 80.82 -17.67
C ALA J 86 -13.31 81.03 -16.59
N THR J 87 -13.79 81.27 -15.39
CA THR J 87 -12.92 81.50 -14.27
C THR J 87 -12.05 80.29 -13.98
N PHE J 88 -12.65 79.11 -13.98
CA PHE J 88 -11.87 77.93 -13.73
C PHE J 88 -10.91 77.71 -14.87
N LYS J 89 -11.44 77.71 -16.09
CA LYS J 89 -10.58 77.54 -17.23
C LYS J 89 -9.33 78.42 -17.07
N ALA J 90 -9.50 79.62 -16.53
CA ALA J 90 -8.38 80.55 -16.38
C ALA J 90 -7.43 80.27 -15.22
N GLY J 91 -7.64 79.16 -14.52
CA GLY J 91 -6.77 78.81 -13.41
C GLY J 91 -7.17 79.09 -11.97
N ALA J 92 -8.39 79.54 -11.72
CA ALA J 92 -8.79 79.79 -10.35
C ALA J 92 -9.17 78.48 -9.64
N ASP J 93 -8.65 78.29 -8.44
CA ASP J 93 -8.94 77.09 -7.67
C ASP J 93 -10.39 77.12 -7.18
N ALA J 94 -10.87 78.29 -6.79
CA ALA J 94 -12.22 78.44 -6.26
C ALA J 94 -12.88 79.74 -6.68
N ILE J 95 -14.22 79.77 -6.63
CA ILE J 95 -14.96 80.97 -6.98
C ILE J 95 -16.07 81.28 -5.95
N ILE J 96 -16.15 82.54 -5.54
CA ILE J 96 -17.14 82.99 -4.58
C ILE J 96 -18.46 83.34 -5.27
N VAL J 97 -19.55 82.83 -4.72
CA VAL J 97 -20.88 83.01 -5.31
C VAL J 97 -21.92 83.57 -4.32
N HIS J 98 -22.80 84.45 -4.81
CA HIS J 98 -23.86 85.00 -3.98
C HIS J 98 -24.99 84.00 -3.89
N GLY J 99 -25.57 83.86 -2.71
CA GLY J 99 -26.67 82.93 -2.54
C GLY J 99 -28.00 83.62 -2.69
N PHE J 100 -28.01 84.92 -2.46
CA PHE J 100 -29.23 85.72 -2.53
C PHE J 100 -30.06 85.45 -3.80
N PRO J 101 -29.39 85.20 -4.95
CA PRO J 101 -30.14 84.93 -6.19
C PRO J 101 -30.84 83.56 -6.22
N GLY J 102 -30.63 82.75 -5.19
CA GLY J 102 -31.30 81.46 -5.14
C GLY J 102 -30.56 80.16 -5.45
N ALA J 103 -31.13 79.08 -4.94
CA ALA J 103 -30.58 77.73 -5.09
C ALA J 103 -30.21 77.29 -6.52
N ASP J 104 -31.09 77.58 -7.48
CA ASP J 104 -30.87 77.22 -8.87
C ASP J 104 -29.62 77.86 -9.44
N SER J 105 -29.41 79.13 -9.08
CA SER J 105 -28.24 79.86 -9.56
C SER J 105 -26.99 79.31 -8.90
N VAL J 106 -27.12 78.93 -7.63
CA VAL J 106 -26.00 78.39 -6.87
C VAL J 106 -25.63 77.00 -7.39
N ARG J 107 -26.65 76.24 -7.73
CA ARG J 107 -26.47 74.88 -8.23
C ARG J 107 -25.74 74.88 -9.56
N ALA J 108 -26.03 75.87 -10.39
CA ALA J 108 -25.38 75.96 -11.70
C ALA J 108 -23.88 76.12 -11.52
N CYS J 109 -23.49 76.80 -10.42
CA CYS J 109 -22.10 77.02 -10.11
C CYS J 109 -21.40 75.74 -9.64
N LEU J 110 -22.16 74.86 -9.00
CA LEU J 110 -21.61 73.60 -8.49
C LEU J 110 -21.39 72.59 -9.62
N ASN J 111 -22.31 72.56 -10.57
CA ASN J 111 -22.15 71.65 -11.68
C ASN J 111 -20.81 71.93 -12.35
N VAL J 112 -20.55 73.21 -12.59
CA VAL J 112 -19.31 73.62 -13.22
C VAL J 112 -18.11 73.27 -12.37
N ALA J 113 -18.19 73.53 -11.07
CA ALA J 113 -17.08 73.23 -10.17
C ALA J 113 -16.78 71.72 -10.15
N GLU J 114 -17.83 70.92 -10.23
CA GLU J 114 -17.71 69.47 -10.22
C GLU J 114 -17.20 68.98 -11.58
N GLU J 115 -17.63 69.67 -12.64
CA GLU J 115 -17.23 69.36 -14.00
C GLU J 115 -15.74 69.66 -14.22
N MET J 116 -15.16 70.48 -13.36
CA MET J 116 -13.76 70.83 -13.55
C MET J 116 -12.91 70.52 -12.35
N GLY J 117 -13.52 69.91 -11.34
CA GLY J 117 -12.78 69.55 -10.16
C GLY J 117 -12.27 70.77 -9.42
N ARG J 118 -13.13 71.76 -9.28
CA ARG J 118 -12.75 72.97 -8.57
C ARG J 118 -13.73 73.30 -7.46
N GLU J 119 -13.54 74.42 -6.78
CA GLU J 119 -14.37 74.75 -5.64
C GLU J 119 -15.27 75.95 -5.74
N VAL J 120 -16.33 75.92 -4.92
CA VAL J 120 -17.31 76.99 -4.84
C VAL J 120 -17.45 77.44 -3.38
N PHE J 121 -17.37 78.74 -3.14
CA PHE J 121 -17.57 79.30 -1.80
C PHE J 121 -18.86 80.10 -1.83
N LEU J 122 -19.75 79.84 -0.89
CA LEU J 122 -21.01 80.55 -0.83
C LEU J 122 -20.94 81.69 0.19
N LEU J 123 -21.29 82.89 -0.25
CA LEU J 123 -21.28 84.03 0.64
C LEU J 123 -22.67 84.11 1.24
N THR J 124 -22.77 84.07 2.56
CA THR J 124 -24.07 84.12 3.20
C THR J 124 -24.41 85.49 3.75
N GLU J 125 -23.38 86.27 4.07
CA GLU J 125 -23.59 87.61 4.59
C GLU J 125 -22.38 88.51 4.35
N MET J 126 -22.65 89.78 4.02
CA MET J 126 -21.56 90.71 3.76
C MET J 126 -21.17 91.58 4.95
N SER J 127 -19.95 92.08 4.92
CA SER J 127 -19.40 92.87 6.00
C SER J 127 -19.74 94.35 6.03
N HIS J 128 -20.24 94.90 4.93
CA HIS J 128 -20.58 96.32 4.86
C HIS J 128 -21.91 96.67 5.54
N PRO J 129 -22.20 97.97 5.73
CA PRO J 129 -23.45 98.35 6.38
C PRO J 129 -24.67 97.88 5.59
N GLY J 130 -24.68 98.14 4.29
CA GLY J 130 -25.81 97.73 3.48
C GLY J 130 -26.29 96.33 3.76
N ALA J 131 -25.35 95.47 4.16
CA ALA J 131 -25.64 94.07 4.45
C ALA J 131 -26.90 93.85 5.29
N GLU J 132 -27.20 94.81 6.16
CA GLU J 132 -28.36 94.73 7.03
C GLU J 132 -29.71 94.80 6.32
N MET J 133 -29.87 95.76 5.42
CA MET J 133 -31.13 95.93 4.72
C MET J 133 -31.80 94.64 4.29
N PHE J 134 -31.16 93.89 3.39
CA PHE J 134 -31.78 92.66 2.91
C PHE J 134 -30.96 91.40 3.17
N ILE J 135 -29.64 91.50 3.04
CA ILE J 135 -28.77 90.36 3.23
C ILE J 135 -28.79 89.80 4.65
N GLN J 136 -28.87 90.69 5.63
CA GLN J 136 -28.88 90.28 7.02
C GLN J 136 -29.90 89.18 7.30
N GLY J 137 -31.15 89.42 6.91
CA GLY J 137 -32.20 88.44 7.16
C GLY J 137 -32.20 87.17 6.33
N ALA J 138 -31.42 87.14 5.27
CA ALA J 138 -31.39 85.95 4.43
C ALA J 138 -30.22 85.02 4.72
N ALA J 139 -29.22 85.52 5.46
CA ALA J 139 -28.04 84.73 5.77
C ALA J 139 -28.35 83.28 6.16
N ASP J 140 -28.88 83.08 7.37
CA ASP J 140 -29.18 81.74 7.84
C ASP J 140 -29.96 80.90 6.85
N GLU J 141 -30.98 81.48 6.23
CA GLU J 141 -31.76 80.73 5.25
C GLU J 141 -30.85 80.37 4.06
N ILE J 142 -29.89 81.24 3.78
CA ILE J 142 -28.95 81.01 2.69
C ILE J 142 -27.95 79.94 3.12
N ALA J 143 -27.50 80.00 4.37
CA ALA J 143 -26.57 78.98 4.86
C ALA J 143 -27.30 77.66 4.84
N ARG J 144 -28.55 77.68 5.30
CA ARG J 144 -29.36 76.46 5.30
C ARG J 144 -29.47 75.93 3.88
N MET J 145 -29.56 76.84 2.91
CA MET J 145 -29.67 76.47 1.50
C MET J 145 -28.35 75.89 1.02
N GLY J 146 -27.26 76.42 1.56
CA GLY J 146 -25.95 75.92 1.17
C GLY J 146 -25.80 74.49 1.66
N VAL J 147 -25.85 74.33 2.98
CA VAL J 147 -25.74 73.02 3.61
C VAL J 147 -26.66 72.09 2.83
N ASP J 148 -27.84 72.63 2.52
CA ASP J 148 -28.86 71.91 1.79
C ASP J 148 -28.44 71.54 0.38
N LEU J 149 -27.53 72.30 -0.21
CA LEU J 149 -27.12 71.99 -1.58
C LEU J 149 -25.83 71.20 -1.71
N GLY J 150 -25.16 70.96 -0.59
CA GLY J 150 -23.93 70.20 -0.64
C GLY J 150 -22.69 71.07 -0.59
N VAL J 151 -22.90 72.38 -0.39
CA VAL J 151 -21.79 73.32 -0.33
C VAL J 151 -20.92 73.04 0.90
N LYS J 152 -19.62 73.02 0.71
CA LYS J 152 -18.69 72.76 1.81
C LYS J 152 -17.80 73.96 2.13
N ASN J 153 -17.89 74.97 1.29
CA ASN J 153 -17.06 76.15 1.45
C ASN J 153 -17.95 77.37 1.60
N TYR J 154 -17.64 78.22 2.60
CA TYR J 154 -18.44 79.42 2.89
C TYR J 154 -17.62 80.66 3.18
N VAL J 155 -18.30 81.80 3.12
CA VAL J 155 -17.68 83.09 3.41
C VAL J 155 -18.56 83.90 4.38
N GLY J 156 -17.99 84.27 5.53
CA GLY J 156 -18.75 85.02 6.52
C GLY J 156 -18.10 86.30 6.99
N PRO J 157 -18.90 87.32 7.34
CA PRO J 157 -18.44 88.62 7.81
C PRO J 157 -17.74 88.62 9.17
N SER J 158 -16.48 89.07 9.17
CA SER J 158 -15.67 89.15 10.38
C SER J 158 -16.18 90.30 11.24
N THR J 159 -16.80 91.26 10.58
CA THR J 159 -17.33 92.46 11.24
C THR J 159 -18.55 92.19 12.13
N ARG J 160 -18.93 90.93 12.30
CA ARG J 160 -20.06 90.54 13.14
C ARG J 160 -19.88 89.12 13.68
N PRO J 161 -19.05 88.96 14.74
CA PRO J 161 -18.72 87.69 15.40
C PRO J 161 -19.91 86.90 15.93
N GLU J 162 -20.90 87.60 16.47
CA GLU J 162 -22.09 86.92 17.01
C GLU J 162 -22.69 86.07 15.90
N ARG J 163 -22.51 86.56 14.68
CA ARG J 163 -23.02 85.90 13.48
C ARG J 163 -22.15 84.69 13.12
N LEU J 164 -20.84 84.90 13.09
CA LEU J 164 -19.89 83.84 12.76
C LEU J 164 -20.13 82.63 13.65
N SER J 165 -20.76 82.87 14.79
CA SER J 165 -21.08 81.80 15.74
C SER J 165 -22.18 80.89 15.18
N ARG J 166 -23.31 81.50 14.81
CA ARG J 166 -24.46 80.77 14.28
C ARG J 166 -24.24 80.22 12.89
N LEU J 167 -23.40 80.89 12.10
CA LEU J 167 -23.12 80.42 10.75
C LEU J 167 -22.30 79.14 10.87
N ARG J 168 -21.22 79.22 11.64
CA ARG J 168 -20.35 78.07 11.87
C ARG J 168 -21.19 76.92 12.43
N GLU J 169 -22.28 77.27 13.10
CA GLU J 169 -23.17 76.29 13.69
C GLU J 169 -24.10 75.63 12.66
N ILE J 170 -24.51 76.38 11.64
CA ILE J 170 -25.40 75.84 10.62
C ILE J 170 -24.62 74.97 9.64
N ILE J 171 -23.41 75.41 9.31
CA ILE J 171 -22.59 74.68 8.35
C ILE J 171 -21.80 73.57 9.02
N GLY J 172 -21.68 73.67 10.35
CA GLY J 172 -20.96 72.64 11.09
C GLY J 172 -19.47 72.87 11.24
N GLN J 173 -18.74 71.80 11.53
CA GLN J 173 -17.29 71.85 11.71
C GLN J 173 -16.55 71.23 10.54
N ASP J 174 -17.28 70.40 9.80
CA ASP J 174 -16.77 69.70 8.65
C ASP J 174 -16.59 70.59 7.41
N SER J 175 -17.34 71.68 7.34
CA SER J 175 -17.25 72.60 6.21
C SER J 175 -16.20 73.69 6.40
N PHE J 176 -15.77 74.28 5.29
CA PHE J 176 -14.73 75.32 5.29
C PHE J 176 -15.31 76.74 5.45
N LEU J 177 -14.54 77.62 6.09
CA LEU J 177 -15.03 78.97 6.32
C LEU J 177 -13.93 80.04 6.35
N ILE J 178 -14.19 81.16 5.67
CA ILE J 178 -13.26 82.28 5.62
C ILE J 178 -13.98 83.60 5.85
N SER J 179 -13.32 84.52 6.57
CA SER J 179 -13.92 85.81 6.91
C SER J 179 -13.11 87.03 6.52
N PRO J 180 -13.72 87.94 5.75
CA PRO J 180 -13.10 89.17 5.28
C PRO J 180 -13.53 90.35 6.16
N GLY J 181 -12.86 91.49 5.99
CA GLY J 181 -13.24 92.65 6.76
C GLY J 181 -12.38 92.98 7.96
N VAL J 182 -11.27 92.24 8.12
CA VAL J 182 -10.37 92.49 9.23
C VAL J 182 -9.36 93.54 8.79
N GLY J 183 -9.14 94.53 9.63
CA GLY J 183 -8.19 95.58 9.31
C GLY J 183 -8.80 96.94 9.05
N ALA J 184 -9.07 97.25 7.79
CA ALA J 184 -9.65 98.55 7.42
C ALA J 184 -11.17 98.52 7.29
N GLN J 185 -11.84 97.67 8.07
CA GLN J 185 -13.30 97.58 8.04
C GLN J 185 -13.90 97.34 9.42
N GLY J 186 -13.09 96.79 10.32
CA GLY J 186 -13.57 96.54 11.67
C GLY J 186 -13.25 95.16 12.20
N GLY J 187 -13.30 94.17 11.33
CA GLY J 187 -13.02 92.80 11.74
C GLY J 187 -11.83 92.63 12.67
N ASP J 188 -11.88 91.59 13.49
CA ASP J 188 -10.81 91.31 14.44
C ASP J 188 -10.23 89.92 14.18
N PRO J 189 -8.90 89.83 13.91
CA PRO J 189 -8.24 88.55 13.65
C PRO J 189 -8.56 87.45 14.66
N GLY J 190 -8.03 87.59 15.87
CA GLY J 190 -8.24 86.59 16.92
C GLY J 190 -9.62 86.00 17.08
N GLU J 191 -10.58 86.82 17.48
CA GLU J 191 -11.95 86.37 17.69
C GLU J 191 -12.56 85.71 16.46
N THR J 192 -12.44 86.37 15.32
CA THR J 192 -12.97 85.83 14.07
C THR J 192 -12.41 84.43 13.83
N LEU J 193 -11.12 84.27 14.07
CA LEU J 193 -10.43 82.98 13.89
C LEU J 193 -11.01 81.89 14.78
N ARG J 194 -11.81 82.29 15.75
CA ARG J 194 -12.43 81.35 16.67
C ARG J 194 -13.36 80.42 15.88
N PHE J 195 -14.10 81.02 14.96
CA PHE J 195 -15.05 80.27 14.13
C PHE J 195 -14.54 80.03 12.71
N ALA J 196 -13.73 80.95 12.20
CA ALA J 196 -13.22 80.83 10.82
C ALA J 196 -11.84 80.18 10.66
N ASP J 197 -11.72 79.40 9.58
CA ASP J 197 -10.49 78.71 9.24
C ASP J 197 -9.37 79.66 8.85
N ALA J 198 -9.74 80.79 8.23
CA ALA J 198 -8.78 81.78 7.81
C ALA J 198 -9.48 83.10 7.55
N ILE J 199 -8.74 84.21 7.67
CA ILE J 199 -9.33 85.52 7.44
C ILE J 199 -8.79 86.15 6.17
N ILE J 200 -9.54 87.10 5.64
CA ILE J 200 -9.13 87.80 4.43
C ILE J 200 -8.78 89.26 4.74
N VAL J 201 -7.51 89.61 4.54
CA VAL J 201 -7.00 90.95 4.78
C VAL J 201 -6.50 91.59 3.48
N GLY J 202 -7.18 92.64 3.05
CA GLY J 202 -6.79 93.33 1.83
C GLY J 202 -5.97 94.59 2.03
N ARG J 203 -6.63 95.75 1.91
CA ARG J 203 -5.98 97.06 2.05
C ARG J 203 -4.98 97.12 3.20
N SER J 204 -5.44 96.72 4.38
CA SER J 204 -4.61 96.73 5.58
C SER J 204 -3.19 96.25 5.29
N ILE J 205 -3.05 95.33 4.35
CA ILE J 205 -1.73 94.80 4.02
C ILE J 205 -1.11 95.39 2.75
N TYR J 206 -1.90 95.55 1.69
CA TYR J 206 -1.32 96.10 0.48
C TYR J 206 -1.24 97.62 0.44
N LEU J 207 -2.15 98.30 1.14
CA LEU J 207 -2.16 99.76 1.18
C LEU J 207 -1.08 100.26 2.15
N ALA J 208 -0.70 99.42 3.10
CA ALA J 208 0.32 99.76 4.08
C ALA J 208 1.63 100.23 3.43
N ASP J 209 2.48 100.88 4.21
CA ASP J 209 3.76 101.37 3.71
C ASP J 209 4.65 100.21 3.28
N ASN J 210 5.05 99.39 4.24
CA ASN J 210 5.85 98.22 3.93
C ASN J 210 4.91 97.03 4.06
N PRO J 211 4.17 96.70 2.99
CA PRO J 211 3.23 95.59 3.00
C PRO J 211 3.83 94.31 3.58
N ALA J 212 5.02 93.96 3.12
CA ALA J 212 5.69 92.76 3.59
C ALA J 212 5.69 92.69 5.12
N ALA J 213 5.70 93.86 5.76
CA ALA J 213 5.70 93.92 7.21
C ALA J 213 4.35 93.48 7.79
N ALA J 214 3.31 94.26 7.48
CA ALA J 214 1.96 93.97 7.96
C ALA J 214 1.57 92.51 7.76
N ALA J 215 1.93 91.96 6.62
CA ALA J 215 1.63 90.56 6.30
C ALA J 215 2.26 89.60 7.30
N ALA J 216 2.95 90.17 8.28
CA ALA J 216 3.60 89.39 9.32
C ALA J 216 3.16 89.88 10.69
N GLY J 217 2.91 91.19 10.78
CA GLY J 217 2.46 91.76 12.03
C GLY J 217 1.15 91.13 12.43
N ILE J 218 0.29 90.90 11.44
CA ILE J 218 -1.00 90.27 11.68
C ILE J 218 -0.77 88.84 12.13
N ILE J 219 0.21 88.16 11.52
CA ILE J 219 0.50 86.79 11.89
C ILE J 219 0.82 86.71 13.37
N GLU J 220 1.24 87.84 13.93
CA GLU J 220 1.56 87.92 15.34
C GLU J 220 0.27 87.89 16.15
N SER J 221 -0.68 88.76 15.80
CA SER J 221 -1.96 88.81 16.50
C SER J 221 -2.79 87.59 16.07
N ILE J 222 -2.10 86.47 15.93
CA ILE J 222 -2.68 85.19 15.54
C ILE J 222 -1.71 84.09 15.98
N LYS J 223 -0.47 84.49 16.26
CA LYS J 223 0.57 83.55 16.67
C LYS J 223 0.06 82.36 17.50
N ASP J 224 -0.53 82.64 18.65
CA ASP J 224 -1.05 81.58 19.51
C ASP J 224 -2.36 81.03 18.94
N LEU J 225 -2.44 80.98 17.61
CA LEU J 225 -3.62 80.48 16.91
C LEU J 225 -3.22 79.82 15.60
N ASP K 10 -7.05 -111.47 14.89
CA ASP K 10 -8.38 -111.26 15.55
C ASP K 10 -8.58 -109.85 16.07
N VAL K 11 -9.54 -109.15 15.48
CA VAL K 11 -9.88 -107.79 15.86
C VAL K 11 -11.13 -107.79 16.74
N MET K 12 -10.97 -107.53 18.03
CA MET K 12 -12.11 -107.48 18.95
C MET K 12 -13.22 -106.61 18.35
N ASN K 13 -14.36 -107.23 18.07
CA ASN K 13 -15.52 -106.55 17.47
C ASN K 13 -15.32 -106.11 16.01
N ARG K 14 -14.30 -106.62 15.35
CA ARG K 14 -14.00 -106.27 13.96
C ARG K 14 -13.80 -104.76 13.79
N LEU K 15 -13.45 -104.06 14.86
CA LEU K 15 -13.25 -102.62 14.80
C LEU K 15 -11.81 -102.19 15.06
N ILE K 16 -11.35 -101.24 14.25
CA ILE K 16 -9.99 -100.70 14.38
C ILE K 16 -10.00 -99.17 14.55
N LEU K 17 -9.46 -98.73 15.69
CA LEU K 17 -9.39 -97.32 16.00
C LEU K 17 -8.24 -96.64 15.29
N ALA K 18 -8.58 -95.67 14.45
CA ALA K 18 -7.56 -94.90 13.75
C ALA K 18 -7.34 -93.71 14.65
N MET K 19 -6.37 -93.81 15.55
CA MET K 19 -6.09 -92.73 16.48
C MET K 19 -5.25 -91.64 15.85
N ASP K 20 -5.89 -90.56 15.39
CA ASP K 20 -5.16 -89.49 14.74
C ASP K 20 -5.07 -88.15 15.48
N LEU K 21 -5.45 -88.12 16.75
CA LEU K 21 -5.33 -86.90 17.53
C LEU K 21 -3.84 -86.60 17.52
N MET K 22 -3.43 -85.35 17.64
CA MET K 22 -2.01 -85.06 17.57
C MET K 22 -1.31 -84.63 18.86
N ASN K 23 -1.77 -85.17 19.99
CA ASN K 23 -1.13 -84.88 21.27
C ASN K 23 -1.45 -86.05 22.19
N ARG K 24 -0.43 -86.50 22.92
CA ARG K 24 -0.57 -87.61 23.83
C ARG K 24 -1.85 -87.63 24.66
N ASP K 25 -1.98 -86.66 25.57
CA ASP K 25 -3.15 -86.58 26.44
C ASP K 25 -4.51 -86.80 25.76
N ASP K 26 -4.70 -86.21 24.58
CA ASP K 26 -5.97 -86.38 23.86
C ASP K 26 -6.12 -87.82 23.35
N ALA K 27 -5.08 -88.31 22.67
CA ALA K 27 -5.06 -89.66 22.13
C ALA K 27 -5.20 -90.70 23.23
N LEU K 28 -4.34 -90.58 24.24
CA LEU K 28 -4.37 -91.51 25.35
C LEU K 28 -5.75 -91.53 25.99
N ARG K 29 -6.31 -90.35 26.22
CA ARG K 29 -7.62 -90.25 26.85
C ARG K 29 -8.71 -90.92 26.02
N VAL K 30 -8.84 -90.53 24.76
CA VAL K 30 -9.88 -91.11 23.92
C VAL K 30 -9.76 -92.64 23.79
N THR K 31 -8.54 -93.11 23.64
CA THR K 31 -8.30 -94.55 23.50
C THR K 31 -8.76 -95.30 24.74
N GLY K 32 -8.40 -94.78 25.90
CA GLY K 32 -8.76 -95.40 27.16
C GLY K 32 -10.25 -95.60 27.36
N GLU K 33 -11.06 -94.71 26.81
CA GLU K 33 -12.52 -94.83 26.96
C GLU K 33 -13.18 -95.66 25.89
N VAL K 34 -12.42 -96.06 24.87
CA VAL K 34 -12.97 -96.90 23.79
C VAL K 34 -12.33 -98.27 23.90
N ARG K 35 -11.32 -98.38 24.76
CA ARG K 35 -10.59 -99.63 24.93
C ARG K 35 -11.45 -100.87 25.27
N GLU K 36 -12.56 -100.66 25.94
CA GLU K 36 -13.41 -101.80 26.30
C GLU K 36 -14.17 -102.32 25.09
N TYR K 37 -14.13 -101.59 23.97
CA TYR K 37 -14.85 -102.01 22.78
C TYR K 37 -13.90 -102.52 21.71
N ILE K 38 -12.78 -101.82 21.52
CA ILE K 38 -11.81 -102.19 20.51
C ILE K 38 -10.52 -102.66 21.18
N ASP K 39 -9.72 -103.44 20.47
CA ASP K 39 -8.46 -103.93 21.02
C ASP K 39 -7.31 -103.76 20.04
N THR K 40 -7.61 -103.17 18.88
CA THR K 40 -6.62 -102.92 17.83
C THR K 40 -6.68 -101.45 17.43
N VAL K 41 -5.51 -100.81 17.39
CA VAL K 41 -5.43 -99.39 17.03
C VAL K 41 -4.44 -99.12 15.93
N LYS K 42 -4.80 -98.22 15.03
CA LYS K 42 -3.93 -97.86 13.93
C LYS K 42 -3.29 -96.52 14.26
N ILE K 43 -1.97 -96.45 14.10
CA ILE K 43 -1.23 -95.24 14.38
C ILE K 43 -0.59 -94.72 13.11
N GLY K 44 -0.81 -93.44 12.82
CA GLY K 44 -0.24 -92.83 11.64
C GLY K 44 0.76 -91.73 11.99
N TYR K 45 1.41 -91.18 10.96
CA TYR K 45 2.41 -90.12 11.14
C TYR K 45 1.93 -88.89 11.89
N PRO K 46 0.66 -88.50 11.70
CA PRO K 46 0.16 -87.33 12.40
C PRO K 46 0.60 -87.38 13.86
N LEU K 47 0.24 -88.48 14.54
CA LEU K 47 0.58 -88.66 15.94
C LEU K 47 2.08 -88.94 16.16
N VAL K 48 2.61 -89.89 15.39
CA VAL K 48 4.01 -90.24 15.51
C VAL K 48 4.92 -89.02 15.32
N LEU K 49 4.75 -88.32 14.20
CA LEU K 49 5.56 -87.14 13.91
C LEU K 49 5.41 -86.04 14.96
N SER K 50 4.34 -86.10 15.75
CA SER K 50 4.07 -85.08 16.76
C SER K 50 4.43 -85.50 18.17
N GLU K 51 4.36 -86.80 18.44
CA GLU K 51 4.65 -87.28 19.78
C GLU K 51 5.85 -88.22 19.87
N GLY K 52 6.39 -88.64 18.73
CA GLY K 52 7.55 -89.53 18.76
C GLY K 52 7.18 -91.00 18.66
N MET K 53 8.04 -91.80 18.05
CA MET K 53 7.79 -93.23 17.88
C MET K 53 7.53 -93.97 19.19
N ASP K 54 8.09 -93.46 20.27
CA ASP K 54 7.91 -94.09 21.56
C ASP K 54 6.44 -94.14 21.95
N ILE K 55 5.60 -93.43 21.19
CA ILE K 55 4.17 -93.42 21.44
C ILE K 55 3.61 -94.83 21.18
N ILE K 56 4.21 -95.51 20.20
CA ILE K 56 3.80 -96.86 19.84
C ILE K 56 3.92 -97.79 21.04
N ALA K 57 5.14 -98.02 21.50
CA ALA K 57 5.35 -98.90 22.64
C ALA K 57 4.61 -98.34 23.86
N GLU K 58 4.32 -97.06 23.82
CA GLU K 58 3.61 -96.41 24.92
C GLU K 58 2.19 -96.93 25.00
N PHE K 59 1.57 -97.12 23.84
CA PHE K 59 0.20 -97.62 23.75
C PHE K 59 0.06 -99.07 24.19
N ARG K 60 1.05 -99.89 23.88
CA ARG K 60 1.02 -101.29 24.25
C ARG K 60 1.13 -101.46 25.76
N LYS K 61 1.84 -100.53 26.39
CA LYS K 61 2.02 -100.53 27.85
C LYS K 61 0.69 -100.13 28.54
N ARG K 62 0.22 -98.93 28.25
CA ARG K 62 -1.03 -98.44 28.84
C ARG K 62 -2.28 -99.22 28.42
N PHE K 63 -2.28 -99.80 27.21
CA PHE K 63 -3.46 -100.52 26.72
C PHE K 63 -3.31 -102.00 26.35
N GLY K 64 -2.09 -102.47 26.15
CA GLY K 64 -1.92 -103.86 25.77
C GLY K 64 -2.71 -104.22 24.52
N CYS K 65 -2.78 -103.27 23.58
CA CYS K 65 -3.50 -103.48 22.32
C CYS K 65 -2.51 -103.72 21.17
N ARG K 66 -3.01 -104.15 20.02
CA ARG K 66 -2.16 -104.39 18.86
C ARG K 66 -2.01 -103.11 18.05
N ILE K 67 -0.83 -102.90 17.48
CA ILE K 67 -0.57 -101.68 16.72
C ILE K 67 -0.24 -101.83 15.25
N ILE K 68 -1.01 -101.13 14.40
CA ILE K 68 -0.75 -101.14 12.97
C ILE K 68 -0.25 -99.75 12.62
N ALA K 69 1.01 -99.65 12.19
CA ALA K 69 1.60 -98.38 11.82
C ALA K 69 1.20 -98.03 10.39
N ASP K 70 0.30 -97.07 10.24
CA ASP K 70 -0.14 -96.67 8.91
C ASP K 70 0.84 -95.66 8.33
N PHE K 71 2.01 -96.13 7.93
CA PHE K 71 3.03 -95.24 7.38
C PHE K 71 3.09 -95.19 5.86
N LYS K 72 2.28 -96.01 5.19
CA LYS K 72 2.25 -96.01 3.73
C LYS K 72 3.64 -95.93 3.12
N VAL K 73 4.53 -96.79 3.56
CA VAL K 73 5.90 -96.80 3.04
C VAL K 73 5.84 -96.78 1.51
N ALA K 74 6.51 -95.80 0.93
CA ALA K 74 6.52 -95.64 -0.51
C ALA K 74 7.86 -95.08 -1.00
N ASP K 75 8.95 -95.72 -0.60
CA ASP K 75 10.27 -95.26 -1.02
C ASP K 75 10.99 -96.38 -1.77
N ILE K 76 12.29 -96.21 -2.00
CA ILE K 76 13.06 -97.24 -2.68
C ILE K 76 13.30 -98.36 -1.69
N PRO K 77 13.67 -99.55 -2.17
CA PRO K 77 13.92 -100.69 -1.29
C PRO K 77 14.81 -100.42 -0.08
N GLU K 78 15.99 -99.84 -0.33
CA GLU K 78 16.93 -99.54 0.75
C GLU K 78 16.29 -98.76 1.89
N THR K 79 15.61 -97.68 1.55
CA THR K 79 14.97 -96.83 2.55
C THR K 79 13.76 -97.51 3.21
N ASN K 80 12.98 -98.24 2.42
CA ASN K 80 11.80 -98.94 2.96
C ASN K 80 12.23 -99.89 4.07
N GLU K 81 13.37 -100.55 3.88
CA GLU K 81 13.86 -101.50 4.88
C GLU K 81 14.17 -100.78 6.19
N LYS K 82 14.91 -99.68 6.08
CA LYS K 82 15.29 -98.88 7.25
C LYS K 82 14.03 -98.40 7.94
N ILE K 83 13.05 -97.98 7.14
CA ILE K 83 11.81 -97.50 7.71
C ILE K 83 11.05 -98.62 8.45
N CYS K 84 11.04 -99.82 7.86
CA CYS K 84 10.35 -100.97 8.45
C CYS K 84 11.08 -101.47 9.71
N ARG K 85 12.39 -101.51 9.65
CA ARG K 85 13.19 -101.96 10.79
C ARG K 85 12.78 -101.09 12.00
N ALA K 86 13.00 -99.79 11.86
CA ALA K 86 12.69 -98.80 12.89
C ALA K 86 11.29 -98.95 13.46
N THR K 87 10.32 -99.06 12.57
CA THR K 87 8.92 -99.23 12.94
C THR K 87 8.75 -100.49 13.79
N PHE K 88 9.07 -101.65 13.21
CA PHE K 88 8.94 -102.89 13.98
C PHE K 88 9.70 -102.70 15.27
N LYS K 89 10.90 -102.16 15.17
CA LYS K 89 11.72 -101.88 16.34
C LYS K 89 10.92 -101.10 17.37
N ALA K 90 10.12 -100.15 16.89
CA ALA K 90 9.30 -99.32 17.77
C ALA K 90 8.21 -100.09 18.50
N GLY K 91 8.19 -101.41 18.34
CA GLY K 91 7.19 -102.23 19.01
C GLY K 91 5.92 -102.43 18.21
N ALA K 92 5.87 -101.86 17.01
CA ALA K 92 4.70 -102.00 16.15
C ALA K 92 4.55 -103.45 15.70
N ASP K 93 3.31 -103.86 15.49
CA ASP K 93 3.02 -105.23 15.04
C ASP K 93 2.88 -105.26 13.53
N ALA K 94 2.15 -104.31 12.97
CA ALA K 94 1.94 -104.28 11.53
C ALA K 94 2.14 -102.91 10.91
N ILE K 95 2.71 -102.89 9.71
CA ILE K 95 2.94 -101.65 8.99
C ILE K 95 2.25 -101.72 7.64
N ILE K 96 1.61 -100.62 7.27
CA ILE K 96 0.91 -100.54 6.00
C ILE K 96 1.86 -100.01 4.93
N VAL K 97 1.92 -100.71 3.81
CA VAL K 97 2.80 -100.32 2.72
C VAL K 97 2.04 -99.96 1.44
N HIS K 98 2.65 -99.11 0.62
CA HIS K 98 2.05 -98.69 -0.65
C HIS K 98 2.44 -99.71 -1.72
N GLY K 99 1.64 -99.82 -2.78
CA GLY K 99 1.95 -100.76 -3.85
C GLY K 99 2.50 -100.06 -5.08
N PHE K 100 1.81 -99.02 -5.50
CA PHE K 100 2.16 -98.22 -6.67
C PHE K 100 3.67 -98.14 -6.99
N PRO K 101 4.49 -97.65 -6.04
CA PRO K 101 5.93 -97.53 -6.24
C PRO K 101 6.67 -98.77 -6.73
N GLY K 102 5.97 -99.90 -6.83
CA GLY K 102 6.63 -101.11 -7.29
C GLY K 102 6.63 -102.31 -6.36
N ALA K 103 7.13 -103.44 -6.86
CA ALA K 103 7.16 -104.68 -6.11
C ALA K 103 8.42 -104.94 -5.27
N ASP K 104 9.55 -104.37 -5.68
CA ASP K 104 10.79 -104.55 -4.95
C ASP K 104 10.70 -103.82 -3.62
N SER K 105 10.19 -102.59 -3.69
CA SER K 105 10.01 -101.78 -2.51
C SER K 105 9.01 -102.50 -1.59
N VAL K 106 8.09 -103.22 -2.20
CA VAL K 106 7.10 -103.97 -1.43
C VAL K 106 7.78 -105.17 -0.80
N ARG K 107 8.62 -105.85 -1.59
CA ARG K 107 9.33 -107.03 -1.10
C ARG K 107 10.30 -106.66 0.02
N ALA K 108 10.96 -105.52 -0.13
CA ALA K 108 11.91 -105.08 0.89
C ALA K 108 11.21 -105.01 2.24
N CYS K 109 9.93 -104.68 2.23
CA CYS K 109 9.17 -104.59 3.47
C CYS K 109 8.82 -105.96 4.03
N LEU K 110 8.59 -106.92 3.14
CA LEU K 110 8.26 -108.28 3.56
C LEU K 110 9.47 -108.95 4.24
N ASN K 111 10.65 -108.80 3.64
CA ASN K 111 11.86 -109.39 4.21
C ASN K 111 12.04 -108.98 5.66
N VAL K 112 11.86 -107.69 5.90
CA VAL K 112 12.01 -107.11 7.22
C VAL K 112 10.96 -107.68 8.17
N ALA K 113 9.73 -107.79 7.67
CA ALA K 113 8.64 -108.34 8.47
C ALA K 113 8.94 -109.78 8.87
N GLU K 114 9.70 -110.48 8.03
CA GLU K 114 10.06 -111.86 8.31
C GLU K 114 11.20 -111.89 9.34
N GLU K 115 12.26 -111.15 9.06
CA GLU K 115 13.41 -111.09 9.94
C GLU K 115 13.02 -110.83 11.39
N MET K 116 11.80 -110.35 11.61
CA MET K 116 11.35 -110.04 12.96
C MET K 116 9.97 -110.61 13.28
N GLY K 117 9.31 -111.16 12.28
CA GLY K 117 7.99 -111.72 12.50
C GLY K 117 6.98 -110.65 12.81
N ARG K 118 6.58 -109.91 11.78
CA ARG K 118 5.61 -108.82 11.87
C ARG K 118 4.86 -108.76 10.53
N GLU K 119 3.62 -108.29 10.57
CA GLU K 119 2.81 -108.22 9.35
C GLU K 119 3.16 -107.06 8.43
N VAL K 120 2.52 -107.03 7.25
CA VAL K 120 2.76 -106.00 6.26
C VAL K 120 1.54 -105.78 5.36
N PHE K 121 0.55 -105.04 5.84
CA PHE K 121 -0.65 -104.77 5.04
C PHE K 121 -0.31 -103.97 3.78
N LEU K 122 -0.98 -104.29 2.68
CA LEU K 122 -0.76 -103.58 1.43
C LEU K 122 -1.99 -102.73 1.05
N LEU K 123 -1.72 -101.48 0.68
CA LEU K 123 -2.76 -100.54 0.28
C LEU K 123 -2.88 -100.54 -1.24
N THR K 124 -3.92 -101.19 -1.74
CA THR K 124 -4.13 -101.29 -3.18
C THR K 124 -5.00 -100.16 -3.71
N GLU K 125 -5.92 -99.66 -2.88
CA GLU K 125 -6.79 -98.58 -3.32
C GLU K 125 -7.12 -97.65 -2.16
N MET K 126 -7.04 -96.34 -2.42
CA MET K 126 -7.33 -95.35 -1.40
C MET K 126 -8.80 -94.91 -1.44
N SER K 127 -9.36 -94.69 -0.24
CA SER K 127 -10.75 -94.31 -0.08
C SER K 127 -11.18 -92.94 -0.59
N HIS K 128 -10.31 -91.94 -0.45
CA HIS K 128 -10.62 -90.59 -0.88
C HIS K 128 -10.90 -90.50 -2.40
N PRO K 129 -11.37 -89.33 -2.87
CA PRO K 129 -11.66 -89.17 -4.30
C PRO K 129 -10.45 -89.33 -5.21
N GLY K 130 -9.46 -88.45 -5.06
CA GLY K 130 -8.26 -88.51 -5.88
C GLY K 130 -7.72 -89.91 -6.16
N ALA K 131 -8.15 -90.88 -5.37
CA ALA K 131 -7.72 -92.26 -5.55
C ALA K 131 -8.33 -92.85 -6.82
N GLU K 132 -8.90 -91.99 -7.66
CA GLU K 132 -9.53 -92.44 -8.90
C GLU K 132 -8.77 -91.95 -10.11
N MET K 133 -7.62 -91.31 -9.90
CA MET K 133 -6.82 -90.80 -11.00
C MET K 133 -5.68 -91.72 -11.39
N PHE K 134 -5.27 -92.59 -10.48
CA PHE K 134 -4.18 -93.52 -10.74
C PHE K 134 -4.31 -94.83 -9.98
N ILE K 135 -4.65 -94.72 -8.69
CA ILE K 135 -4.77 -95.87 -7.81
C ILE K 135 -5.83 -96.92 -8.22
N GLN K 136 -7.02 -96.46 -8.59
CA GLN K 136 -8.10 -97.38 -8.98
C GLN K 136 -7.91 -97.91 -10.41
N GLY K 137 -7.08 -97.24 -11.20
CA GLY K 137 -6.82 -97.68 -12.55
C GLY K 137 -5.51 -98.44 -12.58
N ALA K 138 -5.26 -99.17 -11.49
CA ALA K 138 -4.04 -99.96 -11.35
C ALA K 138 -4.17 -100.83 -10.10
N ALA K 139 -5.22 -100.57 -9.33
CA ALA K 139 -5.49 -101.31 -8.09
C ALA K 139 -5.42 -102.82 -8.29
N ASP K 140 -6.37 -103.37 -9.04
CA ASP K 140 -6.40 -104.81 -9.29
C ASP K 140 -5.02 -105.30 -9.73
N GLU K 141 -4.36 -104.53 -10.59
CA GLU K 141 -3.03 -104.89 -11.08
C GLU K 141 -2.07 -104.97 -9.88
N ILE K 142 -2.28 -104.07 -8.91
CA ILE K 142 -1.44 -104.03 -7.71
C ILE K 142 -1.82 -105.20 -6.79
N ALA K 143 -3.11 -105.41 -6.61
CA ALA K 143 -3.57 -106.50 -5.74
C ALA K 143 -2.94 -107.82 -6.21
N ARG K 144 -3.04 -108.11 -7.50
CA ARG K 144 -2.46 -109.32 -8.05
C ARG K 144 -0.98 -109.38 -7.70
N MET K 145 -0.35 -108.22 -7.67
CA MET K 145 1.06 -108.14 -7.31
C MET K 145 1.22 -108.56 -5.84
N GLY K 146 0.16 -108.34 -5.07
CA GLY K 146 0.18 -108.69 -3.66
C GLY K 146 0.38 -110.18 -3.45
N VAL K 147 -0.55 -110.96 -4.01
CA VAL K 147 -0.49 -112.41 -3.93
C VAL K 147 0.85 -112.89 -4.50
N ASP K 148 1.26 -112.27 -5.60
CA ASP K 148 2.52 -112.60 -6.25
C ASP K 148 3.63 -112.78 -5.22
N LEU K 149 3.79 -111.78 -4.36
CA LEU K 149 4.82 -111.80 -3.33
C LEU K 149 4.38 -112.57 -2.08
N GLY K 150 3.09 -112.88 -2.02
CA GLY K 150 2.58 -113.63 -0.88
C GLY K 150 2.03 -112.79 0.25
N VAL K 151 1.42 -111.67 -0.08
CA VAL K 151 0.84 -110.78 0.92
C VAL K 151 -0.49 -111.36 1.36
N LYS K 152 -0.68 -111.54 2.66
CA LYS K 152 -1.95 -112.07 3.15
C LYS K 152 -2.61 -111.09 4.10
N ASN K 153 -2.40 -109.80 3.82
CA ASN K 153 -2.96 -108.71 4.63
C ASN K 153 -3.14 -107.52 3.70
N TYR K 154 -4.37 -107.04 3.55
CA TYR K 154 -4.63 -105.91 2.66
C TYR K 154 -5.57 -104.83 3.18
N VAL K 155 -5.46 -103.64 2.60
CA VAL K 155 -6.29 -102.50 2.97
C VAL K 155 -7.15 -102.11 1.76
N GLY K 156 -8.47 -102.04 1.97
CA GLY K 156 -9.35 -101.70 0.88
C GLY K 156 -10.30 -100.57 1.18
N PRO K 157 -10.57 -99.68 0.21
CA PRO K 157 -11.45 -98.52 0.32
C PRO K 157 -12.92 -98.80 0.65
N SER K 158 -13.33 -98.41 1.86
CA SER K 158 -14.72 -98.59 2.32
C SER K 158 -15.70 -97.65 1.61
N THR K 159 -15.16 -96.68 0.89
CA THR K 159 -15.96 -95.71 0.17
C THR K 159 -16.60 -96.35 -1.05
N ARG K 160 -15.89 -97.31 -1.63
CA ARG K 160 -16.35 -98.03 -2.81
C ARG K 160 -16.46 -99.53 -2.50
N PRO K 161 -17.64 -100.00 -2.05
CA PRO K 161 -17.91 -101.40 -1.71
C PRO K 161 -17.76 -102.42 -2.86
N GLU K 162 -18.09 -102.00 -4.08
CA GLU K 162 -17.98 -102.88 -5.24
C GLU K 162 -16.53 -103.32 -5.42
N ARG K 163 -15.62 -102.34 -5.38
CA ARG K 163 -14.20 -102.61 -5.51
C ARG K 163 -13.75 -103.56 -4.40
N LEU K 164 -14.22 -103.30 -3.18
CA LEU K 164 -13.86 -104.13 -2.03
C LEU K 164 -14.27 -105.59 -2.26
N SER K 165 -15.28 -105.80 -3.09
CA SER K 165 -15.73 -107.16 -3.40
C SER K 165 -14.77 -107.74 -4.43
N ARG K 166 -14.41 -106.89 -5.40
CA ARG K 166 -13.49 -107.26 -6.46
C ARG K 166 -12.12 -107.55 -5.86
N LEU K 167 -11.77 -106.83 -4.80
CA LEU K 167 -10.48 -107.03 -4.14
C LEU K 167 -10.46 -108.30 -3.31
N ARG K 168 -11.58 -108.59 -2.66
CA ARG K 168 -11.70 -109.77 -1.82
C ARG K 168 -11.25 -111.04 -2.56
N GLU K 169 -11.88 -111.32 -3.69
CA GLU K 169 -11.51 -112.50 -4.46
C GLU K 169 -10.07 -112.44 -4.95
N ILE K 170 -9.71 -111.35 -5.63
CA ILE K 170 -8.36 -111.20 -6.15
C ILE K 170 -7.31 -111.63 -5.14
N ILE K 171 -7.64 -111.58 -3.85
CA ILE K 171 -6.69 -111.96 -2.81
C ILE K 171 -7.07 -113.22 -2.04
N GLY K 172 -8.23 -113.78 -2.35
CA GLY K 172 -8.67 -114.99 -1.67
C GLY K 172 -9.50 -114.68 -0.45
N GLN K 173 -9.86 -115.72 0.29
CA GLN K 173 -10.67 -115.56 1.50
C GLN K 173 -9.94 -116.11 2.70
N ASP K 174 -8.66 -116.37 2.52
CA ASP K 174 -7.82 -116.89 3.58
C ASP K 174 -6.89 -115.76 3.98
N SER K 175 -7.00 -114.64 3.27
CA SER K 175 -6.19 -113.45 3.52
C SER K 175 -7.01 -112.40 4.27
N PHE K 176 -6.33 -111.55 5.03
CA PHE K 176 -6.99 -110.52 5.81
C PHE K 176 -7.14 -109.20 5.07
N LEU K 177 -8.30 -108.58 5.23
CA LEU K 177 -8.58 -107.30 4.58
C LEU K 177 -9.21 -106.32 5.58
N ILE K 178 -8.68 -105.10 5.63
CA ILE K 178 -9.22 -104.07 6.51
C ILE K 178 -9.65 -102.91 5.62
N SER K 179 -10.60 -102.12 6.10
CA SER K 179 -11.09 -101.01 5.30
C SER K 179 -11.43 -99.73 6.03
N PRO K 180 -10.72 -98.64 5.70
CA PRO K 180 -10.92 -97.31 6.29
C PRO K 180 -11.97 -96.55 5.49
N GLY K 181 -12.23 -95.31 5.87
CA GLY K 181 -13.23 -94.52 5.16
C GLY K 181 -14.59 -94.75 5.77
N VAL K 182 -14.63 -95.59 6.80
CA VAL K 182 -15.85 -95.92 7.53
C VAL K 182 -16.19 -94.79 8.51
N GLY K 183 -17.19 -94.00 8.16
CA GLY K 183 -17.60 -92.91 9.02
C GLY K 183 -17.59 -91.55 8.32
N ALA K 184 -16.76 -90.63 8.80
CA ALA K 184 -16.65 -89.30 8.23
C ALA K 184 -16.57 -89.30 6.71
N GLN K 185 -15.99 -90.36 6.15
CA GLN K 185 -15.84 -90.47 4.70
C GLN K 185 -17.03 -91.08 3.98
N GLY K 186 -18.00 -91.62 4.73
CA GLY K 186 -19.16 -92.22 4.11
C GLY K 186 -18.95 -93.70 3.83
N GLY K 187 -18.79 -94.48 4.88
CA GLY K 187 -18.58 -95.90 4.71
C GLY K 187 -19.38 -96.71 5.72
N ASP K 188 -20.52 -97.23 5.29
CA ASP K 188 -21.36 -98.03 6.17
C ASP K 188 -20.59 -99.23 6.70
N PRO K 189 -20.61 -99.43 8.03
CA PRO K 189 -19.88 -100.56 8.61
C PRO K 189 -20.49 -101.88 8.14
N GLY K 190 -21.81 -101.90 8.02
CA GLY K 190 -22.51 -103.09 7.59
C GLY K 190 -22.14 -103.50 6.18
N GLU K 191 -22.38 -102.61 5.22
CA GLU K 191 -22.08 -102.91 3.82
C GLU K 191 -20.62 -103.29 3.60
N THR K 192 -19.72 -102.51 4.21
CA THR K 192 -18.29 -102.74 4.09
C THR K 192 -17.84 -104.07 4.70
N LEU K 193 -18.28 -104.34 5.93
CA LEU K 193 -17.90 -105.57 6.60
C LEU K 193 -18.33 -106.83 5.86
N ARG K 194 -19.12 -106.66 4.82
CA ARG K 194 -19.55 -107.80 4.03
C ARG K 194 -18.33 -108.41 3.36
N PHE K 195 -17.39 -107.56 2.98
CA PHE K 195 -16.18 -108.01 2.31
C PHE K 195 -14.90 -107.86 3.14
N ALA K 196 -14.90 -106.92 4.09
CA ALA K 196 -13.73 -106.70 4.95
C ALA K 196 -13.89 -107.45 6.27
N ASP K 197 -12.77 -107.85 6.86
CA ASP K 197 -12.76 -108.57 8.12
C ASP K 197 -12.85 -107.61 9.30
N ALA K 198 -12.33 -106.41 9.09
CA ALA K 198 -12.34 -105.38 10.11
C ALA K 198 -12.32 -104.01 9.46
N ILE K 199 -13.21 -103.13 9.91
CA ILE K 199 -13.26 -101.77 9.36
C ILE K 199 -12.38 -100.88 10.22
N ILE K 200 -12.06 -99.71 9.69
CA ILE K 200 -11.22 -98.74 10.38
C ILE K 200 -12.00 -97.44 10.56
N VAL K 201 -12.27 -97.10 11.82
CA VAL K 201 -13.01 -95.88 12.11
C VAL K 201 -12.16 -94.89 12.92
N GLY K 202 -12.04 -93.68 12.41
CA GLY K 202 -11.28 -92.66 13.10
C GLY K 202 -12.17 -91.57 13.64
N ARG K 203 -12.07 -90.37 13.05
CA ARG K 203 -12.85 -89.22 13.46
C ARG K 203 -14.26 -89.50 13.96
N SER K 204 -14.95 -90.41 13.28
CA SER K 204 -16.31 -90.77 13.66
C SER K 204 -16.35 -91.23 15.11
N ILE K 205 -15.18 -91.48 15.68
CA ILE K 205 -15.06 -91.91 17.07
C ILE K 205 -14.25 -90.97 17.95
N TYR K 206 -13.06 -90.60 17.51
CA TYR K 206 -12.20 -89.74 18.32
C TYR K 206 -12.60 -88.27 18.39
N LEU K 207 -13.61 -87.89 17.63
CA LEU K 207 -14.12 -86.52 17.63
C LEU K 207 -15.52 -86.53 18.23
N ALA K 208 -16.13 -87.70 18.28
CA ALA K 208 -17.48 -87.86 18.83
C ALA K 208 -17.67 -87.11 20.14
N ASP K 209 -18.92 -86.77 20.45
CA ASP K 209 -19.22 -86.07 21.69
C ASP K 209 -18.90 -87.02 22.83
N ASN K 210 -19.30 -88.27 22.66
CA ASN K 210 -19.07 -89.31 23.64
C ASN K 210 -18.44 -90.51 22.91
N PRO K 211 -17.11 -90.51 22.79
CA PRO K 211 -16.33 -91.56 22.12
C PRO K 211 -16.79 -92.98 22.44
N ALA K 212 -16.88 -93.29 23.73
CA ALA K 212 -17.31 -94.62 24.16
C ALA K 212 -18.74 -94.88 23.66
N ALA K 213 -19.45 -93.81 23.33
CA ALA K 213 -20.82 -93.92 22.83
C ALA K 213 -20.67 -94.21 21.35
N ALA K 214 -19.65 -93.58 20.76
CA ALA K 214 -19.35 -93.76 19.35
C ALA K 214 -18.99 -95.22 19.12
N ALA K 215 -17.91 -95.65 19.77
CA ALA K 215 -17.43 -97.04 19.66
C ALA K 215 -18.58 -98.00 19.86
N ALA K 216 -19.36 -97.78 20.92
CA ALA K 216 -20.50 -98.64 21.23
C ALA K 216 -21.49 -98.65 20.07
N GLY K 217 -21.97 -97.46 19.69
CA GLY K 217 -22.92 -97.34 18.61
C GLY K 217 -22.52 -98.15 17.39
N ILE K 218 -21.43 -97.75 16.74
CA ILE K 218 -20.92 -98.42 15.55
C ILE K 218 -21.07 -99.94 15.69
N ILE K 219 -20.56 -100.45 16.80
CA ILE K 219 -20.62 -101.88 17.07
C ILE K 219 -22.04 -102.42 17.06
N GLU K 220 -22.98 -101.61 17.54
CA GLU K 220 -24.40 -102.01 17.59
C GLU K 220 -25.04 -102.15 16.21
N SER K 221 -24.81 -101.17 15.34
CA SER K 221 -25.38 -101.20 14.00
C SER K 221 -24.85 -102.42 13.23
N ILE K 222 -23.66 -102.88 13.60
CA ILE K 222 -23.04 -104.02 12.95
C ILE K 222 -23.01 -105.20 13.92
N LYS K 223 -23.90 -105.17 14.89
CA LYS K 223 -24.00 -106.24 15.89
C LYS K 223 -24.52 -107.52 15.25
N ASP K 224 -25.43 -107.38 14.29
CA ASP K 224 -26.01 -108.53 13.60
C ASP K 224 -24.96 -109.49 13.05
N LEU K 225 -23.76 -108.95 12.81
CA LEU K 225 -22.65 -109.75 12.27
C LEU K 225 -21.72 -110.28 13.38
N ASP L 10 18.26 -72.03 -4.74
CA ASP L 10 19.72 -71.74 -4.81
C ASP L 10 20.53 -72.50 -3.76
N VAL L 11 21.03 -73.68 -4.15
CA VAL L 11 21.82 -74.52 -3.27
C VAL L 11 23.31 -74.35 -3.52
N MET L 12 24.05 -74.00 -2.47
CA MET L 12 25.49 -73.81 -2.59
C MET L 12 26.08 -75.02 -3.34
N ASN L 13 26.79 -74.74 -4.42
CA ASN L 13 27.41 -75.77 -5.25
C ASN L 13 26.38 -76.71 -5.87
N ARG L 14 25.12 -76.29 -5.87
CA ARG L 14 24.04 -77.09 -6.44
C ARG L 14 24.00 -78.51 -5.88
N LEU L 15 24.71 -78.76 -4.79
CA LEU L 15 24.77 -80.09 -4.19
C LEU L 15 24.02 -80.23 -2.86
N ILE L 16 22.98 -81.05 -2.88
CA ILE L 16 22.18 -81.32 -1.69
C ILE L 16 22.66 -82.61 -1.05
N LEU L 17 22.67 -82.66 0.28
CA LEU L 17 23.11 -83.85 1.00
C LEU L 17 21.92 -84.61 1.59
N ALA L 18 21.92 -85.92 1.38
CA ALA L 18 20.87 -86.78 1.92
C ALA L 18 21.47 -87.43 3.16
N MET L 19 21.10 -86.93 4.34
CA MET L 19 21.62 -87.47 5.59
C MET L 19 20.68 -88.56 6.08
N ASP L 20 20.88 -89.76 5.56
CA ASP L 20 20.04 -90.88 5.93
C ASP L 20 20.60 -91.72 7.06
N LEU L 21 21.79 -91.36 7.53
CA LEU L 21 22.40 -92.08 8.64
C LEU L 21 21.33 -92.03 9.73
N MET L 22 21.18 -93.12 10.48
CA MET L 22 20.16 -93.18 11.53
C MET L 22 20.64 -92.87 12.95
N ASN L 23 21.90 -92.45 13.07
CA ASN L 23 22.47 -92.07 14.37
C ASN L 23 22.51 -90.55 14.41
N ARG L 24 22.22 -89.96 15.57
CA ARG L 24 22.27 -88.52 15.69
C ARG L 24 23.74 -88.10 15.61
N ASP L 25 24.59 -88.81 16.36
CA ASP L 25 26.03 -88.55 16.40
C ASP L 25 26.72 -88.63 15.04
N ASP L 26 26.39 -89.65 14.25
CA ASP L 26 27.00 -89.77 12.94
C ASP L 26 26.37 -88.77 11.99
N ALA L 27 25.11 -88.46 12.23
CA ALA L 27 24.37 -87.51 11.40
C ALA L 27 25.01 -86.13 11.50
N LEU L 28 25.09 -85.64 12.73
CA LEU L 28 25.68 -84.32 12.99
C LEU L 28 27.18 -84.27 12.75
N ARG L 29 27.87 -85.38 12.99
CA ARG L 29 29.33 -85.41 12.80
C ARG L 29 29.69 -85.35 11.33
N VAL L 30 28.95 -86.07 10.49
CA VAL L 30 29.21 -86.07 9.05
C VAL L 30 28.70 -84.77 8.43
N THR L 31 27.57 -84.28 8.95
CA THR L 31 27.01 -83.03 8.43
C THR L 31 27.99 -81.90 8.65
N GLY L 32 28.54 -81.83 9.86
CA GLY L 32 29.50 -80.78 10.19
C GLY L 32 30.77 -80.87 9.37
N GLU L 33 31.17 -82.09 9.01
CA GLU L 33 32.37 -82.29 8.22
C GLU L 33 32.19 -81.77 6.81
N VAL L 34 30.94 -81.67 6.37
CA VAL L 34 30.64 -81.20 5.02
C VAL L 34 30.03 -79.81 4.95
N ARG L 35 29.58 -79.28 6.09
CA ARG L 35 28.97 -77.95 6.15
C ARG L 35 30.01 -76.88 5.83
N GLU L 36 30.35 -76.77 4.55
CA GLU L 36 31.32 -75.80 4.06
C GLU L 36 31.09 -75.83 2.57
N TYR L 37 30.87 -77.04 2.07
CA TYR L 37 30.66 -77.31 0.66
C TYR L 37 29.19 -77.32 0.28
N ILE L 38 28.32 -77.56 1.26
CA ILE L 38 26.87 -77.58 1.00
C ILE L 38 26.11 -76.70 1.99
N ASP L 39 24.82 -76.53 1.74
CA ASP L 39 23.98 -75.71 2.60
C ASP L 39 22.54 -76.25 2.71
N THR L 40 22.17 -77.20 1.83
CA THR L 40 20.84 -77.80 1.87
C THR L 40 20.98 -79.25 2.34
N VAL L 41 20.05 -79.70 3.19
CA VAL L 41 20.13 -81.06 3.69
C VAL L 41 18.79 -81.79 3.63
N LYS L 42 18.79 -82.91 2.90
CA LYS L 42 17.59 -83.73 2.73
C LYS L 42 17.46 -84.74 3.87
N ILE L 43 16.44 -84.53 4.71
CA ILE L 43 16.21 -85.42 5.84
C ILE L 43 14.99 -86.31 5.57
N GLY L 44 15.22 -87.62 5.60
CA GLY L 44 14.17 -88.61 5.38
C GLY L 44 13.72 -89.30 6.65
N TYR L 45 12.80 -90.26 6.52
CA TYR L 45 12.28 -90.97 7.68
C TYR L 45 13.27 -91.75 8.53
N PRO L 46 14.27 -92.38 7.91
CA PRO L 46 15.27 -93.15 8.67
C PRO L 46 15.78 -92.42 9.92
N LEU L 47 16.38 -91.26 9.71
CA LEU L 47 16.90 -90.46 10.81
C LEU L 47 15.80 -89.94 11.72
N VAL L 48 14.74 -89.41 11.12
CA VAL L 48 13.64 -88.86 11.91
C VAL L 48 12.86 -89.88 12.74
N LEU L 49 12.45 -90.97 12.11
CA LEU L 49 11.69 -91.98 12.83
C LEU L 49 12.44 -92.49 14.04
N SER L 50 13.77 -92.55 13.95
CA SER L 50 14.57 -93.03 15.07
C SER L 50 15.17 -91.94 15.96
N GLU L 51 15.12 -90.69 15.54
CA GLU L 51 15.68 -89.64 16.37
C GLU L 51 14.69 -88.55 16.79
N GLY L 52 13.48 -88.60 16.23
CA GLY L 52 12.48 -87.62 16.58
C GLY L 52 12.39 -86.48 15.59
N MET L 53 11.29 -85.76 15.61
CA MET L 53 11.13 -84.64 14.68
C MET L 53 12.05 -83.47 15.05
N ASP L 54 12.40 -83.37 16.33
CA ASP L 54 13.29 -82.32 16.81
C ASP L 54 14.65 -82.33 16.12
N ILE L 55 15.00 -83.41 15.42
CA ILE L 55 16.30 -83.44 14.74
C ILE L 55 16.36 -82.33 13.69
N ILE L 56 15.20 -81.86 13.26
CA ILE L 56 15.13 -80.79 12.27
C ILE L 56 15.69 -79.51 12.86
N ALA L 57 15.01 -79.00 13.89
CA ALA L 57 15.44 -77.78 14.57
C ALA L 57 16.92 -77.89 14.89
N GLU L 58 17.35 -79.08 15.33
CA GLU L 58 18.75 -79.30 15.67
C GLU L 58 19.64 -78.93 14.51
N PHE L 59 19.32 -79.45 13.32
CA PHE L 59 20.12 -79.15 12.14
C PHE L 59 20.11 -77.69 11.76
N ARG L 60 18.93 -77.07 11.73
CA ARG L 60 18.83 -75.66 11.39
C ARG L 60 19.66 -74.81 12.34
N LYS L 61 19.39 -74.92 13.64
CA LYS L 61 20.10 -74.14 14.64
C LYS L 61 21.61 -74.35 14.63
N ARG L 62 22.07 -75.51 14.20
CA ARG L 62 23.51 -75.78 14.18
C ARG L 62 24.22 -75.60 12.84
N PHE L 63 23.46 -75.48 11.75
CA PHE L 63 24.10 -75.33 10.44
C PHE L 63 23.44 -74.30 9.52
N GLY L 64 22.41 -73.62 10.01
CA GLY L 64 21.71 -72.62 9.20
C GLY L 64 21.46 -73.09 7.78
N CYS L 65 21.33 -74.40 7.62
CA CYS L 65 21.12 -75.02 6.34
C CYS L 65 19.64 -75.24 6.08
N ARG L 66 19.23 -75.20 4.81
CA ARG L 66 17.85 -75.43 4.46
C ARG L 66 17.53 -76.91 4.72
N ILE L 67 16.31 -77.20 5.14
CA ILE L 67 15.91 -78.57 5.44
C ILE L 67 14.73 -79.04 4.59
N ILE L 68 14.94 -80.08 3.77
CA ILE L 68 13.87 -80.64 2.95
C ILE L 68 13.45 -81.98 3.57
N ALA L 69 12.21 -82.06 4.04
CA ALA L 69 11.70 -83.30 4.63
C ALA L 69 11.23 -84.23 3.53
N ASP L 70 12.00 -85.28 3.26
CA ASP L 70 11.62 -86.22 2.22
C ASP L 70 10.65 -87.23 2.82
N PHE L 71 9.41 -86.82 3.03
CA PHE L 71 8.41 -87.70 3.61
C PHE L 71 7.47 -88.37 2.60
N LYS L 72 7.60 -88.01 1.33
CA LYS L 72 6.75 -88.57 0.30
C LYS L 72 5.30 -88.71 0.71
N VAL L 73 4.73 -87.64 1.23
CA VAL L 73 3.35 -87.68 1.67
C VAL L 73 2.49 -88.31 0.58
N ALA L 74 1.74 -89.35 0.96
CA ALA L 74 0.89 -90.07 0.02
C ALA L 74 -0.37 -90.59 0.70
N ASP L 75 -1.09 -89.71 1.38
CA ASP L 75 -2.30 -90.12 2.06
C ASP L 75 -3.47 -89.30 1.52
N ILE L 76 -4.62 -89.39 2.18
CA ILE L 76 -5.79 -88.62 1.76
C ILE L 76 -5.56 -87.16 2.16
N PRO L 77 -6.31 -86.22 1.56
CA PRO L 77 -6.16 -84.80 1.88
C PRO L 77 -6.11 -84.47 3.37
N GLU L 78 -7.11 -84.93 4.12
CA GLU L 78 -7.16 -84.65 5.55
C GLU L 78 -5.87 -84.99 6.28
N THR L 79 -5.37 -86.19 6.05
CA THR L 79 -4.14 -86.62 6.71
C THR L 79 -2.89 -85.93 6.18
N ASN L 80 -2.85 -85.69 4.87
CA ASN L 80 -1.70 -84.99 4.29
C ASN L 80 -1.53 -83.63 4.97
N GLU L 81 -2.66 -83.02 5.33
CA GLU L 81 -2.66 -81.72 6.00
C GLU L 81 -1.85 -81.79 7.28
N LYS L 82 -2.31 -82.63 8.20
CA LYS L 82 -1.64 -82.79 9.48
C LYS L 82 -0.16 -83.11 9.25
N ILE L 83 0.10 -84.01 8.32
CA ILE L 83 1.46 -84.38 8.01
C ILE L 83 2.27 -83.14 7.62
N CYS L 84 1.72 -82.30 6.75
CA CYS L 84 2.44 -81.11 6.32
C CYS L 84 2.55 -80.06 7.41
N ARG L 85 1.54 -79.97 8.28
CA ARG L 85 1.59 -79.01 9.38
C ARG L 85 2.64 -79.42 10.37
N ALA L 86 2.62 -80.69 10.73
CA ALA L 86 3.57 -81.19 11.70
C ALA L 86 5.00 -81.07 11.18
N THR L 87 5.21 -81.33 9.90
CA THR L 87 6.54 -81.23 9.35
C THR L 87 7.02 -79.79 9.44
N PHE L 88 6.21 -78.87 8.94
CA PHE L 88 6.56 -77.47 8.98
C PHE L 88 6.62 -76.92 10.39
N LYS L 89 5.71 -77.35 11.24
CA LYS L 89 5.72 -76.91 12.63
C LYS L 89 7.04 -77.31 13.29
N ALA L 90 7.81 -78.17 12.60
CA ALA L 90 9.08 -78.66 13.13
C ALA L 90 10.31 -77.98 12.56
N GLY L 91 10.10 -77.00 11.69
CA GLY L 91 11.21 -76.26 11.12
C GLY L 91 11.61 -76.48 9.68
N ALA L 92 11.14 -77.54 9.05
CA ALA L 92 11.52 -77.80 7.66
C ALA L 92 11.14 -76.64 6.74
N ASP L 93 11.84 -76.53 5.63
CA ASP L 93 11.57 -75.49 4.67
C ASP L 93 10.76 -76.08 3.53
N ALA L 94 11.05 -77.33 3.22
CA ALA L 94 10.33 -78.00 2.13
C ALA L 94 9.81 -79.38 2.54
N ILE L 95 9.12 -80.03 1.62
CA ILE L 95 8.58 -81.34 1.87
C ILE L 95 8.18 -81.96 0.53
N ILE L 96 8.68 -83.16 0.27
CA ILE L 96 8.40 -83.88 -0.96
C ILE L 96 7.12 -84.70 -0.85
N VAL L 97 6.25 -84.59 -1.84
CA VAL L 97 4.98 -85.30 -1.85
C VAL L 97 4.80 -86.19 -3.08
N HIS L 98 4.08 -87.29 -2.89
CA HIS L 98 3.80 -88.22 -3.98
C HIS L 98 2.62 -87.65 -4.75
N GLY L 99 2.60 -87.85 -6.07
CA GLY L 99 1.52 -87.33 -6.88
C GLY L 99 0.47 -88.36 -7.26
N PHE L 100 0.86 -89.64 -7.27
CA PHE L 100 -0.09 -90.68 -7.65
C PHE L 100 -1.32 -90.83 -6.76
N PRO L 101 -1.21 -90.46 -5.48
CA PRO L 101 -2.38 -90.60 -4.61
C PRO L 101 -3.58 -89.78 -5.07
N GLY L 102 -3.37 -88.96 -6.09
CA GLY L 102 -4.45 -88.14 -6.60
C GLY L 102 -4.08 -86.72 -6.91
N ALA L 103 -5.04 -85.82 -6.75
CA ALA L 103 -4.83 -84.39 -7.01
C ALA L 103 -5.29 -83.60 -5.80
N ASP L 104 -6.44 -83.97 -5.25
CA ASP L 104 -6.97 -83.29 -4.08
C ASP L 104 -6.04 -83.51 -2.89
N SER L 105 -5.21 -84.55 -2.99
CA SER L 105 -4.27 -84.86 -1.92
C SER L 105 -2.99 -84.04 -2.05
N VAL L 106 -2.65 -83.63 -3.27
CA VAL L 106 -1.45 -82.82 -3.50
C VAL L 106 -1.83 -81.36 -3.22
N ARG L 107 -3.08 -81.04 -3.52
CA ARG L 107 -3.62 -79.71 -3.30
C ARG L 107 -3.48 -79.44 -1.81
N ALA L 108 -4.06 -80.34 -1.02
CA ALA L 108 -4.04 -80.25 0.43
C ALA L 108 -2.66 -79.83 0.94
N CYS L 109 -1.62 -80.35 0.31
CA CYS L 109 -0.25 -80.03 0.71
C CYS L 109 0.05 -78.59 0.34
N LEU L 110 -0.18 -78.26 -0.92
CA LEU L 110 0.07 -76.91 -1.40
C LEU L 110 -0.66 -75.89 -0.54
N ASN L 111 -1.87 -76.23 -0.10
CA ASN L 111 -2.63 -75.34 0.74
C ASN L 111 -1.85 -75.03 2.01
N VAL L 112 -1.44 -76.08 2.72
CA VAL L 112 -0.70 -75.91 3.96
C VAL L 112 0.60 -75.13 3.78
N ALA L 113 1.38 -75.49 2.76
CA ALA L 113 2.64 -74.82 2.50
C ALA L 113 2.42 -73.36 2.13
N GLU L 114 1.39 -73.10 1.34
CA GLU L 114 1.08 -71.74 0.94
C GLU L 114 0.97 -70.94 2.22
N GLU L 115 -0.08 -71.21 2.98
CA GLU L 115 -0.32 -70.54 4.25
C GLU L 115 0.94 -70.34 5.10
N MET L 116 1.68 -71.42 5.35
CA MET L 116 2.88 -71.37 6.18
C MET L 116 4.14 -70.84 5.50
N GLY L 117 4.03 -70.51 4.22
CA GLY L 117 5.17 -69.97 3.52
C GLY L 117 6.34 -70.93 3.37
N ARG L 118 6.00 -72.20 3.10
CA ARG L 118 7.00 -73.23 2.92
C ARG L 118 6.79 -73.84 1.52
N GLU L 119 7.80 -74.53 1.00
CA GLU L 119 7.69 -75.12 -0.34
C GLU L 119 7.22 -76.57 -0.38
N VAL L 120 6.68 -76.95 -1.54
CA VAL L 120 6.19 -78.31 -1.79
C VAL L 120 6.85 -78.86 -3.06
N PHE L 121 7.49 -80.02 -2.92
CA PHE L 121 8.15 -80.69 -4.04
C PHE L 121 7.32 -81.91 -4.45
N LEU L 122 6.95 -81.99 -5.71
CA LEU L 122 6.17 -83.12 -6.19
C LEU L 122 7.08 -84.17 -6.80
N LEU L 123 7.12 -85.36 -6.20
CA LEU L 123 7.94 -86.45 -6.71
C LEU L 123 7.29 -86.95 -8.01
N THR L 124 7.94 -86.67 -9.14
CA THR L 124 7.45 -87.04 -10.46
C THR L 124 7.70 -88.49 -10.88
N GLU L 125 8.87 -89.01 -10.52
CA GLU L 125 9.24 -90.36 -10.90
C GLU L 125 10.41 -90.85 -10.06
N MET L 126 10.36 -92.11 -9.65
CA MET L 126 11.42 -92.69 -8.83
C MET L 126 12.49 -93.41 -9.66
N SER L 127 13.67 -93.54 -9.08
CA SER L 127 14.80 -94.17 -9.76
C SER L 127 14.81 -95.70 -9.68
N HIS L 128 14.54 -96.25 -8.50
CA HIS L 128 14.53 -97.71 -8.34
C HIS L 128 13.72 -98.38 -9.46
N PRO L 129 14.12 -99.60 -9.85
CA PRO L 129 13.47 -100.36 -10.91
C PRO L 129 11.98 -100.62 -10.72
N GLY L 130 11.55 -100.80 -9.47
CA GLY L 130 10.15 -101.04 -9.20
C GLY L 130 9.31 -99.82 -9.50
N ALA L 131 9.90 -98.82 -10.13
CA ALA L 131 9.18 -97.59 -10.47
C ALA L 131 8.64 -97.57 -11.89
N GLU L 132 9.03 -98.55 -12.67
CA GLU L 132 8.60 -98.64 -14.06
C GLU L 132 7.35 -99.50 -14.24
N MET L 133 6.88 -100.09 -13.15
CA MET L 133 5.67 -100.91 -13.18
C MET L 133 4.43 -100.04 -13.17
N PHE L 134 4.40 -99.03 -12.30
CA PHE L 134 3.26 -98.14 -12.19
C PHE L 134 3.55 -96.64 -12.29
N ILE L 135 4.47 -96.17 -11.46
CA ILE L 135 4.82 -94.74 -11.44
C ILE L 135 5.22 -94.14 -12.79
N GLN L 136 6.29 -94.65 -13.39
CA GLN L 136 6.76 -94.14 -14.69
C GLN L 136 5.65 -93.94 -15.73
N GLY L 137 4.58 -94.73 -15.62
CA GLY L 137 3.48 -94.61 -16.56
C GLY L 137 2.71 -93.30 -16.48
N ALA L 138 3.07 -92.45 -15.54
CA ALA L 138 2.41 -91.17 -15.35
C ALA L 138 3.39 -90.06 -14.99
N ALA L 139 4.68 -90.38 -15.00
CA ALA L 139 5.73 -89.41 -14.66
C ALA L 139 5.60 -88.16 -15.52
N ASP L 140 4.72 -88.22 -16.52
CA ASP L 140 4.47 -87.10 -17.41
C ASP L 140 3.04 -86.63 -17.14
N GLU L 141 2.22 -87.57 -16.69
CA GLU L 141 0.84 -87.26 -16.36
C GLU L 141 0.83 -86.42 -15.08
N ILE L 142 1.24 -87.03 -13.98
CA ILE L 142 1.29 -86.36 -12.68
C ILE L 142 2.09 -85.07 -12.76
N ALA L 143 3.19 -85.11 -13.50
CA ALA L 143 4.04 -83.94 -13.68
C ALA L 143 3.21 -82.76 -14.12
N ARG L 144 2.32 -83.01 -15.08
CA ARG L 144 1.44 -81.96 -15.59
C ARG L 144 0.46 -81.58 -14.51
N MET L 145 0.06 -82.54 -13.69
CA MET L 145 -0.88 -82.29 -12.60
C MET L 145 -0.36 -81.15 -11.73
N GLY L 146 0.95 -81.16 -11.47
CA GLY L 146 1.56 -80.12 -10.65
C GLY L 146 1.49 -78.77 -11.33
N VAL L 147 1.31 -78.78 -12.64
CA VAL L 147 1.23 -77.53 -13.39
C VAL L 147 -0.15 -76.89 -13.22
N ASP L 148 -1.19 -77.72 -13.09
CA ASP L 148 -2.55 -77.19 -12.88
C ASP L 148 -2.66 -76.75 -11.44
N LEU L 149 -2.12 -77.56 -10.53
CA LEU L 149 -2.15 -77.24 -9.12
C LEU L 149 -1.34 -75.98 -8.86
N GLY L 150 -0.17 -75.88 -9.49
CA GLY L 150 0.65 -74.70 -9.33
C GLY L 150 2.01 -74.95 -8.70
N VAL L 151 2.53 -76.15 -8.89
CA VAL L 151 3.83 -76.51 -8.34
C VAL L 151 4.95 -75.93 -9.18
N LYS L 152 6.06 -75.60 -8.54
CA LYS L 152 7.21 -75.05 -9.25
C LYS L 152 8.48 -75.67 -8.68
N ASN L 153 8.30 -76.77 -7.96
CA ASN L 153 9.40 -77.50 -7.36
C ASN L 153 9.15 -78.97 -7.64
N TYR L 154 10.07 -79.62 -8.36
CA TYR L 154 9.90 -81.03 -8.69
C TYR L 154 11.10 -81.91 -8.40
N VAL L 155 10.84 -83.22 -8.38
CA VAL L 155 11.87 -84.22 -8.13
C VAL L 155 11.66 -85.39 -9.07
N GLY L 156 12.71 -85.78 -9.76
CA GLY L 156 12.63 -86.89 -10.69
C GLY L 156 13.81 -87.83 -10.60
N PRO L 157 13.86 -88.85 -11.46
CA PRO L 157 14.94 -89.84 -11.48
C PRO L 157 16.19 -89.32 -12.19
N SER L 158 17.30 -89.28 -11.47
CA SER L 158 18.55 -88.79 -12.05
C SER L 158 19.20 -89.92 -12.84
N THR L 159 18.61 -91.11 -12.75
CA THR L 159 19.13 -92.30 -13.44
C THR L 159 18.65 -92.45 -14.88
N ARG L 160 17.51 -91.83 -15.21
CA ARG L 160 16.96 -91.94 -16.55
C ARG L 160 16.93 -90.58 -17.26
N PRO L 161 18.09 -90.10 -17.73
CA PRO L 161 18.23 -88.81 -18.44
C PRO L 161 17.21 -88.50 -19.54
N GLU L 162 17.07 -89.40 -20.51
CA GLU L 162 16.11 -89.20 -21.60
C GLU L 162 14.71 -88.99 -21.04
N ARG L 163 14.56 -89.28 -19.74
CA ARG L 163 13.28 -89.10 -19.05
C ARG L 163 13.35 -87.79 -18.26
N LEU L 164 14.50 -87.56 -17.62
CA LEU L 164 14.72 -86.35 -16.82
C LEU L 164 14.59 -85.11 -17.70
N SER L 165 15.32 -85.09 -18.81
CA SER L 165 15.28 -83.96 -19.74
C SER L 165 13.84 -83.75 -20.23
N ARG L 166 13.10 -84.85 -20.33
CA ARG L 166 11.71 -84.80 -20.76
C ARG L 166 10.86 -84.06 -19.74
N LEU L 167 11.30 -84.09 -18.48
CA LEU L 167 10.58 -83.42 -17.39
C LEU L 167 10.93 -81.93 -17.37
N ARG L 168 12.21 -81.63 -17.52
CA ARG L 168 12.72 -80.26 -17.52
C ARG L 168 11.83 -79.31 -18.32
N GLU L 169 11.10 -79.88 -19.28
CA GLU L 169 10.21 -79.10 -20.12
C GLU L 169 8.74 -79.13 -19.70
N ILE L 170 8.19 -80.32 -19.46
CA ILE L 170 6.79 -80.45 -19.06
C ILE L 170 6.43 -79.46 -17.95
N ILE L 171 7.44 -79.02 -17.21
CA ILE L 171 7.25 -78.07 -16.13
C ILE L 171 7.87 -76.74 -16.54
N GLY L 172 8.88 -76.83 -17.42
CA GLY L 172 9.56 -75.63 -17.89
C GLY L 172 10.89 -75.36 -17.21
N GLN L 173 11.53 -74.25 -17.61
CA GLN L 173 12.80 -73.86 -17.04
C GLN L 173 12.51 -72.86 -15.93
N ASP L 174 11.27 -72.38 -15.92
CA ASP L 174 10.82 -71.41 -14.91
C ASP L 174 10.55 -72.07 -13.56
N SER L 175 10.67 -73.39 -13.52
CA SER L 175 10.46 -74.14 -12.29
C SER L 175 11.80 -74.55 -11.69
N PHE L 176 11.75 -75.19 -10.53
CA PHE L 176 12.94 -75.63 -9.84
C PHE L 176 12.84 -77.11 -9.53
N LEU L 177 13.81 -77.91 -9.98
CA LEU L 177 13.79 -79.34 -9.69
C LEU L 177 15.15 -79.90 -9.29
N ILE L 178 15.11 -81.01 -8.56
CA ILE L 178 16.34 -81.67 -8.11
C ILE L 178 16.25 -83.16 -8.38
N SER L 179 17.41 -83.79 -8.58
CA SER L 179 17.49 -85.23 -8.84
C SER L 179 18.49 -85.95 -7.96
N PRO L 180 18.02 -86.93 -7.16
CA PRO L 180 18.87 -87.71 -6.27
C PRO L 180 19.76 -88.65 -7.07
N GLY L 181 19.44 -89.94 -7.04
CA GLY L 181 20.22 -90.93 -7.76
C GLY L 181 21.71 -90.81 -7.53
N VAL L 182 22.33 -89.85 -8.19
CA VAL L 182 23.77 -89.60 -8.05
C VAL L 182 24.17 -89.63 -6.58
N GLY L 183 24.81 -90.73 -6.18
CA GLY L 183 25.22 -90.85 -4.79
C GLY L 183 25.50 -92.30 -4.43
N ALA L 184 25.13 -93.19 -5.35
CA ALA L 184 25.32 -94.63 -5.17
C ALA L 184 24.52 -95.42 -6.22
N GLN L 185 23.19 -95.24 -6.19
CA GLN L 185 22.27 -95.91 -7.11
C GLN L 185 22.45 -95.57 -8.59
N GLY L 186 23.57 -94.93 -8.91
CA GLY L 186 23.85 -94.53 -10.28
C GLY L 186 23.74 -93.03 -10.40
N GLY L 187 24.07 -92.48 -11.57
CA GLY L 187 23.99 -91.04 -11.76
C GLY L 187 25.32 -90.33 -11.55
N ASP L 188 25.68 -89.49 -12.51
CA ASP L 188 26.92 -88.74 -12.46
C ASP L 188 26.70 -87.24 -12.38
N PRO L 189 27.65 -86.51 -11.78
CA PRO L 189 27.53 -85.05 -11.64
C PRO L 189 27.18 -84.40 -12.97
N GLY L 190 28.22 -84.02 -13.72
CA GLY L 190 28.05 -83.38 -15.01
C GLY L 190 26.80 -83.67 -15.82
N GLU L 191 26.58 -84.93 -16.16
CA GLU L 191 25.42 -85.32 -16.96
C GLU L 191 24.07 -84.98 -16.34
N THR L 192 23.99 -84.99 -15.01
CA THR L 192 22.73 -84.66 -14.35
C THR L 192 22.61 -83.14 -14.32
N LEU L 193 23.77 -82.49 -14.25
CA LEU L 193 23.87 -81.04 -14.19
C LEU L 193 23.46 -80.38 -15.51
N ARG L 194 22.27 -80.70 -15.98
CA ARG L 194 21.77 -80.11 -17.22
C ARG L 194 20.31 -79.74 -17.07
N PHE L 195 19.50 -80.73 -16.69
CA PHE L 195 18.07 -80.56 -16.53
C PHE L 195 17.66 -80.48 -15.06
N ALA L 196 18.63 -80.67 -14.17
CA ALA L 196 18.38 -80.62 -12.74
C ALA L 196 19.18 -79.49 -12.12
N ASP L 197 18.48 -78.55 -11.48
CA ASP L 197 19.14 -77.43 -10.82
C ASP L 197 20.16 -77.93 -9.81
N ALA L 198 19.77 -78.96 -9.06
CA ALA L 198 20.67 -79.52 -8.04
C ALA L 198 20.49 -81.02 -7.91
N ILE L 199 21.53 -81.69 -7.41
CA ILE L 199 21.51 -83.14 -7.19
C ILE L 199 21.60 -83.47 -5.71
N ILE L 200 21.11 -84.64 -5.35
CA ILE L 200 21.14 -85.08 -3.96
C ILE L 200 22.17 -86.21 -3.85
N VAL L 201 22.93 -86.24 -2.77
CA VAL L 201 23.92 -87.27 -2.57
C VAL L 201 23.86 -87.78 -1.15
N GLY L 202 23.88 -89.09 -1.00
CA GLY L 202 23.83 -89.68 0.32
C GLY L 202 24.98 -90.64 0.55
N ARG L 203 24.75 -91.91 0.22
CA ARG L 203 25.79 -92.92 0.39
C ARG L 203 27.14 -92.37 -0.06
N SER L 204 27.16 -91.83 -1.28
CA SER L 204 28.37 -91.27 -1.87
C SER L 204 29.17 -90.34 -0.94
N ILE L 205 28.57 -89.96 0.18
CA ILE L 205 29.27 -89.06 1.09
C ILE L 205 29.28 -89.49 2.56
N TYR L 206 28.11 -89.67 3.16
CA TYR L 206 28.06 -90.06 4.57
C TYR L 206 28.70 -91.42 4.90
N LEU L 207 28.97 -92.24 3.89
CA LEU L 207 29.57 -93.56 4.13
C LEU L 207 31.08 -93.64 3.91
N ALA L 208 31.64 -92.67 3.19
CA ALA L 208 33.08 -92.65 2.90
C ALA L 208 33.91 -92.06 4.03
N ASP L 209 35.15 -92.52 4.16
CA ASP L 209 36.06 -92.05 5.19
C ASP L 209 36.02 -90.54 5.41
N ASN L 210 36.50 -89.80 4.42
CA ASN L 210 36.52 -88.35 4.52
C ASN L 210 35.37 -87.75 3.69
N PRO L 211 34.17 -87.65 4.28
CA PRO L 211 32.99 -87.10 3.62
C PRO L 211 33.23 -85.73 3.03
N ALA L 212 34.00 -84.91 3.74
CA ALA L 212 34.33 -83.56 3.28
C ALA L 212 35.02 -83.66 1.94
N ALA L 213 36.01 -84.56 1.85
CA ALA L 213 36.75 -84.77 0.61
C ALA L 213 35.84 -85.48 -0.38
N ALA L 214 35.07 -86.44 0.13
CA ALA L 214 34.14 -87.18 -0.71
C ALA L 214 33.29 -86.16 -1.44
N ALA L 215 32.88 -85.13 -0.70
CA ALA L 215 32.06 -84.05 -1.24
C ALA L 215 32.90 -83.13 -2.11
N ALA L 216 34.00 -82.65 -1.56
CA ALA L 216 34.90 -81.76 -2.27
C ALA L 216 35.13 -82.33 -3.66
N GLY L 217 35.50 -83.60 -3.71
CA GLY L 217 35.73 -84.26 -4.98
C GLY L 217 34.53 -84.12 -5.89
N ILE L 218 33.37 -84.54 -5.39
CA ILE L 218 32.13 -84.47 -6.16
C ILE L 218 31.92 -83.06 -6.70
N ILE L 219 32.59 -82.09 -6.09
CA ILE L 219 32.47 -80.71 -6.52
C ILE L 219 33.38 -80.41 -7.70
N GLU L 220 34.55 -81.05 -7.74
CA GLU L 220 35.48 -80.85 -8.85
C GLU L 220 34.85 -81.42 -10.11
N SER L 221 33.98 -82.41 -9.91
CA SER L 221 33.27 -83.04 -11.01
C SER L 221 32.08 -82.15 -11.34
N ILE L 222 32.15 -80.91 -10.85
CA ILE L 222 31.10 -79.92 -11.05
C ILE L 222 31.73 -78.61 -11.54
N LYS L 223 33.06 -78.52 -11.42
CA LYS L 223 33.77 -77.32 -11.87
C LYS L 223 33.63 -77.18 -13.38
N ASP L 224 33.36 -78.30 -14.06
CA ASP L 224 33.19 -78.30 -15.51
C ASP L 224 31.91 -77.55 -15.88
N LEU L 225 30.92 -77.63 -14.99
CA LEU L 225 29.64 -76.95 -15.19
C LEU L 225 29.01 -76.58 -13.86
N MET M 9 33.63 -17.08 36.87
CA MET M 9 32.20 -16.68 36.73
C MET M 9 31.66 -16.17 35.38
N ASP M 10 31.09 -17.04 34.52
CA ASP M 10 30.55 -16.54 33.24
C ASP M 10 29.45 -15.52 33.50
N VAL M 11 29.14 -14.71 32.51
CA VAL M 11 28.06 -13.74 32.59
C VAL M 11 27.08 -14.25 31.47
N MET M 12 25.77 -14.13 31.64
CA MET M 12 24.82 -14.60 30.62
C MET M 12 24.87 -13.76 29.32
N ASN M 13 25.03 -14.44 28.19
CA ASN M 13 25.10 -13.79 26.88
C ASN M 13 26.26 -12.84 26.65
N ARG M 14 27.29 -12.90 27.50
CA ARG M 14 28.48 -12.04 27.42
C ARG M 14 28.08 -10.56 27.51
N LEU M 15 26.93 -10.28 28.13
CA LEU M 15 26.45 -8.89 28.23
C LEU M 15 26.12 -8.43 29.65
N ILE M 16 26.86 -7.40 30.08
CA ILE M 16 26.67 -6.83 31.42
C ILE M 16 25.97 -5.49 31.33
N LEU M 17 24.85 -5.37 32.03
CA LEU M 17 24.11 -4.12 32.03
C LEU M 17 24.72 -3.10 32.99
N ALA M 18 25.08 -1.94 32.47
CA ALA M 18 25.63 -0.87 33.30
C ALA M 18 24.44 0.04 33.67
N MET M 19 23.78 -0.26 34.79
CA MET M 19 22.63 0.50 35.23
C MET M 19 23.05 1.79 35.90
N ASP M 20 23.09 2.87 35.12
CA ASP M 20 23.49 4.17 35.65
C ASP M 20 22.37 5.20 35.76
N LEU M 21 21.12 4.75 35.63
CA LEU M 21 20.00 5.66 35.80
C LEU M 21 20.08 6.06 37.26
N MET M 22 19.70 7.29 37.57
CA MET M 22 19.82 7.76 38.95
C MET M 22 18.59 7.79 39.86
N ASN M 23 17.54 7.08 39.50
CA ASN M 23 16.36 7.02 40.36
C ASN M 23 15.81 5.61 40.36
N ARG M 24 15.56 5.13 41.57
CA ARG M 24 15.07 3.77 41.81
C ARG M 24 14.04 3.21 40.85
N ASP M 25 12.91 3.92 40.69
CA ASP M 25 11.84 3.44 39.81
C ASP M 25 12.25 3.18 38.37
N ASP M 26 12.95 4.12 37.75
CA ASP M 26 13.38 3.92 36.36
C ASP M 26 14.43 2.81 36.24
N ALA M 27 15.36 2.77 37.20
CA ALA M 27 16.43 1.76 37.19
C ALA M 27 15.84 0.36 37.30
N LEU M 28 14.91 0.19 38.25
CA LEU M 28 14.26 -1.10 38.45
C LEU M 28 13.40 -1.49 37.26
N ARG M 29 12.74 -0.52 36.65
CA ARG M 29 11.90 -0.81 35.51
C ARG M 29 12.72 -1.30 34.32
N VAL M 30 13.72 -0.51 33.91
CA VAL M 30 14.59 -0.88 32.79
C VAL M 30 15.30 -2.20 33.03
N THR M 31 15.79 -2.41 34.25
CA THR M 31 16.49 -3.65 34.57
C THR M 31 15.55 -4.82 34.44
N GLY M 32 14.31 -4.62 34.87
CA GLY M 32 13.32 -5.69 34.78
C GLY M 32 13.02 -6.05 33.33
N GLU M 33 12.91 -5.02 32.49
CA GLU M 33 12.64 -5.21 31.07
C GLU M 33 13.69 -6.03 30.30
N VAL M 34 14.95 -5.95 30.72
CA VAL M 34 16.00 -6.68 30.04
C VAL M 34 16.54 -7.84 30.85
N ARG M 35 15.87 -8.15 31.96
CA ARG M 35 16.31 -9.26 32.80
C ARG M 35 16.38 -10.61 32.10
N GLU M 36 15.57 -10.78 31.05
CA GLU M 36 15.55 -12.05 30.33
C GLU M 36 16.79 -12.22 29.46
N TYR M 37 17.50 -11.13 29.20
CA TYR M 37 18.69 -11.16 28.36
C TYR M 37 19.99 -11.14 29.15
N ILE M 38 20.01 -10.44 30.27
CA ILE M 38 21.24 -10.36 31.06
C ILE M 38 21.00 -10.80 32.50
N ASP M 39 22.00 -11.43 33.12
CA ASP M 39 21.87 -11.86 34.50
C ASP M 39 22.94 -11.26 35.43
N THR M 40 23.69 -10.30 34.90
CA THR M 40 24.76 -9.63 35.65
C THR M 40 24.59 -8.14 35.44
N VAL M 41 24.51 -7.40 36.53
CA VAL M 41 24.34 -5.96 36.47
C VAL M 41 25.46 -5.22 37.16
N LYS M 42 25.95 -4.16 36.51
CA LYS M 42 27.00 -3.32 37.07
C LYS M 42 26.31 -2.10 37.63
N ILE M 43 26.47 -1.87 38.93
CA ILE M 43 25.87 -0.72 39.60
C ILE M 43 27.00 0.20 40.07
N GLY M 44 26.88 1.48 39.75
CA GLY M 44 27.91 2.41 40.16
C GLY M 44 27.45 3.44 41.17
N TYR M 45 28.29 4.46 41.38
CA TYR M 45 27.99 5.52 42.33
C TYR M 45 26.79 6.40 41.96
N PRO M 46 26.57 6.66 40.66
CA PRO M 46 25.42 7.48 40.30
C PRO M 46 24.14 6.97 40.97
N LEU M 47 23.88 5.67 40.84
CA LEU M 47 22.68 5.07 41.44
C LEU M 47 22.77 4.89 42.95
N VAL M 48 23.89 4.35 43.41
CA VAL M 48 24.09 4.11 44.83
C VAL M 48 24.08 5.38 45.67
N LEU M 49 24.71 6.43 45.18
CA LEU M 49 24.75 7.67 45.93
C LEU M 49 23.37 8.32 45.96
N SER M 50 22.61 8.14 44.89
CA SER M 50 21.27 8.73 44.82
C SER M 50 20.20 7.94 45.57
N GLU M 51 20.27 6.62 45.53
CA GLU M 51 19.27 5.78 46.18
C GLU M 51 19.74 4.99 47.38
N GLY M 52 21.03 5.03 47.68
CA GLY M 52 21.53 4.29 48.83
C GLY M 52 22.06 2.91 48.48
N MET M 53 22.94 2.39 49.32
CA MET M 53 23.53 1.08 49.12
C MET M 53 22.56 -0.08 49.15
N ASP M 54 21.42 0.08 49.85
CA ASP M 54 20.41 -0.98 49.92
C ASP M 54 19.91 -1.36 48.52
N ILE M 55 20.08 -0.45 47.57
CA ILE M 55 19.63 -0.70 46.20
C ILE M 55 20.29 -1.95 45.61
N ILE M 56 21.45 -2.31 46.15
CA ILE M 56 22.16 -3.49 45.69
C ILE M 56 21.43 -4.76 46.09
N ALA M 57 21.08 -4.89 47.38
CA ALA M 57 20.35 -6.05 47.85
C ALA M 57 19.01 -6.14 47.14
N GLU M 58 18.36 -4.99 46.95
CA GLU M 58 17.06 -4.97 46.30
C GLU M 58 17.17 -5.50 44.85
N PHE M 59 18.29 -5.26 44.19
CA PHE M 59 18.44 -5.73 42.83
C PHE M 59 18.62 -7.24 42.81
N ARG M 60 19.39 -7.75 43.78
CA ARG M 60 19.63 -9.20 43.89
C ARG M 60 18.35 -9.97 44.19
N LYS M 61 17.54 -9.43 45.09
CA LYS M 61 16.28 -10.07 45.46
C LYS M 61 15.28 -10.00 44.30
N ARG M 62 15.09 -8.82 43.73
CA ARG M 62 14.13 -8.65 42.65
C ARG M 62 14.49 -9.36 41.36
N PHE M 63 15.79 -9.48 41.06
CA PHE M 63 16.18 -10.11 39.80
C PHE M 63 17.10 -11.30 39.87
N GLY M 64 17.58 -11.62 41.07
CA GLY M 64 18.48 -12.75 41.21
C GLY M 64 19.67 -12.65 40.26
N CYS M 65 20.18 -11.44 40.09
CA CYS M 65 21.29 -11.20 39.19
C CYS M 65 22.56 -10.99 40.01
N ARG M 66 23.70 -11.14 39.36
CA ARG M 66 24.98 -10.91 40.02
C ARG M 66 25.17 -9.40 39.96
N ILE M 67 25.81 -8.85 40.98
CA ILE M 67 26.05 -7.43 41.06
C ILE M 67 27.53 -7.08 41.11
N ILE M 68 27.95 -6.21 40.20
CA ILE M 68 29.32 -5.75 40.18
C ILE M 68 29.25 -4.28 40.59
N ALA M 69 29.87 -3.91 41.70
CA ALA M 69 29.87 -2.54 42.16
C ALA M 69 31.04 -1.81 41.50
N ASP M 70 30.74 -0.95 40.54
CA ASP M 70 31.77 -0.21 39.83
C ASP M 70 32.16 1.01 40.64
N PHE M 71 32.86 0.77 41.74
CA PHE M 71 33.25 1.88 42.60
C PHE M 71 34.64 2.43 42.36
N LYS M 72 35.41 1.77 41.50
CA LYS M 72 36.77 2.21 41.17
C LYS M 72 37.57 2.63 42.40
N VAL M 73 37.53 1.79 43.42
CA VAL M 73 38.24 2.08 44.65
C VAL M 73 39.62 2.57 44.27
N ALA M 74 39.97 3.74 44.81
CA ALA M 74 41.27 4.36 44.53
C ALA M 74 41.78 5.18 45.71
N ASP M 75 41.80 4.58 46.89
CA ASP M 75 42.27 5.28 48.07
C ASP M 75 43.47 4.55 48.65
N ILE M 76 43.87 4.90 49.88
CA ILE M 76 44.97 4.24 50.55
C ILE M 76 44.46 2.88 51.03
N PRO M 77 45.36 1.94 51.33
CA PRO M 77 44.96 0.61 51.79
C PRO M 77 43.90 0.56 52.88
N GLU M 78 44.13 1.28 53.97
CA GLU M 78 43.19 1.30 55.09
C GLU M 78 41.77 1.64 54.70
N THR M 79 41.60 2.67 53.89
CA THR M 79 40.29 3.10 53.44
C THR M 79 39.68 2.16 52.41
N ASN M 80 40.52 1.65 51.50
CA ASN M 80 40.05 0.69 50.50
C ASN M 80 39.39 -0.50 51.18
N GLU M 81 39.97 -0.92 52.30
CA GLU M 81 39.41 -2.06 53.04
C GLU M 81 38.01 -1.77 53.56
N LYS M 82 37.85 -0.60 54.16
CA LYS M 82 36.56 -0.20 54.66
C LYS M 82 35.54 -0.09 53.52
N ILE M 83 35.96 0.44 52.36
CA ILE M 83 35.05 0.57 51.22
C ILE M 83 34.60 -0.79 50.67
N CYS M 84 35.55 -1.70 50.51
CA CYS M 84 35.25 -3.05 50.03
C CYS M 84 34.38 -3.79 51.02
N ARG M 85 34.69 -3.67 52.31
CA ARG M 85 33.90 -4.35 53.33
C ARG M 85 32.42 -3.88 53.34
N ALA M 86 32.22 -2.57 53.28
CA ALA M 86 30.87 -2.02 53.25
C ALA M 86 30.13 -2.45 51.97
N THR M 87 30.88 -2.48 50.87
CA THR M 87 30.31 -2.89 49.58
C THR M 87 29.88 -4.36 49.57
N PHE M 88 30.71 -5.23 50.11
CA PHE M 88 30.38 -6.65 50.17
C PHE M 88 29.26 -6.85 51.19
N LYS M 89 29.38 -6.16 52.33
CA LYS M 89 28.34 -6.25 53.35
C LYS M 89 26.99 -5.87 52.74
N ALA M 90 27.02 -4.97 51.77
CA ALA M 90 25.80 -4.54 51.10
C ALA M 90 25.34 -5.59 50.10
N GLY M 91 26.11 -6.67 49.95
CA GLY M 91 25.73 -7.75 49.05
C GLY M 91 26.30 -7.78 47.64
N ALA M 92 27.29 -6.94 47.34
CA ALA M 92 27.86 -6.94 46.00
C ALA M 92 28.68 -8.23 45.79
N ASP M 93 28.63 -8.80 44.60
CA ASP M 93 29.38 -10.02 44.29
C ASP M 93 30.84 -9.68 43.95
N ALA M 94 31.04 -8.52 43.34
CA ALA M 94 32.38 -8.08 42.95
C ALA M 94 32.47 -6.56 43.01
N ILE M 95 33.70 -6.07 43.10
CA ILE M 95 33.95 -4.64 43.14
C ILE M 95 35.09 -4.32 42.18
N ILE M 96 34.96 -3.23 41.44
CA ILE M 96 35.98 -2.79 40.53
C ILE M 96 36.91 -1.81 41.25
N VAL M 97 38.20 -2.09 41.14
CA VAL M 97 39.26 -1.32 41.79
C VAL M 97 40.25 -0.73 40.78
N HIS M 98 40.73 0.47 41.07
CA HIS M 98 41.72 1.11 40.22
C HIS M 98 43.10 0.52 40.60
N GLY M 99 43.96 0.36 39.60
CA GLY M 99 45.29 -0.18 39.83
C GLY M 99 46.30 0.94 40.00
N PHE M 100 45.98 2.07 39.40
CA PHE M 100 46.83 3.25 39.46
C PHE M 100 47.39 3.64 40.83
N PRO M 101 46.58 3.53 41.90
CA PRO M 101 47.10 3.90 43.23
C PRO M 101 48.24 2.99 43.78
N GLY M 102 48.53 1.91 43.07
CA GLY M 102 49.57 1.01 43.52
C GLY M 102 49.16 -0.37 44.01
N ALA M 103 50.18 -1.21 44.22
CA ALA M 103 49.99 -2.59 44.66
C ALA M 103 49.38 -2.76 46.04
N ASP M 104 49.84 -1.97 47.01
CA ASP M 104 49.30 -2.08 48.35
C ASP M 104 47.80 -1.75 48.41
N SER M 105 47.40 -0.75 47.61
CA SER M 105 46.00 -0.36 47.55
C SER M 105 45.14 -1.47 46.96
N VAL M 106 45.67 -2.19 45.98
CA VAL M 106 44.93 -3.31 45.39
C VAL M 106 44.89 -4.51 46.35
N ARG M 107 46.03 -4.79 46.99
CA ARG M 107 46.14 -5.91 47.91
C ARG M 107 45.11 -5.82 49.03
N ALA M 108 44.88 -4.61 49.53
CA ALA M 108 43.91 -4.38 50.57
C ALA M 108 42.52 -4.78 50.13
N CYS M 109 42.19 -4.55 48.87
CA CYS M 109 40.89 -4.90 48.34
C CYS M 109 40.82 -6.43 48.23
N LEU M 110 41.90 -7.01 47.70
CA LEU M 110 42.02 -8.47 47.53
C LEU M 110 41.88 -9.18 48.85
N ASN M 111 42.46 -8.63 49.92
CA ASN M 111 42.36 -9.28 51.22
C ASN M 111 40.91 -9.39 51.70
N VAL M 112 40.17 -8.29 51.61
CA VAL M 112 38.78 -8.27 52.03
C VAL M 112 37.92 -9.17 51.13
N ALA M 113 38.19 -9.18 49.83
CA ALA M 113 37.41 -10.05 48.93
C ALA M 113 37.62 -11.52 49.32
N GLU M 114 38.87 -11.88 49.56
CA GLU M 114 39.25 -13.23 49.95
C GLU M 114 38.67 -13.58 51.30
N GLU M 115 38.71 -12.64 52.23
CA GLU M 115 38.15 -12.85 53.55
C GLU M 115 36.65 -13.05 53.53
N MET M 116 35.96 -12.45 52.56
CA MET M 116 34.50 -12.53 52.47
C MET M 116 33.96 -13.40 51.35
N GLY M 117 34.86 -13.98 50.56
CA GLY M 117 34.44 -14.83 49.45
C GLY M 117 33.80 -14.07 48.29
N ARG M 118 34.43 -12.95 47.91
CA ARG M 118 33.96 -12.14 46.80
C ARG M 118 35.05 -11.92 45.78
N GLU M 119 34.74 -11.18 44.72
CA GLU M 119 35.71 -10.94 43.66
C GLU M 119 36.15 -9.50 43.49
N VAL M 120 37.35 -9.34 42.99
CA VAL M 120 37.88 -8.02 42.73
C VAL M 120 38.19 -7.97 41.25
N PHE M 121 37.79 -6.88 40.60
CA PHE M 121 38.09 -6.67 39.17
C PHE M 121 39.05 -5.52 39.14
N LEU M 122 40.17 -5.69 38.43
CA LEU M 122 41.15 -4.62 38.34
C LEU M 122 41.00 -3.83 37.06
N LEU M 123 40.77 -2.53 37.20
CA LEU M 123 40.63 -1.65 36.04
C LEU M 123 42.05 -1.24 35.67
N THR M 124 42.50 -1.70 34.50
CA THR M 124 43.86 -1.39 34.06
C THR M 124 43.96 -0.16 33.17
N GLU M 125 43.06 -0.06 32.21
CA GLU M 125 43.06 1.08 31.30
C GLU M 125 41.61 1.57 31.14
N MET M 126 41.42 2.87 31.13
CA MET M 126 40.08 3.44 30.98
C MET M 126 39.77 3.71 29.52
N SER M 127 38.49 3.84 29.20
CA SER M 127 38.01 4.01 27.84
C SER M 127 37.79 5.42 27.28
N HIS M 128 37.82 6.45 28.14
CA HIS M 128 37.62 7.82 27.69
C HIS M 128 38.92 8.42 27.13
N PRO M 129 38.80 9.51 26.37
CA PRO M 129 39.98 10.17 25.79
C PRO M 129 41.06 10.55 26.77
N GLY M 130 40.69 11.18 27.87
CA GLY M 130 41.66 11.59 28.88
C GLY M 130 42.52 10.45 29.39
N ALA M 131 42.08 9.22 29.15
CA ALA M 131 42.79 8.03 29.59
C ALA M 131 44.19 7.91 28.97
N GLU M 132 44.44 8.69 27.93
CA GLU M 132 45.74 8.66 27.26
C GLU M 132 46.80 9.48 27.98
N MET M 133 46.38 10.49 28.72
CA MET M 133 47.31 11.35 29.43
C MET M 133 48.19 10.63 30.43
N PHE M 134 47.62 9.84 31.31
CA PHE M 134 48.40 9.12 32.31
C PHE M 134 48.10 7.63 32.47
N ILE M 135 46.87 7.22 32.24
CA ILE M 135 46.52 5.82 32.43
C ILE M 135 47.15 4.88 31.43
N GLN M 136 47.00 5.19 30.14
CA GLN M 136 47.53 4.36 29.07
C GLN M 136 49.02 4.02 29.22
N GLY M 137 49.82 4.99 29.64
CA GLY M 137 51.25 4.75 29.77
C GLY M 137 51.60 3.77 30.86
N ALA M 138 50.69 3.57 31.79
CA ALA M 138 50.91 2.67 32.91
C ALA M 138 50.08 1.40 32.83
N ALA M 139 49.16 1.33 31.86
CA ALA M 139 48.25 0.19 31.69
C ALA M 139 48.89 -1.21 31.71
N ASP M 140 49.93 -1.42 30.91
CA ASP M 140 50.58 -2.72 30.89
C ASP M 140 51.23 -3.07 32.23
N GLU M 141 51.89 -2.09 32.84
CA GLU M 141 52.55 -2.32 34.12
C GLU M 141 51.50 -2.63 35.18
N ILE M 142 50.36 -1.93 35.11
CA ILE M 142 49.26 -2.16 36.06
C ILE M 142 48.71 -3.56 35.88
N ALA M 143 48.51 -3.98 34.63
CA ALA M 143 47.99 -5.33 34.34
C ALA M 143 48.97 -6.36 34.88
N ARG M 144 50.26 -6.13 34.63
CA ARG M 144 51.28 -7.05 35.13
C ARG M 144 51.23 -7.10 36.67
N MET M 145 51.05 -5.94 37.29
CA MET M 145 50.98 -5.87 38.75
C MET M 145 49.82 -6.75 39.22
N GLY M 146 48.70 -6.68 38.51
CA GLY M 146 47.53 -7.45 38.85
C GLY M 146 47.82 -8.93 38.82
N VAL M 147 48.49 -9.36 37.74
CA VAL M 147 48.87 -10.76 37.59
C VAL M 147 49.73 -11.16 38.78
N ASP M 148 50.75 -10.36 39.07
CA ASP M 148 51.63 -10.66 40.20
C ASP M 148 50.86 -10.75 41.52
N LEU M 149 49.85 -9.89 41.68
CA LEU M 149 49.06 -9.87 42.91
C LEU M 149 48.09 -11.04 42.97
N GLY M 150 47.91 -11.72 41.85
CA GLY M 150 47.01 -12.85 41.84
C GLY M 150 45.60 -12.49 41.38
N VAL M 151 45.45 -11.31 40.77
CA VAL M 151 44.15 -10.87 40.30
C VAL M 151 43.73 -11.72 39.09
N LYS M 152 42.49 -12.21 39.11
CA LYS M 152 41.98 -13.03 38.01
C LYS M 152 40.92 -12.34 37.14
N ASN M 153 40.43 -11.19 37.61
CA ASN M 153 39.38 -10.46 36.89
C ASN M 153 39.86 -9.06 36.53
N TYR M 154 39.67 -8.68 35.26
CA TYR M 154 40.13 -7.38 34.79
C TYR M 154 39.09 -6.62 33.98
N VAL M 155 39.32 -5.33 33.83
CA VAL M 155 38.45 -4.46 33.06
C VAL M 155 39.33 -3.70 32.08
N GLY M 156 38.97 -3.75 30.80
CA GLY M 156 39.71 -3.06 29.77
C GLY M 156 38.84 -2.23 28.85
N PRO M 157 39.43 -1.28 28.10
CA PRO M 157 38.76 -0.36 27.18
C PRO M 157 38.27 -0.90 25.86
N SER M 158 36.97 -0.82 25.62
CA SER M 158 36.39 -1.30 24.37
C SER M 158 36.77 -0.35 23.23
N THR M 159 36.90 0.92 23.56
CA THR M 159 37.23 1.95 22.61
C THR M 159 38.60 1.79 21.98
N ARG M 160 39.43 0.93 22.55
CA ARG M 160 40.77 0.71 22.01
C ARG M 160 41.07 -0.77 21.86
N PRO M 161 40.51 -1.41 20.82
CA PRO M 161 40.67 -2.84 20.49
C PRO M 161 42.13 -3.35 20.56
N GLU M 162 43.06 -2.57 20.03
CA GLU M 162 44.47 -2.96 20.04
C GLU M 162 44.99 -3.03 21.46
N ARG M 163 44.61 -2.03 22.26
CA ARG M 163 45.03 -1.96 23.65
C ARG M 163 44.40 -3.09 24.44
N LEU M 164 43.18 -3.46 24.05
CA LEU M 164 42.45 -4.52 24.72
C LEU M 164 43.10 -5.87 24.42
N SER M 165 43.62 -5.99 23.20
CA SER M 165 44.29 -7.21 22.74
C SER M 165 45.57 -7.41 23.55
N ARG M 166 46.29 -6.31 23.75
CA ARG M 166 47.53 -6.33 24.51
C ARG M 166 47.29 -6.79 25.95
N LEU M 167 46.23 -6.26 26.59
CA LEU M 167 45.91 -6.64 27.96
C LEU M 167 45.65 -8.12 28.08
N ARG M 168 44.86 -8.65 27.16
CA ARG M 168 44.53 -10.07 27.16
C ARG M 168 45.78 -10.97 27.12
N GLU M 169 46.81 -10.57 26.37
CA GLU M 169 47.98 -11.41 26.29
C GLU M 169 48.85 -11.28 27.53
N ILE M 170 48.67 -10.19 28.28
CA ILE M 170 49.42 -9.97 29.51
C ILE M 170 48.79 -10.78 30.63
N ILE M 171 47.45 -10.82 30.67
CA ILE M 171 46.75 -11.54 31.72
C ILE M 171 46.50 -13.01 31.43
N GLY M 172 46.65 -13.41 30.17
CA GLY M 172 46.45 -14.81 29.84
C GLY M 172 45.03 -15.18 29.49
N GLN M 173 44.82 -16.44 29.12
CA GLN M 173 43.50 -16.93 28.73
C GLN M 173 42.67 -17.38 29.91
N ASP M 174 43.32 -17.63 31.03
CA ASP M 174 42.66 -18.10 32.24
C ASP M 174 42.04 -16.95 33.04
N SER M 175 42.36 -15.73 32.65
CA SER M 175 41.81 -14.57 33.34
C SER M 175 40.48 -14.14 32.73
N PHE M 176 39.62 -13.56 33.56
CA PHE M 176 38.31 -13.07 33.12
C PHE M 176 38.44 -11.58 32.82
N LEU M 177 38.02 -11.18 31.63
CA LEU M 177 38.08 -9.79 31.20
C LEU M 177 36.75 -9.24 30.72
N ILE M 178 36.36 -8.06 31.24
CA ILE M 178 35.12 -7.42 30.82
C ILE M 178 35.47 -6.05 30.30
N SER M 179 34.72 -5.57 29.31
CA SER M 179 35.04 -4.30 28.70
C SER M 179 33.90 -3.31 28.47
N PRO M 180 34.05 -2.08 28.98
CA PRO M 180 33.06 -1.01 28.84
C PRO M 180 33.46 -0.10 27.67
N GLY M 181 32.55 0.79 27.27
CA GLY M 181 32.83 1.71 26.20
C GLY M 181 32.16 1.28 24.92
N VAL M 182 31.30 0.29 25.02
CA VAL M 182 30.58 -0.21 23.86
C VAL M 182 29.31 0.59 23.62
N GLY M 183 29.13 1.09 22.41
CA GLY M 183 27.94 1.87 22.09
C GLY M 183 28.13 3.37 22.21
N ALA M 184 27.59 3.96 23.28
CA ALA M 184 27.67 5.39 23.50
C ALA M 184 29.09 5.94 23.35
N GLN M 185 30.08 5.17 23.76
CA GLN M 185 31.47 5.65 23.65
C GLN M 185 32.11 5.28 22.31
N GLY M 186 31.41 4.49 21.51
CA GLY M 186 31.92 4.12 20.22
C GLY M 186 32.55 2.76 20.06
N GLY M 187 32.42 1.90 21.07
CA GLY M 187 33.02 0.59 20.97
C GLY M 187 32.12 -0.39 20.24
N ASP M 188 32.73 -1.31 19.49
CA ASP M 188 31.98 -2.32 18.75
C ASP M 188 31.84 -3.63 19.55
N PRO M 189 30.62 -4.14 19.68
CA PRO M 189 30.39 -5.38 20.42
C PRO M 189 31.27 -6.55 19.94
N GLY M 190 31.14 -6.88 18.66
CA GLY M 190 31.89 -7.98 18.09
C GLY M 190 33.39 -7.93 18.27
N GLU M 191 33.98 -6.79 17.92
CA GLU M 191 35.42 -6.60 18.06
C GLU M 191 35.91 -6.72 19.51
N THR M 192 35.14 -6.18 20.44
CA THR M 192 35.49 -6.24 21.83
C THR M 192 35.50 -7.68 22.32
N LEU M 193 34.50 -8.45 21.90
CA LEU M 193 34.37 -9.82 22.32
C LEU M 193 35.43 -10.77 21.78
N ARG M 194 36.32 -10.26 20.95
CA ARG M 194 37.39 -11.11 20.44
C ARG M 194 38.40 -11.33 21.58
N PHE M 195 38.52 -10.33 22.45
CA PHE M 195 39.44 -10.38 23.57
C PHE M 195 38.78 -10.50 24.92
N ALA M 196 37.70 -9.74 25.11
CA ALA M 196 36.95 -9.75 26.37
C ALA M 196 35.94 -10.90 26.43
N ASP M 197 35.72 -11.40 27.64
CA ASP M 197 34.77 -12.47 27.87
C ASP M 197 33.33 -11.91 27.83
N ALA M 198 33.18 -10.64 28.18
CA ALA M 198 31.86 -10.01 28.19
C ALA M 198 31.99 -8.50 28.06
N ILE M 199 30.97 -7.89 27.47
CA ILE M 199 30.96 -6.44 27.30
C ILE M 199 30.00 -5.77 28.28
N ILE M 200 30.28 -4.52 28.59
CA ILE M 200 29.45 -3.74 29.49
C ILE M 200 28.77 -2.69 28.63
N VAL M 201 27.45 -2.62 28.73
CA VAL M 201 26.67 -1.65 27.96
C VAL M 201 25.72 -0.89 28.85
N GLY M 202 25.83 0.44 28.83
CA GLY M 202 24.95 1.27 29.64
C GLY M 202 23.91 2.05 28.85
N ARG M 203 24.25 3.29 28.50
CA ARG M 203 23.38 4.19 27.75
C ARG M 203 22.72 3.58 26.51
N SER M 204 23.50 2.86 25.71
CA SER M 204 22.98 2.21 24.51
C SER M 204 21.72 1.40 24.81
N ILE M 205 21.53 1.00 26.06
CA ILE M 205 20.35 0.25 26.46
C ILE M 205 19.36 0.99 27.36
N TYR M 206 19.83 1.56 28.46
CA TYR M 206 18.93 2.25 29.38
C TYR M 206 18.42 3.62 28.93
N LEU M 207 19.00 4.18 27.88
CA LEU M 207 18.54 5.46 27.36
C LEU M 207 17.75 5.21 26.07
N ALA M 208 17.65 3.95 25.67
CA ALA M 208 16.93 3.60 24.46
C ALA M 208 15.42 3.70 24.70
N ASP M 209 14.69 4.09 23.66
CA ASP M 209 13.24 4.22 23.79
C ASP M 209 12.68 2.88 24.22
N ASN M 210 13.36 1.80 23.83
CA ASN M 210 12.95 0.45 24.18
C ASN M 210 14.16 -0.39 24.59
N PRO M 211 14.42 -0.48 25.91
CA PRO M 211 15.54 -1.24 26.48
C PRO M 211 15.59 -2.69 26.02
N ALA M 212 14.49 -3.42 26.21
CA ALA M 212 14.42 -4.82 25.83
C ALA M 212 14.91 -5.04 24.41
N ALA M 213 14.49 -4.17 23.50
CA ALA M 213 14.89 -4.25 22.10
C ALA M 213 16.39 -4.02 21.92
N ALA M 214 16.88 -2.92 22.47
CA ALA M 214 18.29 -2.57 22.38
C ALA M 214 19.16 -3.74 22.82
N ALA M 215 18.77 -4.37 23.91
CA ALA M 215 19.52 -5.50 24.48
C ALA M 215 19.45 -6.71 23.57
N ALA M 216 18.27 -6.98 23.03
CA ALA M 216 18.06 -8.11 22.12
C ALA M 216 18.89 -7.94 20.87
N GLY M 217 18.89 -6.72 20.33
CA GLY M 217 19.65 -6.43 19.12
C GLY M 217 21.15 -6.64 19.32
N ILE M 218 21.67 -6.14 20.44
CA ILE M 218 23.09 -6.31 20.71
C ILE M 218 23.44 -7.79 20.76
N ILE M 219 22.62 -8.57 21.44
CA ILE M 219 22.84 -10.01 21.54
C ILE M 219 22.82 -10.66 20.14
N GLU M 220 21.92 -10.20 19.27
CA GLU M 220 21.82 -10.75 17.93
C GLU M 220 23.11 -10.53 17.14
N SER M 221 23.58 -9.27 17.10
CA SER M 221 24.79 -8.93 16.36
C SER M 221 26.01 -9.59 16.96
N ILE M 222 25.78 -10.40 17.99
CA ILE M 222 26.86 -11.11 18.68
C ILE M 222 26.64 -12.61 18.70
N LYS M 223 25.39 -13.04 18.54
CA LYS M 223 25.07 -14.46 18.54
C LYS M 223 25.90 -15.21 17.52
N ASP M 224 26.54 -14.46 16.63
CA ASP M 224 27.39 -15.00 15.56
C ASP M 224 28.59 -15.83 16.02
N LEU M 225 28.70 -16.04 17.32
CA LEU M 225 29.80 -16.81 17.88
C LEU M 225 29.33 -18.10 18.58
#